data_9BPA
#
_entry.id   9BPA
#
loop_
_entity.id
_entity.type
_entity.pdbx_description
1 polymer 'DNA polymerase theta'
2 non-polymer (4P)-N-{5-[(4-chlorophenyl)methoxy]-1,3,4-thiadiazol-2-yl}-4-(2-methoxyphenyl)pyridine-3-carboxamide
#
_entity_poly.entity_id   1
_entity_poly.type   'polypeptide(L)'
_entity_poly.pdbx_seq_one_letter_code
;MNLLRRSGKRRRSESGSDSFSGSGGDSSASPQFLSGSVLSPPPGLGRCLKAAAAGECKPTVPDYERDKLLLANWGLPKAV
LEKYHSFGVKKMFEWQAECLLLGQVLEGKNLVYSAPTSAGKTLVAELLILKRVLEMRKKALFILPFVSVAKEKKYYLQSL
FQEVGIKVDGYMGSTSPSRHFSSLDIAVCTIERANGLINRLIEENKMDLLGMVVVDELHMLGDSHRGYLLELLLTKICYI
TRKSASCQADLASSLSNAVQIVGMSATLPNLELVASWLNAELYHTDFRPVPLLESVKVGNSIYDSSMKLVREFEPMLQVK
GDEDHVVSLCYETICDNHSVLLFCPSKKWCEKLADIIAREFYNLHHQAEGLVKPSECPPVILEQKELLEVMDQLRRLPSG
LDSVLQKTVPWGVAFHHAGLTFEERDIIEGAFRQGLIRVLAATSTLSSGVNLPARRVIIRTPIFGGRPLDILTYKQMVGR
AGRKGVDTVGESILICKNSEKSKGIALLQGSLKPVRSCLQRREGEEVTGSMIRAILEIIVGGVASTSQDMHTYAACTFLA
ASMKEGKQGIQRNQESVQLGAIEACVMWLLENEFIQSTEASDGTEGKVYHPTHLGSATLSSSLSPADTLDIFADLQRAMK
GFVLENDLHILYLVTPMFEDWTTIDWYRFFCLWEKLPTSMKRVAELVGVEEGFLARCVKGKVVARTERQHRQMAIHKRFF
TSLVLLDLISEVPLREINQKYGCNRGQIQSLQQSAAVYAGMITVFSNRLGWHNMELLLSQFQKRLTFGIQRELCDLVRVS
LLNAQRARVLYASGFHTVADLARANIVEVEVILKNAVPFKSARKAVDEEEEAVEERRNMRTIWVTGRKGLTEREAAALIV
EEARMILQQDLVEM
;
_entity_poly.pdbx_strand_id   A,C,E,G
#
loop_
_chem_comp.id
_chem_comp.type
_chem_comp.name
_chem_comp.formula
WCN non-polymer (4P)-N-{5-[(4-chlorophenyl)methoxy]-1,3,4-thiadiazol-2-yl}-4-(2-methoxyphenyl)pyridine-3-carboxamide 'C22 H17 Cl N4 O3 S'
#
# COMPACT_ATOMS: atom_id res chain seq x y z
N LYS A 68 -31.12 57.58 -43.93
CA LYS A 68 -30.73 56.17 -43.93
C LYS A 68 -30.64 55.62 -42.52
N LEU A 69 -30.39 56.51 -41.56
CA LEU A 69 -30.21 56.10 -40.17
C LEU A 69 -31.58 55.76 -39.58
N LEU A 70 -32.01 54.52 -39.77
CA LEU A 70 -33.25 54.01 -39.22
C LEU A 70 -33.24 52.50 -39.36
N LEU A 71 -33.57 51.80 -38.28
CA LEU A 71 -33.48 50.34 -38.29
C LEU A 71 -34.51 49.69 -39.21
N ALA A 72 -35.49 50.43 -39.71
CA ALA A 72 -36.47 49.89 -40.65
C ALA A 72 -36.00 49.99 -42.09
N ASN A 73 -35.26 51.05 -42.42
CA ASN A 73 -34.75 51.19 -43.78
C ASN A 73 -33.78 50.07 -44.13
N TRP A 74 -32.91 49.70 -43.19
CA TRP A 74 -32.02 48.56 -43.40
C TRP A 74 -32.82 47.28 -43.48
N GLY A 75 -32.39 46.37 -44.35
CA GLY A 75 -33.01 45.07 -44.43
C GLY A 75 -32.92 44.33 -43.12
N LEU A 76 -34.07 43.97 -42.54
CA LEU A 76 -34.08 43.42 -41.20
C LEU A 76 -35.36 42.64 -41.01
N PRO A 77 -35.35 41.53 -40.28
CA PRO A 77 -36.60 40.81 -40.01
C PRO A 77 -37.58 41.69 -39.25
N LYS A 78 -38.87 41.51 -39.54
CA LYS A 78 -39.90 42.28 -38.83
C LYS A 78 -39.92 41.92 -37.36
N ALA A 79 -39.76 40.63 -37.03
CA ALA A 79 -39.76 40.23 -35.63
C ALA A 79 -38.56 40.80 -34.89
N VAL A 80 -37.38 40.73 -35.48
CA VAL A 80 -36.19 41.31 -34.84
C VAL A 80 -36.33 42.82 -34.75
N LEU A 81 -36.94 43.45 -35.75
CA LEU A 81 -37.15 44.89 -35.69
C LEU A 81 -38.06 45.27 -34.54
N GLU A 82 -39.17 44.54 -34.36
CA GLU A 82 -40.09 44.86 -33.26
C GLU A 82 -39.49 44.51 -31.91
N LYS A 83 -38.58 43.53 -31.86
CA LYS A 83 -37.87 43.24 -30.62
C LYS A 83 -36.84 44.32 -30.31
N TYR A 84 -36.17 44.85 -31.33
CA TYR A 84 -35.22 45.94 -31.15
C TYR A 84 -35.92 47.21 -30.71
N HIS A 85 -37.13 47.47 -31.21
CA HIS A 85 -37.89 48.62 -30.76
C HIS A 85 -38.23 48.53 -29.27
N SER A 86 -38.29 47.32 -28.73
CA SER A 86 -38.58 47.15 -27.31
C SER A 86 -37.47 47.70 -26.44
N PHE A 87 -36.22 47.34 -26.76
CA PHE A 87 -35.09 47.84 -25.97
C PHE A 87 -34.81 49.31 -26.21
N GLY A 88 -35.41 49.91 -27.24
CA GLY A 88 -35.24 51.33 -27.48
C GLY A 88 -34.44 51.65 -28.72
N VAL A 89 -33.79 50.63 -29.30
CA VAL A 89 -33.00 50.83 -30.51
C VAL A 89 -33.97 50.99 -31.68
N LYS A 90 -34.12 52.23 -32.14
CA LYS A 90 -34.97 52.52 -33.30
C LYS A 90 -34.29 53.35 -34.37
N LYS A 91 -33.18 54.01 -34.06
CA LYS A 91 -32.43 54.80 -35.03
C LYS A 91 -30.95 54.67 -34.73
N MET A 92 -30.20 54.14 -35.69
CA MET A 92 -28.77 53.97 -35.50
C MET A 92 -28.06 55.32 -35.49
N PHE A 93 -26.76 55.29 -35.27
CA PHE A 93 -25.92 56.47 -35.38
C PHE A 93 -25.22 56.47 -36.72
N GLU A 94 -24.58 57.60 -37.03
CA GLU A 94 -23.84 57.70 -38.29
C GLU A 94 -22.64 56.76 -38.32
N TRP A 95 -21.97 56.58 -37.18
CA TRP A 95 -20.78 55.73 -37.15
C TRP A 95 -21.13 54.29 -37.49
N GLN A 96 -22.25 53.78 -36.99
CA GLN A 96 -22.66 52.42 -37.31
C GLN A 96 -22.96 52.25 -38.79
N ALA A 97 -23.62 53.21 -39.42
CA ALA A 97 -23.86 53.15 -40.86
C ALA A 97 -22.57 53.20 -41.66
N GLU A 98 -21.64 54.09 -41.30
CA GLU A 98 -20.36 54.17 -42.00
C GLU A 98 -19.51 52.92 -41.79
N CYS A 99 -19.63 52.25 -40.65
CA CYS A 99 -18.91 51.01 -40.41
C CYS A 99 -19.54 49.82 -41.14
N LEU A 100 -20.87 49.79 -41.22
CA LEU A 100 -21.57 48.72 -41.92
C LEU A 100 -21.54 48.88 -43.44
N LEU A 101 -21.25 50.07 -43.95
CA LEU A 101 -21.15 50.32 -45.38
C LEU A 101 -19.71 50.59 -45.78
N LEU A 102 -18.78 49.85 -45.17
CA LEU A 102 -17.35 50.06 -45.39
C LEU A 102 -16.82 49.12 -46.46
N GLY A 103 -17.40 49.21 -47.64
CA GLY A 103 -16.95 48.41 -48.78
C GLY A 103 -17.63 47.05 -48.81
N GLN A 104 -16.83 45.99 -48.76
CA GLN A 104 -17.33 44.62 -48.86
C GLN A 104 -17.50 43.96 -47.50
N VAL A 105 -17.60 44.75 -46.42
CA VAL A 105 -17.77 44.18 -45.09
C VAL A 105 -19.06 43.39 -45.01
N LEU A 106 -20.12 43.87 -45.67
CA LEU A 106 -21.39 43.16 -45.70
C LEU A 106 -21.32 41.84 -46.45
N GLU A 107 -20.26 41.61 -47.22
CA GLU A 107 -20.12 40.38 -47.99
C GLU A 107 -19.15 39.38 -47.37
N GLY A 108 -18.32 39.80 -46.42
CA GLY A 108 -17.46 38.83 -45.77
C GLY A 108 -16.11 39.40 -45.48
N LYS A 109 -15.73 40.46 -46.17
CA LYS A 109 -14.49 41.10 -45.82
C LYS A 109 -14.59 41.29 -44.33
N ASN A 110 -13.67 40.72 -43.58
CA ASN A 110 -13.76 40.79 -42.12
C ASN A 110 -13.85 42.23 -41.66
N LEU A 111 -14.34 42.45 -40.45
CA LEU A 111 -14.51 43.80 -39.95
C LEU A 111 -13.93 44.01 -38.57
N VAL A 112 -13.08 45.02 -38.41
CA VAL A 112 -12.53 45.33 -37.10
C VAL A 112 -12.87 46.78 -36.80
N TYR A 113 -13.63 47.03 -35.74
CA TYR A 113 -14.05 48.39 -35.48
C TYR A 113 -13.99 48.71 -34.00
N SER A 114 -13.85 50.00 -33.72
CA SER A 114 -13.73 50.52 -32.37
C SER A 114 -14.79 51.59 -32.15
N ALA A 115 -15.33 51.63 -30.95
CA ALA A 115 -16.33 52.61 -30.56
C ALA A 115 -16.44 52.61 -29.03
N PRO A 116 -16.90 53.71 -28.44
CA PRO A 116 -17.18 53.68 -27.00
C PRO A 116 -18.26 52.67 -26.68
N THR A 117 -18.16 52.08 -25.49
CA THR A 117 -19.10 51.03 -25.10
C THR A 117 -20.53 51.57 -25.02
N SER A 118 -20.69 52.86 -24.78
CA SER A 118 -22.00 53.49 -24.72
C SER A 118 -22.53 53.90 -26.08
N ALA A 119 -21.78 53.69 -27.15
CA ALA A 119 -22.17 54.11 -28.49
C ALA A 119 -22.93 53.04 -29.25
N GLY A 120 -23.25 51.92 -28.62
CA GLY A 120 -23.95 50.84 -29.30
C GLY A 120 -23.02 50.06 -30.21
N LYS A 121 -21.91 49.58 -29.65
CA LYS A 121 -20.91 48.88 -30.44
C LYS A 121 -21.47 47.58 -31.01
N THR A 122 -22.22 46.83 -30.22
CA THR A 122 -22.61 45.48 -30.60
C THR A 122 -23.78 45.45 -31.59
N LEU A 123 -24.41 46.59 -31.89
CA LEU A 123 -25.50 46.59 -32.86
C LEU A 123 -25.01 46.16 -34.23
N VAL A 124 -23.85 46.65 -34.66
CA VAL A 124 -23.30 46.27 -35.95
C VAL A 124 -23.00 44.78 -35.98
N ALA A 125 -22.47 44.25 -34.87
CA ALA A 125 -22.17 42.82 -34.80
C ALA A 125 -23.44 41.99 -34.90
N GLU A 126 -24.49 42.37 -34.18
CA GLU A 126 -25.74 41.62 -34.27
C GLU A 126 -26.35 41.71 -35.67
N LEU A 127 -26.29 42.87 -36.30
CA LEU A 127 -26.79 42.99 -37.66
C LEU A 127 -26.02 42.10 -38.63
N LEU A 128 -24.70 42.08 -38.52
CA LEU A 128 -23.88 41.24 -39.39
C LEU A 128 -24.17 39.76 -39.15
N ILE A 129 -24.36 39.37 -37.89
CA ILE A 129 -24.77 38.00 -37.59
C ILE A 129 -26.09 37.69 -38.25
N LEU A 130 -27.09 38.51 -38.03
CA LEU A 130 -28.38 38.17 -38.59
C LEU A 130 -28.16 37.92 -40.10
N LYS A 131 -27.30 38.72 -40.71
CA LYS A 131 -27.03 38.56 -42.13
C LYS A 131 -26.38 37.22 -42.42
N ARG A 132 -25.21 36.99 -41.85
CA ARG A 132 -24.49 35.76 -42.16
C ARG A 132 -25.26 34.52 -41.73
N VAL A 133 -26.36 34.72 -41.00
CA VAL A 133 -27.18 33.59 -40.57
C VAL A 133 -28.39 33.41 -41.48
N LEU A 134 -29.05 34.50 -41.85
CA LEU A 134 -30.26 34.39 -42.64
C LEU A 134 -29.94 34.11 -44.11
N GLU A 135 -29.15 34.98 -44.74
CA GLU A 135 -28.81 34.80 -46.15
C GLU A 135 -28.01 33.53 -46.36
N MET A 136 -26.80 33.47 -45.82
CA MET A 136 -25.92 32.30 -45.98
C MET A 136 -26.01 31.46 -44.72
N ARG A 137 -27.06 30.62 -44.67
CA ARG A 137 -27.36 29.84 -43.49
C ARG A 137 -26.16 29.01 -43.05
N LYS A 138 -25.61 29.36 -41.89
CA LYS A 138 -24.42 28.72 -41.34
C LYS A 138 -24.35 29.08 -39.87
N LYS A 139 -23.46 28.42 -39.15
CA LYS A 139 -23.29 28.69 -37.73
C LYS A 139 -22.50 29.97 -37.52
N ALA A 140 -22.61 30.51 -36.31
CA ALA A 140 -21.89 31.71 -35.93
C ALA A 140 -21.43 31.59 -34.50
N LEU A 141 -20.33 32.27 -34.18
CA LEU A 141 -19.76 32.30 -32.84
C LEU A 141 -19.76 33.74 -32.34
N PHE A 142 -20.13 33.90 -31.07
CA PHE A 142 -20.04 35.19 -30.40
C PHE A 142 -19.10 35.01 -29.21
N ILE A 143 -17.85 35.41 -29.38
CA ILE A 143 -16.83 35.21 -28.35
C ILE A 143 -16.84 36.42 -27.42
N LEU A 144 -17.07 36.15 -26.14
CA LEU A 144 -17.07 37.23 -25.14
C LEU A 144 -15.98 36.98 -24.10
N PRO A 145 -15.52 38.04 -23.43
CA PRO A 145 -14.42 37.90 -22.47
C PRO A 145 -14.76 37.15 -21.18
N PHE A 146 -15.92 37.41 -20.58
CA PHE A 146 -16.24 36.79 -19.29
C PHE A 146 -17.54 36.01 -19.29
N VAL A 147 -17.82 35.27 -18.21
CA VAL A 147 -19.02 34.44 -18.18
C VAL A 147 -20.26 35.27 -17.93
N SER A 148 -20.16 36.30 -17.07
CA SER A 148 -21.34 37.11 -16.76
C SER A 148 -21.82 37.89 -17.97
N VAL A 149 -20.91 38.59 -18.65
CA VAL A 149 -21.29 39.32 -19.86
C VAL A 149 -21.70 38.35 -20.97
N ALA A 150 -21.06 37.18 -21.04
CA ALA A 150 -21.45 36.19 -22.04
C ALA A 150 -22.87 35.70 -21.80
N LYS A 151 -23.24 35.46 -20.55
CA LYS A 151 -24.60 35.02 -20.24
C LYS A 151 -25.61 36.13 -20.51
N GLU A 152 -25.28 37.37 -20.14
CA GLU A 152 -26.17 38.48 -20.45
C GLU A 152 -26.38 38.61 -21.94
N LYS A 153 -25.31 38.49 -22.73
CA LYS A 153 -25.44 38.56 -24.18
C LYS A 153 -26.19 37.35 -24.74
N LYS A 154 -26.03 36.18 -24.13
CA LYS A 154 -26.77 35.02 -24.58
C LYS A 154 -28.26 35.23 -24.40
N TYR A 155 -28.66 35.75 -23.24
CA TYR A 155 -30.08 36.00 -23.00
C TYR A 155 -30.59 37.14 -23.87
N TYR A 156 -29.77 38.16 -24.09
CA TYR A 156 -30.15 39.26 -24.97
C TYR A 156 -30.39 38.78 -26.40
N LEU A 157 -29.44 38.02 -26.94
CA LEU A 157 -29.59 37.48 -28.29
C LEU A 157 -30.72 36.48 -28.37
N GLN A 158 -30.96 35.71 -27.30
CA GLN A 158 -32.09 34.79 -27.30
C GLN A 158 -33.41 35.54 -27.37
N SER A 159 -33.60 36.55 -26.51
CA SER A 159 -34.81 37.35 -26.54
C SER A 159 -34.94 38.14 -27.83
N LEU A 160 -33.84 38.41 -28.52
CA LEU A 160 -33.87 39.16 -29.77
C LEU A 160 -34.09 38.28 -30.99
N PHE A 161 -33.72 37.00 -30.92
CA PHE A 161 -33.70 36.12 -32.08
C PHE A 161 -34.62 34.91 -31.96
N GLN A 162 -35.36 34.76 -30.85
CA GLN A 162 -36.25 33.61 -30.71
C GLN A 162 -37.34 33.61 -31.76
N GLU A 163 -37.89 34.79 -32.06
CA GLU A 163 -39.03 34.88 -32.96
C GLU A 163 -38.67 34.43 -34.37
N VAL A 164 -37.49 34.83 -34.86
CA VAL A 164 -37.08 34.47 -36.21
C VAL A 164 -36.62 33.02 -36.28
N GLY A 165 -36.45 32.35 -35.16
CA GLY A 165 -36.10 30.94 -35.14
C GLY A 165 -34.62 30.62 -35.07
N ILE A 166 -33.76 31.63 -34.94
CA ILE A 166 -32.32 31.39 -34.82
C ILE A 166 -32.04 30.83 -33.43
N LYS A 167 -31.72 29.53 -33.38
CA LYS A 167 -31.42 28.89 -32.11
C LYS A 167 -30.09 29.41 -31.57
N VAL A 168 -30.15 30.08 -30.44
CA VAL A 168 -28.97 30.70 -29.81
C VAL A 168 -28.74 29.99 -28.48
N ASP A 169 -27.54 29.45 -28.30
CA ASP A 169 -27.19 28.80 -27.04
C ASP A 169 -25.76 29.13 -26.69
N GLY A 170 -25.40 28.94 -25.42
CA GLY A 170 -24.17 29.44 -24.87
C GLY A 170 -23.21 28.35 -24.44
N TYR A 171 -21.92 28.58 -24.69
CA TYR A 171 -20.82 27.77 -24.17
C TYR A 171 -20.03 28.67 -23.23
N MET A 172 -20.47 28.74 -21.99
CA MET A 172 -19.89 29.63 -20.99
C MET A 172 -19.58 28.85 -19.73
N GLY A 173 -18.35 28.96 -19.25
CA GLY A 173 -17.95 28.29 -18.03
C GLY A 173 -18.14 26.79 -18.09
N SER A 174 -19.09 26.28 -17.33
CA SER A 174 -19.36 24.85 -17.26
C SER A 174 -20.58 24.43 -18.06
N THR A 175 -21.55 25.32 -18.23
CA THR A 175 -22.78 24.97 -18.92
C THR A 175 -22.52 24.72 -20.40
N SER A 176 -23.17 23.69 -20.93
CA SER A 176 -23.16 23.40 -22.36
C SER A 176 -24.60 23.23 -22.82
N PRO A 177 -24.89 23.58 -24.08
CA PRO A 177 -26.26 23.43 -24.58
C PRO A 177 -26.71 21.97 -24.52
N SER A 178 -27.98 21.77 -24.14
CA SER A 178 -28.54 20.43 -24.16
C SER A 178 -28.63 19.90 -25.57
N ARG A 179 -29.02 20.75 -26.52
CA ARG A 179 -29.06 20.37 -27.92
C ARG A 179 -27.64 20.32 -28.49
N HIS A 180 -27.48 19.55 -29.57
CA HIS A 180 -26.18 19.44 -30.21
C HIS A 180 -25.82 20.73 -30.93
N PHE A 181 -24.52 20.92 -31.15
CA PHE A 181 -24.06 22.12 -31.85
C PHE A 181 -24.60 22.18 -33.26
N SER A 182 -24.86 21.04 -33.89
CA SER A 182 -25.43 21.03 -35.23
C SER A 182 -26.81 21.67 -35.25
N SER A 183 -27.62 21.44 -34.20
CA SER A 183 -28.93 22.07 -34.14
C SER A 183 -28.83 23.57 -33.89
N LEU A 184 -27.76 24.02 -33.25
CA LEU A 184 -27.60 25.43 -32.93
C LEU A 184 -27.33 26.25 -34.18
N ASP A 185 -27.59 27.55 -34.08
CA ASP A 185 -27.27 28.49 -35.13
C ASP A 185 -26.40 29.64 -34.68
N ILE A 186 -26.43 30.00 -33.40
CA ILE A 186 -25.49 30.94 -32.80
C ILE A 186 -24.99 30.34 -31.49
N ALA A 187 -23.68 30.29 -31.34
CA ALA A 187 -23.05 29.82 -30.11
C ALA A 187 -22.40 31.03 -29.44
N VAL A 188 -22.99 31.49 -28.35
CA VAL A 188 -22.43 32.56 -27.55
C VAL A 188 -21.45 31.92 -26.58
N CYS A 189 -20.17 32.01 -26.89
CA CYS A 189 -19.13 31.30 -26.16
C CYS A 189 -18.24 32.27 -25.41
N THR A 190 -17.59 31.75 -24.38
CA THR A 190 -16.45 32.44 -23.80
C THR A 190 -15.22 32.22 -24.70
N ILE A 191 -14.15 32.95 -24.41
CA ILE A 191 -12.93 32.77 -25.20
C ILE A 191 -12.36 31.38 -25.00
N GLU A 192 -12.49 30.84 -23.78
CA GLU A 192 -11.92 29.52 -23.49
C GLU A 192 -12.64 28.42 -24.25
N ARG A 193 -13.97 28.49 -24.32
CA ARG A 193 -14.77 27.40 -24.88
C ARG A 193 -14.99 27.54 -26.38
N ALA A 194 -14.89 28.75 -26.94
CA ALA A 194 -14.95 28.91 -28.38
C ALA A 194 -13.76 28.30 -29.09
N ASN A 195 -12.56 28.40 -28.49
CA ASN A 195 -11.40 27.72 -29.05
C ASN A 195 -11.61 26.22 -29.08
N GLY A 196 -12.15 25.65 -28.00
CA GLY A 196 -12.43 24.22 -27.99
C GLY A 196 -13.49 23.84 -29.00
N LEU A 197 -14.50 24.68 -29.17
CA LEU A 197 -15.53 24.42 -30.17
C LEU A 197 -14.95 24.41 -31.57
N ILE A 198 -14.06 25.36 -31.86
CA ILE A 198 -13.44 25.41 -33.18
C ILE A 198 -12.48 24.24 -33.38
N ASN A 199 -11.80 23.82 -32.31
CA ASN A 199 -10.97 22.62 -32.39
C ASN A 199 -11.82 21.39 -32.72
N ARG A 200 -12.99 21.28 -32.10
CA ARG A 200 -13.89 20.16 -32.40
C ARG A 200 -14.36 20.23 -33.84
N LEU A 201 -14.71 21.43 -34.33
CA LEU A 201 -15.13 21.57 -35.72
C LEU A 201 -14.02 21.19 -36.69
N ILE A 202 -12.78 21.56 -36.39
CA ILE A 202 -11.66 21.22 -37.26
C ILE A 202 -11.33 19.73 -37.21
N GLU A 203 -11.40 19.11 -36.04
CA GLU A 203 -11.05 17.70 -35.91
C GLU A 203 -11.91 16.84 -36.83
N GLU A 204 -13.21 16.79 -36.55
CA GLU A 204 -14.12 16.07 -37.42
C GLU A 204 -14.23 16.76 -38.76
N ASN A 205 -13.62 17.94 -38.88
CA ASN A 205 -13.62 18.67 -40.16
C ASN A 205 -14.96 19.29 -40.56
N LYS A 206 -15.77 19.68 -39.59
CA LYS A 206 -17.03 20.35 -39.90
C LYS A 206 -16.82 21.86 -39.95
N MET A 207 -15.72 22.30 -40.55
CA MET A 207 -15.42 23.73 -40.62
C MET A 207 -16.28 24.44 -41.64
N ASP A 208 -17.00 23.70 -42.50
CA ASP A 208 -17.93 24.32 -43.44
C ASP A 208 -19.18 24.86 -42.76
N LEU A 209 -19.56 24.33 -41.59
CA LEU A 209 -20.69 24.87 -40.85
C LEU A 209 -20.41 26.30 -40.39
N LEU A 210 -19.19 26.56 -39.92
CA LEU A 210 -18.87 27.90 -39.44
C LEU A 210 -18.72 28.86 -40.63
N GLY A 211 -19.40 30.00 -40.54
CA GLY A 211 -19.28 31.02 -41.55
C GLY A 211 -19.14 32.40 -40.94
N MET A 212 -19.25 32.47 -39.61
CA MET A 212 -19.24 33.75 -38.91
C MET A 212 -18.58 33.56 -37.56
N VAL A 213 -17.77 34.53 -37.16
CA VAL A 213 -17.16 34.57 -35.84
C VAL A 213 -17.13 36.02 -35.39
N VAL A 214 -17.71 36.30 -34.22
CA VAL A 214 -17.77 37.64 -33.67
C VAL A 214 -17.01 37.66 -32.36
N VAL A 215 -16.10 38.62 -32.22
CA VAL A 215 -15.20 38.73 -31.10
C VAL A 215 -15.45 40.07 -30.44
N ASP A 216 -16.26 40.09 -29.39
CA ASP A 216 -16.37 41.27 -28.56
C ASP A 216 -15.12 41.44 -27.72
N GLU A 217 -14.76 42.68 -27.45
CA GLU A 217 -13.55 43.03 -26.72
C GLU A 217 -12.32 42.43 -27.40
N LEU A 218 -12.08 42.90 -28.63
CA LEU A 218 -10.93 42.42 -29.41
C LEU A 218 -9.62 42.76 -28.73
N HIS A 219 -9.58 43.86 -27.96
CA HIS A 219 -8.36 44.26 -27.28
C HIS A 219 -7.90 43.20 -26.28
N MET A 220 -8.79 42.28 -25.90
CA MET A 220 -8.40 41.19 -25.02
C MET A 220 -7.38 40.25 -25.65
N LEU A 221 -7.22 40.28 -26.97
CA LEU A 221 -6.30 39.34 -27.62
C LEU A 221 -4.84 39.61 -27.26
N GLY A 222 -4.54 40.73 -26.61
CA GLY A 222 -3.18 41.02 -26.23
C GLY A 222 -2.80 40.36 -24.92
N ASP A 223 -2.28 41.15 -23.98
CA ASP A 223 -1.81 40.61 -22.71
C ASP A 223 -3.02 40.22 -21.86
N SER A 224 -3.24 38.92 -21.70
CA SER A 224 -4.36 38.42 -20.91
C SER A 224 -4.10 36.95 -20.59
N HIS A 225 -4.83 36.44 -19.60
CA HIS A 225 -4.81 35.02 -19.28
C HIS A 225 -5.70 34.20 -20.21
N ARG A 226 -6.60 34.85 -20.95
CA ARG A 226 -7.45 34.17 -21.92
C ARG A 226 -7.37 34.85 -23.27
N GLY A 227 -6.45 35.80 -23.43
CA GLY A 227 -6.34 36.53 -24.67
C GLY A 227 -5.63 35.78 -25.76
N TYR A 228 -4.61 35.00 -25.38
CA TYR A 228 -3.88 34.21 -26.36
C TYR A 228 -4.81 33.21 -27.05
N LEU A 229 -5.71 32.58 -26.28
CA LEU A 229 -6.70 31.69 -26.87
C LEU A 229 -7.54 32.40 -27.91
N LEU A 230 -7.74 33.71 -27.75
CA LEU A 230 -8.42 34.49 -28.78
C LEU A 230 -7.59 34.53 -30.05
N GLU A 231 -6.30 34.88 -29.92
CA GLU A 231 -5.43 34.92 -31.09
C GLU A 231 -5.36 33.54 -31.75
N LEU A 232 -5.11 32.51 -30.95
CA LEU A 232 -5.11 31.15 -31.48
C LEU A 232 -6.41 30.81 -32.17
N LEU A 233 -7.51 31.44 -31.74
CA LEU A 233 -8.81 31.18 -32.36
C LEU A 233 -8.87 31.71 -33.79
N LEU A 234 -8.20 32.84 -34.05
CA LEU A 234 -8.30 33.51 -35.34
C LEU A 234 -7.18 33.12 -36.30
N THR A 235 -5.93 33.10 -35.83
CA THR A 235 -4.84 32.64 -36.68
C THR A 235 -5.07 31.22 -37.17
N LYS A 236 -5.80 30.41 -36.41
CA LYS A 236 -6.17 29.09 -36.87
C LYS A 236 -7.26 29.15 -37.93
N ILE A 237 -8.24 30.05 -37.75
CA ILE A 237 -9.31 30.19 -38.74
C ILE A 237 -8.77 30.74 -40.04
N CYS A 238 -7.97 31.81 -39.96
CA CYS A 238 -7.46 32.46 -41.17
C CYS A 238 -6.67 31.48 -42.02
N TYR A 239 -5.80 30.69 -41.37
CA TYR A 239 -5.08 29.63 -42.09
C TYR A 239 -6.05 28.73 -42.85
N ILE A 240 -7.11 28.29 -42.18
CA ILE A 240 -8.11 27.45 -42.83
C ILE A 240 -8.67 28.17 -44.06
N THR A 241 -8.92 29.47 -43.94
CA THR A 241 -9.43 30.22 -45.08
C THR A 241 -8.33 30.44 -46.11
N ARG A 242 -7.09 30.60 -45.65
CA ARG A 242 -5.97 30.89 -46.55
C ARG A 242 -5.25 29.63 -47.02
N LYS A 243 -5.64 28.45 -46.54
CA LYS A 243 -5.16 27.20 -47.10
C LYS A 243 -6.12 26.62 -48.14
N SER A 244 -7.38 27.05 -48.14
CA SER A 244 -8.32 26.65 -49.18
C SER A 244 -8.22 27.53 -50.42
N ALA A 245 -7.41 28.59 -50.37
CA ALA A 245 -7.19 29.47 -51.51
C ALA A 245 -6.09 28.97 -52.44
N SER A 246 -5.45 27.84 -52.11
CA SER A 246 -4.39 27.30 -52.94
C SER A 246 -4.95 26.71 -54.23
N SER A 256 -17.10 36.95 -50.10
CA SER A 256 -15.76 37.50 -50.11
C SER A 256 -14.86 36.77 -49.11
N ASN A 257 -15.42 35.74 -48.48
CA ASN A 257 -14.68 34.94 -47.50
C ASN A 257 -15.44 33.63 -47.30
N ALA A 258 -14.84 32.74 -46.52
CA ALA A 258 -15.48 31.51 -46.09
C ALA A 258 -15.88 31.51 -44.63
N VAL A 259 -15.14 32.23 -43.78
CA VAL A 259 -15.48 32.45 -42.39
C VAL A 259 -15.26 33.93 -42.12
N GLN A 260 -16.35 34.68 -41.97
CA GLN A 260 -16.22 36.10 -41.66
C GLN A 260 -15.80 36.28 -40.20
N ILE A 261 -15.03 37.32 -39.94
CA ILE A 261 -14.55 37.64 -38.59
C ILE A 261 -14.86 39.10 -38.33
N VAL A 262 -15.61 39.37 -37.27
CA VAL A 262 -15.98 40.73 -36.90
C VAL A 262 -15.52 40.97 -35.46
N GLY A 263 -14.67 41.97 -35.28
CA GLY A 263 -14.08 42.26 -33.99
C GLY A 263 -14.46 43.64 -33.49
N MET A 264 -14.82 43.72 -32.21
CA MET A 264 -15.12 44.97 -31.53
C MET A 264 -14.02 45.28 -30.54
N SER A 265 -13.48 46.49 -30.60
CA SER A 265 -12.37 46.86 -29.73
C SER A 265 -12.59 48.26 -29.18
N ALA A 266 -11.68 48.69 -28.31
CA ALA A 266 -11.68 50.03 -27.76
C ALA A 266 -10.77 50.93 -28.61
N THR A 267 -10.48 52.13 -28.11
CA THR A 267 -9.62 53.07 -28.82
C THR A 267 -8.16 52.63 -28.77
N LEU A 268 -7.84 51.55 -29.47
CA LEU A 268 -6.47 51.04 -29.43
C LEU A 268 -5.60 51.78 -30.44
N PRO A 269 -4.33 52.01 -30.13
CA PRO A 269 -3.45 52.67 -31.12
C PRO A 269 -3.19 51.81 -32.34
N ASN A 270 -2.81 50.56 -32.14
CA ASN A 270 -2.47 49.68 -33.26
C ASN A 270 -3.66 48.87 -33.78
N LEU A 271 -4.84 49.47 -33.79
CA LEU A 271 -5.98 48.75 -34.33
C LEU A 271 -5.71 48.35 -35.77
N GLU A 272 -5.11 49.27 -36.53
CA GLU A 272 -4.78 48.99 -37.92
C GLU A 272 -4.09 47.65 -38.05
N LEU A 273 -2.96 47.50 -37.38
CA LEU A 273 -2.24 46.24 -37.39
C LEU A 273 -3.19 45.05 -37.26
N VAL A 274 -4.14 45.15 -36.34
CA VAL A 274 -5.10 44.06 -36.14
C VAL A 274 -6.03 43.94 -37.34
N ALA A 275 -6.40 45.07 -37.94
CA ALA A 275 -7.26 45.04 -39.12
C ALA A 275 -6.57 44.40 -40.30
N SER A 276 -5.28 44.71 -40.50
CA SER A 276 -4.53 44.12 -41.61
C SER A 276 -4.21 42.66 -41.35
N TRP A 277 -3.98 42.28 -40.09
CA TRP A 277 -3.67 40.89 -39.76
C TRP A 277 -4.82 39.97 -40.16
N LEU A 278 -6.05 40.37 -39.87
CA LEU A 278 -7.22 39.57 -40.19
C LEU A 278 -7.79 39.90 -41.56
N ASN A 279 -7.12 40.76 -42.33
CA ASN A 279 -7.59 41.21 -43.65
C ASN A 279 -8.85 42.07 -43.53
N ALA A 280 -9.34 42.20 -42.30
CA ALA A 280 -10.57 42.94 -42.06
C ALA A 280 -10.53 44.41 -42.40
N GLU A 281 -11.70 45.01 -42.62
CA GLU A 281 -11.76 46.44 -42.87
C GLU A 281 -11.74 47.11 -41.51
N LEU A 282 -11.10 48.27 -41.42
CA LEU A 282 -10.98 48.93 -40.13
C LEU A 282 -11.90 50.12 -39.99
N TYR A 283 -12.66 50.18 -38.91
CA TYR A 283 -13.52 51.33 -38.67
C TYR A 283 -13.31 51.86 -37.26
N HIS A 284 -12.83 53.09 -37.16
CA HIS A 284 -12.59 53.68 -35.85
C HIS A 284 -13.44 54.93 -35.70
N THR A 285 -14.14 55.03 -34.57
CA THR A 285 -14.97 56.19 -34.28
C THR A 285 -14.78 56.58 -32.82
N ASP A 286 -15.04 57.86 -32.54
CA ASP A 286 -14.97 58.39 -31.18
C ASP A 286 -16.30 58.99 -30.75
N PHE A 287 -17.39 58.64 -31.44
CA PHE A 287 -18.69 59.22 -31.14
C PHE A 287 -19.25 58.62 -29.86
N ARG A 288 -19.70 59.49 -28.96
CA ARG A 288 -20.38 59.07 -27.73
C ARG A 288 -21.73 59.77 -27.67
N PRO A 289 -22.84 59.05 -27.57
CA PRO A 289 -24.16 59.73 -27.59
C PRO A 289 -24.32 60.72 -26.45
N VAL A 290 -23.79 60.40 -25.28
CA VAL A 290 -23.80 61.29 -24.13
C VAL A 290 -22.37 61.80 -23.93
N PRO A 291 -22.12 63.10 -24.02
CA PRO A 291 -20.76 63.61 -23.86
C PRO A 291 -20.22 63.27 -22.48
N LEU A 292 -18.91 63.08 -22.40
CA LEU A 292 -18.23 62.71 -21.17
C LEU A 292 -17.35 63.86 -20.70
N LEU A 293 -17.42 64.15 -19.40
CA LEU A 293 -16.56 65.14 -18.76
C LEU A 293 -15.78 64.42 -17.67
N GLU A 294 -14.52 64.09 -17.97
CA GLU A 294 -13.63 63.53 -16.97
C GLU A 294 -12.94 64.65 -16.21
N SER A 295 -12.83 64.50 -14.90
CA SER A 295 -12.26 65.54 -14.08
C SER A 295 -11.55 64.90 -12.90
N VAL A 296 -10.59 65.63 -12.36
CA VAL A 296 -9.86 65.23 -11.15
C VAL A 296 -10.28 66.17 -10.03
N LYS A 297 -10.25 65.64 -8.80
CA LYS A 297 -10.61 66.40 -7.62
C LYS A 297 -9.43 66.41 -6.66
N VAL A 298 -8.92 67.60 -6.36
CA VAL A 298 -7.84 67.79 -5.40
C VAL A 298 -8.32 68.74 -4.33
N GLY A 299 -8.35 68.27 -3.09
CA GLY A 299 -8.86 69.07 -1.99
C GLY A 299 -10.31 69.46 -2.19
N ASN A 300 -10.56 70.75 -2.38
CA ASN A 300 -11.90 71.26 -2.65
C ASN A 300 -12.04 71.77 -4.09
N SER A 301 -11.08 71.47 -4.95
CA SER A 301 -11.06 72.01 -6.31
C SER A 301 -11.23 70.88 -7.33
N ILE A 302 -11.94 71.20 -8.41
CA ILE A 302 -12.21 70.25 -9.49
C ILE A 302 -11.54 70.80 -10.75
N TYR A 303 -10.64 70.01 -11.32
CA TYR A 303 -9.94 70.38 -12.54
C TYR A 303 -10.36 69.48 -13.69
N ASP A 304 -10.40 70.04 -14.88
CA ASP A 304 -10.78 69.28 -16.07
C ASP A 304 -9.60 68.41 -16.51
N SER A 305 -9.72 67.77 -17.66
CA SER A 305 -8.69 66.84 -18.12
C SER A 305 -7.37 67.57 -18.39
N SER A 306 -7.44 68.74 -19.02
CA SER A 306 -6.23 69.49 -19.38
C SER A 306 -5.83 70.48 -18.30
N MET A 307 -5.76 69.99 -17.06
CA MET A 307 -5.28 70.77 -15.92
C MET A 307 -5.93 72.14 -15.81
N LYS A 308 -7.24 72.22 -16.05
CA LYS A 308 -7.98 73.47 -15.99
C LYS A 308 -9.09 73.34 -14.97
N LEU A 309 -9.13 74.27 -14.02
CA LEU A 309 -10.19 74.27 -13.01
C LEU A 309 -11.53 74.55 -13.68
N VAL A 310 -12.52 73.71 -13.36
CA VAL A 310 -13.84 73.82 -13.96
C VAL A 310 -14.92 74.19 -12.93
N ARG A 311 -14.74 73.78 -11.68
CA ARG A 311 -15.73 74.07 -10.64
C ARG A 311 -15.02 74.08 -9.30
N GLU A 312 -15.53 74.89 -8.38
CA GLU A 312 -15.07 74.94 -7.00
C GLU A 312 -16.12 74.24 -6.14
N PHE A 313 -15.90 72.97 -5.86
CA PHE A 313 -16.86 72.17 -5.13
C PHE A 313 -16.94 72.62 -3.68
N GLU A 314 -18.16 72.81 -3.17
CA GLU A 314 -18.38 73.11 -1.77
C GLU A 314 -19.39 72.09 -1.24
N PRO A 315 -19.05 71.33 -0.20
CA PRO A 315 -19.97 70.30 0.30
C PRO A 315 -21.29 70.90 0.75
N MET A 316 -22.37 70.16 0.52
CA MET A 316 -23.68 70.59 0.98
C MET A 316 -23.89 70.27 2.45
N LEU A 317 -23.85 68.99 2.82
CA LEU A 317 -23.96 68.57 4.21
C LEU A 317 -22.93 67.47 4.44
N GLN A 318 -21.79 67.83 5.02
CA GLN A 318 -20.67 66.92 5.21
C GLN A 318 -20.37 66.78 6.69
N VAL A 319 -20.23 65.54 7.16
CA VAL A 319 -19.80 65.28 8.53
C VAL A 319 -18.52 64.45 8.51
N ASP A 324 -12.11 64.81 0.61
CA ASP A 324 -12.67 63.87 -0.35
C ASP A 324 -14.14 64.19 -0.53
N HIS A 325 -14.82 64.47 0.58
CA HIS A 325 -16.24 64.78 0.51
C HIS A 325 -16.95 63.80 -0.40
N VAL A 326 -16.47 62.56 -0.43
CA VAL A 326 -17.12 61.56 -1.26
C VAL A 326 -18.63 61.54 -1.01
N VAL A 327 -19.01 61.60 0.28
CA VAL A 327 -20.42 61.60 0.63
C VAL A 327 -21.11 62.86 0.11
N SER A 328 -20.41 64.00 0.15
CA SER A 328 -20.98 65.24 -0.39
C SER A 328 -21.18 65.15 -1.89
N LEU A 329 -20.23 64.54 -2.61
CA LEU A 329 -20.38 64.35 -4.05
C LEU A 329 -21.57 63.44 -4.35
N CYS A 330 -21.71 62.35 -3.59
CA CYS A 330 -22.84 61.46 -3.77
C CYS A 330 -24.15 62.19 -3.47
N TYR A 331 -24.17 63.01 -2.43
CA TYR A 331 -25.35 63.80 -2.09
C TYR A 331 -25.72 64.76 -3.22
N GLU A 332 -24.72 65.45 -3.79
CA GLU A 332 -25.00 66.37 -4.88
C GLU A 332 -25.55 65.63 -6.09
N THR A 333 -25.01 64.45 -6.38
CA THR A 333 -25.54 63.65 -7.48
C THR A 333 -26.97 63.22 -7.20
N ILE A 334 -27.26 62.81 -5.96
CA ILE A 334 -28.57 62.28 -5.62
C ILE A 334 -29.64 63.37 -5.65
N CYS A 335 -29.28 64.59 -5.20
CA CYS A 335 -30.25 65.67 -5.09
C CYS A 335 -30.97 65.95 -6.40
N ASP A 336 -30.27 65.72 -7.51
CA ASP A 336 -30.89 65.91 -8.83
C ASP A 336 -31.52 64.60 -9.29
N ASN A 337 -32.10 63.85 -8.37
CA ASN A 337 -32.74 62.59 -8.71
C ASN A 337 -31.93 61.77 -9.70
N HIS A 338 -30.64 61.58 -9.40
CA HIS A 338 -29.80 60.75 -10.27
C HIS A 338 -29.16 59.64 -9.44
N SER A 339 -28.27 58.88 -10.05
CA SER A 339 -27.57 57.81 -9.35
C SER A 339 -26.06 57.97 -9.49
N VAL A 340 -25.30 57.22 -8.70
CA VAL A 340 -23.84 57.37 -8.73
C VAL A 340 -23.09 56.04 -8.65
N LEU A 341 -22.00 55.93 -9.38
CA LEU A 341 -21.17 54.74 -9.30
C LEU A 341 -19.92 55.13 -8.54
N LEU A 342 -19.49 54.30 -7.58
CA LEU A 342 -18.36 54.69 -6.75
C LEU A 342 -17.39 53.52 -6.75
N PHE A 343 -16.35 53.62 -7.54
CA PHE A 343 -15.40 52.52 -7.73
C PHE A 343 -14.32 52.62 -6.66
N CYS A 344 -14.29 51.64 -5.73
CA CYS A 344 -13.37 51.53 -4.61
C CYS A 344 -12.32 50.44 -4.88
N PRO A 345 -11.15 50.53 -4.27
CA PRO A 345 -10.08 49.58 -4.55
C PRO A 345 -10.19 48.25 -3.84
N SER A 346 -11.21 48.02 -3.01
CA SER A 346 -11.30 46.79 -2.24
C SER A 346 -12.75 46.50 -1.89
N LYS A 347 -12.96 45.36 -1.22
CA LYS A 347 -14.29 44.96 -0.78
C LYS A 347 -14.68 45.63 0.53
N LYS A 348 -13.77 45.61 1.51
CA LYS A 348 -14.04 46.25 2.79
C LYS A 348 -14.26 47.75 2.61
N TRP A 349 -13.51 48.36 1.69
CA TRP A 349 -13.74 49.77 1.36
C TRP A 349 -15.11 50.02 0.76
N CYS A 350 -15.60 49.14 -0.12
CA CYS A 350 -16.96 49.27 -0.63
C CYS A 350 -18.00 49.12 0.48
N GLU A 351 -17.82 48.14 1.36
CA GLU A 351 -18.78 47.95 2.44
C GLU A 351 -18.77 49.11 3.43
N LYS A 352 -17.61 49.72 3.66
CA LYS A 352 -17.53 50.88 4.55
C LYS A 352 -18.09 52.14 3.89
N LEU A 353 -17.77 52.36 2.62
CA LEU A 353 -18.18 53.56 1.90
C LEU A 353 -19.58 53.44 1.31
N ALA A 354 -20.25 52.31 1.51
CA ALA A 354 -21.70 52.27 1.34
C ALA A 354 -22.43 52.47 2.64
N ASP A 355 -21.89 51.92 3.74
CA ASP A 355 -22.44 52.18 5.06
C ASP A 355 -22.41 53.66 5.38
N ILE A 356 -21.34 54.36 5.02
CA ILE A 356 -21.23 55.78 5.35
C ILE A 356 -22.32 56.57 4.63
N ILE A 357 -22.47 56.38 3.33
CA ILE A 357 -23.51 57.14 2.62
C ILE A 357 -24.90 56.71 3.06
N ALA A 358 -25.08 55.45 3.47
CA ALA A 358 -26.37 55.07 4.04
C ALA A 358 -26.65 55.84 5.33
N ARG A 359 -25.63 55.95 6.19
CA ARG A 359 -25.80 56.64 7.47
C ARG A 359 -26.16 58.10 7.24
N GLU A 360 -25.44 58.78 6.35
CA GLU A 360 -25.77 60.18 6.04
C GLU A 360 -27.13 60.33 5.35
N PHE A 361 -27.47 59.44 4.42
CA PHE A 361 -28.77 59.56 3.77
C PHE A 361 -29.91 59.32 4.74
N TYR A 362 -29.67 58.60 5.84
CA TYR A 362 -30.67 58.52 6.90
C TYR A 362 -30.65 59.79 7.74
N ASN A 363 -29.50 60.10 8.34
CA ASN A 363 -29.42 61.26 9.20
C ASN A 363 -29.63 62.58 8.47
N LEU A 364 -29.01 62.74 7.30
CA LEU A 364 -29.15 63.97 6.55
C LEU A 364 -30.52 64.12 5.89
N HIS A 365 -31.25 63.02 5.75
CA HIS A 365 -32.55 63.08 5.05
C HIS A 365 -33.75 62.74 5.92
N HIS A 366 -33.52 62.38 7.18
CA HIS A 366 -34.62 61.99 8.06
C HIS A 366 -34.57 62.67 9.42
N GLN A 367 -33.77 63.72 9.53
CA GLN A 367 -33.65 64.43 10.81
C GLN A 367 -33.66 63.45 11.99
N ALA A 368 -33.02 62.31 11.80
CA ALA A 368 -32.99 61.28 12.82
C ALA A 368 -31.69 60.50 12.77
N GLU A 383 -38.32 52.71 -5.78
CA GLU A 383 -39.57 52.85 -5.05
C GLU A 383 -39.53 52.04 -3.76
N GLN A 384 -40.04 52.60 -2.69
CA GLN A 384 -40.08 51.88 -1.41
C GLN A 384 -40.58 50.47 -1.62
N LYS A 385 -41.81 50.34 -2.11
CA LYS A 385 -42.35 49.00 -2.38
C LYS A 385 -41.38 48.17 -3.20
N GLU A 386 -40.80 48.77 -4.24
CA GLU A 386 -39.82 48.07 -5.06
C GLU A 386 -38.55 47.74 -4.28
N LEU A 387 -38.10 48.64 -3.43
CA LEU A 387 -36.94 48.37 -2.58
C LEU A 387 -37.22 47.28 -1.55
N LEU A 388 -38.42 47.25 -0.97
CA LEU A 388 -38.78 46.13 -0.10
C LEU A 388 -38.86 44.82 -0.87
N GLU A 389 -39.31 44.87 -2.13
CA GLU A 389 -39.26 43.69 -2.97
C GLU A 389 -37.83 43.22 -3.16
N VAL A 390 -36.90 44.15 -3.36
CA VAL A 390 -35.49 43.80 -3.52
C VAL A 390 -34.95 43.19 -2.22
N MET A 391 -35.31 43.75 -1.08
CA MET A 391 -34.89 43.19 0.20
C MET A 391 -35.40 41.77 0.38
N ASP A 392 -36.67 41.53 0.03
CA ASP A 392 -37.22 40.18 0.13
C ASP A 392 -36.58 39.23 -0.86
N GLN A 393 -36.24 39.72 -2.06
CA GLN A 393 -35.52 38.90 -3.03
C GLN A 393 -34.17 38.48 -2.49
N LEU A 394 -33.46 39.42 -1.86
CA LEU A 394 -32.18 39.09 -1.23
C LEU A 394 -32.35 38.18 -0.04
N ARG A 395 -33.53 38.20 0.60
CA ARG A 395 -33.74 37.41 1.80
C ARG A 395 -34.09 35.95 1.53
N ARG A 396 -34.49 35.59 0.31
CA ARG A 396 -34.79 34.20 -0.02
C ARG A 396 -33.65 33.60 -0.84
N LEU A 397 -32.42 33.89 -0.43
CA LEU A 397 -31.24 33.36 -1.09
C LEU A 397 -30.54 32.37 -0.18
N PRO A 398 -29.77 31.44 -0.74
CA PRO A 398 -29.05 30.48 0.11
C PRO A 398 -28.18 31.14 1.18
N SER A 399 -27.59 32.29 0.88
CA SER A 399 -26.89 33.07 1.89
C SER A 399 -27.79 34.07 2.59
N GLY A 400 -29.04 34.21 2.16
CA GLY A 400 -29.98 35.11 2.79
C GLY A 400 -29.59 36.58 2.61
N LEU A 401 -30.04 37.39 3.56
CA LEU A 401 -29.69 38.79 3.59
C LEU A 401 -28.28 38.98 4.13
N ASP A 402 -27.66 40.10 3.76
CA ASP A 402 -26.36 40.47 4.28
C ASP A 402 -26.51 41.63 5.25
N SER A 403 -25.79 41.56 6.37
CA SER A 403 -25.93 42.57 7.41
C SER A 403 -25.63 43.97 6.88
N VAL A 404 -24.51 44.12 6.18
CA VAL A 404 -24.19 45.42 5.59
C VAL A 404 -25.23 45.80 4.56
N LEU A 405 -25.66 44.84 3.74
CA LEU A 405 -26.74 45.10 2.80
C LEU A 405 -28.02 45.49 3.53
N GLN A 406 -28.32 44.82 4.65
CA GLN A 406 -29.52 45.15 5.41
C GLN A 406 -29.45 46.58 5.93
N LYS A 407 -28.27 47.02 6.36
CA LYS A 407 -28.14 48.39 6.85
C LYS A 407 -28.19 49.40 5.72
N THR A 408 -27.67 49.06 4.54
CA THR A 408 -27.48 50.04 3.47
C THR A 408 -28.68 50.14 2.54
N VAL A 409 -29.13 49.02 1.98
CA VAL A 409 -30.09 48.99 0.88
C VAL A 409 -31.36 49.78 1.16
N PRO A 410 -31.97 49.71 2.37
CA PRO A 410 -33.17 50.52 2.59
C PRO A 410 -32.85 51.99 2.84
N TRP A 411 -31.88 52.51 2.06
CA TRP A 411 -31.64 53.93 1.94
C TRP A 411 -31.31 54.35 0.52
N GLY A 412 -31.25 53.42 -0.44
CA GLY A 412 -30.83 53.71 -1.79
C GLY A 412 -29.35 53.46 -2.04
N VAL A 413 -28.61 53.13 -0.98
CA VAL A 413 -27.17 52.92 -1.10
C VAL A 413 -26.84 51.45 -0.90
N ALA A 414 -25.80 50.99 -1.58
CA ALA A 414 -25.39 49.59 -1.43
C ALA A 414 -23.97 49.42 -1.96
N PHE A 415 -23.48 48.19 -1.88
CA PHE A 415 -22.16 47.81 -2.33
C PHE A 415 -22.27 46.59 -3.24
N HIS A 416 -21.35 46.50 -4.19
CA HIS A 416 -21.35 45.43 -5.20
C HIS A 416 -19.89 45.04 -5.43
N HIS A 417 -19.42 44.05 -4.70
CA HIS A 417 -18.07 43.54 -4.87
C HIS A 417 -18.11 42.03 -5.09
N ALA A 418 -16.94 41.47 -5.37
CA ALA A 418 -16.83 40.05 -5.70
C ALA A 418 -17.15 39.14 -4.53
N GLY A 419 -17.17 39.66 -3.31
CA GLY A 419 -17.49 38.82 -2.17
C GLY A 419 -18.90 38.29 -2.19
N LEU A 420 -19.84 39.09 -2.70
CA LEU A 420 -21.22 38.65 -2.76
C LEU A 420 -21.38 37.49 -3.74
N THR A 421 -22.45 36.73 -3.57
CA THR A 421 -22.78 35.67 -4.50
C THR A 421 -23.14 36.28 -5.86
N PHE A 422 -23.12 35.43 -6.89
CA PHE A 422 -23.52 35.89 -8.21
C PHE A 422 -24.97 36.31 -8.24
N GLU A 423 -25.81 35.61 -7.47
CA GLU A 423 -27.22 36.00 -7.37
C GLU A 423 -27.37 37.36 -6.70
N GLU A 424 -26.64 37.58 -5.61
CA GLU A 424 -26.70 38.88 -4.94
C GLU A 424 -26.16 39.98 -5.84
N ARG A 425 -25.06 39.70 -6.55
CA ARG A 425 -24.49 40.69 -7.46
C ARG A 425 -25.48 41.05 -8.56
N ASP A 426 -26.16 40.06 -9.13
CA ASP A 426 -27.14 40.34 -10.17
C ASP A 426 -28.35 41.08 -9.61
N ILE A 427 -28.78 40.76 -8.39
CA ILE A 427 -29.89 41.48 -7.78
C ILE A 427 -29.53 42.95 -7.58
N ILE A 428 -28.34 43.20 -7.05
CA ILE A 428 -27.89 44.56 -6.81
C ILE A 428 -27.73 45.32 -8.13
N GLU A 429 -27.19 44.66 -9.15
CA GLU A 429 -27.03 45.30 -10.45
C GLU A 429 -28.39 45.63 -11.06
N GLY A 430 -29.36 44.74 -10.93
CA GLY A 430 -30.69 45.04 -11.42
C GLY A 430 -31.34 46.19 -10.67
N ALA A 431 -31.16 46.22 -9.34
CA ALA A 431 -31.71 47.31 -8.55
C ALA A 431 -31.09 48.64 -8.94
N PHE A 432 -29.78 48.67 -9.17
CA PHE A 432 -29.15 49.90 -9.63
C PHE A 432 -29.62 50.28 -11.04
N ARG A 433 -29.77 49.29 -11.91
CA ARG A 433 -30.18 49.57 -13.28
C ARG A 433 -31.59 50.14 -13.33
N GLN A 434 -32.47 49.68 -12.45
CA GLN A 434 -33.84 50.19 -12.40
C GLN A 434 -33.96 51.47 -11.59
N GLY A 435 -32.88 51.98 -11.02
CA GLY A 435 -32.92 53.20 -10.26
C GLY A 435 -33.28 53.04 -8.79
N LEU A 436 -33.61 51.82 -8.36
CA LEU A 436 -33.96 51.60 -6.96
C LEU A 436 -32.79 51.90 -6.05
N ILE A 437 -31.60 51.45 -6.42
CA ILE A 437 -30.37 51.79 -5.70
C ILE A 437 -29.76 53.00 -6.37
N ARG A 438 -29.42 54.01 -5.57
CA ARG A 438 -28.93 55.27 -6.09
C ARG A 438 -27.42 55.47 -5.94
N VAL A 439 -26.81 54.86 -4.94
CA VAL A 439 -25.35 54.86 -4.77
C VAL A 439 -24.88 53.43 -4.76
N LEU A 440 -23.91 53.12 -5.61
CA LEU A 440 -23.38 51.76 -5.70
C LEU A 440 -21.87 51.80 -5.53
N ALA A 441 -21.39 51.35 -4.38
CA ALA A 441 -19.95 51.25 -4.14
C ALA A 441 -19.46 49.91 -4.68
N ALA A 442 -18.80 49.94 -5.83
CA ALA A 442 -18.36 48.75 -6.52
C ALA A 442 -16.84 48.73 -6.62
N THR A 443 -16.32 47.57 -7.01
CA THR A 443 -14.89 47.39 -7.22
C THR A 443 -14.58 47.48 -8.71
N SER A 444 -13.33 47.20 -9.07
CA SER A 444 -12.94 47.28 -10.49
C SER A 444 -13.51 46.14 -11.31
N THR A 445 -13.99 45.07 -10.66
CA THR A 445 -14.51 43.93 -11.40
C THR A 445 -15.76 44.29 -12.20
N LEU A 446 -16.56 45.21 -11.67
CA LEU A 446 -17.74 45.66 -12.38
C LEU A 446 -17.34 46.34 -13.69
N SER A 447 -16.33 47.20 -13.64
CA SER A 447 -15.90 47.93 -14.83
C SER A 447 -15.88 47.11 -16.11
N SER A 448 -15.30 45.91 -16.05
CA SER A 448 -15.20 45.07 -17.24
C SER A 448 -16.41 44.17 -17.43
N GLY A 449 -17.35 44.18 -16.49
CA GLY A 449 -18.48 43.26 -16.55
C GLY A 449 -19.66 43.79 -17.33
N VAL A 450 -20.83 43.79 -16.70
CA VAL A 450 -22.09 44.10 -17.37
C VAL A 450 -22.16 45.59 -17.70
N ASN A 451 -23.11 45.96 -18.55
CA ASN A 451 -23.33 47.35 -18.94
C ASN A 451 -24.22 48.01 -17.90
N LEU A 452 -23.60 48.75 -16.97
CA LEU A 452 -24.30 49.40 -15.86
C LEU A 452 -23.91 50.87 -15.85
N PRO A 453 -24.65 51.71 -16.57
CA PRO A 453 -24.31 53.13 -16.63
C PRO A 453 -24.84 53.91 -15.43
N ALA A 454 -24.05 54.88 -14.99
CA ALA A 454 -24.41 55.76 -13.88
C ALA A 454 -24.14 57.20 -14.29
N ARG A 455 -24.96 58.11 -13.77
CA ARG A 455 -24.84 59.52 -14.15
C ARG A 455 -23.48 60.08 -13.78
N ARG A 456 -22.99 59.75 -12.59
CA ARG A 456 -21.67 60.18 -12.15
C ARG A 456 -20.89 58.96 -11.68
N VAL A 457 -19.66 58.84 -12.16
CA VAL A 457 -18.76 57.77 -11.75
C VAL A 457 -17.65 58.41 -10.94
N ILE A 458 -17.61 58.11 -9.64
CA ILE A 458 -16.60 58.63 -8.74
C ILE A 458 -15.60 57.51 -8.48
N ILE A 459 -14.35 57.73 -8.87
CA ILE A 459 -13.28 56.78 -8.64
C ILE A 459 -12.48 57.31 -7.45
N ARG A 460 -12.71 56.70 -6.29
CA ARG A 460 -12.10 57.18 -5.06
C ARG A 460 -10.63 57.52 -5.13
N THR A 461 -9.83 56.57 -5.55
CA THR A 461 -8.38 56.79 -5.56
C THR A 461 -7.81 56.29 -6.88
N PRO A 462 -6.76 56.94 -7.39
CA PRO A 462 -6.06 56.41 -8.56
C PRO A 462 -5.25 55.17 -8.27
N ILE A 463 -4.93 54.90 -7.02
CA ILE A 463 -4.17 53.71 -6.64
C ILE A 463 -5.17 52.60 -6.33
N PHE A 464 -5.19 51.57 -7.16
CA PHE A 464 -6.10 50.44 -7.01
C PHE A 464 -5.28 49.20 -6.66
N GLY A 465 -5.48 48.68 -5.45
CA GLY A 465 -4.77 47.50 -5.01
C GLY A 465 -3.27 47.67 -4.88
N GLY A 466 -2.82 48.85 -4.43
CA GLY A 466 -1.41 49.12 -4.26
C GLY A 466 -0.67 49.49 -5.53
N ARG A 467 -1.36 49.54 -6.66
CA ARG A 467 -0.77 49.88 -7.95
C ARG A 467 -1.64 50.93 -8.63
N PRO A 468 -1.05 51.76 -9.49
CA PRO A 468 -1.84 52.75 -10.22
C PRO A 468 -2.91 52.08 -11.07
N LEU A 469 -4.06 52.74 -11.17
CA LEU A 469 -5.17 52.22 -11.95
C LEU A 469 -4.76 52.06 -13.41
N ASP A 470 -5.13 50.93 -14.00
CA ASP A 470 -4.81 50.68 -15.39
C ASP A 470 -5.56 51.66 -16.28
N ILE A 471 -4.91 52.08 -17.37
CA ILE A 471 -5.55 53.02 -18.28
C ILE A 471 -6.76 52.38 -18.96
N LEU A 472 -6.66 51.08 -19.28
CA LEU A 472 -7.83 50.37 -19.81
C LEU A 472 -8.92 50.27 -18.76
N THR A 473 -8.54 49.95 -17.51
CA THR A 473 -9.52 49.88 -16.44
C THR A 473 -10.16 51.24 -16.20
N TYR A 474 -9.36 52.31 -16.21
CA TYR A 474 -9.90 53.65 -16.00
C TYR A 474 -10.87 54.02 -17.12
N LYS A 475 -10.51 53.71 -18.37
CA LYS A 475 -11.42 53.99 -19.48
C LYS A 475 -12.70 53.19 -19.34
N GLN A 476 -12.59 51.92 -18.91
CA GLN A 476 -13.78 51.10 -18.72
C GLN A 476 -14.69 51.68 -17.65
N MET A 477 -14.13 52.15 -16.54
CA MET A 477 -14.95 52.77 -15.49
C MET A 477 -15.62 54.03 -16.00
N VAL A 478 -14.84 54.96 -16.56
CA VAL A 478 -15.39 56.25 -16.95
C VAL A 478 -16.26 56.18 -18.21
N GLY A 479 -16.26 55.05 -18.91
CA GLY A 479 -17.20 54.91 -20.01
C GLY A 479 -18.63 54.66 -19.57
N ARG A 480 -18.84 54.36 -18.30
CA ARG A 480 -20.18 54.17 -17.75
C ARG A 480 -20.82 55.47 -17.29
N ALA A 481 -20.09 56.58 -17.34
CA ALA A 481 -20.62 57.87 -16.91
C ALA A 481 -21.55 58.41 -17.98
N GLY A 482 -22.84 58.46 -17.67
CA GLY A 482 -23.82 58.96 -18.61
C GLY A 482 -24.74 57.89 -19.16
N ARG A 483 -26.04 57.99 -18.86
CA ARG A 483 -27.04 57.07 -19.39
C ARG A 483 -27.56 57.59 -20.71
N LYS A 484 -27.51 56.75 -21.74
CA LYS A 484 -27.99 57.15 -23.06
C LYS A 484 -29.50 57.35 -23.03
N GLY A 485 -29.95 58.48 -23.57
CA GLY A 485 -31.36 58.78 -23.65
C GLY A 485 -31.98 59.33 -22.38
N VAL A 486 -31.20 59.49 -21.31
CA VAL A 486 -31.71 60.01 -20.05
C VAL A 486 -30.92 61.26 -19.68
N ASP A 487 -29.62 61.11 -19.50
CA ASP A 487 -28.76 62.22 -19.13
C ASP A 487 -28.38 63.05 -20.35
N THR A 488 -28.13 64.34 -20.11
CA THR A 488 -27.58 65.21 -21.15
C THR A 488 -26.07 65.10 -21.23
N VAL A 489 -25.40 64.91 -20.10
CA VAL A 489 -23.94 64.71 -20.05
C VAL A 489 -23.65 63.60 -19.05
N GLY A 490 -22.40 63.18 -19.01
CA GLY A 490 -21.95 62.23 -18.01
C GLY A 490 -20.68 62.75 -17.38
N GLU A 491 -20.52 62.47 -16.08
CA GLU A 491 -19.43 63.02 -15.29
C GLU A 491 -18.61 61.88 -14.70
N SER A 492 -17.29 61.98 -14.83
CA SER A 492 -16.37 61.13 -14.12
C SER A 492 -15.51 62.00 -13.23
N ILE A 493 -15.40 61.62 -11.95
CA ILE A 493 -14.65 62.38 -10.96
C ILE A 493 -13.66 61.43 -10.31
N LEU A 494 -12.38 61.62 -10.60
CA LEU A 494 -11.34 60.83 -9.95
C LEU A 494 -10.76 61.64 -8.80
N ILE A 495 -10.89 61.11 -7.59
CA ILE A 495 -10.51 61.85 -6.39
C ILE A 495 -9.03 61.56 -6.13
N CYS A 496 -8.18 62.59 -6.27
CA CYS A 496 -6.76 62.42 -6.00
C CYS A 496 -6.30 63.51 -5.04
N LYS A 497 -5.04 63.49 -4.66
CA LYS A 497 -4.52 64.48 -3.72
C LYS A 497 -3.00 64.49 -3.66
N ASN A 498 -2.43 65.62 -3.23
CA ASN A 498 -0.98 65.70 -3.09
C ASN A 498 -0.26 65.07 -4.27
N SER A 499 0.65 64.14 -3.99
CA SER A 499 1.38 63.47 -5.05
C SER A 499 0.44 62.69 -5.94
N GLU A 500 -0.54 62.02 -5.32
CA GLU A 500 -1.51 61.24 -6.10
C GLU A 500 -2.02 62.05 -7.29
N LYS A 501 -2.04 63.36 -7.15
CA LYS A 501 -2.50 64.20 -8.25
C LYS A 501 -1.77 63.86 -9.55
N SER A 502 -0.49 63.51 -9.47
CA SER A 502 0.29 63.22 -10.67
C SER A 502 -0.25 62.00 -11.39
N LYS A 503 -0.50 60.91 -10.66
CA LYS A 503 -1.05 59.70 -11.28
C LYS A 503 -2.45 59.96 -11.80
N GLY A 504 -3.23 60.79 -11.11
CA GLY A 504 -4.56 61.12 -11.60
C GLY A 504 -4.53 61.87 -12.92
N ILE A 505 -3.64 62.86 -13.03
CA ILE A 505 -3.54 63.59 -14.29
C ILE A 505 -2.96 62.70 -15.38
N ALA A 506 -2.09 61.75 -15.02
CA ALA A 506 -1.58 60.80 -16.00
C ALA A 506 -2.70 59.91 -16.53
N LEU A 507 -3.58 59.45 -15.65
CA LEU A 507 -4.75 58.68 -16.08
C LEU A 507 -5.66 59.54 -16.96
N LEU A 508 -5.83 60.80 -16.59
CA LEU A 508 -6.69 61.70 -17.37
C LEU A 508 -6.16 61.88 -18.79
N GLN A 509 -4.84 62.08 -18.92
CA GLN A 509 -4.23 62.34 -20.22
C GLN A 509 -3.60 61.11 -20.85
N GLY A 510 -3.76 59.94 -20.26
CA GLY A 510 -3.18 58.74 -20.81
C GLY A 510 -3.99 58.16 -21.96
N SER A 511 -3.43 57.15 -22.59
CA SER A 511 -4.07 56.45 -23.70
C SER A 511 -3.76 54.96 -23.61
N LEU A 512 -4.57 54.17 -24.30
CA LEU A 512 -4.46 52.71 -24.21
C LEU A 512 -3.15 52.22 -24.82
N LYS A 513 -2.55 51.23 -24.16
CA LYS A 513 -1.33 50.62 -24.66
C LYS A 513 -1.62 49.79 -25.91
N PRO A 514 -0.63 49.62 -26.79
CA PRO A 514 -0.84 48.83 -28.00
C PRO A 514 -1.03 47.35 -27.68
N VAL A 515 -1.74 46.67 -28.57
CA VAL A 515 -2.03 45.26 -28.40
C VAL A 515 -0.76 44.44 -28.65
N ARG A 516 -0.69 43.28 -28.00
CA ARG A 516 0.46 42.39 -28.08
C ARG A 516 0.04 41.05 -28.69
N SER A 517 0.94 40.08 -28.64
CA SER A 517 0.70 38.76 -29.22
C SER A 517 0.78 37.62 -28.21
N CYS A 518 1.67 37.72 -27.23
CA CYS A 518 1.83 36.73 -26.18
C CYS A 518 2.27 35.36 -26.73
N LEU A 519 2.70 35.33 -27.98
CA LEU A 519 3.23 34.09 -28.55
C LEU A 519 4.75 34.17 -28.61
N VAL A 527 10.58 29.01 -26.09
CA VAL A 527 9.28 28.35 -26.21
C VAL A 527 8.30 28.97 -25.22
N THR A 528 7.02 28.90 -25.54
CA THR A 528 5.98 29.44 -24.68
C THR A 528 4.76 28.54 -24.73
N GLY A 529 3.95 28.60 -23.68
CA GLY A 529 2.79 27.73 -23.59
C GLY A 529 1.79 27.98 -24.70
N SER A 530 1.64 29.24 -25.11
CA SER A 530 0.70 29.57 -26.17
C SER A 530 1.15 28.99 -27.51
N MET A 531 2.43 29.11 -27.84
CA MET A 531 2.90 28.56 -29.11
C MET A 531 2.87 27.04 -29.11
N ILE A 532 3.15 26.42 -27.96
CA ILE A 532 2.99 24.98 -27.84
C ILE A 532 1.55 24.57 -28.08
N ARG A 533 0.61 25.31 -27.49
CA ARG A 533 -0.81 25.01 -27.68
C ARG A 533 -1.20 25.17 -29.14
N ALA A 534 -0.72 26.23 -29.80
CA ALA A 534 -1.07 26.46 -31.20
C ALA A 534 -0.51 25.39 -32.10
N ILE A 535 0.75 25.00 -31.89
CA ILE A 535 1.36 23.95 -32.70
C ILE A 535 0.62 22.63 -32.50
N LEU A 536 0.31 22.29 -31.26
CA LEU A 536 -0.46 21.06 -31.02
C LEU A 536 -1.83 21.16 -31.68
N GLU A 537 -2.46 22.34 -31.62
CA GLU A 537 -3.79 22.50 -32.19
C GLU A 537 -3.78 22.26 -33.69
N ILE A 538 -2.77 22.78 -34.39
CA ILE A 538 -2.76 22.61 -35.83
C ILE A 538 -2.34 21.20 -36.22
N ILE A 539 -1.33 20.64 -35.56
CA ILE A 539 -0.85 19.32 -35.96
C ILE A 539 -1.91 18.26 -35.67
N VAL A 540 -2.44 18.25 -34.44
CA VAL A 540 -3.37 17.22 -34.04
C VAL A 540 -4.67 17.33 -34.83
N GLY A 541 -5.06 18.54 -35.20
CA GLY A 541 -6.23 18.70 -36.07
C GLY A 541 -6.02 18.18 -37.47
N GLY A 542 -4.77 17.89 -37.85
CA GLY A 542 -4.46 17.44 -39.19
C GLY A 542 -4.38 18.55 -40.21
N VAL A 543 -4.51 19.80 -39.79
CA VAL A 543 -4.54 20.92 -40.73
C VAL A 543 -3.15 21.23 -41.27
N ALA A 544 -2.10 20.95 -40.49
CA ALA A 544 -0.73 21.16 -40.92
C ALA A 544 0.07 19.93 -40.54
N SER A 545 0.94 19.49 -41.45
CA SER A 545 1.73 18.28 -41.22
C SER A 545 3.24 18.53 -41.25
N THR A 546 3.75 19.19 -42.28
CA THR A 546 5.19 19.37 -42.40
C THR A 546 5.64 20.66 -41.73
N SER A 547 6.93 20.70 -41.39
CA SER A 547 7.47 21.87 -40.70
C SER A 547 7.44 23.11 -41.57
N GLN A 548 7.50 22.94 -42.90
CA GLN A 548 7.28 24.08 -43.77
C GLN A 548 5.88 24.65 -43.58
N ASP A 549 4.87 23.77 -43.50
CA ASP A 549 3.54 24.22 -43.15
C ASP A 549 3.50 24.78 -41.73
N MET A 550 4.36 24.29 -40.85
CA MET A 550 4.34 24.75 -39.47
C MET A 550 4.81 26.19 -39.38
N HIS A 551 5.84 26.54 -40.15
CA HIS A 551 6.29 27.92 -40.23
C HIS A 551 5.33 28.78 -41.05
N THR A 552 4.67 28.19 -42.04
CA THR A 552 3.63 28.92 -42.76
C THR A 552 2.51 29.34 -41.80
N TYR A 553 2.14 28.45 -40.88
CA TYR A 553 1.12 28.79 -39.89
C TYR A 553 1.57 29.96 -39.03
N ALA A 554 2.80 29.93 -38.52
CA ALA A 554 3.32 31.04 -37.74
C ALA A 554 3.46 32.31 -38.56
N ALA A 555 3.53 32.20 -39.88
CA ALA A 555 3.47 33.35 -40.77
C ALA A 555 2.06 33.92 -40.91
N CYS A 556 1.06 33.27 -40.31
CA CYS A 556 -0.31 33.76 -40.32
C CYS A 556 -0.74 34.35 -38.98
N THR A 557 0.10 34.27 -37.95
CA THR A 557 -0.27 34.73 -36.63
C THR A 557 -0.09 36.24 -36.50
N PHE A 558 -0.43 36.76 -35.32
CA PHE A 558 -0.26 38.19 -35.05
C PHE A 558 1.20 38.58 -34.97
N LEU A 559 2.08 37.64 -34.60
CA LEU A 559 3.51 37.92 -34.60
C LEU A 559 4.00 38.27 -36.00
N ALA A 560 3.54 37.51 -37.01
CA ALA A 560 3.91 37.81 -38.38
C ALA A 560 3.36 39.13 -38.86
N ALA A 561 2.20 39.55 -38.35
CA ALA A 561 1.63 40.84 -38.71
C ALA A 561 2.25 41.99 -37.94
N SER A 562 2.71 41.75 -36.70
CA SER A 562 3.34 42.80 -35.93
C SER A 562 4.61 43.30 -36.61
N MET A 563 5.40 42.38 -37.15
CA MET A 563 6.61 42.75 -37.89
C MET A 563 6.28 43.28 -39.28
N GLY A 580 12.20 28.87 -35.83
CA GLY A 580 12.90 29.03 -34.57
C GLY A 580 12.05 28.62 -33.38
N ALA A 581 11.01 29.41 -33.10
CA ALA A 581 10.09 29.06 -32.02
C ALA A 581 9.28 27.82 -32.37
N ILE A 582 8.85 27.69 -33.62
CA ILE A 582 8.05 26.55 -34.03
C ILE A 582 8.88 25.26 -33.96
N GLU A 583 10.17 25.34 -34.30
CA GLU A 583 11.03 24.17 -34.17
C GLU A 583 11.15 23.74 -32.72
N ALA A 584 11.30 24.69 -31.80
CA ALA A 584 11.37 24.36 -30.39
C ALA A 584 10.06 23.76 -29.89
N CYS A 585 8.92 24.29 -30.35
CA CYS A 585 7.63 23.75 -29.95
C CYS A 585 7.46 22.32 -30.47
N VAL A 586 7.87 22.06 -31.71
CA VAL A 586 7.78 20.73 -32.27
C VAL A 586 8.69 19.77 -31.51
N MET A 587 9.89 20.24 -31.15
CA MET A 587 10.79 19.40 -30.36
C MET A 587 10.20 19.08 -29.00
N TRP A 588 9.56 20.06 -28.36
CA TRP A 588 8.94 19.82 -27.06
C TRP A 588 7.77 18.84 -27.17
N LEU A 589 6.97 18.95 -28.23
CA LEU A 589 5.86 18.03 -28.41
C LEU A 589 6.33 16.64 -28.77
N LEU A 590 7.46 16.53 -29.47
CA LEU A 590 8.00 15.21 -29.82
C LEU A 590 8.63 14.54 -28.61
N GLU A 591 9.39 15.30 -27.80
CA GLU A 591 10.05 14.74 -26.64
C GLU A 591 9.10 14.43 -25.50
N ASN A 592 7.85 14.88 -25.57
CA ASN A 592 6.86 14.61 -24.53
C ASN A 592 5.76 13.67 -25.02
N GLU A 593 6.00 12.97 -26.12
CA GLU A 593 5.10 11.94 -26.65
C GLU A 593 3.71 12.48 -26.99
N PHE A 594 3.61 13.80 -27.21
CA PHE A 594 2.38 14.36 -27.74
C PHE A 594 2.24 14.10 -29.23
N ILE A 595 3.36 13.89 -29.92
CA ILE A 595 3.39 13.86 -31.38
C ILE A 595 4.45 12.87 -31.81
N GLN A 596 4.17 12.12 -32.88
CA GLN A 596 5.12 11.17 -33.45
C GLN A 596 5.61 11.67 -34.80
N SER A 597 6.85 11.32 -35.13
CA SER A 597 7.49 11.74 -36.37
C SER A 597 7.71 10.53 -37.27
N THR A 598 7.23 10.62 -38.51
CA THR A 598 7.44 9.61 -39.53
C THR A 598 8.19 10.21 -40.70
N LYS A 607 10.00 14.53 -41.99
CA LYS A 607 9.55 14.35 -40.62
C LYS A 607 8.10 14.79 -40.46
N VAL A 608 7.18 14.00 -41.00
CA VAL A 608 5.77 14.34 -40.90
C VAL A 608 5.30 14.05 -39.49
N TYR A 609 4.57 14.99 -38.90
CA TYR A 609 4.17 14.93 -37.51
C TYR A 609 2.70 14.49 -37.42
N HIS A 610 2.46 13.43 -36.67
CA HIS A 610 1.13 12.89 -36.49
C HIS A 610 0.74 12.88 -35.02
N PRO A 611 -0.52 13.17 -34.69
CA PRO A 611 -0.93 13.13 -33.29
C PRO A 611 -0.87 11.72 -32.73
N THR A 612 -0.51 11.62 -31.45
CA THR A 612 -0.57 10.36 -30.74
C THR A 612 -1.92 10.24 -30.05
N HIS A 613 -2.06 9.28 -29.14
CA HIS A 613 -3.27 9.20 -28.34
C HIS A 613 -3.29 10.29 -27.27
N LEU A 614 -2.15 10.53 -26.61
CA LEU A 614 -2.08 11.61 -25.64
C LEU A 614 -2.20 12.98 -26.31
N GLY A 615 -1.58 13.14 -27.49
CA GLY A 615 -1.70 14.40 -28.20
C GLY A 615 -3.10 14.66 -28.72
N SER A 616 -3.82 13.60 -29.12
CA SER A 616 -5.20 13.76 -29.51
C SER A 616 -6.10 14.04 -28.31
N ALA A 617 -5.80 13.41 -27.17
CA ALA A 617 -6.59 13.60 -25.96
C ALA A 617 -6.39 14.99 -25.36
N THR A 618 -5.19 15.55 -25.48
CA THR A 618 -4.95 16.90 -25.01
C THR A 618 -5.75 17.92 -25.81
N LEU A 619 -5.78 17.77 -27.13
CA LEU A 619 -6.53 18.70 -27.96
C LEU A 619 -8.03 18.52 -27.79
N SER A 620 -8.47 17.29 -27.58
CA SER A 620 -9.89 17.05 -27.33
C SER A 620 -10.37 17.68 -26.02
N SER A 621 -9.75 17.33 -24.90
CA SER A 621 -10.22 17.84 -23.59
C SER A 621 -9.82 19.28 -23.29
N SER A 622 -9.41 20.02 -24.31
CA SER A 622 -9.09 21.45 -24.13
C SER A 622 -8.27 21.84 -22.90
N LEU A 623 -7.14 21.17 -22.68
CA LEU A 623 -6.27 21.57 -21.59
C LEU A 623 -4.90 21.94 -22.15
N SER A 624 -4.19 22.78 -21.42
CA SER A 624 -2.86 23.17 -21.84
C SER A 624 -1.95 21.95 -21.85
N PRO A 625 -1.17 21.75 -22.92
CA PRO A 625 -0.25 20.60 -22.92
C PRO A 625 0.74 20.62 -21.77
N ALA A 626 1.06 21.79 -21.23
CA ALA A 626 1.91 21.85 -20.06
C ALA A 626 1.25 21.18 -18.85
N ASP A 627 -0.03 21.48 -18.63
CA ASP A 627 -0.75 20.89 -17.50
C ASP A 627 -1.17 19.45 -17.77
N THR A 628 -1.38 19.11 -19.05
CA THR A 628 -1.90 17.79 -19.38
C THR A 628 -0.93 16.67 -19.01
N LEU A 629 0.38 16.96 -18.97
CA LEU A 629 1.34 15.94 -18.54
C LEU A 629 1.10 15.53 -17.09
N ASP A 630 1.04 16.51 -16.18
CA ASP A 630 0.78 16.19 -14.79
C ASP A 630 -0.63 15.66 -14.58
N ILE A 631 -1.58 16.11 -15.39
CA ILE A 631 -2.94 15.56 -15.31
C ILE A 631 -2.95 14.09 -15.69
N PHE A 632 -2.23 13.73 -16.75
CA PHE A 632 -2.09 12.35 -17.16
C PHE A 632 -1.46 11.51 -16.06
N ALA A 633 -0.38 12.03 -15.46
CA ALA A 633 0.28 11.30 -14.39
C ALA A 633 -0.65 11.10 -13.19
N ASP A 634 -1.40 12.15 -12.82
CA ASP A 634 -2.28 12.05 -11.67
C ASP A 634 -3.43 11.07 -11.91
N LEU A 635 -4.07 11.15 -13.08
CA LEU A 635 -5.13 10.21 -13.39
C LEU A 635 -4.62 8.77 -13.48
N GLN A 636 -3.45 8.58 -14.10
CA GLN A 636 -2.87 7.25 -14.21
C GLN A 636 -2.51 6.67 -12.84
N ARG A 637 -2.04 7.51 -11.93
CA ARG A 637 -1.80 7.07 -10.56
C ARG A 637 -3.11 6.78 -9.83
N ALA A 638 -4.16 7.54 -10.13
CA ALA A 638 -5.45 7.33 -9.47
C ALA A 638 -6.10 6.02 -9.89
N MET A 639 -5.94 5.62 -11.16
CA MET A 639 -6.52 4.35 -11.59
C MET A 639 -5.93 3.17 -10.83
N LYS A 640 -4.64 3.21 -10.52
CA LYS A 640 -4.01 2.08 -9.83
C LYS A 640 -4.61 1.85 -8.45
N GLY A 641 -4.85 2.92 -7.71
CA GLY A 641 -5.52 2.82 -6.43
C GLY A 641 -6.56 3.91 -6.26
N PHE A 642 -7.83 3.52 -6.13
CA PHE A 642 -8.93 4.46 -6.04
C PHE A 642 -9.77 4.16 -4.81
N VAL A 643 -10.38 5.21 -4.26
CA VAL A 643 -11.24 5.11 -3.10
C VAL A 643 -12.66 5.44 -3.55
N LEU A 644 -13.54 4.44 -3.54
CA LEU A 644 -14.90 4.59 -4.04
C LEU A 644 -15.93 4.79 -2.94
N GLU A 645 -15.52 4.81 -1.68
CA GLU A 645 -16.45 4.94 -0.57
C GLU A 645 -16.75 6.38 -0.21
N ASN A 646 -16.19 7.35 -0.93
CA ASN A 646 -16.56 8.75 -0.81
C ASN A 646 -16.40 9.37 -2.19
N ASP A 647 -16.73 10.66 -2.30
CA ASP A 647 -16.58 11.40 -3.54
C ASP A 647 -15.33 12.27 -3.53
N LEU A 648 -14.46 12.10 -2.53
CA LEU A 648 -13.29 12.96 -2.40
C LEU A 648 -12.20 12.62 -3.40
N HIS A 649 -12.03 11.33 -3.75
CA HIS A 649 -11.01 11.01 -4.74
C HIS A 649 -11.43 11.42 -6.15
N ILE A 650 -12.72 11.32 -6.46
CA ILE A 650 -13.22 11.81 -7.73
C ILE A 650 -13.26 13.33 -7.79
N LEU A 651 -13.07 14.00 -6.65
CA LEU A 651 -13.03 15.45 -6.57
C LEU A 651 -11.62 16.00 -6.58
N TYR A 652 -10.66 15.29 -5.97
CA TYR A 652 -9.28 15.72 -6.03
C TYR A 652 -8.75 15.71 -7.45
N LEU A 653 -9.29 14.83 -8.30
CA LEU A 653 -8.88 14.80 -9.70
C LEU A 653 -9.51 15.93 -10.50
N VAL A 654 -10.72 16.35 -10.15
CA VAL A 654 -11.40 17.43 -10.85
C VAL A 654 -11.18 18.78 -10.19
N THR A 655 -10.44 18.84 -9.10
CA THR A 655 -10.10 20.11 -8.49
C THR A 655 -9.04 20.80 -9.33
N PRO A 656 -9.30 21.99 -9.87
CA PRO A 656 -8.38 22.60 -10.82
C PRO A 656 -7.00 22.85 -10.26
N MET A 657 -6.94 23.68 -9.22
CA MET A 657 -5.69 24.10 -8.58
C MET A 657 -6.08 24.91 -7.35
N PHE A 658 -5.09 25.50 -6.69
CA PHE A 658 -5.39 26.49 -5.67
C PHE A 658 -5.50 27.89 -6.23
N GLU A 659 -4.59 28.24 -7.14
CA GLU A 659 -4.58 29.59 -7.69
C GLU A 659 -4.60 30.57 -6.55
N ASP A 660 -5.61 31.43 -6.53
CA ASP A 660 -5.77 32.35 -5.41
C ASP A 660 -7.23 32.46 -5.01
N TRP A 661 -7.99 31.38 -5.16
CA TRP A 661 -9.43 31.43 -4.94
C TRP A 661 -9.78 31.79 -3.50
N THR A 662 -8.84 31.61 -2.56
CA THR A 662 -9.07 31.97 -1.17
C THR A 662 -7.73 32.11 -0.48
N THR A 663 -7.76 32.72 0.71
CA THR A 663 -6.61 32.77 1.60
C THR A 663 -6.81 31.66 2.64
N ILE A 664 -6.08 30.55 2.47
CA ILE A 664 -6.30 29.38 3.30
C ILE A 664 -5.81 29.66 4.71
N ASP A 665 -6.66 29.36 5.70
CA ASP A 665 -6.29 29.48 7.11
C ASP A 665 -5.73 28.14 7.56
N TRP A 666 -4.46 28.09 7.94
CA TRP A 666 -3.85 26.81 8.29
C TRP A 666 -4.49 26.12 9.51
N TYR A 667 -4.72 26.89 10.57
CA TYR A 667 -5.31 26.29 11.76
C TYR A 667 -6.66 25.69 11.42
N ARG A 668 -7.48 26.43 10.69
CA ARG A 668 -8.80 25.95 10.32
C ARG A 668 -8.70 24.66 9.55
N PHE A 669 -7.80 24.61 8.58
CA PHE A 669 -7.60 23.41 7.78
C PHE A 669 -7.24 22.23 8.67
N PHE A 670 -6.27 22.41 9.56
CA PHE A 670 -5.85 21.31 10.43
C PHE A 670 -7.00 20.83 11.30
N CYS A 671 -7.82 21.77 11.76
CA CYS A 671 -8.97 21.41 12.57
C CYS A 671 -9.95 20.56 11.77
N LEU A 672 -10.29 21.00 10.57
CA LEU A 672 -11.18 20.22 9.74
C LEU A 672 -10.60 18.83 9.55
N TRP A 673 -9.30 18.78 9.30
CA TRP A 673 -8.63 17.50 9.04
C TRP A 673 -8.68 16.59 10.25
N GLU A 674 -8.56 17.19 11.43
CA GLU A 674 -8.63 16.41 12.65
C GLU A 674 -10.04 15.86 12.83
N LYS A 675 -10.98 16.36 12.03
CA LYS A 675 -12.36 15.92 12.15
C LYS A 675 -12.91 15.38 10.82
N LEU A 676 -12.11 14.62 10.08
CA LEU A 676 -12.60 14.03 8.86
C LEU A 676 -13.07 12.61 9.11
N PRO A 677 -13.95 12.08 8.25
CA PRO A 677 -14.40 10.70 8.41
C PRO A 677 -13.24 9.72 8.46
N THR A 678 -13.52 8.50 8.88
CA THR A 678 -12.46 7.48 8.93
C THR A 678 -12.06 7.02 7.53
N SER A 679 -12.58 7.68 6.49
CA SER A 679 -12.28 7.27 5.12
C SER A 679 -11.66 8.38 4.28
N MET A 680 -11.76 9.62 4.73
CA MET A 680 -11.21 10.73 3.97
C MET A 680 -9.69 10.70 3.98
N LYS A 681 -9.10 10.67 5.16
CA LYS A 681 -7.65 10.62 5.28
C LYS A 681 -7.06 9.48 4.46
N ARG A 682 -7.84 8.44 4.16
CA ARG A 682 -7.41 7.45 3.18
C ARG A 682 -7.19 8.08 1.81
N VAL A 683 -8.19 8.84 1.33
CA VAL A 683 -8.03 9.61 0.10
C VAL A 683 -6.94 10.65 0.20
N ALA A 684 -6.81 11.32 1.34
CA ALA A 684 -5.74 12.29 1.56
C ALA A 684 -4.35 11.68 1.44
N GLU A 685 -4.10 10.52 2.04
CA GLU A 685 -2.82 9.86 1.89
C GLU A 685 -2.64 9.13 0.57
N LEU A 686 -3.70 8.81 -0.15
CA LEU A 686 -3.55 8.21 -1.47
C LEU A 686 -3.22 9.24 -2.55
N VAL A 687 -3.39 10.52 -2.29
CA VAL A 687 -3.15 11.56 -3.28
C VAL A 687 -1.87 12.34 -2.97
N GLY A 688 -1.40 12.30 -1.73
CA GLY A 688 -0.14 12.92 -1.39
C GLY A 688 -0.16 13.76 -0.13
N VAL A 689 -1.36 14.02 0.39
CA VAL A 689 -1.48 14.82 1.61
C VAL A 689 -0.86 14.08 2.78
N GLU A 690 -0.55 14.82 3.84
CA GLU A 690 0.16 14.28 4.99
C GLU A 690 -0.53 14.79 6.25
N GLU A 691 0.12 14.58 7.39
CA GLU A 691 -0.33 15.15 8.66
C GLU A 691 0.82 15.93 9.27
N GLY A 692 2.04 15.44 9.07
CA GLY A 692 3.21 16.21 9.45
C GLY A 692 3.33 17.52 8.72
N PHE A 693 2.84 17.59 7.48
CA PHE A 693 2.67 18.83 6.73
C PHE A 693 1.22 18.83 6.24
N LEU A 694 0.32 19.29 7.09
CA LEU A 694 -1.07 19.46 6.70
C LEU A 694 -1.59 20.50 7.66
N ALA A 695 -1.33 21.77 7.37
CA ALA A 695 -1.71 22.83 8.30
C ALA A 695 -0.98 22.59 9.62
N ARG A 696 0.25 22.11 9.54
CA ARG A 696 1.05 21.85 10.74
C ARG A 696 2.24 22.79 10.72
N CYS A 697 3.34 22.37 10.12
CA CYS A 697 4.47 23.29 9.96
C CYS A 697 4.02 24.69 9.56
N VAL A 698 3.15 24.80 8.54
CA VAL A 698 2.66 26.10 8.13
C VAL A 698 1.71 26.70 9.17
N LYS A 699 1.17 25.88 10.08
CA LYS A 699 0.40 26.42 11.19
C LYS A 699 1.28 27.27 12.10
N GLY A 700 2.48 26.80 12.39
CA GLY A 700 3.40 27.53 13.24
C GLY A 700 4.34 28.41 12.47
N LYS A 701 3.99 28.70 11.22
CA LYS A 701 4.80 29.56 10.36
C LYS A 701 3.94 30.38 9.42
N GLN A 709 9.07 21.81 -1.85
CA GLN A 709 7.82 21.99 -1.12
C GLN A 709 6.77 22.68 -1.99
N HIS A 710 7.12 22.92 -3.25
CA HIS A 710 6.21 23.55 -4.20
C HIS A 710 5.13 22.60 -4.70
N ARG A 711 5.31 21.30 -4.55
CA ARG A 711 4.28 20.31 -4.89
C ARG A 711 3.42 19.94 -3.70
N GLN A 712 4.02 19.73 -2.53
CA GLN A 712 3.23 19.44 -1.34
C GLN A 712 2.32 20.59 -0.98
N MET A 713 2.78 21.82 -1.20
CA MET A 713 1.89 22.98 -1.05
C MET A 713 0.73 22.90 -2.03
N ALA A 714 1.00 22.47 -3.26
CA ALA A 714 -0.04 22.35 -4.27
C ALA A 714 -0.95 21.16 -4.03
N ILE A 715 -0.57 20.23 -3.16
CA ILE A 715 -1.44 19.10 -2.82
C ILE A 715 -2.38 19.46 -1.68
N HIS A 716 -1.84 20.00 -0.58
CA HIS A 716 -2.68 20.39 0.54
C HIS A 716 -3.64 21.51 0.14
N LYS A 717 -3.15 22.52 -0.58
CA LYS A 717 -4.03 23.55 -1.10
C LYS A 717 -5.01 22.99 -2.12
N ARG A 718 -4.73 21.80 -2.66
CA ARG A 718 -5.72 21.08 -3.45
C ARG A 718 -6.60 20.19 -2.60
N PHE A 719 -6.07 19.69 -1.48
CA PHE A 719 -6.90 18.90 -0.56
C PHE A 719 -7.96 19.78 0.10
N PHE A 720 -7.54 20.91 0.67
CA PHE A 720 -8.50 21.86 1.22
C PHE A 720 -9.52 22.27 0.19
N THR A 721 -9.06 22.63 -1.01
CA THR A 721 -9.96 22.96 -2.10
C THR A 721 -10.89 21.81 -2.42
N SER A 722 -10.40 20.56 -2.32
CA SER A 722 -11.25 19.41 -2.56
C SER A 722 -12.16 19.11 -1.39
N LEU A 723 -11.83 19.59 -0.19
CA LEU A 723 -12.75 19.47 0.93
C LEU A 723 -13.92 20.43 0.78
N VAL A 724 -13.65 21.68 0.37
CA VAL A 724 -14.70 22.67 0.20
C VAL A 724 -15.72 22.19 -0.82
N LEU A 725 -15.22 21.75 -1.99
CA LEU A 725 -16.11 21.19 -3.00
C LEU A 725 -16.89 20.00 -2.45
N LEU A 726 -16.27 19.25 -1.54
CA LEU A 726 -16.98 18.13 -0.90
C LEU A 726 -18.24 18.61 -0.20
N ASP A 727 -18.16 19.76 0.46
CA ASP A 727 -19.35 20.33 1.08
C ASP A 727 -20.27 20.99 0.07
N LEU A 728 -19.75 21.40 -1.09
CA LEU A 728 -20.62 21.97 -2.12
C LEU A 728 -21.48 20.90 -2.76
N ILE A 729 -20.90 19.72 -3.02
CA ILE A 729 -21.68 18.61 -3.57
C ILE A 729 -22.45 17.86 -2.50
N SER A 730 -22.22 18.16 -1.23
CA SER A 730 -23.03 17.65 -0.14
C SER A 730 -24.18 18.59 0.21
N GLU A 731 -24.39 19.62 -0.60
CA GLU A 731 -25.50 20.57 -0.43
C GLU A 731 -25.43 21.31 0.90
N VAL A 732 -24.24 21.48 1.43
CA VAL A 732 -24.08 22.30 2.65
C VAL A 732 -24.37 23.75 2.31
N PRO A 733 -25.11 24.47 3.15
CA PRO A 733 -25.41 25.88 2.85
C PRO A 733 -24.14 26.71 2.75
N LEU A 734 -24.18 27.71 1.87
CA LEU A 734 -22.99 28.53 1.61
C LEU A 734 -22.50 29.23 2.87
N ARG A 735 -23.41 29.63 3.75
CA ARG A 735 -22.99 30.30 4.98
C ARG A 735 -22.27 29.33 5.91
N GLU A 736 -22.71 28.07 5.97
CA GLU A 736 -22.00 27.09 6.79
C GLU A 736 -20.62 26.78 6.23
N ILE A 737 -20.51 26.68 4.90
CA ILE A 737 -19.20 26.50 4.28
C ILE A 737 -18.30 27.68 4.60
N ASN A 738 -18.83 28.90 4.51
CA ASN A 738 -18.06 30.09 4.83
C ASN A 738 -17.59 30.07 6.27
N GLN A 739 -18.46 29.66 7.19
CA GLN A 739 -18.08 29.65 8.60
C GLN A 739 -17.01 28.60 8.88
N LYS A 740 -17.16 27.39 8.33
CA LYS A 740 -16.21 26.32 8.65
C LYS A 740 -14.88 26.47 7.92
N TYR A 741 -14.87 27.10 6.74
CA TYR A 741 -13.66 27.21 5.95
C TYR A 741 -13.07 28.61 5.89
N GLY A 742 -13.85 29.65 6.21
CA GLY A 742 -13.32 31.00 6.20
C GLY A 742 -13.29 31.66 4.83
N CYS A 743 -13.87 31.03 3.82
CA CYS A 743 -13.90 31.58 2.48
C CYS A 743 -15.30 32.10 2.18
N ASN A 744 -15.39 33.34 1.70
CA ASN A 744 -16.69 33.94 1.46
C ASN A 744 -17.39 33.24 0.29
N ARG A 745 -18.66 33.61 0.10
CA ARG A 745 -19.53 32.89 -0.82
C ARG A 745 -19.19 33.18 -2.28
N GLY A 746 -18.68 34.37 -2.58
CA GLY A 746 -18.24 34.66 -3.94
C GLY A 746 -17.06 33.81 -4.35
N GLN A 747 -16.08 33.66 -3.45
CA GLN A 747 -14.95 32.78 -3.72
C GLN A 747 -15.40 31.33 -3.87
N ILE A 748 -16.33 30.89 -3.04
CA ILE A 748 -16.82 29.52 -3.13
C ILE A 748 -17.52 29.28 -4.47
N GLN A 749 -18.34 30.23 -4.90
CA GLN A 749 -19.04 30.07 -6.17
C GLN A 749 -18.07 30.09 -7.34
N SER A 750 -17.07 30.98 -7.29
CA SER A 750 -16.04 31.00 -8.33
C SER A 750 -15.29 29.67 -8.37
N LEU A 751 -14.94 29.13 -7.21
CA LEU A 751 -14.25 27.86 -7.14
C LEU A 751 -15.10 26.73 -7.71
N GLN A 752 -16.39 26.72 -7.39
CA GLN A 752 -17.24 25.63 -7.88
C GLN A 752 -17.40 25.71 -9.39
N GLN A 753 -17.49 26.92 -9.95
CA GLN A 753 -17.56 27.04 -11.41
C GLN A 753 -16.27 26.56 -12.07
N SER A 754 -15.12 26.96 -11.51
CA SER A 754 -13.84 26.53 -12.07
C SER A 754 -13.70 25.01 -11.98
N ALA A 755 -14.13 24.43 -10.85
CA ALA A 755 -14.02 22.99 -10.66
C ALA A 755 -14.93 22.24 -11.62
N ALA A 756 -16.12 22.77 -11.89
CA ALA A 756 -17.00 22.12 -12.87
C ALA A 756 -16.39 22.14 -14.26
N VAL A 757 -15.79 23.27 -14.65
CA VAL A 757 -15.10 23.33 -15.94
C VAL A 757 -13.99 22.28 -16.00
N TYR A 758 -13.18 22.22 -14.94
CA TYR A 758 -12.08 21.27 -14.90
C TYR A 758 -12.58 19.83 -14.95
N ALA A 759 -13.70 19.55 -14.28
CA ALA A 759 -14.28 18.21 -14.31
C ALA A 759 -14.70 17.82 -15.70
N GLY A 760 -15.33 18.75 -16.43
CA GLY A 760 -15.69 18.46 -17.81
C GLY A 760 -14.46 18.18 -18.67
N MET A 761 -13.41 18.98 -18.50
CA MET A 761 -12.19 18.77 -19.27
C MET A 761 -11.57 17.41 -18.96
N ILE A 762 -11.52 17.04 -17.68
CA ILE A 762 -10.94 15.76 -17.29
C ILE A 762 -11.78 14.61 -17.82
N THR A 763 -13.10 14.75 -17.79
CA THR A 763 -13.96 13.71 -18.34
C THR A 763 -13.70 13.50 -19.82
N VAL A 764 -13.59 14.58 -20.60
CA VAL A 764 -13.30 14.42 -22.02
C VAL A 764 -11.91 13.83 -22.23
N PHE A 765 -10.94 14.23 -21.41
CA PHE A 765 -9.59 13.70 -21.53
C PHE A 765 -9.56 12.19 -21.30
N SER A 766 -10.29 11.71 -20.29
CA SER A 766 -10.36 10.27 -20.05
C SER A 766 -11.19 9.55 -21.11
N ASN A 767 -12.23 10.22 -21.64
CA ASN A 767 -13.04 9.61 -22.68
C ASN A 767 -12.23 9.35 -23.94
N ARG A 768 -11.40 10.31 -24.34
CA ARG A 768 -10.62 10.15 -25.56
C ARG A 768 -9.40 9.25 -25.38
N LEU A 769 -9.03 8.92 -24.15
CA LEU A 769 -7.89 8.06 -23.88
C LEU A 769 -8.27 6.60 -23.70
N GLY A 770 -9.55 6.25 -23.89
CA GLY A 770 -9.99 4.90 -23.65
C GLY A 770 -9.94 4.50 -22.19
N TRP A 771 -10.31 5.41 -21.30
CA TRP A 771 -10.38 5.15 -19.86
C TRP A 771 -11.86 5.13 -19.48
N HIS A 772 -12.48 3.96 -19.60
CA HIS A 772 -13.90 3.82 -19.39
C HIS A 772 -14.29 3.77 -17.91
N ASN A 773 -13.38 3.32 -17.05
CA ASN A 773 -13.67 3.19 -15.63
C ASN A 773 -13.45 4.48 -14.86
N MET A 774 -12.87 5.50 -15.48
CA MET A 774 -12.72 6.82 -14.89
C MET A 774 -13.68 7.85 -15.48
N GLU A 775 -13.88 7.81 -16.79
CA GLU A 775 -14.86 8.68 -17.42
C GLU A 775 -16.25 8.43 -16.87
N LEU A 776 -16.59 7.17 -16.58
CA LEU A 776 -17.88 6.86 -16.00
C LEU A 776 -18.04 7.48 -14.62
N LEU A 777 -16.98 7.46 -13.82
CA LEU A 777 -17.05 8.08 -12.50
C LEU A 777 -17.14 9.61 -12.59
N LEU A 778 -16.42 10.21 -13.52
CA LEU A 778 -16.38 11.66 -13.64
C LEU A 778 -17.55 12.25 -14.42
N SER A 779 -18.36 11.43 -15.09
CA SER A 779 -19.38 11.94 -15.99
C SER A 779 -20.47 12.76 -15.30
N GLN A 780 -20.62 12.66 -13.97
CA GLN A 780 -21.66 13.39 -13.27
C GLN A 780 -21.14 14.55 -12.43
N PHE A 781 -19.86 14.58 -12.12
CA PHE A 781 -19.33 15.60 -11.22
C PHE A 781 -19.34 16.99 -11.83
N GLN A 782 -19.31 17.12 -13.16
CA GLN A 782 -19.44 18.45 -13.75
C GLN A 782 -20.78 19.07 -13.40
N LYS A 783 -21.87 18.30 -13.50
CA LYS A 783 -23.18 18.81 -13.11
C LYS A 783 -23.27 18.99 -11.60
N ARG A 784 -22.77 18.01 -10.84
CA ARG A 784 -22.83 18.11 -9.39
C ARG A 784 -22.03 19.27 -8.83
N LEU A 785 -21.07 19.79 -9.60
CA LEU A 785 -20.31 20.97 -9.21
C LEU A 785 -20.86 22.26 -9.81
N THR A 786 -21.44 22.19 -11.02
CA THR A 786 -22.11 23.35 -11.59
C THR A 786 -23.27 23.79 -10.71
N PHE A 787 -24.05 22.84 -10.21
CA PHE A 787 -25.21 23.16 -9.39
C PHE A 787 -24.99 22.95 -7.90
N GLY A 788 -23.88 22.34 -7.51
CA GLY A 788 -23.60 22.13 -6.09
C GLY A 788 -24.65 21.26 -5.41
N ILE A 789 -24.98 20.14 -6.03
CA ILE A 789 -26.10 19.30 -5.63
C ILE A 789 -25.58 17.91 -5.28
N GLN A 790 -26.53 17.03 -4.92
CA GLN A 790 -26.28 15.62 -4.77
C GLN A 790 -26.76 14.89 -6.03
N ARG A 791 -26.53 13.58 -6.04
CA ARG A 791 -26.89 12.78 -7.22
C ARG A 791 -28.38 12.80 -7.47
N GLU A 792 -29.18 12.76 -6.40
CA GLU A 792 -30.64 12.65 -6.54
C GLU A 792 -31.22 13.79 -7.37
N LEU A 793 -30.65 14.98 -7.27
CA LEU A 793 -31.17 16.14 -7.97
C LEU A 793 -30.57 16.33 -9.36
N CYS A 794 -29.71 15.41 -9.80
CA CYS A 794 -29.06 15.59 -11.10
C CYS A 794 -30.04 15.56 -12.26
N ASP A 795 -31.23 14.99 -12.06
CA ASP A 795 -32.28 15.06 -13.08
C ASP A 795 -33.16 16.29 -12.91
N LEU A 796 -33.33 16.78 -11.68
CA LEU A 796 -34.16 17.95 -11.44
C LEU A 796 -33.47 19.23 -11.88
N VAL A 797 -32.16 19.35 -11.67
CA VAL A 797 -31.43 20.57 -12.02
C VAL A 797 -31.27 20.74 -13.52
N ARG A 798 -31.68 19.76 -14.33
CA ARG A 798 -31.76 19.99 -15.76
C ARG A 798 -32.73 21.11 -16.08
N VAL A 799 -33.71 21.35 -15.22
CA VAL A 799 -34.59 22.51 -15.34
C VAL A 799 -33.78 23.78 -15.10
N SER A 800 -34.02 24.80 -15.93
CA SER A 800 -33.24 26.02 -15.84
C SER A 800 -33.50 26.79 -14.55
N LEU A 801 -34.62 26.54 -13.88
CA LEU A 801 -35.01 27.30 -12.71
C LEU A 801 -34.90 26.50 -11.41
N LEU A 802 -34.08 25.45 -11.39
CA LEU A 802 -33.88 24.60 -10.22
C LEU A 802 -32.38 24.52 -9.97
N ASN A 803 -31.86 25.45 -9.16
CA ASN A 803 -30.40 25.54 -9.03
C ASN A 803 -29.84 24.55 -8.02
N ALA A 804 -30.05 24.80 -6.73
CA ALA A 804 -29.72 23.81 -5.71
C ALA A 804 -30.65 23.86 -4.51
N GLN A 805 -31.62 24.75 -4.47
CA GLN A 805 -32.53 24.90 -3.34
C GLN A 805 -33.98 24.92 -3.74
N ARG A 806 -34.32 25.31 -4.97
CA ARG A 806 -35.65 25.07 -5.51
C ARG A 806 -35.80 23.66 -6.04
N ALA A 807 -34.70 22.90 -6.11
CA ALA A 807 -34.73 21.49 -6.47
C ALA A 807 -34.71 20.58 -5.26
N ARG A 808 -34.04 20.97 -4.18
CA ARG A 808 -34.06 20.20 -2.95
C ARG A 808 -35.41 20.25 -2.24
N VAL A 809 -36.04 21.43 -2.17
CA VAL A 809 -37.37 21.52 -1.60
C VAL A 809 -38.43 20.90 -2.50
N LEU A 810 -38.20 20.85 -3.81
CA LEU A 810 -39.08 20.18 -4.75
C LEU A 810 -38.81 18.68 -4.83
N TYR A 811 -37.67 18.23 -4.32
CA TYR A 811 -37.33 16.81 -4.27
C TYR A 811 -37.86 16.16 -3.00
N ALA A 812 -37.85 16.88 -1.89
CA ALA A 812 -38.34 16.32 -0.64
C ALA A 812 -39.84 16.05 -0.67
N SER A 813 -40.56 16.75 -1.55
CA SER A 813 -42.00 16.57 -1.68
C SER A 813 -42.36 15.42 -2.59
N GLY A 814 -41.37 14.62 -2.97
CA GLY A 814 -41.66 13.45 -3.80
C GLY A 814 -41.25 13.53 -5.26
N PHE A 815 -41.02 14.73 -5.77
CA PHE A 815 -40.59 14.88 -7.15
C PHE A 815 -39.09 14.65 -7.25
N HIS A 816 -38.68 13.48 -7.74
CA HIS A 816 -37.26 13.17 -7.80
C HIS A 816 -36.78 13.02 -9.23
N THR A 817 -37.62 13.32 -10.21
CA THR A 817 -37.29 13.12 -11.61
C THR A 817 -38.01 14.19 -12.42
N VAL A 818 -37.37 14.60 -13.53
CA VAL A 818 -37.98 15.56 -14.43
C VAL A 818 -39.26 15.02 -15.07
N ALA A 819 -39.50 13.71 -14.99
CA ALA A 819 -40.77 13.12 -15.39
C ALA A 819 -41.90 13.41 -14.43
N ASP A 820 -41.64 13.30 -13.12
CA ASP A 820 -42.61 13.61 -12.09
C ASP A 820 -42.89 15.09 -11.97
N LEU A 821 -42.07 15.90 -12.62
CA LEU A 821 -42.22 17.35 -12.55
C LEU A 821 -42.90 17.92 -13.79
N ALA A 822 -42.96 17.17 -14.90
CA ALA A 822 -43.67 17.61 -16.08
C ALA A 822 -45.17 17.71 -15.84
N ARG A 823 -45.71 16.76 -15.08
CA ARG A 823 -47.14 16.79 -14.76
C ARG A 823 -47.32 17.19 -13.31
N ALA A 824 -46.23 17.60 -12.66
CA ALA A 824 -46.32 18.03 -11.27
C ALA A 824 -47.43 19.05 -11.16
N ASN A 825 -48.34 18.84 -10.21
CA ASN A 825 -49.47 19.75 -10.08
C ASN A 825 -48.98 21.17 -10.02
N ILE A 826 -49.44 22.01 -10.95
CA ILE A 826 -49.00 23.38 -10.99
C ILE A 826 -49.14 24.04 -9.63
N VAL A 827 -50.38 24.17 -9.16
CA VAL A 827 -50.59 24.87 -7.89
C VAL A 827 -49.80 24.20 -6.76
N GLU A 828 -49.59 22.88 -6.86
CA GLU A 828 -48.84 22.17 -5.83
C GLU A 828 -47.41 22.69 -5.74
N VAL A 829 -46.71 22.80 -6.87
CA VAL A 829 -45.33 23.28 -6.84
C VAL A 829 -45.30 24.75 -6.45
N GLU A 830 -46.38 25.51 -6.75
CA GLU A 830 -46.46 26.87 -6.24
C GLU A 830 -46.43 26.87 -4.71
N VAL A 831 -47.23 26.01 -4.09
CA VAL A 831 -47.25 25.95 -2.62
C VAL A 831 -45.89 25.51 -2.08
N ILE A 832 -45.28 24.51 -2.71
CA ILE A 832 -43.98 24.02 -2.24
C ILE A 832 -42.92 25.11 -2.34
N LEU A 833 -42.91 25.88 -3.44
CA LEU A 833 -41.94 26.97 -3.56
C LEU A 833 -42.26 28.09 -2.58
N LYS A 834 -43.54 28.28 -2.26
CA LYS A 834 -43.91 29.26 -1.24
C LYS A 834 -43.32 28.89 0.11
N ASN A 835 -43.34 27.60 0.44
CA ASN A 835 -42.72 27.15 1.67
C ASN A 835 -41.19 27.18 1.57
N ALA A 836 -40.53 26.95 2.70
CA ALA A 836 -39.08 26.85 2.79
C ALA A 836 -38.37 28.12 2.32
N VAL A 837 -38.54 29.21 3.06
CA VAL A 837 -37.92 30.49 2.72
C VAL A 837 -36.68 30.68 3.59
N PRO A 838 -35.47 30.72 3.02
CA PRO A 838 -34.25 31.02 3.78
C PRO A 838 -34.20 32.48 4.24
N MET A 859 -43.37 41.07 -4.59
CA MET A 859 -43.99 39.77 -4.80
C MET A 859 -43.02 38.79 -5.46
N ARG A 860 -42.25 39.29 -6.42
CA ARG A 860 -41.34 38.43 -7.18
C ARG A 860 -40.12 38.09 -6.37
N THR A 861 -40.33 37.39 -5.25
CA THR A 861 -39.22 37.11 -4.33
C THR A 861 -38.24 36.11 -4.93
N ILE A 862 -38.75 35.11 -5.65
CA ILE A 862 -37.86 34.12 -6.28
C ILE A 862 -37.03 34.78 -7.36
N TRP A 863 -35.72 34.61 -7.28
CA TRP A 863 -34.78 35.17 -8.25
C TRP A 863 -34.20 34.06 -9.10
N VAL A 864 -34.23 34.26 -10.41
CA VAL A 864 -33.75 33.27 -11.38
C VAL A 864 -32.66 33.92 -12.22
N THR A 865 -31.57 33.17 -12.44
CA THR A 865 -30.47 33.69 -13.26
C THR A 865 -30.94 33.92 -14.68
N GLY A 866 -30.86 35.16 -15.14
CA GLY A 866 -31.30 35.54 -16.46
C GLY A 866 -32.77 35.90 -16.55
N ARG A 867 -33.57 35.56 -15.55
CA ARG A 867 -34.98 35.95 -15.49
C ARG A 867 -35.23 37.01 -14.43
N LYS A 868 -34.18 37.49 -13.76
CA LYS A 868 -34.27 38.45 -12.66
C LYS A 868 -35.23 37.87 -11.61
N GLY A 869 -36.20 38.64 -11.11
CA GLY A 869 -37.08 38.16 -10.06
C GLY A 869 -38.35 37.57 -10.64
N LEU A 870 -38.79 36.45 -10.05
CA LEU A 870 -39.96 35.74 -10.50
C LEU A 870 -40.91 35.50 -9.32
N THR A 871 -42.20 35.72 -9.56
CA THR A 871 -43.20 35.41 -8.55
C THR A 871 -43.30 33.89 -8.39
N GLU A 872 -43.62 33.44 -7.18
CA GLU A 872 -43.67 32.01 -6.89
C GLU A 872 -44.53 31.27 -7.90
N ARG A 873 -45.73 31.77 -8.16
CA ARG A 873 -46.62 31.11 -9.10
C ARG A 873 -46.01 31.03 -10.49
N GLU A 874 -45.49 32.15 -10.99
CA GLU A 874 -44.88 32.17 -12.31
C GLU A 874 -43.59 31.35 -12.32
N ALA A 875 -42.85 31.38 -11.22
CA ALA A 875 -41.61 30.61 -11.14
C ALA A 875 -41.87 29.12 -11.30
N ALA A 876 -42.79 28.56 -10.52
CA ALA A 876 -43.01 27.12 -10.61
C ALA A 876 -43.80 26.75 -11.85
N ALA A 877 -44.60 27.67 -12.39
CA ALA A 877 -45.22 27.43 -13.68
C ALA A 877 -44.16 27.27 -14.77
N LEU A 878 -43.17 28.15 -14.77
CA LEU A 878 -42.05 28.00 -15.71
C LEU A 878 -41.26 26.75 -15.41
N ILE A 879 -41.19 26.34 -14.14
CA ILE A 879 -40.47 25.11 -13.79
C ILE A 879 -41.13 23.90 -14.43
N VAL A 880 -42.45 23.77 -14.29
CA VAL A 880 -43.13 22.62 -14.85
C VAL A 880 -43.11 22.69 -16.38
N GLU A 881 -43.23 23.90 -16.95
CA GLU A 881 -43.15 24.02 -18.40
C GLU A 881 -41.78 23.61 -18.92
N GLU A 882 -40.71 24.00 -18.23
CA GLU A 882 -39.37 23.61 -18.63
C GLU A 882 -39.17 22.10 -18.50
N ALA A 883 -39.73 21.50 -17.45
CA ALA A 883 -39.66 20.05 -17.31
C ALA A 883 -40.37 19.36 -18.47
N ARG A 884 -41.54 19.86 -18.85
CA ARG A 884 -42.27 19.31 -19.98
C ARG A 884 -41.44 19.40 -21.25
N MET A 885 -40.85 20.58 -21.51
CA MET A 885 -40.04 20.73 -22.72
C MET A 885 -38.82 19.81 -22.69
N ILE A 886 -38.18 19.67 -21.53
CA ILE A 886 -36.98 18.85 -21.42
C ILE A 886 -37.29 17.39 -21.71
N LEU A 887 -38.37 16.87 -21.14
CA LEU A 887 -38.69 15.46 -21.34
C LEU A 887 -39.40 15.21 -22.67
N GLN A 888 -39.92 16.26 -23.29
CA GLN A 888 -40.63 16.11 -24.55
C GLN A 888 -39.72 16.24 -25.77
N GLN A 889 -38.69 17.08 -25.71
CA GLN A 889 -37.82 17.28 -26.86
C GLN A 889 -36.51 16.50 -26.78
N ASP A 890 -36.29 15.74 -25.71
CA ASP A 890 -35.08 14.94 -25.58
C ASP A 890 -35.28 13.48 -26.00
N LEU A 891 -36.46 13.12 -26.49
CA LEU A 891 -36.71 11.77 -26.99
C LEU A 891 -37.49 11.80 -28.29
N LYS B 68 -67.37 -34.08 -22.60
CA LYS B 68 -66.82 -32.90 -21.95
C LYS B 68 -65.34 -32.73 -22.30
N LEU B 69 -64.69 -33.82 -22.65
CA LEU B 69 -63.27 -33.80 -22.97
C LEU B 69 -63.06 -33.19 -24.35
N LEU B 70 -62.98 -31.86 -24.40
CA LEU B 70 -62.72 -31.12 -25.61
C LEU B 70 -62.38 -29.69 -25.23
N LEU B 71 -61.30 -29.17 -25.81
CA LEU B 71 -60.82 -27.85 -25.40
C LEU B 71 -61.76 -26.72 -25.81
N ALA B 72 -62.76 -27.00 -26.66
CA ALA B 72 -63.73 -25.98 -27.04
C ALA B 72 -64.90 -25.91 -26.07
N ASN B 73 -65.30 -27.05 -25.50
CA ASN B 73 -66.40 -27.06 -24.54
C ASN B 73 -66.04 -26.26 -23.29
N TRP B 74 -64.80 -26.39 -22.81
CA TRP B 74 -64.35 -25.58 -21.69
C TRP B 74 -64.27 -24.12 -22.11
N GLY B 75 -64.63 -23.22 -21.18
CA GLY B 75 -64.49 -21.81 -21.43
C GLY B 75 -63.05 -21.44 -21.71
N LEU B 76 -62.80 -20.86 -22.88
CA LEU B 76 -61.42 -20.63 -23.30
C LEU B 76 -61.43 -19.55 -24.36
N PRO B 77 -60.42 -18.68 -24.40
CA PRO B 77 -60.35 -17.68 -25.48
C PRO B 77 -60.26 -18.35 -26.84
N LYS B 78 -60.88 -17.71 -27.84
CA LYS B 78 -60.82 -18.24 -29.19
C LYS B 78 -59.40 -18.23 -29.72
N ALA B 79 -58.65 -17.15 -29.45
CA ALA B 79 -57.27 -17.07 -29.90
C ALA B 79 -56.40 -18.14 -29.25
N VAL B 80 -56.53 -18.33 -27.93
CA VAL B 80 -55.77 -19.37 -27.27
C VAL B 80 -56.20 -20.74 -27.75
N LEU B 81 -57.49 -20.92 -28.03
CA LEU B 81 -57.97 -22.20 -28.55
C LEU B 81 -57.33 -22.52 -29.90
N GLU B 82 -57.32 -21.53 -30.80
CA GLU B 82 -56.73 -21.76 -32.12
C GLU B 82 -55.21 -21.91 -32.05
N LYS B 83 -54.57 -21.30 -31.05
CA LYS B 83 -53.14 -21.53 -30.86
C LYS B 83 -52.87 -22.92 -30.29
N TYR B 84 -53.73 -23.40 -29.39
CA TYR B 84 -53.60 -24.75 -28.85
C TYR B 84 -53.84 -25.80 -29.92
N HIS B 85 -54.76 -25.55 -30.85
CA HIS B 85 -54.97 -26.48 -31.96
C HIS B 85 -53.73 -26.60 -32.84
N SER B 86 -52.87 -25.57 -32.85
CA SER B 86 -51.65 -25.63 -33.64
C SER B 86 -50.69 -26.67 -33.10
N PHE B 87 -50.46 -26.66 -31.79
CA PHE B 87 -49.54 -27.64 -31.20
C PHE B 87 -50.14 -29.04 -31.17
N GLY B 88 -51.43 -29.19 -31.41
CA GLY B 88 -52.04 -30.51 -31.47
C GLY B 88 -53.00 -30.78 -30.33
N VAL B 89 -52.98 -29.93 -29.31
CA VAL B 89 -53.87 -30.10 -28.17
C VAL B 89 -55.28 -29.71 -28.60
N LYS B 90 -56.14 -30.69 -28.82
CA LYS B 90 -57.52 -30.46 -29.18
C LYS B 90 -58.52 -31.21 -28.32
N LYS B 91 -58.10 -32.24 -27.59
CA LYS B 91 -58.98 -32.99 -26.71
C LYS B 91 -58.19 -33.40 -25.48
N MET B 92 -58.64 -32.95 -24.31
CA MET B 92 -57.96 -33.28 -23.07
C MET B 92 -58.15 -34.75 -22.74
N PHE B 93 -57.52 -35.18 -21.66
CA PHE B 93 -57.72 -36.52 -21.12
C PHE B 93 -58.70 -36.45 -19.96
N GLU B 94 -59.11 -37.64 -19.49
CA GLU B 94 -60.04 -37.70 -18.36
C GLU B 94 -59.38 -37.20 -17.08
N TRP B 95 -58.09 -37.47 -16.90
CA TRP B 95 -57.42 -37.08 -15.67
C TRP B 95 -57.37 -35.57 -15.53
N GLN B 96 -57.13 -34.85 -16.63
CA GLN B 96 -57.12 -33.39 -16.57
C GLN B 96 -58.48 -32.82 -16.22
N ALA B 97 -59.56 -33.36 -16.77
CA ALA B 97 -60.90 -32.93 -16.39
C ALA B 97 -61.22 -33.22 -14.93
N GLU B 98 -60.88 -34.41 -14.44
CA GLU B 98 -61.12 -34.73 -13.04
C GLU B 98 -60.27 -33.90 -12.09
N CYS B 99 -59.07 -33.48 -12.51
CA CYS B 99 -58.24 -32.60 -11.70
C CYS B 99 -58.71 -31.16 -11.72
N LEU B 100 -59.21 -30.69 -12.87
CA LEU B 100 -59.72 -29.33 -12.98
C LEU B 100 -61.11 -29.16 -12.39
N LEU B 101 -61.85 -30.26 -12.19
CA LEU B 101 -63.18 -30.22 -11.59
C LEU B 101 -63.15 -30.83 -10.20
N LEU B 102 -62.09 -30.57 -9.44
CA LEU B 102 -61.88 -31.16 -8.12
C LEU B 102 -62.37 -30.23 -7.03
N GLY B 103 -63.64 -29.88 -7.09
CA GLY B 103 -64.25 -29.04 -6.06
C GLY B 103 -64.08 -27.56 -6.37
N GLN B 104 -63.44 -26.84 -5.46
CA GLN B 104 -63.25 -25.40 -5.57
C GLN B 104 -61.88 -25.03 -6.12
N VAL B 105 -61.21 -25.96 -6.80
CA VAL B 105 -59.89 -25.66 -7.36
C VAL B 105 -59.99 -24.54 -8.38
N LEU B 106 -61.07 -24.51 -9.16
CA LEU B 106 -61.27 -23.44 -10.14
C LEU B 106 -61.51 -22.09 -9.49
N GLU B 107 -61.79 -22.04 -8.19
CA GLU B 107 -62.04 -20.79 -7.50
C GLU B 107 -60.85 -20.31 -6.67
N GLY B 108 -59.88 -21.15 -6.39
CA GLY B 108 -58.72 -20.67 -5.68
C GLY B 108 -58.20 -21.68 -4.71
N LYS B 109 -59.04 -22.64 -4.32
CA LYS B 109 -58.52 -23.70 -3.49
C LYS B 109 -57.28 -24.16 -4.21
N ASN B 110 -56.13 -24.07 -3.56
CA ASN B 110 -54.89 -24.42 -4.24
C ASN B 110 -54.96 -25.83 -4.81
N LEU B 111 -54.09 -26.13 -5.78
CA LEU B 111 -54.14 -27.44 -6.42
C LEU B 111 -52.78 -28.11 -6.50
N VAL B 112 -52.70 -29.34 -6.01
CA VAL B 112 -51.44 -30.09 -6.10
C VAL B 112 -51.74 -31.38 -6.82
N TYR B 113 -51.12 -31.59 -7.98
CA TYR B 113 -51.45 -32.78 -8.76
C TYR B 113 -50.21 -33.40 -9.37
N SER B 114 -50.31 -34.70 -9.61
CA SER B 114 -49.23 -35.51 -10.17
C SER B 114 -49.72 -36.21 -11.42
N ALA B 115 -48.84 -36.33 -12.39
CA ALA B 115 -49.12 -37.00 -13.65
C ALA B 115 -47.80 -37.29 -14.34
N PRO B 116 -47.76 -38.28 -15.23
CA PRO B 116 -46.56 -38.49 -16.04
C PRO B 116 -46.30 -37.28 -16.92
N THR B 117 -45.01 -37.01 -17.17
CA THR B 117 -44.65 -35.83 -17.95
C THR B 117 -45.19 -35.89 -19.36
N SER B 118 -45.45 -37.09 -19.88
CA SER B 118 -46.00 -37.28 -21.21
C SER B 118 -47.52 -37.20 -21.24
N ALA B 119 -48.16 -37.01 -20.09
CA ALA B 119 -49.62 -36.98 -20.00
C ALA B 119 -50.21 -35.60 -20.15
N GLY B 120 -49.39 -34.58 -20.45
CA GLY B 120 -49.89 -33.23 -20.56
C GLY B 120 -50.16 -32.61 -19.21
N LYS B 121 -49.14 -32.63 -18.34
CA LYS B 121 -49.31 -32.13 -16.98
C LYS B 121 -49.59 -30.64 -16.97
N THR B 122 -48.88 -29.88 -17.80
CA THR B 122 -48.93 -28.42 -17.72
C THR B 122 -50.17 -27.82 -18.36
N LEU B 123 -51.00 -28.60 -19.04
CA LEU B 123 -52.22 -28.05 -19.63
C LEU B 123 -53.15 -27.52 -18.55
N VAL B 124 -53.32 -28.25 -17.46
CA VAL B 124 -54.17 -27.79 -16.38
C VAL B 124 -53.63 -26.50 -15.78
N ALA B 125 -52.30 -26.42 -15.63
CA ALA B 125 -51.69 -25.22 -15.10
C ALA B 125 -51.93 -24.01 -16.00
N GLU B 126 -51.75 -24.18 -17.31
CA GLU B 126 -51.99 -23.07 -18.23
C GLU B 126 -53.47 -22.67 -18.24
N LEU B 127 -54.37 -23.64 -18.17
CA LEU B 127 -55.79 -23.30 -18.11
C LEU B 127 -56.12 -22.51 -16.85
N LEU B 128 -55.59 -22.94 -15.70
CA LEU B 128 -55.85 -22.23 -14.46
C LEU B 128 -55.26 -20.82 -14.49
N ILE B 129 -54.07 -20.67 -15.08
CA ILE B 129 -53.50 -19.34 -15.26
C ILE B 129 -54.42 -18.49 -16.13
N LEU B 130 -54.81 -18.98 -17.28
CA LEU B 130 -55.60 -18.13 -18.14
C LEU B 130 -56.80 -17.65 -17.29
N LYS B 131 -57.32 -18.54 -16.45
CA LYS B 131 -58.46 -18.17 -15.61
C LYS B 131 -58.09 -17.08 -14.63
N ARG B 132 -57.12 -17.36 -13.75
CA ARG B 132 -56.78 -16.37 -12.73
C ARG B 132 -56.26 -15.08 -13.33
N VAL B 133 -56.02 -15.07 -14.64
CA VAL B 133 -55.54 -13.86 -15.30
C VAL B 133 -56.69 -13.12 -15.98
N LEU B 134 -57.57 -13.85 -16.66
CA LEU B 134 -58.64 -13.19 -17.39
C LEU B 134 -59.76 -12.73 -16.47
N GLU B 135 -60.34 -13.64 -15.70
CA GLU B 135 -61.43 -13.27 -14.80
C GLU B 135 -60.96 -12.30 -13.73
N MET B 136 -60.07 -12.75 -12.85
CA MET B 136 -59.56 -11.92 -11.76
C MET B 136 -58.20 -11.36 -12.16
N ARG B 137 -58.23 -10.28 -12.93
CA ARG B 137 -57.02 -9.71 -13.50
C ARG B 137 -55.98 -9.42 -12.43
N LYS B 138 -54.89 -10.16 -12.47
CA LYS B 138 -53.81 -10.06 -11.49
C LYS B 138 -52.58 -10.73 -12.09
N LYS B 139 -51.45 -10.56 -11.43
CA LYS B 139 -50.21 -11.16 -11.91
C LYS B 139 -50.17 -12.64 -11.56
N ALA B 140 -49.30 -13.37 -12.25
CA ALA B 140 -49.11 -14.79 -12.02
C ALA B 140 -47.64 -15.12 -12.14
N LEU B 141 -47.22 -16.16 -11.44
CA LEU B 141 -45.86 -16.66 -11.47
C LEU B 141 -45.85 -18.09 -11.98
N PHE B 142 -44.89 -18.40 -12.83
CA PHE B 142 -44.66 -19.76 -13.31
C PHE B 142 -43.25 -20.14 -12.90
N ILE B 143 -43.13 -20.87 -11.80
CA ILE B 143 -41.82 -21.22 -11.25
C ILE B 143 -41.36 -22.53 -11.89
N LEU B 144 -40.21 -22.50 -12.55
CA LEU B 144 -39.67 -23.70 -13.17
C LEU B 144 -38.31 -24.04 -12.57
N PRO B 145 -37.91 -25.32 -12.63
CA PRO B 145 -36.64 -25.73 -12.01
C PRO B 145 -35.36 -25.20 -12.66
N PHE B 146 -35.29 -25.21 -14.00
CA PHE B 146 -34.03 -24.81 -14.66
C PHE B 146 -34.21 -23.67 -15.66
N VAL B 147 -33.10 -23.15 -16.18
CA VAL B 147 -33.20 -21.99 -17.08
C VAL B 147 -33.64 -22.42 -18.48
N SER B 148 -33.17 -23.58 -18.94
CA SER B 148 -33.52 -24.03 -20.28
C SER B 148 -35.01 -24.34 -20.40
N VAL B 149 -35.54 -25.13 -19.47
CA VAL B 149 -36.97 -25.43 -19.49
C VAL B 149 -37.78 -24.17 -19.21
N ALA B 150 -37.28 -23.27 -18.36
CA ALA B 150 -37.98 -22.02 -18.09
C ALA B 150 -38.08 -21.17 -19.35
N LYS B 151 -36.99 -21.10 -20.13
CA LYS B 151 -37.02 -20.33 -21.37
C LYS B 151 -37.92 -20.97 -22.40
N GLU B 152 -37.89 -22.31 -22.51
CA GLU B 152 -38.80 -22.99 -23.42
C GLU B 152 -40.25 -22.73 -23.05
N LYS B 153 -40.57 -22.79 -21.75
CA LYS B 153 -41.92 -22.49 -21.31
C LYS B 153 -42.28 -21.03 -21.51
N LYS B 154 -41.32 -20.12 -21.34
CA LYS B 154 -41.59 -18.71 -21.59
C LYS B 154 -41.97 -18.48 -23.04
N TYR B 155 -41.23 -19.08 -23.97
CA TYR B 155 -41.55 -18.92 -25.38
C TYR B 155 -42.85 -19.62 -25.73
N TYR B 156 -43.11 -20.79 -25.13
CA TYR B 156 -44.37 -21.49 -25.35
C TYR B 156 -45.56 -20.66 -24.90
N LEU B 157 -45.50 -20.14 -23.67
CA LEU B 157 -46.58 -19.31 -23.15
C LEU B 157 -46.70 -18.01 -23.92
N GLN B 158 -45.58 -17.46 -24.40
CA GLN B 158 -45.65 -16.25 -25.21
C GLN B 158 -46.38 -16.51 -26.52
N SER B 159 -45.99 -17.56 -27.24
CA SER B 159 -46.66 -17.91 -28.48
C SER B 159 -48.11 -18.32 -28.26
N LEU B 160 -48.45 -18.79 -27.06
CA LEU B 160 -49.82 -19.20 -26.75
C LEU B 160 -50.69 -18.05 -26.27
N PHE B 161 -50.10 -17.00 -25.70
CA PHE B 161 -50.85 -15.95 -25.04
C PHE B 161 -50.66 -14.57 -25.65
N GLN B 162 -49.86 -14.42 -26.71
CA GLN B 162 -49.66 -13.12 -27.31
C GLN B 162 -50.96 -12.55 -27.86
N GLU B 163 -51.77 -13.40 -28.50
CA GLU B 163 -52.97 -12.94 -29.18
C GLU B 163 -53.97 -12.34 -28.20
N VAL B 164 -54.16 -12.98 -27.04
CA VAL B 164 -55.11 -12.47 -26.06
C VAL B 164 -54.57 -11.26 -25.30
N GLY B 165 -53.29 -10.94 -25.46
CA GLY B 165 -52.73 -9.75 -24.85
C GLY B 165 -52.10 -9.94 -23.50
N ILE B 166 -52.01 -11.17 -23.00
CA ILE B 166 -51.37 -11.42 -21.71
C ILE B 166 -49.87 -11.29 -21.88
N LYS B 167 -49.30 -10.21 -21.35
CA LYS B 167 -47.87 -9.97 -21.44
C LYS B 167 -47.14 -11.00 -20.57
N VAL B 168 -46.34 -11.84 -21.22
CA VAL B 168 -45.60 -12.91 -20.55
C VAL B 168 -44.11 -12.61 -20.72
N ASP B 169 -43.40 -12.53 -19.60
CA ASP B 169 -41.96 -12.31 -19.66
C ASP B 169 -41.29 -13.15 -18.58
N GLY B 170 -39.98 -13.34 -18.74
CA GLY B 170 -39.25 -14.32 -17.95
C GLY B 170 -38.22 -13.70 -17.04
N TYR B 171 -38.10 -14.27 -15.84
CA TYR B 171 -37.03 -13.98 -14.89
C TYR B 171 -36.21 -15.26 -14.74
N MET B 172 -35.26 -15.46 -15.66
CA MET B 172 -34.48 -16.67 -15.72
C MET B 172 -33.00 -16.32 -15.78
N GLY B 173 -32.21 -16.91 -14.89
CA GLY B 173 -30.78 -16.68 -14.88
C GLY B 173 -30.42 -15.22 -14.69
N SER B 174 -29.89 -14.61 -15.75
CA SER B 174 -29.45 -13.22 -15.71
C SER B 174 -30.43 -12.27 -16.38
N THR B 175 -31.18 -12.75 -17.37
CA THR B 175 -32.08 -11.89 -18.12
C THR B 175 -33.24 -11.42 -17.25
N SER B 176 -33.61 -10.15 -17.40
CA SER B 176 -34.78 -9.59 -16.76
C SER B 176 -35.61 -8.87 -17.83
N PRO B 177 -36.92 -8.83 -17.67
CA PRO B 177 -37.77 -8.15 -18.66
C PRO B 177 -37.40 -6.69 -18.77
N SER B 178 -37.40 -6.18 -20.01
CA SER B 178 -37.18 -4.76 -20.22
C SER B 178 -38.30 -3.94 -19.62
N ARG B 179 -39.54 -4.40 -19.78
CA ARG B 179 -40.68 -3.74 -19.17
C ARG B 179 -40.72 -4.02 -17.66
N HIS B 180 -41.39 -3.14 -16.94
CA HIS B 180 -41.51 -3.30 -15.49
C HIS B 180 -42.44 -4.46 -15.17
N PHE B 181 -42.28 -4.99 -13.96
CA PHE B 181 -43.13 -6.10 -13.52
C PHE B 181 -44.59 -5.69 -13.46
N SER B 182 -44.86 -4.41 -13.20
CA SER B 182 -46.25 -3.93 -13.18
C SER B 182 -46.91 -4.08 -14.54
N SER B 183 -46.17 -3.84 -15.62
CA SER B 183 -46.73 -4.02 -16.96
C SER B 183 -46.95 -5.49 -17.28
N LEU B 184 -46.17 -6.39 -16.68
CA LEU B 184 -46.28 -7.81 -16.97
C LEU B 184 -47.57 -8.38 -16.40
N ASP B 185 -47.97 -9.53 -16.95
CA ASP B 185 -49.11 -10.26 -16.45
C ASP B 185 -48.78 -11.71 -16.09
N ILE B 186 -47.76 -12.30 -16.71
CA ILE B 186 -47.23 -13.60 -16.31
C ILE B 186 -45.72 -13.48 -16.25
N ALA B 187 -45.13 -13.88 -15.13
CA ALA B 187 -43.69 -13.91 -14.96
C ALA B 187 -43.27 -15.37 -14.90
N VAL B 188 -42.62 -15.84 -15.97
CA VAL B 188 -42.06 -17.19 -16.02
C VAL B 188 -40.68 -17.09 -15.38
N CYS B 189 -40.57 -17.53 -14.14
CA CYS B 189 -39.36 -17.36 -13.35
C CYS B 189 -38.72 -18.69 -13.05
N THR B 190 -37.42 -18.64 -12.78
CA THR B 190 -36.76 -19.75 -12.13
C THR B 190 -37.10 -19.74 -10.64
N ILE B 191 -36.72 -20.82 -9.94
CA ILE B 191 -36.99 -20.88 -8.51
C ILE B 191 -36.18 -19.81 -7.79
N GLU B 192 -34.97 -19.53 -8.26
CA GLU B 192 -34.10 -18.56 -7.59
C GLU B 192 -34.67 -17.15 -7.70
N ARG B 193 -35.18 -16.78 -8.86
CA ARG B 193 -35.60 -15.41 -9.13
C ARG B 193 -37.05 -15.14 -8.76
N ALA B 194 -37.89 -16.16 -8.71
CA ALA B 194 -39.25 -15.99 -8.22
C ALA B 194 -39.30 -15.66 -6.74
N ASN B 195 -38.42 -16.26 -5.94
CA ASN B 195 -38.34 -15.87 -4.53
C ASN B 195 -37.95 -14.40 -4.38
N GLY B 196 -36.97 -13.94 -5.18
CA GLY B 196 -36.61 -12.54 -5.13
C GLY B 196 -37.73 -11.62 -5.59
N LEU B 197 -38.47 -12.05 -6.61
CA LEU B 197 -39.62 -11.27 -7.07
C LEU B 197 -40.68 -11.15 -5.99
N ILE B 198 -40.96 -12.24 -5.29
CA ILE B 198 -41.95 -12.22 -4.21
C ILE B 198 -41.45 -11.39 -3.04
N ASN B 199 -40.14 -11.45 -2.76
CA ASN B 199 -39.57 -10.57 -1.75
C ASN B 199 -39.76 -9.11 -2.10
N ARG B 200 -39.52 -8.76 -3.38
CA ARG B 200 -39.74 -7.39 -3.81
C ARG B 200 -41.20 -6.98 -3.68
N LEU B 201 -42.13 -7.87 -4.05
CA LEU B 201 -43.55 -7.58 -3.91
C LEU B 201 -43.93 -7.37 -2.44
N ILE B 202 -43.39 -8.17 -1.54
CA ILE B 202 -43.69 -8.03 -0.11
C ILE B 202 -43.08 -6.77 0.48
N GLU B 203 -41.85 -6.42 0.07
CA GLU B 203 -41.18 -5.25 0.65
C GLU B 203 -42.02 -3.99 0.43
N GLU B 204 -42.16 -3.59 -0.84
CA GLU B 204 -43.00 -2.45 -1.16
C GLU B 204 -44.46 -2.77 -0.86
N ASN B 205 -44.74 -4.04 -0.53
CA ASN B 205 -46.10 -4.43 -0.16
C ASN B 205 -47.09 -4.52 -1.33
N LYS B 206 -46.61 -4.80 -2.53
CA LYS B 206 -47.51 -4.97 -3.68
C LYS B 206 -47.96 -6.42 -3.80
N MET B 207 -48.28 -7.04 -2.67
CA MET B 207 -48.69 -8.44 -2.68
C MET B 207 -50.12 -8.61 -3.19
N ASP B 208 -50.88 -7.51 -3.34
CA ASP B 208 -52.20 -7.60 -3.92
C ASP B 208 -52.18 -7.85 -5.43
N LEU B 209 -51.08 -7.49 -6.11
CA LEU B 209 -50.96 -7.79 -7.53
C LEU B 209 -50.91 -9.30 -7.77
N LEU B 210 -50.18 -10.03 -6.93
CA LEU B 210 -50.07 -11.46 -7.11
C LEU B 210 -51.37 -12.14 -6.71
N GLY B 211 -51.87 -13.00 -7.59
CA GLY B 211 -53.07 -13.77 -7.31
C GLY B 211 -52.92 -15.21 -7.73
N MET B 212 -51.79 -15.54 -8.36
CA MET B 212 -51.56 -16.87 -8.90
C MET B 212 -50.07 -17.19 -8.82
N VAL B 213 -49.78 -18.43 -8.46
CA VAL B 213 -48.40 -18.94 -8.44
C VAL B 213 -48.46 -20.39 -8.91
N VAL B 214 -47.68 -20.71 -9.94
CA VAL B 214 -47.64 -22.04 -10.51
C VAL B 214 -46.22 -22.59 -10.34
N VAL B 215 -46.13 -23.79 -9.80
CA VAL B 215 -44.85 -24.41 -9.46
C VAL B 215 -44.78 -25.72 -10.23
N ASP B 216 -44.10 -25.70 -11.37
CA ASP B 216 -43.77 -26.93 -12.06
C ASP B 216 -42.67 -27.66 -11.31
N GLU B 217 -42.70 -28.99 -11.36
CA GLU B 217 -41.77 -29.85 -10.64
C GLU B 217 -41.80 -29.53 -9.14
N LEU B 218 -42.96 -29.79 -8.54
CA LEU B 218 -43.14 -29.54 -7.12
C LEU B 218 -42.21 -30.41 -6.29
N HIS B 219 -41.88 -31.60 -6.79
CA HIS B 219 -40.99 -32.50 -6.05
C HIS B 219 -39.62 -31.88 -5.82
N MET B 220 -39.27 -30.83 -6.56
CA MET B 220 -38.02 -30.13 -6.33
C MET B 220 -37.96 -29.46 -4.96
N LEU B 221 -39.10 -29.24 -4.30
CA LEU B 221 -39.08 -28.54 -3.03
C LEU B 221 -38.38 -29.31 -1.93
N GLY B 222 -38.06 -30.58 -2.16
CA GLY B 222 -37.37 -31.36 -1.15
C GLY B 222 -35.87 -31.15 -1.19
N ASP B 223 -35.11 -32.24 -1.26
CA ASP B 223 -33.65 -32.16 -1.24
C ASP B 223 -33.16 -31.61 -2.58
N SER B 224 -32.68 -30.37 -2.56
CA SER B 224 -32.18 -29.72 -3.76
C SER B 224 -31.35 -28.51 -3.35
N HIS B 225 -30.54 -28.02 -4.29
CA HIS B 225 -29.80 -26.78 -4.08
C HIS B 225 -30.65 -25.55 -4.34
N ARG B 226 -31.80 -25.70 -4.98
CA ARG B 226 -32.73 -24.60 -5.21
C ARG B 226 -34.13 -24.97 -4.75
N GLY B 227 -34.27 -26.10 -4.07
CA GLY B 227 -35.58 -26.55 -3.64
C GLY B 227 -36.08 -25.85 -2.40
N TYR B 228 -35.17 -25.53 -1.48
CA TYR B 228 -35.57 -24.81 -0.27
C TYR B 228 -36.16 -23.45 -0.61
N LEU B 229 -35.57 -22.75 -1.59
CA LEU B 229 -36.12 -21.48 -2.05
C LEU B 229 -37.56 -21.66 -2.53
N LEU B 230 -37.89 -22.84 -3.06
CA LEU B 230 -39.26 -23.12 -3.42
C LEU B 230 -40.16 -23.16 -2.18
N GLU B 231 -39.74 -23.91 -1.16
CA GLU B 231 -40.51 -23.97 0.07
C GLU B 231 -40.64 -22.59 0.69
N LEU B 232 -39.53 -21.87 0.82
CA LEU B 232 -39.56 -20.51 1.32
C LEU B 232 -40.50 -19.63 0.50
N LEU B 233 -40.66 -19.95 -0.78
CA LEU B 233 -41.54 -19.18 -1.64
C LEU B 233 -43.01 -19.35 -1.25
N LEU B 234 -43.39 -20.55 -0.79
CA LEU B 234 -44.79 -20.87 -0.51
C LEU B 234 -45.16 -20.65 0.95
N THR B 235 -44.33 -21.12 1.89
CA THR B 235 -44.59 -20.86 3.30
C THR B 235 -44.66 -19.37 3.60
N LYS B 236 -43.96 -18.56 2.81
CA LYS B 236 -44.06 -17.11 2.94
C LYS B 236 -45.38 -16.61 2.38
N ILE B 237 -45.82 -17.17 1.25
CA ILE B 237 -47.08 -16.75 0.65
C ILE B 237 -48.26 -17.15 1.53
N CYS B 238 -48.26 -18.40 1.99
CA CYS B 238 -49.37 -18.91 2.78
C CYS B 238 -49.57 -18.07 4.04
N TYR B 239 -48.47 -17.75 4.73
CA TYR B 239 -48.54 -16.86 5.88
C TYR B 239 -49.24 -15.55 5.50
N ILE B 240 -48.85 -14.95 4.38
CA ILE B 240 -49.50 -13.73 3.93
C ILE B 240 -50.99 -13.95 3.76
N THR B 241 -51.38 -15.10 3.21
CA THR B 241 -52.80 -15.39 3.06
C THR B 241 -53.43 -15.72 4.40
N ARG B 242 -52.69 -16.36 5.29
CA ARG B 242 -53.22 -16.78 6.58
C ARG B 242 -53.00 -15.75 7.68
N LYS B 243 -52.33 -14.64 7.39
CA LYS B 243 -52.28 -13.52 8.31
C LYS B 243 -53.33 -12.45 8.00
N SER B 244 -53.87 -12.45 6.77
CA SER B 244 -54.98 -11.57 6.43
C SER B 244 -56.33 -12.15 6.83
N ALA B 245 -56.36 -13.39 7.30
CA ALA B 245 -57.59 -14.02 7.76
C ALA B 245 -57.90 -13.72 9.22
N SER B 246 -57.05 -12.95 9.90
CA SER B 246 -57.29 -12.61 11.29
C SER B 246 -58.42 -11.60 11.44
N SER B 256 -61.87 -18.12 -3.24
CA SER B 256 -61.61 -19.05 -2.15
C SER B 256 -60.21 -18.86 -1.60
N ASN B 257 -59.50 -17.87 -2.12
CA ASN B 257 -58.14 -17.57 -1.68
C ASN B 257 -57.79 -16.17 -2.15
N ALA B 258 -56.62 -15.70 -1.74
CA ALA B 258 -56.06 -14.45 -2.22
C ALA B 258 -54.88 -14.65 -3.15
N VAL B 259 -54.11 -15.71 -2.98
CA VAL B 259 -53.05 -16.11 -3.91
C VAL B 259 -53.19 -17.60 -4.12
N GLN B 260 -53.66 -17.99 -5.31
CA GLN B 260 -53.79 -19.41 -5.61
C GLN B 260 -52.41 -20.02 -5.86
N ILE B 261 -52.25 -21.28 -5.49
CA ILE B 261 -51.00 -22.01 -5.67
C ILE B 261 -51.32 -23.33 -6.36
N VAL B 262 -50.70 -23.56 -7.51
CA VAL B 262 -50.92 -24.78 -8.28
C VAL B 262 -49.57 -25.45 -8.49
N GLY B 263 -49.44 -26.69 -8.02
CA GLY B 263 -48.19 -27.41 -8.08
C GLY B 263 -48.30 -28.68 -8.90
N MET B 264 -47.30 -28.91 -9.74
CA MET B 264 -47.18 -30.12 -10.55
C MET B 264 -46.05 -30.96 -10.02
N SER B 265 -46.30 -32.25 -9.78
CA SER B 265 -45.30 -33.12 -9.21
C SER B 265 -45.31 -34.46 -9.94
N ALA B 266 -44.38 -35.33 -9.55
CA ALA B 266 -44.31 -36.69 -10.06
C ALA B 266 -45.06 -37.62 -9.10
N THR B 267 -44.90 -38.93 -9.29
CA THR B 267 -45.56 -39.92 -8.44
C THR B 267 -44.90 -39.98 -7.07
N LEU B 268 -45.08 -38.94 -6.27
CA LEU B 268 -44.44 -38.91 -4.96
C LEU B 268 -45.30 -39.64 -3.93
N PRO B 269 -44.69 -40.33 -2.97
CA PRO B 269 -45.50 -41.01 -1.94
C PRO B 269 -46.25 -40.04 -1.04
N ASN B 270 -45.54 -39.04 -0.51
CA ASN B 270 -46.16 -38.10 0.43
C ASN B 270 -46.75 -36.87 -0.25
N LEU B 271 -47.32 -37.03 -1.43
CA LEU B 271 -47.95 -35.89 -2.08
C LEU B 271 -49.02 -35.32 -1.18
N GLU B 272 -49.79 -36.18 -0.55
CA GLU B 272 -50.84 -35.73 0.36
C GLU B 272 -50.30 -34.69 1.32
N LEU B 273 -49.29 -35.05 2.09
CA LEU B 273 -48.67 -34.10 3.02
C LEU B 273 -48.50 -32.74 2.36
N VAL B 274 -48.01 -32.72 1.12
CA VAL B 274 -47.79 -31.45 0.42
C VAL B 274 -49.14 -30.80 0.10
N ALA B 275 -50.14 -31.60 -0.25
CA ALA B 275 -51.46 -31.04 -0.54
C ALA B 275 -52.09 -30.42 0.70
N SER B 276 -51.94 -31.07 1.85
CA SER B 276 -52.52 -30.52 3.08
C SER B 276 -51.71 -29.32 3.59
N TRP B 277 -50.39 -29.33 3.36
CA TRP B 277 -49.56 -28.20 3.81
C TRP B 277 -50.00 -26.91 3.14
N LEU B 278 -50.26 -26.95 1.84
CA LEU B 278 -50.67 -25.77 1.10
C LEU B 278 -52.18 -25.61 1.06
N ASN B 279 -52.92 -26.45 1.77
CA ASN B 279 -54.39 -26.43 1.78
C ASN B 279 -54.97 -26.86 0.43
N ALA B 280 -54.07 -27.07 -0.52
CA ALA B 280 -54.48 -27.44 -1.88
C ALA B 280 -55.24 -28.74 -2.02
N GLU B 281 -56.00 -28.87 -3.10
CA GLU B 281 -56.69 -30.12 -3.36
C GLU B 281 -55.69 -31.04 -4.02
N LEU B 282 -55.76 -32.33 -3.74
CA LEU B 282 -54.78 -33.26 -4.28
C LEU B 282 -55.33 -34.10 -5.42
N TYR B 283 -54.63 -34.13 -6.54
CA TYR B 283 -55.05 -34.98 -7.65
C TYR B 283 -53.89 -35.84 -8.14
N HIS B 284 -54.03 -37.15 -8.01
CA HIS B 284 -52.98 -38.05 -8.44
C HIS B 284 -53.50 -38.96 -9.53
N THR B 285 -52.76 -39.07 -10.62
CA THR B 285 -53.13 -39.95 -11.72
C THR B 285 -51.89 -40.69 -12.21
N ASP B 286 -52.12 -41.85 -12.83
CA ASP B 286 -51.06 -42.64 -13.42
C ASP B 286 -51.29 -42.87 -14.90
N PHE B 287 -52.15 -42.06 -15.52
CA PHE B 287 -52.48 -42.24 -16.93
C PHE B 287 -51.32 -41.80 -17.81
N ARG B 288 -50.94 -42.64 -18.76
CA ARG B 288 -49.93 -42.30 -19.76
C ARG B 288 -50.53 -42.54 -21.14
N PRO B 289 -50.58 -41.54 -22.02
CA PRO B 289 -51.22 -41.74 -23.33
C PRO B 289 -50.58 -42.85 -24.13
N VAL B 290 -49.27 -42.97 -24.06
CA VAL B 290 -48.52 -44.04 -24.71
C VAL B 290 -48.04 -45.00 -23.63
N PRO B 291 -48.46 -46.27 -23.65
CA PRO B 291 -48.03 -47.20 -22.60
C PRO B 291 -46.51 -47.35 -22.60
N LEU B 292 -45.97 -47.61 -21.42
CA LEU B 292 -44.53 -47.75 -21.23
C LEU B 292 -44.19 -49.18 -20.88
N LEU B 293 -43.15 -49.71 -21.51
CA LEU B 293 -42.61 -51.03 -21.21
C LEU B 293 -41.15 -50.83 -20.78
N GLU B 294 -40.92 -50.88 -19.48
CA GLU B 294 -39.57 -50.85 -18.96
C GLU B 294 -39.03 -52.26 -18.88
N SER B 295 -37.76 -52.43 -19.28
CA SER B 295 -37.17 -53.76 -19.30
C SER B 295 -35.69 -53.64 -19.01
N VAL B 296 -35.12 -54.74 -18.52
CA VAL B 296 -33.69 -54.85 -18.27
C VAL B 296 -33.11 -55.83 -19.28
N LYS B 297 -31.85 -55.60 -19.63
CA LYS B 297 -31.15 -56.44 -20.58
C LYS B 297 -29.91 -57.04 -19.91
N VAL B 298 -29.86 -58.37 -19.83
CA VAL B 298 -28.72 -59.08 -19.28
C VAL B 298 -28.21 -60.03 -20.35
N GLY B 299 -26.96 -59.85 -20.77
CA GLY B 299 -26.40 -60.67 -21.84
C GLY B 299 -27.16 -60.53 -23.13
N ASN B 300 -27.83 -61.60 -23.54
CA ASN B 300 -28.66 -61.59 -24.75
C ASN B 300 -30.15 -61.71 -24.41
N SER B 301 -30.52 -61.55 -23.14
CA SER B 301 -31.89 -61.77 -22.70
C SER B 301 -32.50 -60.46 -22.21
N ILE B 302 -33.79 -60.30 -22.49
CA ILE B 302 -34.55 -59.11 -22.09
C ILE B 302 -35.63 -59.56 -21.11
N TYR B 303 -35.60 -58.99 -19.91
CA TYR B 303 -36.58 -59.30 -18.88
C TYR B 303 -37.46 -58.08 -18.61
N ASP B 304 -38.72 -58.33 -18.29
CA ASP B 304 -39.66 -57.26 -18.00
C ASP B 304 -39.39 -56.73 -16.58
N SER B 305 -40.26 -55.85 -16.10
CA SER B 305 -40.04 -55.23 -14.79
C SER B 305 -40.09 -56.26 -13.67
N SER B 306 -41.04 -57.19 -13.73
CA SER B 306 -41.22 -58.18 -12.67
C SER B 306 -40.43 -59.45 -12.95
N MET B 307 -39.15 -59.30 -13.28
CA MET B 307 -38.21 -60.41 -13.47
C MET B 307 -38.76 -61.49 -14.38
N LYS B 308 -39.42 -61.10 -15.47
CA LYS B 308 -40.00 -62.03 -16.42
C LYS B 308 -39.42 -61.78 -17.80
N LEU B 309 -38.88 -62.83 -18.40
CA LEU B 309 -38.32 -62.71 -19.75
C LEU B 309 -39.43 -62.39 -20.75
N VAL B 310 -39.20 -61.39 -21.57
CA VAL B 310 -40.20 -60.94 -22.54
C VAL B 310 -39.73 -61.15 -23.98
N ARG B 311 -38.43 -61.10 -24.25
CA ARG B 311 -37.91 -61.29 -25.59
C ARG B 311 -36.48 -61.79 -25.50
N GLU B 312 -36.10 -62.58 -26.49
CA GLU B 312 -34.72 -63.07 -26.63
C GLU B 312 -34.07 -62.28 -27.76
N PHE B 313 -33.35 -61.23 -27.40
CA PHE B 313 -32.77 -60.34 -28.39
C PHE B 313 -31.63 -61.04 -29.12
N GLU B 314 -31.63 -60.94 -30.45
CA GLU B 314 -30.54 -61.44 -31.28
C GLU B 314 -30.07 -60.30 -32.16
N PRO B 315 -28.80 -59.93 -32.12
CA PRO B 315 -28.32 -58.79 -32.91
C PRO B 315 -28.53 -59.02 -34.40
N MET B 316 -28.85 -57.94 -35.11
CA MET B 316 -29.00 -58.03 -36.56
C MET B 316 -27.65 -57.98 -37.26
N LEU B 317 -26.90 -56.89 -37.10
CA LEU B 317 -25.57 -56.76 -37.66
C LEU B 317 -24.68 -56.12 -36.60
N GLN B 318 -23.91 -56.94 -35.89
CA GLN B 318 -23.09 -56.48 -34.77
C GLN B 318 -21.63 -56.77 -35.06
N VAL B 319 -20.78 -55.76 -34.86
CA VAL B 319 -19.33 -55.95 -34.97
C VAL B 319 -18.68 -55.58 -33.63
N ASP B 324 -23.79 -56.26 -24.85
CA ASP B 324 -24.52 -55.01 -24.77
C ASP B 324 -25.25 -54.80 -26.07
N HIS B 325 -24.57 -55.09 -27.18
CA HIS B 325 -25.18 -54.91 -28.49
C HIS B 325 -25.92 -53.58 -28.56
N VAL B 326 -25.41 -52.58 -27.86
CA VAL B 326 -26.05 -51.27 -27.89
C VAL B 326 -26.29 -50.84 -29.33
N VAL B 327 -25.29 -51.04 -30.19
CA VAL B 327 -25.43 -50.67 -31.60
C VAL B 327 -26.51 -51.51 -32.27
N SER B 328 -26.61 -52.79 -31.90
CA SER B 328 -27.65 -53.64 -32.47
C SER B 328 -29.05 -53.18 -32.03
N LEU B 329 -29.18 -52.77 -30.76
CA LEU B 329 -30.46 -52.24 -30.30
C LEU B 329 -30.83 -50.95 -31.03
N CYS B 330 -29.85 -50.06 -31.22
CA CYS B 330 -30.09 -48.84 -31.98
C CYS B 330 -30.48 -49.16 -33.41
N TYR B 331 -29.81 -50.14 -34.02
CA TYR B 331 -30.13 -50.57 -35.38
C TYR B 331 -31.55 -51.10 -35.47
N GLU B 332 -31.96 -51.93 -34.51
CA GLU B 332 -33.32 -52.46 -34.51
C GLU B 332 -34.34 -51.35 -34.37
N THR B 333 -34.06 -50.36 -33.51
CA THR B 333 -34.96 -49.22 -33.38
C THR B 333 -35.03 -48.43 -34.68
N ILE B 334 -33.89 -48.23 -35.34
CA ILE B 334 -33.84 -47.39 -36.54
C ILE B 334 -34.55 -48.07 -37.71
N CYS B 335 -34.42 -49.39 -37.82
CA CYS B 335 -34.97 -50.11 -38.97
C CYS B 335 -36.47 -49.86 -39.14
N ASP B 336 -37.18 -49.62 -38.04
CA ASP B 336 -38.61 -49.32 -38.09
C ASP B 336 -38.81 -47.83 -38.30
N ASN B 337 -37.81 -47.15 -38.84
CA ASN B 337 -37.88 -45.71 -39.10
C ASN B 337 -38.28 -44.94 -37.85
N HIS B 338 -37.66 -45.28 -36.73
CA HIS B 338 -37.90 -44.60 -35.46
C HIS B 338 -36.60 -43.96 -34.98
N SER B 339 -36.62 -43.41 -33.77
CA SER B 339 -35.43 -42.78 -33.20
C SER B 339 -35.13 -43.38 -31.84
N VAL B 340 -33.94 -43.09 -31.31
CA VAL B 340 -33.54 -43.68 -30.03
C VAL B 340 -32.82 -42.71 -29.11
N LEU B 341 -33.09 -42.80 -27.81
CA LEU B 341 -32.37 -41.97 -26.85
C LEU B 341 -31.41 -42.89 -26.12
N LEU B 342 -30.16 -42.45 -25.95
CA LEU B 342 -29.18 -43.36 -25.35
C LEU B 342 -28.49 -42.58 -24.24
N PHE B 343 -28.89 -42.83 -23.00
CA PHE B 343 -28.40 -42.08 -21.86
C PHE B 343 -27.14 -42.74 -21.34
N CYS B 344 -25.99 -42.05 -21.47
CA CYS B 344 -24.67 -42.47 -21.06
C CYS B 344 -24.22 -41.73 -19.80
N PRO B 345 -23.32 -42.32 -19.01
CA PRO B 345 -22.93 -41.71 -17.73
C PRO B 345 -21.90 -40.59 -17.84
N SER B 346 -21.43 -40.24 -19.03
CA SER B 346 -20.39 -39.24 -19.14
C SER B 346 -20.44 -38.60 -20.53
N LYS B 347 -19.55 -37.62 -20.73
CA LYS B 347 -19.46 -36.92 -22.01
C LYS B 347 -18.62 -37.69 -23.02
N LYS B 348 -17.45 -38.17 -22.59
CA LYS B 348 -16.60 -38.96 -23.48
C LYS B 348 -17.31 -40.23 -23.92
N TRP B 349 -18.09 -40.84 -23.03
CA TRP B 349 -18.89 -42.00 -23.39
C TRP B 349 -19.94 -41.66 -24.44
N CYS B 350 -20.61 -40.51 -24.34
CA CYS B 350 -21.54 -40.08 -25.37
C CYS B 350 -20.85 -39.86 -26.72
N GLU B 351 -19.69 -39.20 -26.70
CA GLU B 351 -18.97 -38.95 -27.94
C GLU B 351 -18.46 -40.24 -28.57
N LYS B 352 -18.07 -41.23 -27.75
CA LYS B 352 -17.61 -42.51 -28.27
C LYS B 352 -18.78 -43.35 -28.78
N LEU B 353 -19.88 -43.40 -28.04
CA LEU B 353 -21.03 -44.21 -28.39
C LEU B 353 -21.97 -43.53 -29.36
N ALA B 354 -21.66 -42.31 -29.81
CA ALA B 354 -22.26 -41.79 -31.02
C ALA B 354 -21.39 -42.02 -32.24
N ASP B 355 -20.06 -41.91 -32.07
CA ASP B 355 -19.14 -42.26 -33.13
C ASP B 355 -19.32 -43.71 -33.57
N ILE B 356 -19.52 -44.61 -32.61
CA ILE B 356 -19.64 -46.03 -32.94
C ILE B 356 -20.88 -46.28 -33.81
N ILE B 357 -22.03 -45.78 -33.38
CA ILE B 357 -23.23 -46.00 -34.19
C ILE B 357 -23.14 -45.25 -35.51
N ALA B 358 -22.45 -44.12 -35.57
CA ALA B 358 -22.23 -43.48 -36.86
C ALA B 358 -21.42 -44.38 -37.78
N ARG B 359 -20.34 -44.98 -37.25
CA ARG B 359 -19.49 -45.84 -38.05
C ARG B 359 -20.27 -47.03 -38.60
N GLU B 360 -21.04 -47.70 -37.74
CA GLU B 360 -21.86 -48.82 -38.22
C GLU B 360 -22.96 -48.38 -39.17
N PHE B 361 -23.63 -47.25 -38.92
CA PHE B 361 -24.66 -46.81 -39.86
C PHE B 361 -24.09 -46.44 -41.22
N TYR B 362 -22.81 -46.08 -41.27
CA TYR B 362 -22.15 -45.92 -42.57
C TYR B 362 -21.79 -47.28 -43.15
N ASN B 363 -20.99 -48.06 -42.44
CA ASN B 363 -20.56 -49.35 -42.96
C ASN B 363 -21.70 -50.34 -43.13
N LEU B 364 -22.59 -50.43 -42.15
CA LEU B 364 -23.70 -51.37 -42.24
C LEU B 364 -24.76 -50.94 -43.24
N HIS B 365 -24.78 -49.65 -43.60
CA HIS B 365 -25.84 -49.15 -44.48
C HIS B 365 -25.34 -48.65 -45.84
N HIS B 366 -24.03 -48.65 -46.05
CA HIS B 366 -23.48 -48.13 -47.30
C HIS B 366 -22.46 -49.07 -47.94
N GLN B 367 -22.43 -50.32 -47.50
CA GLN B 367 -21.48 -51.29 -48.03
C GLN B 367 -20.13 -50.63 -48.32
N ALA B 368 -19.73 -49.72 -47.43
CA ALA B 368 -18.47 -49.00 -47.59
C ALA B 368 -17.86 -48.68 -46.22
N GLU B 383 -34.10 -35.44 -43.13
CA GLU B 383 -33.89 -35.32 -44.57
C GLU B 383 -32.47 -34.85 -44.86
N GLN B 384 -31.85 -35.44 -45.88
CA GLN B 384 -30.50 -35.05 -46.26
C GLN B 384 -30.40 -33.53 -46.33
N LYS B 385 -31.18 -32.92 -47.20
CA LYS B 385 -31.19 -31.46 -47.29
C LYS B 385 -31.35 -30.82 -45.92
N GLU B 386 -32.27 -31.34 -45.11
CA GLU B 386 -32.47 -30.82 -43.77
C GLU B 386 -31.26 -31.07 -42.88
N LEU B 387 -30.64 -32.25 -43.00
CA LEU B 387 -29.43 -32.54 -42.25
C LEU B 387 -28.26 -31.67 -42.67
N LEU B 388 -28.12 -31.38 -43.96
CA LEU B 388 -27.10 -30.42 -44.39
C LEU B 388 -27.40 -29.02 -43.88
N GLU B 389 -28.68 -28.65 -43.79
CA GLU B 389 -29.04 -27.39 -43.16
C GLU B 389 -28.60 -27.37 -41.70
N VAL B 390 -28.78 -28.49 -41.00
CA VAL B 390 -28.35 -28.57 -39.60
C VAL B 390 -26.84 -28.45 -39.50
N MET B 391 -26.11 -29.10 -40.41
CA MET B 391 -24.66 -28.99 -40.41
C MET B 391 -24.21 -27.55 -40.63
N ASP B 392 -24.85 -26.86 -41.58
CA ASP B 392 -24.51 -25.46 -41.82
C ASP B 392 -24.89 -24.57 -40.65
N GLN B 393 -26.01 -24.87 -39.98
CA GLN B 393 -26.39 -24.14 -38.78
C GLN B 393 -25.33 -24.29 -37.70
N LEU B 394 -24.84 -25.51 -37.51
CA LEU B 394 -23.77 -25.75 -36.56
C LEU B 394 -22.46 -25.10 -36.99
N ARG B 395 -22.28 -24.89 -38.29
CA ARG B 395 -21.02 -24.35 -38.79
C ARG B 395 -20.92 -22.82 -38.69
N ARG B 396 -22.03 -22.11 -38.48
CA ARG B 396 -21.98 -20.66 -38.32
C ARG B 396 -22.16 -20.28 -36.85
N LEU B 397 -21.49 -21.02 -35.97
CA LEU B 397 -21.53 -20.78 -34.55
C LEU B 397 -20.17 -20.28 -34.07
N PRO B 398 -20.13 -19.54 -32.96
CA PRO B 398 -18.84 -19.06 -32.44
C PRO B 398 -17.82 -20.17 -32.24
N SER B 399 -18.26 -21.36 -31.84
CA SER B 399 -17.38 -22.51 -31.78
C SER B 399 -17.35 -23.31 -33.07
N GLY B 400 -18.19 -22.95 -34.05
CA GLY B 400 -18.21 -23.62 -35.33
C GLY B 400 -18.71 -25.05 -35.23
N LEU B 401 -18.26 -25.87 -36.18
CA LEU B 401 -18.56 -27.29 -36.18
C LEU B 401 -17.68 -28.02 -35.17
N ASP B 402 -18.17 -29.17 -34.71
CA ASP B 402 -17.41 -30.04 -33.83
C ASP B 402 -16.96 -31.27 -34.61
N SER B 403 -15.70 -31.67 -34.39
CA SER B 403 -15.13 -32.79 -35.15
C SER B 403 -15.95 -34.06 -34.96
N VAL B 404 -16.27 -34.40 -33.72
CA VAL B 404 -17.09 -35.57 -33.46
C VAL B 404 -18.48 -35.38 -34.07
N LEU B 405 -19.04 -34.18 -33.93
CA LEU B 405 -20.31 -33.88 -34.58
C LEU B 405 -20.19 -33.99 -36.08
N GLN B 406 -19.08 -33.51 -36.65
CA GLN B 406 -18.88 -33.61 -38.09
C GLN B 406 -18.86 -35.06 -38.55
N LYS B 407 -18.23 -35.93 -37.77
CA LYS B 407 -18.18 -37.34 -38.13
C LYS B 407 -19.53 -38.02 -37.95
N THR B 408 -20.30 -37.62 -36.94
CA THR B 408 -21.50 -38.36 -36.57
C THR B 408 -22.77 -37.87 -37.28
N VAL B 409 -23.05 -36.57 -37.21
CA VAL B 409 -24.34 -36.01 -37.63
C VAL B 409 -24.73 -36.40 -39.05
N PRO B 410 -23.83 -36.40 -40.06
CA PRO B 410 -24.27 -36.82 -41.39
C PRO B 410 -24.42 -38.33 -41.51
N TRP B 411 -24.96 -38.95 -40.47
CA TRP B 411 -25.45 -40.31 -40.50
C TRP B 411 -26.73 -40.50 -39.72
N GLY B 412 -27.28 -39.47 -39.09
CA GLY B 412 -28.44 -39.57 -38.24
C GLY B 412 -28.10 -39.76 -36.77
N VAL B 413 -26.82 -39.91 -36.46
CA VAL B 413 -26.41 -40.15 -35.09
C VAL B 413 -25.65 -38.94 -34.55
N ALA B 414 -25.78 -38.68 -33.25
CA ALA B 414 -25.07 -37.56 -32.65
C ALA B 414 -25.04 -37.74 -31.14
N PHE B 415 -24.42 -36.77 -30.47
CA PHE B 415 -24.29 -36.74 -29.04
C PHE B 415 -24.74 -35.39 -28.51
N HIS B 416 -25.27 -35.39 -27.29
CA HIS B 416 -25.82 -34.19 -26.66
C HIS B 416 -25.44 -34.23 -25.18
N HIS B 417 -24.32 -33.61 -24.84
CA HIS B 417 -23.87 -33.54 -23.45
C HIS B 417 -23.62 -32.10 -23.09
N ALA B 418 -23.31 -31.88 -21.80
CA ALA B 418 -23.12 -30.54 -21.27
C ALA B 418 -21.90 -29.83 -21.83
N GLY B 419 -20.98 -30.56 -22.45
CA GLY B 419 -19.79 -29.93 -23.00
C GLY B 419 -20.10 -28.99 -24.15
N LEU B 420 -21.11 -29.32 -24.95
CA LEU B 420 -21.48 -28.47 -26.07
C LEU B 420 -22.03 -27.14 -25.56
N THR B 421 -21.98 -26.14 -26.44
CA THR B 421 -22.59 -24.87 -26.12
C THR B 421 -24.10 -25.01 -26.04
N PHE B 422 -24.74 -24.02 -25.44
CA PHE B 422 -26.20 -24.04 -25.36
C PHE B 422 -26.82 -23.96 -26.74
N GLU B 423 -26.19 -23.21 -27.65
CA GLU B 423 -26.68 -23.15 -29.02
C GLU B 423 -26.56 -24.50 -29.71
N GLU B 424 -25.42 -25.17 -29.55
CA GLU B 424 -25.25 -26.49 -30.14
C GLU B 424 -26.23 -27.49 -29.53
N ARG B 425 -26.41 -27.42 -28.21
CA ARG B 425 -27.36 -28.33 -27.56
C ARG B 425 -28.77 -28.12 -28.07
N ASP B 426 -29.18 -26.86 -28.24
CA ASP B 426 -30.52 -26.59 -28.77
C ASP B 426 -30.65 -27.01 -30.22
N ILE B 427 -29.58 -26.84 -31.03
CA ILE B 427 -29.63 -27.28 -32.43
C ILE B 427 -29.80 -28.79 -32.49
N ILE B 428 -29.02 -29.52 -31.68
CA ILE B 428 -29.09 -30.97 -31.68
C ILE B 428 -30.46 -31.44 -31.17
N GLU B 429 -30.98 -30.78 -30.13
CA GLU B 429 -32.29 -31.15 -29.62
C GLU B 429 -33.38 -30.91 -30.65
N GLY B 430 -33.31 -29.80 -31.38
CA GLY B 430 -34.27 -29.56 -32.45
C GLY B 430 -34.16 -30.57 -33.57
N ALA B 431 -32.93 -30.93 -33.94
CA ALA B 431 -32.73 -31.94 -34.98
C ALA B 431 -33.31 -33.28 -34.56
N PHE B 432 -33.11 -33.67 -33.30
CA PHE B 432 -33.71 -34.92 -32.81
C PHE B 432 -35.22 -34.82 -32.76
N ARG B 433 -35.74 -33.66 -32.33
CA ARG B 433 -37.18 -33.50 -32.22
C ARG B 433 -37.87 -33.58 -33.58
N GLN B 434 -37.21 -33.06 -34.62
CA GLN B 434 -37.77 -33.11 -35.96
C GLN B 434 -37.50 -34.42 -36.67
N GLY B 435 -36.79 -35.36 -36.03
CA GLY B 435 -36.51 -36.64 -36.63
C GLY B 435 -35.28 -36.69 -37.51
N LEU B 436 -34.61 -35.55 -37.71
CA LEU B 436 -33.40 -35.53 -38.53
C LEU B 436 -32.30 -36.38 -37.92
N ILE B 437 -32.10 -36.25 -36.61
CA ILE B 437 -31.18 -37.10 -35.87
C ILE B 437 -31.96 -38.28 -35.31
N ARG B 438 -31.46 -39.49 -35.54
CA ARG B 438 -32.17 -40.71 -35.16
C ARG B 438 -31.61 -41.38 -33.93
N VAL B 439 -30.31 -41.23 -33.64
CA VAL B 439 -29.71 -41.74 -32.42
C VAL B 439 -29.08 -40.56 -31.69
N LEU B 440 -29.44 -40.40 -30.42
CA LEU B 440 -28.93 -39.29 -29.62
C LEU B 440 -28.30 -39.85 -28.35
N ALA B 441 -26.97 -39.82 -28.28
CA ALA B 441 -26.26 -40.24 -27.07
C ALA B 441 -26.17 -39.03 -26.14
N ALA B 442 -26.99 -39.03 -25.10
CA ALA B 442 -27.10 -37.91 -24.17
C ALA B 442 -26.68 -38.35 -22.77
N THR B 443 -26.51 -37.37 -21.90
CA THR B 443 -26.16 -37.60 -20.51
C THR B 443 -27.43 -37.46 -19.66
N SER B 444 -27.27 -37.54 -18.34
CA SER B 444 -28.42 -37.42 -17.45
C SER B 444 -28.98 -36.01 -17.39
N THR B 445 -28.22 -35.01 -17.84
CA THR B 445 -28.69 -33.63 -17.78
C THR B 445 -29.92 -33.41 -18.65
N LEU B 446 -29.99 -34.10 -19.77
CA LEU B 446 -31.16 -33.99 -20.64
C LEU B 446 -32.40 -34.48 -19.90
N SER B 447 -32.30 -35.61 -19.20
CA SER B 447 -33.45 -36.17 -18.50
C SER B 447 -34.34 -35.14 -17.80
N SER B 448 -33.72 -34.23 -17.06
CA SER B 448 -34.48 -33.23 -16.32
C SER B 448 -34.75 -31.97 -17.13
N GLY B 449 -34.22 -31.88 -18.34
CA GLY B 449 -34.35 -30.67 -19.13
C GLY B 449 -35.60 -30.61 -19.98
N VAL B 450 -35.41 -30.37 -21.28
CA VAL B 450 -36.51 -30.13 -22.21
C VAL B 450 -37.30 -31.41 -22.45
N ASN B 451 -38.47 -31.27 -23.06
CA ASN B 451 -39.33 -32.41 -23.39
C ASN B 451 -38.90 -32.96 -24.74
N LEU B 452 -38.11 -34.03 -24.70
CA LEU B 452 -37.54 -34.65 -25.90
C LEU B 452 -37.87 -36.14 -25.88
N PRO B 453 -39.02 -36.53 -26.44
CA PRO B 453 -39.41 -37.94 -26.41
C PRO B 453 -38.76 -38.73 -27.53
N ALA B 454 -38.41 -39.99 -27.21
CA ALA B 454 -37.82 -40.92 -28.15
C ALA B 454 -38.55 -42.25 -28.06
N ARG B 455 -38.63 -42.95 -29.20
CA ARG B 455 -39.38 -44.20 -29.23
C ARG B 455 -38.79 -45.23 -28.27
N ARG B 456 -37.47 -45.34 -28.24
CA ARG B 456 -36.79 -46.24 -27.34
C ARG B 456 -35.74 -45.45 -26.56
N VAL B 457 -35.73 -45.63 -25.25
CA VAL B 457 -34.73 -45.01 -24.39
C VAL B 457 -33.85 -46.13 -23.85
N ILE B 458 -32.59 -46.14 -24.27
CA ILE B 458 -31.62 -47.13 -23.82
C ILE B 458 -30.72 -46.47 -22.80
N ILE B 459 -30.74 -46.99 -21.58
CA ILE B 459 -29.89 -46.50 -20.51
C ILE B 459 -28.73 -47.49 -20.38
N ARG B 460 -27.58 -47.10 -20.91
CA ARG B 460 -26.43 -48.00 -20.97
C ARG B 460 -26.14 -48.76 -19.70
N THR B 461 -25.94 -48.05 -18.61
CA THR B 461 -25.57 -48.69 -17.37
C THR B 461 -26.39 -48.14 -16.22
N PRO B 462 -26.72 -48.97 -15.22
CA PRO B 462 -27.38 -48.45 -14.02
C PRO B 462 -26.47 -47.61 -13.14
N ILE B 463 -25.15 -47.73 -13.31
CA ILE B 463 -24.19 -46.95 -12.52
C ILE B 463 -23.89 -45.68 -13.30
N PHE B 464 -24.32 -44.54 -12.76
CA PHE B 464 -24.12 -43.24 -13.39
C PHE B 464 -23.15 -42.43 -12.54
N GLY B 465 -21.97 -42.15 -13.08
CA GLY B 465 -20.97 -41.37 -12.37
C GLY B 465 -20.43 -42.03 -11.13
N GLY B 466 -20.25 -43.36 -11.15
CA GLY B 466 -19.74 -44.08 -10.02
C GLY B 466 -20.75 -44.39 -8.94
N ARG B 467 -22.00 -43.98 -9.11
CA ARG B 467 -23.06 -44.22 -8.15
C ARG B 467 -24.28 -44.76 -8.87
N PRO B 468 -25.13 -45.53 -8.18
CA PRO B 468 -26.35 -46.04 -8.81
C PRO B 468 -27.23 -44.90 -9.28
N LEU B 469 -27.90 -45.14 -10.42
CA LEU B 469 -28.78 -44.13 -10.98
C LEU B 469 -29.91 -43.81 -10.00
N ASP B 470 -30.20 -42.51 -9.86
CA ASP B 470 -31.27 -42.09 -8.97
C ASP B 470 -32.61 -42.57 -9.50
N ILE B 471 -33.50 -42.93 -8.58
CA ILE B 471 -34.82 -43.40 -8.98
C ILE B 471 -35.61 -42.28 -9.65
N LEU B 472 -35.46 -41.05 -9.16
CA LEU B 472 -36.08 -39.91 -9.84
C LEU B 472 -35.46 -39.69 -11.21
N THR B 473 -34.13 -39.79 -11.30
CA THR B 473 -33.46 -39.64 -12.59
C THR B 473 -33.88 -40.75 -13.54
N TYR B 474 -33.97 -41.99 -13.05
CA TYR B 474 -34.38 -43.10 -13.91
C TYR B 474 -35.80 -42.90 -14.41
N LYS B 475 -36.71 -42.46 -13.53
CA LYS B 475 -38.08 -42.19 -13.96
C LYS B 475 -38.12 -41.07 -14.98
N GLN B 476 -37.30 -40.03 -14.79
CA GLN B 476 -37.25 -38.94 -15.74
C GLN B 476 -36.78 -39.41 -17.11
N MET B 477 -35.75 -40.26 -17.14
CA MET B 477 -35.27 -40.80 -18.41
C MET B 477 -36.33 -41.65 -19.09
N VAL B 478 -36.88 -42.63 -18.36
CA VAL B 478 -37.82 -43.57 -18.99
C VAL B 478 -39.19 -42.96 -19.25
N GLY B 479 -39.47 -41.76 -18.72
CA GLY B 479 -40.71 -41.10 -19.10
C GLY B 479 -40.70 -40.51 -20.49
N ARG B 480 -39.52 -40.44 -21.13
CA ARG B 480 -39.41 -39.97 -22.50
C ARG B 480 -39.63 -41.06 -23.53
N ALA B 481 -39.79 -42.31 -23.09
CA ALA B 481 -39.97 -43.43 -24.01
C ALA B 481 -41.40 -43.40 -24.53
N GLY B 482 -41.55 -43.10 -25.82
CA GLY B 482 -42.86 -43.06 -26.44
C GLY B 482 -43.30 -41.66 -26.81
N ARG B 483 -43.50 -41.41 -28.10
CA ARG B 483 -43.99 -40.13 -28.58
C ARG B 483 -45.51 -40.16 -28.64
N LYS B 484 -46.15 -39.18 -28.02
CA LYS B 484 -47.61 -39.12 -28.00
C LYS B 484 -48.13 -38.83 -29.40
N GLY B 485 -49.11 -39.62 -29.83
CA GLY B 485 -49.73 -39.43 -31.13
C GLY B 485 -48.96 -40.02 -32.29
N VAL B 486 -47.80 -40.64 -32.06
CA VAL B 486 -47.02 -41.24 -33.13
C VAL B 486 -46.82 -42.72 -32.83
N ASP B 487 -46.19 -43.03 -31.70
CA ASP B 487 -45.94 -44.40 -31.33
C ASP B 487 -47.18 -45.03 -30.68
N THR B 488 -47.28 -46.34 -30.83
CA THR B 488 -48.30 -47.10 -30.11
C THR B 488 -47.86 -47.46 -28.71
N VAL B 489 -46.58 -47.74 -28.51
CA VAL B 489 -46.00 -48.03 -27.20
C VAL B 489 -44.66 -47.31 -27.10
N GLY B 490 -44.10 -47.32 -25.91
CA GLY B 490 -42.75 -46.80 -25.69
C GLY B 490 -41.94 -47.81 -24.92
N GLU B 491 -40.66 -47.89 -25.24
CA GLU B 491 -39.77 -48.90 -24.69
C GLU B 491 -38.62 -48.24 -23.95
N SER B 492 -38.34 -48.72 -22.75
CA SER B 492 -37.13 -48.37 -22.02
C SER B 492 -36.33 -49.64 -21.79
N ILE B 493 -35.05 -49.60 -22.12
CA ILE B 493 -34.17 -50.75 -22.01
C ILE B 493 -32.97 -50.31 -21.19
N LEU B 494 -32.86 -50.84 -19.96
CA LEU B 494 -31.71 -50.57 -19.11
C LEU B 494 -30.75 -51.75 -19.24
N ILE B 495 -29.54 -51.48 -19.71
CA ILE B 495 -28.57 -52.54 -20.01
C ILE B 495 -27.78 -52.79 -18.73
N CYS B 496 -27.96 -53.97 -18.14
CA CYS B 496 -27.21 -54.34 -16.94
C CYS B 496 -26.55 -55.69 -17.14
N LYS B 497 -25.79 -56.15 -16.16
CA LYS B 497 -25.11 -57.43 -16.29
C LYS B 497 -24.56 -57.94 -14.96
N ASN B 498 -24.35 -59.24 -14.86
CA ASN B 498 -23.78 -59.81 -13.64
C ASN B 498 -24.41 -59.19 -12.39
N SER B 499 -23.58 -58.69 -11.50
CA SER B 499 -24.08 -58.08 -10.28
C SER B 499 -24.92 -56.86 -10.60
N GLU B 500 -24.48 -56.07 -11.58
CA GLU B 500 -25.23 -54.88 -11.96
C GLU B 500 -26.72 -55.21 -12.12
N LYS B 501 -27.02 -56.45 -12.48
CA LYS B 501 -28.41 -56.84 -12.62
C LYS B 501 -29.23 -56.47 -11.39
N SER B 502 -28.64 -56.58 -10.20
CA SER B 502 -29.36 -56.30 -8.97
C SER B 502 -29.80 -54.84 -8.90
N LYS B 503 -28.88 -53.91 -9.17
CA LYS B 503 -29.23 -52.49 -9.17
C LYS B 503 -30.23 -52.17 -10.27
N GLY B 504 -30.13 -52.85 -11.41
CA GLY B 504 -31.09 -52.62 -12.47
C GLY B 504 -32.50 -53.04 -12.08
N ILE B 505 -32.62 -54.22 -11.46
CA ILE B 505 -33.94 -54.65 -11.03
C ILE B 505 -34.45 -53.79 -9.88
N ALA B 506 -33.55 -53.27 -9.04
CA ALA B 506 -33.97 -52.33 -8.00
C ALA B 506 -34.52 -51.05 -8.60
N LEU B 507 -33.87 -50.53 -9.64
CA LEU B 507 -34.38 -49.37 -10.34
C LEU B 507 -35.73 -49.67 -11.00
N LEU B 508 -35.86 -50.87 -11.56
CA LEU B 508 -37.11 -51.27 -12.21
C LEU B 508 -38.26 -51.30 -11.21
N GLN B 509 -38.02 -51.87 -10.03
CA GLN B 509 -39.06 -52.03 -9.02
C GLN B 509 -39.05 -50.95 -7.95
N GLY B 510 -38.18 -49.94 -8.07
CA GLY B 510 -38.11 -48.90 -7.08
C GLY B 510 -39.23 -47.86 -7.23
N SER B 511 -39.28 -46.97 -6.25
CA SER B 511 -40.26 -45.89 -6.24
C SER B 511 -39.61 -44.63 -5.69
N LEU B 512 -40.24 -43.49 -5.96
CA LEU B 512 -39.68 -42.20 -5.59
C LEU B 512 -39.63 -42.04 -4.07
N LYS B 513 -38.54 -41.43 -3.59
CA LYS B 513 -38.40 -41.15 -2.17
C LYS B 513 -39.34 -40.04 -1.75
N PRO B 514 -39.76 -40.01 -0.48
CA PRO B 514 -40.66 -38.94 -0.03
C PRO B 514 -39.97 -37.59 -0.01
N VAL B 515 -40.79 -36.54 -0.15
CA VAL B 515 -40.27 -35.18 -0.16
C VAL B 515 -39.82 -34.77 1.24
N ARG B 516 -38.86 -33.86 1.30
CA ARG B 516 -38.28 -33.38 2.54
C ARG B 516 -38.54 -31.88 2.69
N SER B 517 -37.91 -31.27 3.68
CA SER B 517 -38.08 -29.86 3.98
C SER B 517 -36.80 -29.05 3.89
N CYS B 518 -35.67 -29.63 4.29
CA CYS B 518 -34.36 -28.99 4.22
C CYS B 518 -34.28 -27.76 5.11
N LEU B 519 -35.24 -27.58 6.01
CA LEU B 519 -35.19 -26.49 6.98
C LEU B 519 -34.79 -27.03 8.34
N VAL B 527 -29.03 -24.63 13.64
CA VAL B 527 -29.35 -23.59 12.67
C VAL B 527 -28.98 -24.06 11.27
N THR B 528 -29.66 -23.52 10.26
CA THR B 528 -29.38 -23.87 8.88
C THR B 528 -29.55 -22.64 8.00
N GLY B 529 -28.88 -22.68 6.85
CA GLY B 529 -28.90 -21.52 5.97
C GLY B 529 -30.30 -21.20 5.45
N SER B 530 -31.10 -22.23 5.21
CA SER B 530 -32.46 -22.01 4.73
C SER B 530 -33.33 -21.33 5.78
N MET B 531 -33.24 -21.78 7.04
CA MET B 531 -34.05 -21.16 8.08
C MET B 531 -33.58 -19.73 8.37
N ILE B 532 -32.28 -19.49 8.29
CA ILE B 532 -31.75 -18.14 8.42
C ILE B 532 -32.31 -17.26 7.32
N ARG B 533 -32.31 -17.76 6.08
CA ARG B 533 -32.85 -17.00 4.96
C ARG B 533 -34.33 -16.72 5.15
N ALA B 534 -35.10 -17.71 5.62
CA ALA B 534 -36.53 -17.51 5.80
C ALA B 534 -36.82 -16.50 6.90
N ILE B 535 -36.11 -16.58 8.02
CA ILE B 535 -36.30 -15.62 9.11
C ILE B 535 -35.95 -14.22 8.65
N LEU B 536 -34.82 -14.07 7.95
CA LEU B 536 -34.48 -12.75 7.43
C LEU B 536 -35.53 -12.26 6.45
N GLU B 537 -36.06 -13.16 5.62
CA GLU B 537 -37.04 -12.77 4.63
C GLU B 537 -38.30 -12.24 5.28
N ILE B 538 -38.77 -12.89 6.34
CA ILE B 538 -40.00 -12.43 6.97
C ILE B 538 -39.77 -11.18 7.80
N ILE B 539 -38.67 -11.11 8.55
CA ILE B 539 -38.46 -9.96 9.42
C ILE B 539 -38.21 -8.70 8.59
N VAL B 540 -37.28 -8.80 7.63
CA VAL B 540 -36.90 -7.63 6.85
C VAL B 540 -38.06 -7.15 5.98
N GLY B 541 -38.90 -8.07 5.53
CA GLY B 541 -40.09 -7.67 4.80
C GLY B 541 -41.11 -6.95 5.65
N GLY B 542 -40.95 -7.00 6.97
CA GLY B 542 -41.90 -6.40 7.88
C GLY B 542 -43.15 -7.22 8.12
N VAL B 543 -43.21 -8.43 7.57
CA VAL B 543 -44.41 -9.26 7.68
C VAL B 543 -44.54 -9.87 9.07
N ALA B 544 -43.43 -10.10 9.75
CA ALA B 544 -43.43 -10.64 11.10
C ALA B 544 -42.45 -9.83 11.94
N SER B 545 -42.84 -9.51 13.16
CA SER B 545 -42.00 -8.69 14.04
C SER B 545 -41.62 -9.39 15.33
N THR B 546 -42.59 -9.95 16.06
CA THR B 546 -42.29 -10.53 17.35
C THR B 546 -41.95 -12.02 17.22
N SER B 547 -41.24 -12.53 18.22
CA SER B 547 -40.81 -13.93 18.18
C SER B 547 -42.01 -14.88 18.25
N GLN B 548 -43.11 -14.47 18.86
CA GLN B 548 -44.33 -15.26 18.76
C GLN B 548 -44.77 -15.39 17.32
N ASP B 549 -44.76 -14.28 16.58
CA ASP B 549 -45.01 -14.34 15.14
C ASP B 549 -43.94 -15.15 14.43
N MET B 550 -42.72 -15.15 14.96
CA MET B 550 -41.63 -15.87 14.29
C MET B 550 -41.86 -17.37 14.36
N HIS B 551 -42.33 -17.86 15.51
CA HIS B 551 -42.69 -19.26 15.66
C HIS B 551 -44.00 -19.58 14.95
N THR B 552 -44.92 -18.61 14.86
CA THR B 552 -46.12 -18.80 14.06
C THR B 552 -45.76 -19.03 12.61
N TYR B 553 -44.78 -18.30 12.09
CA TYR B 553 -44.32 -18.50 10.72
C TYR B 553 -43.79 -19.91 10.53
N ALA B 554 -42.92 -20.37 11.43
CA ALA B 554 -42.40 -21.73 11.35
C ALA B 554 -43.49 -22.78 11.52
N ALA B 555 -44.62 -22.41 12.14
CA ALA B 555 -45.80 -23.27 12.19
C ALA B 555 -46.55 -23.32 10.87
N CYS B 556 -46.14 -22.53 9.88
CA CYS B 556 -46.73 -22.55 8.55
C CYS B 556 -45.87 -23.25 7.51
N THR B 557 -44.65 -23.66 7.86
CA THR B 557 -43.72 -24.25 6.92
C THR B 557 -44.03 -25.73 6.70
N PHE B 558 -43.25 -26.36 5.82
CA PHE B 558 -43.42 -27.78 5.56
C PHE B 558 -42.99 -28.63 6.75
N LEU B 559 -42.08 -28.11 7.59
CA LEU B 559 -41.72 -28.82 8.80
C LEU B 559 -42.92 -29.00 9.72
N ALA B 560 -43.72 -27.94 9.87
CA ALA B 560 -44.93 -28.04 10.70
C ALA B 560 -45.95 -28.99 10.10
N ALA B 561 -46.00 -29.11 8.77
CA ALA B 561 -46.91 -30.05 8.13
C ALA B 561 -46.39 -31.48 8.13
N SER B 562 -45.06 -31.66 8.11
CA SER B 562 -44.50 -33.00 8.14
C SER B 562 -44.85 -33.72 9.44
N MET B 563 -44.80 -33.00 10.55
CA MET B 563 -45.18 -33.57 11.84
C MET B 563 -46.69 -33.66 11.98
N GLY B 580 -37.16 -22.94 18.99
CA GLY B 580 -35.86 -23.56 19.07
C GLY B 580 -34.94 -23.18 17.93
N ALA B 581 -35.28 -23.64 16.72
CA ALA B 581 -34.50 -23.26 15.54
C ALA B 581 -34.67 -21.78 15.22
N ILE B 582 -35.89 -21.27 15.37
CA ILE B 582 -36.15 -19.86 15.07
C ILE B 582 -35.42 -18.95 16.05
N GLU B 583 -35.34 -19.36 17.32
CA GLU B 583 -34.58 -18.58 18.29
C GLU B 583 -33.10 -18.52 17.91
N ALA B 584 -32.54 -19.65 17.47
CA ALA B 584 -31.15 -19.67 17.03
C ALA B 584 -30.94 -18.80 15.80
N CYS B 585 -31.88 -18.84 14.86
CA CYS B 585 -31.76 -18.00 13.66
C CYS B 585 -31.83 -16.52 14.02
N VAL B 586 -32.73 -16.15 14.93
CA VAL B 586 -32.83 -14.76 15.36
C VAL B 586 -31.56 -14.34 16.07
N MET B 587 -31.01 -15.22 16.90
CA MET B 587 -29.75 -14.90 17.58
C MET B 587 -28.62 -14.70 16.57
N TRP B 588 -28.56 -15.54 15.54
CA TRP B 588 -27.52 -15.41 14.53
C TRP B 588 -27.68 -14.11 13.73
N LEU B 589 -28.93 -13.74 13.41
CA LEU B 589 -29.15 -12.50 12.69
C LEU B 589 -28.89 -11.28 13.55
N LEU B 590 -29.11 -11.39 14.86
CA LEU B 590 -28.83 -10.26 15.76
C LEU B 590 -27.34 -10.10 15.99
N GLU B 591 -26.62 -11.21 16.18
CA GLU B 591 -25.19 -11.16 16.44
C GLU B 591 -24.38 -10.80 15.20
N ASN B 592 -24.98 -10.81 14.01
CA ASN B 592 -24.30 -10.47 12.77
C ASN B 592 -24.79 -9.15 12.18
N GLU B 593 -25.47 -8.35 12.99
CA GLU B 593 -25.90 -7.00 12.61
C GLU B 593 -26.83 -6.99 11.39
N PHE B 594 -27.47 -8.13 11.10
CA PHE B 594 -28.52 -8.15 10.10
C PHE B 594 -29.81 -7.55 10.63
N ILE B 595 -30.00 -7.55 11.95
CA ILE B 595 -31.28 -7.22 12.55
C ILE B 595 -31.01 -6.54 13.88
N GLN B 596 -31.82 -5.54 14.21
CA GLN B 596 -31.72 -4.84 15.49
C GLN B 596 -32.93 -5.18 16.36
N SER B 597 -32.72 -5.17 17.67
CA SER B 597 -33.76 -5.49 18.64
C SER B 597 -34.11 -4.26 19.46
N THR B 598 -35.40 -3.92 19.50
CA THR B 598 -35.92 -2.84 20.30
C THR B 598 -36.91 -3.38 21.31
N LYS B 607 -38.83 -7.63 22.53
CA LYS B 607 -37.70 -7.65 21.61
C LYS B 607 -38.18 -7.64 20.16
N VAL B 608 -38.71 -6.49 19.73
CA VAL B 608 -39.18 -6.38 18.35
C VAL B 608 -37.97 -6.28 17.43
N TYR B 609 -37.99 -7.05 16.35
CA TYR B 609 -36.85 -7.16 15.45
C TYR B 609 -37.10 -6.31 14.20
N HIS B 610 -36.17 -5.39 13.91
CA HIS B 610 -36.27 -4.53 12.76
C HIS B 610 -35.08 -4.72 11.84
N PRO B 611 -35.28 -4.65 10.53
CA PRO B 611 -34.14 -4.78 9.60
C PRO B 611 -33.18 -3.61 9.74
N THR B 612 -31.90 -3.91 9.57
CA THR B 612 -30.88 -2.87 9.51
C THR B 612 -30.67 -2.48 8.05
N HIS B 613 -29.59 -1.74 7.78
CA HIS B 613 -29.24 -1.47 6.39
C HIS B 613 -28.64 -2.69 5.72
N LEU B 614 -27.76 -3.42 6.43
CA LEU B 614 -27.22 -4.64 5.88
C LEU B 614 -28.29 -5.72 5.75
N GLY B 615 -29.18 -5.82 6.73
CA GLY B 615 -30.26 -6.79 6.64
C GLY B 615 -31.24 -6.48 5.52
N SER B 616 -31.51 -5.20 5.28
CA SER B 616 -32.35 -4.82 4.15
C SER B 616 -31.64 -5.06 2.83
N ALA B 617 -30.34 -4.80 2.77
CA ALA B 617 -29.57 -4.99 1.54
C ALA B 617 -29.41 -6.46 1.20
N THR B 618 -29.31 -7.33 2.20
CA THR B 618 -29.24 -8.76 1.93
C THR B 618 -30.53 -9.28 1.31
N LEU B 619 -31.68 -8.84 1.85
CA LEU B 619 -32.95 -9.29 1.31
C LEU B 619 -33.23 -8.69 -0.06
N SER B 620 -32.79 -7.46 -0.27
CA SER B 620 -32.95 -6.85 -1.60
C SER B 620 -32.12 -7.56 -2.67
N SER B 621 -30.82 -7.67 -2.49
CA SER B 621 -29.96 -8.26 -3.54
C SER B 621 -30.03 -9.79 -3.61
N SER B 622 -31.04 -10.39 -3.00
CA SER B 622 -31.23 -11.85 -3.08
C SER B 622 -29.99 -12.72 -2.92
N LEU B 623 -29.21 -12.51 -1.86
CA LEU B 623 -28.08 -13.39 -1.59
C LEU B 623 -28.26 -14.05 -0.24
N SER B 624 -27.64 -15.20 -0.08
CA SER B 624 -27.71 -15.90 1.20
C SER B 624 -27.06 -15.05 2.28
N PRO B 625 -27.68 -14.88 3.44
CA PRO B 625 -27.03 -14.11 4.50
C PRO B 625 -25.69 -14.68 4.92
N ALA B 626 -25.47 -15.98 4.74
CA ALA B 626 -24.17 -16.56 5.03
C ALA B 626 -23.10 -15.99 4.11
N ASP B 627 -23.40 -15.91 2.81
CA ASP B 627 -22.44 -15.37 1.85
C ASP B 627 -22.37 -13.85 1.89
N THR B 628 -23.46 -13.19 2.28
CA THR B 628 -23.51 -11.73 2.24
C THR B 628 -22.51 -11.10 3.19
N LEU B 629 -22.15 -11.79 4.28
CA LEU B 629 -21.14 -11.24 5.18
C LEU B 629 -19.79 -11.09 4.48
N ASP B 630 -19.31 -12.17 3.86
CA ASP B 630 -18.04 -12.09 3.15
C ASP B 630 -18.15 -11.21 1.91
N ILE B 631 -19.32 -11.14 1.30
CA ILE B 631 -19.51 -10.22 0.16
C ILE B 631 -19.39 -8.78 0.62
N PHE B 632 -19.99 -8.46 1.76
CA PHE B 632 -19.88 -7.12 2.34
C PHE B 632 -18.42 -6.79 2.65
N ALA B 633 -17.71 -7.73 3.26
CA ALA B 633 -16.31 -7.50 3.58
C ALA B 633 -15.48 -7.27 2.32
N ASP B 634 -15.72 -8.08 1.29
CA ASP B 634 -14.94 -7.96 0.05
C ASP B 634 -15.22 -6.65 -0.67
N LEU B 635 -16.49 -6.27 -0.78
CA LEU B 635 -16.81 -4.98 -1.42
C LEU B 635 -16.27 -3.81 -0.62
N GLN B 636 -16.39 -3.86 0.72
CA GLN B 636 -15.88 -2.79 1.57
C GLN B 636 -14.36 -2.67 1.46
N ARG B 637 -13.66 -3.80 1.35
CA ARG B 637 -12.22 -3.74 1.11
C ARG B 637 -11.90 -3.22 -0.29
N ALA B 638 -12.76 -3.52 -1.28
CA ALA B 638 -12.51 -3.06 -2.63
C ALA B 638 -12.68 -1.56 -2.78
N MET B 639 -13.63 -0.97 -2.04
CA MET B 639 -13.80 0.48 -2.12
C MET B 639 -12.56 1.22 -1.65
N LYS B 640 -11.88 0.72 -0.62
CA LYS B 640 -10.71 1.41 -0.09
C LYS B 640 -9.60 1.52 -1.14
N GLY B 641 -9.35 0.44 -1.87
CA GLY B 641 -8.39 0.48 -2.95
C GLY B 641 -8.92 -0.23 -4.18
N PHE B 642 -9.08 0.49 -5.28
CA PHE B 642 -9.66 -0.04 -6.50
C PHE B 642 -8.73 0.24 -7.67
N VAL B 643 -8.77 -0.65 -8.66
CA VAL B 643 -7.97 -0.53 -9.88
C VAL B 643 -8.95 -0.30 -11.02
N LEU B 644 -8.90 0.90 -11.60
CA LEU B 644 -9.83 1.30 -12.65
C LEU B 644 -9.24 1.20 -14.04
N GLU B 645 -7.99 0.78 -14.19
CA GLU B 645 -7.34 0.72 -15.49
C GLU B 645 -7.57 -0.60 -16.21
N ASN B 646 -8.34 -1.50 -15.62
CA ASN B 646 -8.79 -2.71 -16.30
C ASN B 646 -10.17 -3.05 -15.74
N ASP B 647 -10.77 -4.11 -16.28
CA ASP B 647 -12.07 -4.58 -15.80
C ASP B 647 -11.93 -5.78 -14.88
N LEU B 648 -10.71 -6.11 -14.45
CA LEU B 648 -10.49 -7.30 -13.65
C LEU B 648 -10.93 -7.12 -12.20
N HIS B 649 -10.77 -5.92 -11.64
CA HIS B 649 -11.23 -5.71 -10.26
C HIS B 649 -12.75 -5.67 -10.17
N ILE B 650 -13.42 -5.10 -11.18
CA ILE B 650 -14.88 -5.13 -11.22
C ILE B 650 -15.41 -6.50 -11.56
N LEU B 651 -14.54 -7.42 -11.98
CA LEU B 651 -14.92 -8.79 -12.29
C LEU B 651 -14.65 -9.75 -11.14
N TYR B 652 -13.57 -9.53 -10.38
CA TYR B 652 -13.31 -10.35 -9.22
C TYR B 652 -14.41 -10.20 -8.18
N LEU B 653 -15.06 -9.04 -8.13
CA LEU B 653 -16.17 -8.83 -7.21
C LEU B 653 -17.45 -9.51 -7.68
N VAL B 654 -17.65 -9.59 -9.01
CA VAL B 654 -18.84 -10.24 -9.56
C VAL B 654 -18.60 -11.69 -9.92
N THR B 655 -17.41 -12.21 -9.69
CA THR B 655 -17.15 -13.62 -9.92
C THR B 655 -17.79 -14.42 -8.78
N PRO B 656 -18.73 -15.32 -9.06
CA PRO B 656 -19.48 -15.96 -7.97
C PRO B 656 -18.60 -16.77 -7.02
N MET B 657 -17.93 -17.77 -7.56
CA MET B 657 -17.08 -18.67 -6.79
C MET B 657 -16.36 -19.57 -7.80
N PHE B 658 -15.65 -20.57 -7.29
CA PHE B 658 -15.12 -21.61 -8.18
C PHE B 658 -16.12 -22.75 -8.36
N GLU B 659 -16.74 -23.17 -7.25
CA GLU B 659 -17.66 -24.30 -7.32
C GLU B 659 -16.96 -25.44 -8.00
N ASP B 660 -17.53 -25.92 -9.09
CA ASP B 660 -16.88 -26.96 -9.88
C ASP B 660 -17.02 -26.69 -11.37
N TRP B 661 -17.07 -25.41 -11.75
CA TRP B 661 -17.34 -25.06 -13.14
C TRP B 661 -16.28 -25.58 -14.10
N THR B 662 -15.09 -25.91 -13.59
CA THR B 662 -14.04 -26.47 -14.44
C THR B 662 -13.03 -27.18 -13.53
N THR B 663 -12.17 -27.98 -14.16
CA THR B 663 -11.01 -28.57 -13.50
C THR B 663 -9.81 -27.72 -13.85
N ILE B 664 -9.39 -26.88 -12.90
CA ILE B 664 -8.33 -25.90 -13.18
C ILE B 664 -7.00 -26.62 -13.35
N ASP B 665 -6.30 -26.29 -14.44
CA ASP B 665 -4.96 -26.81 -14.69
C ASP B 665 -3.96 -25.85 -14.09
N TRP B 666 -3.20 -26.28 -13.10
CA TRP B 666 -2.28 -25.36 -12.42
C TRP B 666 -1.19 -24.79 -13.32
N TYR B 667 -0.55 -25.65 -14.11
CA TYR B 667 0.51 -25.17 -14.99
C TYR B 667 -0.03 -24.11 -15.93
N ARG B 668 -1.19 -24.38 -16.53
CA ARG B 668 -1.78 -23.43 -17.46
C ARG B 668 -2.04 -22.11 -16.79
N PHE B 669 -2.61 -22.15 -15.59
CA PHE B 669 -2.87 -20.93 -14.84
C PHE B 669 -1.58 -20.14 -14.61
N PHE B 670 -0.53 -20.80 -14.15
CA PHE B 670 0.72 -20.10 -13.88
C PHE B 670 1.28 -19.48 -15.15
N CYS B 671 1.13 -20.19 -16.26
CA CYS B 671 1.60 -19.67 -17.54
C CYS B 671 0.84 -18.41 -17.91
N LEU B 672 -0.49 -18.45 -17.83
CA LEU B 672 -1.28 -17.26 -18.13
C LEU B 672 -0.81 -16.13 -17.24
N TRP B 673 -0.60 -16.44 -15.97
CA TRP B 673 -0.21 -15.41 -14.99
C TRP B 673 1.14 -14.82 -15.32
N GLU B 674 2.05 -15.66 -15.82
CA GLU B 674 3.36 -15.17 -16.20
C GLU B 674 3.24 -14.25 -17.40
N LYS B 675 2.07 -14.26 -18.04
CA LYS B 675 1.86 -13.43 -19.22
C LYS B 675 0.67 -12.48 -19.07
N LEU B 676 0.50 -11.87 -17.90
CA LEU B 676 -0.56 -10.91 -17.73
C LEU B 676 -0.04 -9.50 -17.94
N PRO B 677 -0.91 -8.55 -18.27
CA PRO B 677 -0.48 -7.16 -18.44
C PRO B 677 0.24 -6.64 -17.21
N THR B 678 0.91 -5.50 -17.37
CA THR B 678 1.61 -4.91 -16.23
C THR B 678 0.64 -4.31 -15.22
N SER B 679 -0.66 -4.54 -15.41
CA SER B 679 -1.66 -3.96 -14.51
C SER B 679 -2.56 -5.00 -13.85
N MET B 680 -2.58 -6.20 -14.40
CA MET B 680 -3.43 -7.26 -13.84
C MET B 680 -2.93 -7.71 -12.48
N LYS B 681 -1.66 -8.12 -12.42
CA LYS B 681 -1.08 -8.55 -11.16
C LYS B 681 -1.26 -7.51 -10.07
N ARG B 682 -1.46 -6.23 -10.42
CA ARG B 682 -1.88 -5.25 -9.43
C ARG B 682 -3.23 -5.61 -8.84
N VAL B 683 -4.23 -5.89 -9.70
CA VAL B 683 -5.51 -6.40 -9.23
C VAL B 683 -5.39 -7.73 -8.51
N ALA B 684 -4.54 -8.63 -8.99
CA ALA B 684 -4.31 -9.91 -8.34
C ALA B 684 -3.79 -9.76 -6.92
N GLU B 685 -2.81 -8.90 -6.68
CA GLU B 685 -2.31 -8.66 -5.33
C GLU B 685 -3.20 -7.77 -4.50
N LEU B 686 -4.09 -6.97 -5.10
CA LEU B 686 -5.03 -6.20 -4.30
C LEU B 686 -6.21 -7.00 -3.80
N VAL B 687 -6.44 -8.20 -4.34
CA VAL B 687 -7.57 -9.03 -3.94
C VAL B 687 -7.14 -10.21 -3.09
N GLY B 688 -5.86 -10.59 -3.16
CA GLY B 688 -5.35 -11.63 -2.30
C GLY B 688 -4.50 -12.66 -3.00
N VAL B 689 -4.50 -12.65 -4.33
CA VAL B 689 -3.71 -13.61 -5.09
C VAL B 689 -2.22 -13.36 -4.85
N GLU B 690 -1.42 -14.38 -5.14
CA GLU B 690 0.01 -14.35 -4.86
C GLU B 690 0.76 -14.87 -6.08
N GLU B 691 2.05 -15.11 -5.91
CA GLU B 691 2.86 -15.77 -6.94
C GLU B 691 3.53 -16.99 -6.32
N GLY B 692 3.90 -16.89 -5.05
CA GLY B 692 4.37 -18.04 -4.31
C GLY B 692 3.34 -19.14 -4.19
N PHE B 693 2.06 -18.78 -4.15
CA PHE B 693 0.95 -19.71 -4.28
C PHE B 693 0.04 -19.15 -5.37
N LEU B 694 0.37 -19.48 -6.62
CA LEU B 694 -0.48 -19.10 -7.74
C LEU B 694 -0.12 -20.11 -8.81
N ALA B 695 -0.71 -21.30 -8.73
CA ALA B 695 -0.33 -22.36 -9.66
C ALA B 695 1.16 -22.66 -9.49
N ARG B 696 1.64 -22.57 -8.25
CA ARG B 696 3.04 -22.85 -7.95
C ARG B 696 3.12 -24.08 -7.09
N CYS B 697 3.07 -23.92 -5.77
CA CYS B 697 2.99 -25.09 -4.90
C CYS B 697 2.05 -26.16 -5.45
N VAL B 698 0.83 -25.76 -5.84
CA VAL B 698 -0.10 -26.73 -6.40
C VAL B 698 0.33 -27.21 -7.77
N LYS B 699 1.22 -26.47 -8.45
CA LYS B 699 1.80 -26.96 -9.70
C LYS B 699 2.63 -28.22 -9.46
N GLY B 700 3.42 -28.23 -8.39
CA GLY B 700 4.24 -29.38 -8.07
C GLY B 700 3.56 -30.32 -7.11
N LYS B 701 2.25 -30.22 -6.99
CA LYS B 701 1.48 -31.08 -6.10
C LYS B 701 0.10 -31.37 -6.68
N GLN B 709 -5.60 -22.66 4.21
CA GLN B 709 -5.42 -22.58 2.77
C GLN B 709 -6.75 -22.71 2.03
N HIS B 710 -7.84 -22.77 2.79
CA HIS B 710 -9.17 -22.86 2.21
C HIS B 710 -9.66 -21.54 1.64
N ARG B 711 -9.06 -20.42 2.03
CA ARG B 711 -9.39 -19.12 1.47
C ARG B 711 -8.48 -18.75 0.29
N GLN B 712 -7.17 -19.00 0.42
CA GLN B 712 -6.27 -18.73 -0.70
C GLN B 712 -6.61 -19.59 -1.90
N MET B 713 -7.05 -20.83 -1.66
CA MET B 713 -7.56 -21.64 -2.76
C MET B 713 -8.79 -20.99 -3.39
N ALA B 714 -9.66 -20.42 -2.57
CA ALA B 714 -10.86 -19.77 -3.08
C ALA B 714 -10.58 -18.42 -3.73
N ILE B 715 -9.38 -17.88 -3.55
CA ILE B 715 -8.99 -16.63 -4.21
C ILE B 715 -8.39 -16.91 -5.58
N HIS B 716 -7.41 -17.82 -5.65
CA HIS B 716 -6.79 -18.15 -6.93
C HIS B 716 -7.81 -18.78 -7.86
N LYS B 717 -8.61 -19.73 -7.36
CA LYS B 717 -9.70 -20.29 -8.16
C LYS B 717 -10.74 -19.25 -8.50
N ARG B 718 -10.76 -18.12 -7.79
CA ARG B 718 -11.56 -16.98 -8.20
C ARG B 718 -10.80 -16.05 -9.13
N PHE B 719 -9.47 -16.00 -9.00
CA PHE B 719 -8.67 -15.21 -9.94
C PHE B 719 -8.70 -15.82 -11.33
N PHE B 720 -8.41 -17.12 -11.43
CA PHE B 720 -8.52 -17.82 -12.70
C PHE B 720 -9.91 -17.65 -13.30
N THR B 721 -10.93 -17.87 -12.48
CA THR B 721 -12.30 -17.66 -12.93
C THR B 721 -12.53 -16.23 -13.38
N SER B 722 -11.89 -15.26 -12.71
CA SER B 722 -12.01 -13.87 -13.14
C SER B 722 -11.18 -13.56 -14.35
N LEU B 723 -10.15 -14.37 -14.63
CA LEU B 723 -9.40 -14.20 -15.88
C LEU B 723 -10.22 -14.68 -17.07
N VAL B 724 -10.88 -15.84 -16.93
CA VAL B 724 -11.69 -16.39 -18.02
C VAL B 724 -12.78 -15.41 -18.40
N LEU B 725 -13.51 -14.91 -17.41
CA LEU B 725 -14.53 -13.89 -17.68
C LEU B 725 -13.91 -12.66 -18.34
N LEU B 726 -12.66 -12.35 -17.99
CA LEU B 726 -11.97 -11.24 -18.63
C LEU B 726 -11.90 -11.44 -20.13
N ASP B 727 -11.64 -12.66 -20.58
CA ASP B 727 -11.66 -12.94 -22.01
C ASP B 727 -13.07 -13.05 -22.57
N LEU B 728 -14.06 -13.34 -21.73
CA LEU B 728 -15.44 -13.38 -22.22
C LEU B 728 -15.95 -11.98 -22.50
N ILE B 729 -15.62 -11.02 -21.64
CA ILE B 729 -16.01 -9.63 -21.87
C ILE B 729 -15.08 -8.92 -22.83
N SER B 730 -13.96 -9.54 -23.18
CA SER B 730 -13.08 -9.05 -24.24
C SER B 730 -13.43 -9.62 -25.61
N GLU B 731 -14.56 -10.34 -25.69
CA GLU B 731 -15.06 -10.90 -26.95
C GLU B 731 -14.08 -11.89 -27.58
N VAL B 732 -13.28 -12.54 -26.76
CA VAL B 732 -12.39 -13.61 -27.26
C VAL B 732 -13.25 -14.77 -27.71
N PRO B 733 -12.97 -15.40 -28.86
CA PRO B 733 -13.78 -16.54 -29.30
C PRO B 733 -13.72 -17.69 -28.31
N LEU B 734 -14.84 -18.42 -28.22
CA LEU B 734 -14.95 -19.49 -27.23
C LEU B 734 -13.88 -20.56 -27.43
N ARG B 735 -13.51 -20.83 -28.68
CA ARG B 735 -12.48 -21.84 -28.94
C ARG B 735 -11.12 -21.38 -28.45
N GLU B 736 -10.81 -20.09 -28.60
CA GLU B 736 -9.54 -19.57 -28.09
C GLU B 736 -9.51 -19.61 -26.57
N ILE B 737 -10.62 -19.27 -25.91
CA ILE B 737 -10.69 -19.38 -24.46
C ILE B 737 -10.49 -20.82 -24.03
N ASN B 738 -11.14 -21.76 -24.73
CA ASN B 738 -10.98 -23.17 -24.42
C ASN B 738 -9.53 -23.61 -24.58
N GLN B 739 -8.86 -23.16 -25.64
CA GLN B 739 -7.47 -23.57 -25.85
C GLN B 739 -6.54 -23.00 -24.78
N LYS B 740 -6.70 -21.71 -24.43
CA LYS B 740 -5.78 -21.09 -23.50
C LYS B 740 -6.06 -21.49 -22.05
N TYR B 741 -7.30 -21.83 -21.71
CA TYR B 741 -7.66 -22.15 -20.33
C TYR B 741 -7.97 -23.61 -20.08
N GLY B 742 -8.24 -24.39 -21.12
CA GLY B 742 -8.51 -25.79 -20.93
C GLY B 742 -9.92 -26.13 -20.50
N CYS B 743 -10.82 -25.15 -20.48
CA CYS B 743 -12.21 -25.36 -20.10
C CYS B 743 -13.08 -25.35 -21.35
N ASN B 744 -13.94 -26.35 -21.50
CA ASN B 744 -14.75 -26.44 -22.69
C ASN B 744 -15.80 -25.33 -22.71
N ARG B 745 -16.50 -25.24 -23.85
CA ARG B 745 -17.38 -24.10 -24.10
C ARG B 745 -18.66 -24.17 -23.26
N GLY B 746 -19.15 -25.36 -22.96
CA GLY B 746 -20.30 -25.47 -22.09
C GLY B 746 -20.02 -24.98 -20.69
N GLN B 747 -18.86 -25.34 -20.15
CA GLN B 747 -18.46 -24.83 -18.84
C GLN B 747 -18.28 -23.31 -18.86
N ILE B 748 -17.69 -22.79 -19.94
CA ILE B 748 -17.50 -21.34 -20.04
C ILE B 748 -18.84 -20.62 -20.09
N GLN B 749 -19.79 -21.14 -20.86
CA GLN B 749 -21.10 -20.51 -20.93
C GLN B 749 -21.84 -20.58 -19.60
N SER B 750 -21.76 -21.73 -18.92
CA SER B 750 -22.36 -21.85 -17.60
C SER B 750 -21.75 -20.85 -16.63
N LEU B 751 -20.42 -20.71 -16.67
CA LEU B 751 -19.73 -19.76 -15.80
C LEU B 751 -20.16 -18.34 -16.10
N GLN B 752 -20.29 -17.98 -17.37
CA GLN B 752 -20.65 -16.61 -17.70
C GLN B 752 -22.08 -16.31 -17.26
N GLN B 753 -22.98 -17.27 -17.37
CA GLN B 753 -24.35 -17.05 -16.88
C GLN B 753 -24.37 -16.88 -15.37
N SER B 754 -23.64 -17.73 -14.65
CA SER B 754 -23.58 -17.61 -13.19
C SER B 754 -22.97 -16.28 -12.78
N ALA B 755 -21.93 -15.84 -13.48
CA ALA B 755 -21.27 -14.58 -13.16
C ALA B 755 -22.17 -13.39 -13.43
N ALA B 756 -22.98 -13.46 -14.51
CA ALA B 756 -23.91 -12.37 -14.76
C ALA B 756 -24.97 -12.29 -13.67
N VAL B 757 -25.48 -13.44 -13.21
CA VAL B 757 -26.43 -13.44 -12.10
C VAL B 757 -25.80 -12.80 -10.86
N TYR B 758 -24.58 -13.22 -10.55
CA TYR B 758 -23.88 -12.70 -9.37
C TYR B 758 -23.64 -11.20 -9.50
N ALA B 759 -23.31 -10.74 -10.71
CA ALA B 759 -23.09 -9.31 -10.93
C ALA B 759 -24.36 -8.52 -10.67
N GLY B 760 -25.50 -9.03 -11.14
CA GLY B 760 -26.76 -8.35 -10.84
C GLY B 760 -27.04 -8.29 -9.35
N MET B 761 -26.80 -9.40 -8.65
CA MET B 761 -27.03 -9.42 -7.21
C MET B 761 -26.13 -8.43 -6.49
N ILE B 762 -24.85 -8.38 -6.87
CA ILE B 762 -23.92 -7.46 -6.23
C ILE B 762 -24.29 -6.02 -6.52
N THR B 763 -24.74 -5.73 -7.75
CA THR B 763 -25.17 -4.39 -8.08
C THR B 763 -26.35 -3.95 -7.22
N VAL B 764 -27.34 -4.83 -7.03
CA VAL B 764 -28.47 -4.47 -6.18
C VAL B 764 -28.03 -4.31 -4.73
N PHE B 765 -27.11 -5.16 -4.28
CA PHE B 765 -26.61 -5.08 -2.91
C PHE B 765 -25.92 -3.74 -2.66
N SER B 766 -25.11 -3.28 -3.60
CA SER B 766 -24.47 -1.98 -3.45
C SER B 766 -25.44 -0.83 -3.63
N ASN B 767 -26.45 -1.01 -4.48
CA ASN B 767 -27.46 0.03 -4.67
C ASN B 767 -28.24 0.29 -3.39
N ARG B 768 -28.63 -0.77 -2.69
CA ARG B 768 -29.42 -0.61 -1.48
C ARG B 768 -28.58 -0.20 -0.27
N LEU B 769 -27.27 -0.28 -0.36
CA LEU B 769 -26.38 0.10 0.74
C LEU B 769 -25.89 1.54 0.63
N GLY B 770 -26.36 2.29 -0.35
CA GLY B 770 -25.86 3.64 -0.56
C GLY B 770 -24.42 3.67 -1.00
N TRP B 771 -24.01 2.77 -1.88
CA TRP B 771 -22.68 2.73 -2.45
C TRP B 771 -22.81 3.13 -3.92
N HIS B 772 -22.74 4.43 -4.17
CA HIS B 772 -22.97 4.96 -5.51
C HIS B 772 -21.76 4.81 -6.42
N ASN B 773 -20.55 4.76 -5.86
CA ASN B 773 -19.34 4.67 -6.65
C ASN B 773 -18.99 3.25 -7.03
N MET B 774 -19.68 2.25 -6.49
CA MET B 774 -19.52 0.85 -6.87
C MET B 774 -20.68 0.34 -7.71
N GLU B 775 -21.90 0.72 -7.36
CA GLU B 775 -23.05 0.35 -8.18
C GLU B 775 -22.93 0.90 -9.59
N LEU B 776 -22.39 2.11 -9.73
CA LEU B 776 -22.18 2.69 -11.05
C LEU B 776 -21.20 1.86 -11.86
N LEU B 777 -20.13 1.37 -11.25
CA LEU B 777 -19.17 0.54 -11.96
C LEU B 777 -19.77 -0.81 -12.33
N LEU B 778 -20.57 -1.40 -11.44
CA LEU B 778 -21.11 -2.73 -11.67
C LEU B 778 -22.37 -2.73 -12.53
N SER B 779 -22.97 -1.58 -12.81
CA SER B 779 -24.26 -1.53 -13.48
C SER B 779 -24.26 -2.10 -14.89
N GLN B 780 -23.09 -2.25 -15.54
CA GLN B 780 -23.03 -2.75 -16.91
C GLN B 780 -22.47 -4.16 -17.02
N PHE B 781 -21.79 -4.66 -15.99
CA PHE B 781 -21.15 -5.95 -16.10
C PHE B 781 -22.13 -7.11 -16.17
N GLN B 782 -23.34 -6.95 -15.64
CA GLN B 782 -24.33 -8.02 -15.81
C GLN B 782 -24.64 -8.24 -17.28
N LYS B 783 -24.85 -7.17 -18.04
CA LYS B 783 -25.08 -7.30 -19.48
C LYS B 783 -23.82 -7.76 -20.20
N ARG B 784 -22.67 -7.19 -19.83
CA ARG B 784 -21.41 -7.56 -20.48
C ARG B 784 -21.04 -9.01 -20.24
N LEU B 785 -21.58 -9.63 -19.19
CA LEU B 785 -21.36 -11.05 -18.91
C LEU B 785 -22.47 -11.92 -19.45
N THR B 786 -23.72 -11.43 -19.47
CA THR B 786 -24.81 -12.18 -20.09
C THR B 786 -24.54 -12.39 -21.57
N PHE B 787 -24.04 -11.37 -22.26
CA PHE B 787 -23.79 -11.49 -23.68
C PHE B 787 -22.32 -11.67 -24.04
N GLY B 788 -21.41 -11.54 -23.08
CA GLY B 788 -20.00 -11.74 -23.34
C GLY B 788 -19.46 -10.76 -24.36
N ILE B 789 -19.76 -9.47 -24.17
CA ILE B 789 -19.50 -8.43 -25.15
C ILE B 789 -18.58 -7.38 -24.54
N GLN B 790 -18.28 -6.36 -25.33
CA GLN B 790 -17.62 -5.15 -24.88
C GLN B 790 -18.66 -4.06 -24.64
N ARG B 791 -18.19 -2.91 -24.16
CA ARG B 791 -19.11 -1.82 -23.83
C ARG B 791 -19.82 -1.31 -25.08
N GLU B 792 -19.12 -1.25 -26.21
CA GLU B 792 -19.67 -0.66 -27.43
C GLU B 792 -20.95 -1.35 -27.86
N LEU B 793 -21.06 -2.65 -27.64
CA LEU B 793 -22.22 -3.41 -28.08
C LEU B 793 -23.33 -3.47 -27.04
N CYS B 794 -23.16 -2.81 -25.89
CA CYS B 794 -24.15 -2.90 -24.83
C CYS B 794 -25.50 -2.31 -25.25
N ASP B 795 -25.52 -1.46 -26.26
CA ASP B 795 -26.79 -0.98 -26.81
C ASP B 795 -27.31 -1.87 -27.93
N LEU B 796 -26.41 -2.52 -28.68
CA LEU B 796 -26.85 -3.39 -29.76
C LEU B 796 -27.42 -4.71 -29.25
N VAL B 797 -26.84 -5.27 -28.18
CA VAL B 797 -27.31 -6.56 -27.65
C VAL B 797 -28.65 -6.45 -26.94
N ARG B 798 -29.20 -5.24 -26.79
CA ARG B 798 -30.58 -5.12 -26.34
C ARG B 798 -31.53 -5.79 -27.31
N VAL B 799 -31.15 -5.88 -28.58
CA VAL B 799 -31.91 -6.65 -29.57
C VAL B 799 -31.83 -8.14 -29.20
N SER B 800 -32.97 -8.82 -29.32
CA SER B 800 -33.03 -10.22 -28.90
C SER B 800 -32.20 -11.13 -29.81
N LEU B 801 -31.88 -10.68 -31.03
CA LEU B 801 -31.20 -11.51 -32.01
C LEU B 801 -29.75 -11.09 -32.25
N LEU B 802 -29.14 -10.38 -31.30
CA LEU B 802 -27.76 -9.90 -31.41
C LEU B 802 -27.03 -10.36 -30.16
N ASN B 803 -26.43 -11.55 -30.21
CA ASN B 803 -25.88 -12.12 -28.97
C ASN B 803 -24.48 -11.59 -28.67
N ALA B 804 -23.48 -12.03 -29.42
CA ALA B 804 -22.16 -11.44 -29.32
C ALA B 804 -21.40 -11.45 -30.63
N GLN B 805 -21.96 -11.98 -31.71
CA GLN B 805 -21.28 -12.07 -33.00
C GLN B 805 -22.11 -11.53 -34.14
N ARG B 806 -23.43 -11.53 -34.04
CA ARG B 806 -24.28 -10.79 -34.96
C ARG B 806 -24.34 -9.32 -34.58
N ALA B 807 -23.82 -8.95 -33.41
CA ALA B 807 -23.70 -7.56 -32.99
C ALA B 807 -22.32 -6.98 -33.26
N ARG B 808 -21.27 -7.79 -33.17
CA ARG B 808 -19.94 -7.32 -33.51
C ARG B 808 -19.76 -7.09 -35.01
N VAL B 809 -20.27 -8.00 -35.84
CA VAL B 809 -20.22 -7.78 -37.29
C VAL B 809 -21.17 -6.69 -37.74
N LEU B 810 -22.25 -6.44 -37.00
CA LEU B 810 -23.15 -5.34 -37.28
C LEU B 810 -22.67 -4.02 -36.69
N TYR B 811 -21.70 -4.06 -35.77
CA TYR B 811 -21.10 -2.88 -35.19
C TYR B 811 -19.94 -2.36 -36.02
N ALA B 812 -19.17 -3.28 -36.62
CA ALA B 812 -18.04 -2.88 -37.43
C ALA B 812 -18.46 -2.14 -38.69
N SER B 813 -19.69 -2.39 -39.14
CA SER B 813 -20.21 -1.73 -40.34
C SER B 813 -20.78 -0.35 -40.05
N GLY B 814 -20.56 0.16 -38.84
CA GLY B 814 -21.02 1.51 -38.52
C GLY B 814 -22.22 1.62 -37.60
N PHE B 815 -22.97 0.53 -37.44
CA PHE B 815 -24.12 0.55 -36.54
C PHE B 815 -23.66 0.31 -35.11
N HIS B 816 -23.59 1.37 -34.30
CA HIS B 816 -23.09 1.22 -32.95
C HIS B 816 -24.16 1.51 -31.92
N THR B 817 -25.40 1.72 -32.34
CA THR B 817 -26.48 2.09 -31.44
C THR B 817 -27.77 1.50 -32.00
N VAL B 818 -28.68 1.16 -31.08
CA VAL B 818 -30.01 0.66 -31.47
C VAL B 818 -30.81 1.70 -32.24
N ALA B 819 -30.39 2.96 -32.21
CA ALA B 819 -30.98 4.00 -33.05
C ALA B 819 -30.56 3.87 -34.51
N ASP B 820 -29.28 3.61 -34.78
CA ASP B 820 -28.77 3.41 -36.12
C ASP B 820 -29.22 2.11 -36.72
N LEU B 821 -29.79 1.24 -35.91
CA LEU B 821 -30.24 -0.06 -36.38
C LEU B 821 -31.75 -0.11 -36.62
N ALA B 822 -32.52 0.84 -36.06
CA ALA B 822 -33.94 0.90 -36.33
C ALA B 822 -34.23 1.24 -37.80
N ARG B 823 -33.43 2.11 -38.38
CA ARG B 823 -33.61 2.48 -39.78
C ARG B 823 -32.50 1.85 -40.61
N ALA B 824 -31.71 0.98 -39.98
CA ALA B 824 -30.64 0.33 -40.69
C ALA B 824 -31.20 -0.30 -41.96
N ASN B 825 -30.59 -0.02 -43.10
CA ASN B 825 -31.11 -0.52 -44.35
C ASN B 825 -31.36 -2.01 -44.23
N ILE B 826 -32.60 -2.43 -44.45
CA ILE B 826 -32.94 -3.84 -44.34
C ILE B 826 -31.98 -4.69 -45.14
N VAL B 827 -31.99 -4.52 -46.46
CA VAL B 827 -31.14 -5.36 -47.30
C VAL B 827 -29.67 -5.23 -46.91
N GLU B 828 -29.28 -4.06 -46.40
CA GLU B 828 -27.89 -3.87 -45.99
C GLU B 828 -27.51 -4.82 -44.85
N VAL B 829 -28.34 -4.89 -43.81
CA VAL B 829 -28.01 -5.79 -42.70
C VAL B 829 -28.13 -7.24 -43.13
N GLU B 830 -28.96 -7.53 -44.13
CA GLU B 830 -28.97 -8.88 -44.71
C GLU B 830 -27.60 -9.22 -45.29
N VAL B 831 -27.03 -8.29 -46.06
CA VAL B 831 -25.70 -8.53 -46.64
C VAL B 831 -24.65 -8.68 -45.55
N ILE B 832 -24.70 -7.81 -44.54
CA ILE B 832 -23.71 -7.88 -43.47
C ILE B 832 -23.80 -9.20 -42.71
N LEU B 833 -25.01 -9.68 -42.43
CA LEU B 833 -25.16 -10.96 -41.76
C LEU B 833 -24.75 -12.11 -42.66
N LYS B 834 -24.92 -11.95 -43.98
CA LYS B 834 -24.45 -12.95 -44.91
C LYS B 834 -22.93 -13.08 -44.85
N ASN B 835 -22.23 -11.96 -44.73
CA ASN B 835 -20.79 -11.99 -44.56
C ASN B 835 -20.40 -12.48 -43.16
N ALA B 836 -19.11 -12.72 -42.98
CA ALA B 836 -18.53 -13.10 -41.69
C ALA B 836 -19.11 -14.40 -41.14
N VAL B 837 -18.87 -15.53 -41.83
CA VAL B 837 -19.36 -16.83 -41.41
C VAL B 837 -18.24 -17.57 -40.69
N PRO B 838 -18.39 -17.88 -39.39
CA PRO B 838 -17.41 -18.70 -38.67
C PRO B 838 -17.44 -20.16 -39.11
N MET B 859 -30.99 -23.33 -45.63
CA MET B 859 -30.96 -21.88 -45.82
C MET B 859 -30.93 -21.15 -44.49
N ARG B 860 -31.70 -21.64 -43.51
CA ARG B 860 -31.83 -20.98 -42.23
C ARG B 860 -30.58 -21.22 -41.38
N THR B 861 -29.43 -20.75 -41.86
CA THR B 861 -28.17 -21.04 -41.19
C THR B 861 -28.07 -20.29 -39.86
N ILE B 862 -28.56 -19.05 -39.81
CA ILE B 862 -28.52 -18.29 -38.56
C ILE B 862 -29.44 -18.93 -37.53
N TRP B 863 -28.89 -19.20 -36.35
CA TRP B 863 -29.63 -19.81 -35.26
C TRP B 863 -29.85 -18.78 -34.16
N VAL B 864 -31.10 -18.67 -33.70
CA VAL B 864 -31.50 -17.72 -32.68
C VAL B 864 -32.10 -18.48 -31.51
N THR B 865 -31.71 -18.09 -30.29
CA THR B 865 -32.25 -18.73 -29.10
C THR B 865 -33.75 -18.49 -29.00
N GLY B 866 -34.52 -19.58 -29.01
CA GLY B 866 -35.96 -19.50 -28.96
C GLY B 866 -36.63 -19.36 -30.31
N ARG B 867 -35.88 -18.99 -31.36
CA ARG B 867 -36.41 -18.92 -32.72
C ARG B 867 -35.87 -20.05 -33.59
N LYS B 868 -35.09 -20.96 -33.02
CA LYS B 868 -34.43 -22.06 -33.75
C LYS B 868 -33.62 -21.44 -34.89
N GLY B 869 -33.73 -21.95 -36.11
CA GLY B 869 -32.93 -21.46 -37.22
C GLY B 869 -33.67 -20.39 -38.00
N LEU B 870 -32.93 -19.35 -38.38
CA LEU B 870 -33.49 -18.22 -39.11
C LEU B 870 -32.66 -17.95 -40.36
N THR B 871 -33.35 -17.70 -41.47
CA THR B 871 -32.68 -17.31 -42.70
C THR B 871 -32.10 -15.91 -42.53
N GLU B 872 -30.97 -15.65 -43.20
CA GLU B 872 -30.27 -14.37 -43.06
C GLU B 872 -31.22 -13.19 -43.26
N ARG B 873 -32.01 -13.23 -44.34
CA ARG B 873 -32.92 -12.13 -44.63
C ARG B 873 -33.94 -11.96 -43.50
N GLU B 874 -34.58 -13.06 -43.09
CA GLU B 874 -35.56 -12.99 -42.01
C GLU B 874 -34.89 -12.62 -40.69
N ALA B 875 -33.68 -13.12 -40.47
CA ALA B 875 -32.97 -12.82 -39.23
C ALA B 875 -32.73 -11.32 -39.07
N ALA B 876 -32.15 -10.68 -40.09
CA ALA B 876 -31.84 -9.27 -39.94
C ALA B 876 -33.09 -8.39 -40.08
N ALA B 877 -34.12 -8.90 -40.77
CA ALA B 877 -35.39 -8.19 -40.76
C ALA B 877 -35.98 -8.16 -39.35
N LEU B 878 -35.94 -9.29 -38.65
CA LEU B 878 -36.36 -9.30 -37.26
C LEU B 878 -35.45 -8.44 -36.40
N ILE B 879 -34.16 -8.36 -36.74
CA ILE B 879 -33.23 -7.53 -35.98
C ILE B 879 -33.64 -6.07 -36.06
N VAL B 880 -33.88 -5.57 -37.27
CA VAL B 880 -34.25 -4.16 -37.41
C VAL B 880 -35.63 -3.91 -36.80
N GLU B 881 -36.55 -4.86 -36.93
CA GLU B 881 -37.86 -4.69 -36.31
C GLU B 881 -37.75 -4.63 -34.79
N GLU B 882 -36.93 -5.48 -34.20
CA GLU B 882 -36.72 -5.46 -32.75
C GLU B 882 -36.07 -4.16 -32.31
N ALA B 883 -35.12 -3.65 -33.11
CA ALA B 883 -34.52 -2.36 -32.78
C ALA B 883 -35.56 -1.25 -32.80
N ARG B 884 -36.43 -1.25 -33.81
CA ARG B 884 -37.51 -0.28 -33.90
C ARG B 884 -38.41 -0.35 -32.67
N MET B 885 -38.82 -1.57 -32.29
CA MET B 885 -39.67 -1.71 -31.12
C MET B 885 -38.98 -1.24 -29.86
N ILE B 886 -37.69 -1.58 -29.71
CA ILE B 886 -36.94 -1.21 -28.50
C ILE B 886 -36.85 0.30 -28.36
N LEU B 887 -36.52 0.99 -29.44
CA LEU B 887 -36.35 2.44 -29.34
C LEU B 887 -37.69 3.18 -29.39
N GLN B 888 -38.74 2.50 -29.83
CA GLN B 888 -40.05 3.13 -29.93
C GLN B 888 -40.89 2.99 -28.68
N GLN B 889 -40.78 1.88 -27.94
CA GLN B 889 -41.57 1.65 -26.75
C GLN B 889 -40.84 1.95 -25.46
N ASP B 890 -39.57 2.36 -25.52
CA ASP B 890 -38.81 2.69 -24.32
C ASP B 890 -38.80 4.18 -24.01
N LEU B 891 -39.50 4.99 -24.81
CA LEU B 891 -39.59 6.42 -24.55
C LEU B 891 -41.02 6.93 -24.73
N LYS C 68 75.79 20.95 5.50
CA LYS C 68 74.55 20.84 6.25
C LYS C 68 73.58 19.87 5.57
N LEU C 69 73.73 19.69 4.26
CA LEU C 69 72.84 18.83 3.49
C LEU C 69 73.19 17.38 3.78
N LEU C 70 72.61 16.84 4.84
CA LEU C 70 72.76 15.45 5.22
C LEU C 70 71.72 15.12 6.27
N LEU C 71 71.01 14.00 6.08
CA LEU C 71 69.91 13.68 6.96
C LEU C 71 70.35 13.33 8.37
N ALA C 72 71.65 13.12 8.60
CA ALA C 72 72.15 12.84 9.94
C ALA C 72 72.47 14.12 10.71
N ASN C 73 72.93 15.16 10.01
CA ASN C 73 73.22 16.43 10.69
C ASN C 73 71.95 17.04 11.28
N TRP C 74 70.84 16.98 10.56
CA TRP C 74 69.57 17.44 11.09
C TRP C 74 69.13 16.54 12.24
N GLY C 75 68.53 17.15 13.25
CA GLY C 75 67.98 16.38 14.36
C GLY C 75 66.91 15.42 13.87
N LEU C 76 67.13 14.13 14.10
CA LEU C 76 66.25 13.13 13.52
C LEU C 76 66.37 11.86 14.34
N PRO C 77 65.29 11.10 14.53
CA PRO C 77 65.40 9.82 15.23
C PRO C 77 66.34 8.87 14.50
N LYS C 78 67.07 8.07 15.27
CA LYS C 78 67.98 7.09 14.67
C LYS C 78 67.21 6.05 13.87
N ALA C 79 66.07 5.60 14.41
CA ALA C 79 65.27 4.61 13.68
C ALA C 79 64.72 5.18 12.38
N VAL C 80 64.19 6.40 12.42
CA VAL C 80 63.69 7.02 11.19
C VAL C 80 64.83 7.28 10.22
N LEU C 81 66.01 7.64 10.75
CA LEU C 81 67.16 7.85 9.88
C LEU C 81 67.56 6.57 9.16
N GLU C 82 67.61 5.45 9.89
CA GLU C 82 67.99 4.19 9.26
C GLU C 82 66.90 3.68 8.33
N LYS C 83 65.64 4.03 8.59
CA LYS C 83 64.58 3.69 7.65
C LYS C 83 64.64 4.54 6.39
N TYR C 84 65.00 5.82 6.53
CA TYR C 84 65.17 6.70 5.38
C TYR C 84 66.35 6.28 4.53
N HIS C 85 67.42 5.78 5.15
CA HIS C 85 68.55 5.27 4.38
C HIS C 85 68.16 4.06 3.53
N SER C 86 67.11 3.35 3.93
CA SER C 86 66.66 2.18 3.16
C SER C 86 66.09 2.61 1.81
N PHE C 87 65.21 3.62 1.81
CA PHE C 87 64.63 4.09 0.56
C PHE C 87 65.63 4.85 -0.30
N GLY C 88 66.78 5.23 0.25
CA GLY C 88 67.80 5.90 -0.54
C GLY C 88 68.01 7.35 -0.15
N VAL C 89 67.09 7.90 0.65
CA VAL C 89 67.20 9.29 1.09
C VAL C 89 68.30 9.36 2.14
N LYS C 90 69.47 9.88 1.74
CA LYS C 90 70.58 10.07 2.66
C LYS C 90 71.16 11.47 2.64
N LYS C 91 70.89 12.28 1.62
CA LYS C 91 71.38 13.65 1.54
C LYS C 91 70.30 14.50 0.88
N MET C 92 69.82 15.49 1.61
CA MET C 92 68.79 16.37 1.07
C MET C 92 69.36 17.26 -0.02
N PHE C 93 68.48 18.06 -0.63
CA PHE C 93 68.90 19.06 -1.59
C PHE C 93 68.97 20.42 -0.91
N GLU C 94 69.51 21.40 -1.63
CA GLU C 94 69.61 22.75 -1.08
C GLU C 94 68.24 23.38 -0.90
N TRP C 95 67.29 23.09 -1.81
CA TRP C 95 65.98 23.71 -1.73
C TRP C 95 65.24 23.27 -0.46
N GLN C 96 65.37 21.99 -0.10
CA GLN C 96 64.72 21.52 1.13
C GLN C 96 65.29 22.18 2.37
N ALA C 97 66.62 22.36 2.44
CA ALA C 97 67.22 23.07 3.56
C ALA C 97 66.79 24.53 3.62
N GLU C 98 66.76 25.22 2.48
CA GLU C 98 66.32 26.61 2.47
C GLU C 98 64.84 26.76 2.79
N CYS C 99 64.02 25.77 2.47
CA CYS C 99 62.60 25.79 2.82
C CYS C 99 62.37 25.46 4.29
N LEU C 100 63.16 24.53 4.85
CA LEU C 100 63.04 24.16 6.25
C LEU C 100 63.67 25.18 7.20
N LEU C 101 64.56 26.04 6.70
CA LEU C 101 65.19 27.08 7.49
C LEU C 101 64.67 28.45 7.09
N LEU C 102 63.39 28.55 6.80
CA LEU C 102 62.77 29.78 6.31
C LEU C 102 62.15 30.58 7.46
N GLY C 103 62.98 30.92 8.42
CA GLY C 103 62.54 31.74 9.55
C GLY C 103 61.97 30.88 10.67
N GLN C 104 60.70 31.14 11.02
CA GLN C 104 60.04 30.45 12.11
C GLN C 104 59.17 29.29 11.64
N VAL C 105 59.42 28.77 10.44
CA VAL C 105 58.63 27.65 9.94
C VAL C 105 58.79 26.44 10.84
N LEU C 106 59.99 26.21 11.37
CA LEU C 106 60.22 25.10 12.28
C LEU C 106 59.50 25.26 13.61
N GLU C 107 58.98 26.46 13.91
CA GLU C 107 58.27 26.70 15.16
C GLU C 107 56.76 26.73 15.01
N GLY C 108 56.24 26.86 13.80
CA GLY C 108 54.81 26.80 13.65
C GLY C 108 54.33 27.76 12.60
N LYS C 109 55.12 28.78 12.30
CA LYS C 109 54.74 29.64 11.20
C LYS C 109 54.41 28.68 10.08
N ASN C 110 53.18 28.72 9.58
CA ASN C 110 52.78 27.77 8.56
C ASN C 110 53.73 27.81 7.37
N LEU C 111 53.73 26.75 6.58
CA LEU C 111 54.65 26.69 5.44
C LEU C 111 53.96 26.29 4.14
N VAL C 112 54.13 27.11 3.11
CA VAL C 112 53.56 26.78 1.81
C VAL C 112 54.70 26.75 0.81
N TYR C 113 54.95 25.60 0.19
CA TYR C 113 56.10 25.51 -0.69
C TYR C 113 55.77 24.72 -1.93
N SER C 114 56.52 25.01 -2.99
CA SER C 114 56.35 24.39 -4.29
C SER C 114 57.67 23.79 -4.74
N ALA C 115 57.59 22.64 -5.40
CA ALA C 115 58.76 21.95 -5.93
C ALA C 115 58.26 20.92 -6.94
N PRO C 116 59.12 20.52 -7.89
CA PRO C 116 58.75 19.41 -8.77
C PRO C 116 58.55 18.13 -7.97
N THR C 117 57.63 17.30 -8.46
CA THR C 117 57.29 16.07 -7.74
C THR C 117 58.48 15.14 -7.63
N SER C 118 59.43 15.23 -8.55
CA SER C 118 60.63 14.42 -8.52
C SER C 118 61.73 14.99 -7.64
N ALA C 119 61.51 16.15 -7.04
CA ALA C 119 62.52 16.82 -6.23
C ALA C 119 62.47 16.45 -4.76
N GLY C 120 61.61 15.51 -4.38
CA GLY C 120 61.48 15.13 -2.99
C GLY C 120 60.69 16.15 -2.19
N LYS C 121 59.49 16.47 -2.68
CA LYS C 121 58.68 17.50 -2.05
C LYS C 121 58.26 17.09 -0.64
N THR C 122 57.88 15.84 -0.45
CA THR C 122 57.27 15.41 0.80
C THR C 122 58.27 15.16 1.92
N LEU C 123 59.57 15.22 1.64
CA LEU C 123 60.56 15.03 2.70
C LEU C 123 60.45 16.13 3.75
N VAL C 124 60.28 17.38 3.32
CA VAL C 124 60.14 18.48 4.26
C VAL C 124 58.88 18.30 5.11
N ALA C 125 57.80 17.85 4.47
CA ALA C 125 56.56 17.62 5.22
C ALA C 125 56.73 16.53 6.26
N GLU C 126 57.37 15.41 5.91
CA GLU C 126 57.59 14.35 6.89
C GLU C 126 58.50 14.81 8.01
N LEU C 127 59.54 15.58 7.69
CA LEU C 127 60.42 16.10 8.74
C LEU C 127 59.66 17.01 9.70
N LEU C 128 58.82 17.91 9.16
CA LEU C 128 58.05 18.81 10.00
C LEU C 128 57.05 18.04 10.86
N ILE C 129 56.43 17.00 10.30
CA ILE C 129 55.56 16.13 11.10
C ILE C 129 56.36 15.49 12.22
N LEU C 130 57.46 14.86 11.92
CA LEU C 130 58.15 14.17 12.98
C LEU C 130 58.39 15.21 14.09
N LYS C 131 58.68 16.44 13.71
CA LYS C 131 58.92 17.48 14.71
C LYS C 131 57.67 17.76 15.51
N ARG C 132 56.60 18.20 14.84
CA ARG C 132 55.40 18.57 15.57
C ARG C 132 54.80 17.38 16.33
N VAL C 133 55.32 16.19 16.08
CA VAL C 133 54.82 15.01 16.78
C VAL C 133 55.72 14.64 17.96
N LEU C 134 57.04 14.70 17.76
CA LEU C 134 57.95 14.29 18.81
C LEU C 134 58.09 15.36 19.90
N GLU C 135 58.49 16.57 19.51
CA GLU C 135 58.65 17.65 20.48
C GLU C 135 57.33 18.01 21.14
N MET C 136 56.38 18.54 20.36
CA MET C 136 55.09 18.95 20.90
C MET C 136 54.07 17.85 20.59
N ARG C 137 54.06 16.84 21.44
CA ARG C 137 53.24 15.66 21.22
C ARG C 137 51.78 16.02 21.01
N LYS C 138 51.30 15.79 19.80
CA LYS C 138 49.94 16.13 19.40
C LYS C 138 49.64 15.37 18.12
N LYS C 139 48.38 15.38 17.72
CA LYS C 139 47.97 14.69 16.51
C LYS C 139 48.36 15.49 15.27
N ALA C 140 48.39 14.81 14.13
CA ALA C 140 48.71 15.43 12.86
C ALA C 140 47.83 14.83 11.77
N LEU C 141 47.58 15.63 10.74
CA LEU C 141 46.79 15.21 9.59
C LEU C 141 47.66 15.29 8.34
N PHE C 142 47.54 14.28 7.49
CA PHE C 142 48.19 14.29 6.18
C PHE C 142 47.08 14.17 5.14
N ILE C 143 46.70 15.30 4.56
CA ILE C 143 45.59 15.34 3.62
C ILE C 143 46.14 15.09 2.21
N LEU C 144 45.62 14.05 1.57
CA LEU C 144 46.06 13.72 0.21
C LEU C 144 44.87 13.79 -0.75
N PRO C 145 45.14 14.01 -2.04
CA PRO C 145 44.04 14.17 -3.02
C PRO C 145 43.24 12.90 -3.32
N PHE C 146 43.89 11.75 -3.48
CA PHE C 146 43.17 10.54 -3.88
C PHE C 146 43.36 9.37 -2.92
N VAL C 147 42.61 8.30 -3.12
CA VAL C 147 42.69 7.17 -2.18
C VAL C 147 43.94 6.34 -2.43
N SER C 148 44.32 6.16 -3.70
CA SER C 148 45.48 5.33 -4.01
C SER C 148 46.77 5.96 -3.48
N VAL C 149 46.99 7.24 -3.78
CA VAL C 149 48.17 7.92 -3.26
C VAL C 149 48.10 8.05 -1.74
N ALA C 150 46.90 8.24 -1.19
CA ALA C 150 46.77 8.30 0.27
C ALA C 150 47.16 6.98 0.92
N LYS C 151 46.75 5.86 0.32
CA LYS C 151 47.12 4.56 0.87
C LYS C 151 48.61 4.30 0.72
N GLU C 152 49.18 4.66 -0.43
CA GLU C 152 50.63 4.52 -0.59
C GLU C 152 51.39 5.33 0.44
N LYS C 153 50.95 6.57 0.68
CA LYS C 153 51.58 7.40 1.69
C LYS C 153 51.35 6.86 3.10
N LYS C 154 50.18 6.28 3.35
CA LYS C 154 49.93 5.69 4.66
C LYS C 154 50.90 4.55 4.93
N TYR C 155 51.09 3.68 3.94
CA TYR C 155 52.02 2.57 4.12
C TYR C 155 53.47 3.06 4.20
N TYR C 156 53.81 4.08 3.42
CA TYR C 156 55.15 4.66 3.48
C TYR C 156 55.44 5.25 4.85
N LEU C 157 54.52 6.07 5.36
CA LEU C 157 54.69 6.66 6.69
C LEU C 157 54.66 5.60 7.78
N GLN C 158 53.86 4.54 7.60
CA GLN C 158 53.85 3.46 8.58
C GLN C 158 55.20 2.76 8.63
N SER C 159 55.73 2.36 7.46
CA SER C 159 57.04 1.72 7.42
C SER C 159 58.16 2.65 7.87
N LEU C 160 57.95 3.96 7.78
CA LEU C 160 58.96 4.92 8.19
C LEU C 160 58.88 5.29 9.67
N PHE C 161 57.70 5.16 10.29
CA PHE C 161 57.46 5.65 11.63
C PHE C 161 57.08 4.57 12.63
N GLN C 162 57.01 3.30 12.23
CA GLN C 162 56.64 2.24 13.16
C GLN C 162 57.66 2.11 14.28
N GLU C 163 58.95 2.21 13.94
CA GLU C 163 60.00 1.98 14.92
C GLU C 163 59.96 3.00 16.05
N VAL C 164 59.74 4.28 15.72
CA VAL C 164 59.71 5.31 16.74
C VAL C 164 58.42 5.29 17.54
N GLY C 165 57.42 4.53 17.11
CA GLY C 165 56.19 4.38 17.85
C GLY C 165 55.08 5.32 17.49
N ILE C 166 55.25 6.14 16.45
CA ILE C 166 54.20 7.05 16.01
C ILE C 166 53.12 6.23 15.30
N LYS C 167 51.97 6.06 15.96
CA LYS C 167 50.87 5.30 15.37
C LYS C 167 50.30 6.09 14.20
N VAL C 168 50.40 5.53 13.01
CA VAL C 168 49.93 6.15 11.78
C VAL C 168 48.81 5.30 11.21
N ASP C 169 47.65 5.91 10.99
CA ASP C 169 46.53 5.19 10.41
C ASP C 169 45.80 6.11 9.44
N GLY C 170 45.01 5.52 8.56
CA GLY C 170 44.45 6.22 7.42
C GLY C 170 42.94 6.34 7.47
N TYR C 171 42.45 7.49 7.04
CA TYR C 171 41.03 7.74 6.80
C TYR C 171 40.88 7.98 5.30
N MET C 172 40.74 6.90 4.54
CA MET C 172 40.70 6.95 3.09
C MET C 172 39.51 6.16 2.59
N GLY C 173 38.69 6.79 1.75
CA GLY C 173 37.54 6.13 1.19
C GLY C 173 36.57 5.62 2.23
N SER C 174 36.49 4.30 2.36
CA SER C 174 35.58 3.66 3.30
C SER C 174 36.27 3.15 4.56
N THR C 175 37.55 2.81 4.47
CA THR C 175 38.26 2.24 5.60
C THR C 175 38.45 3.29 6.69
N SER C 176 38.28 2.87 7.94
CA SER C 176 38.57 3.68 9.10
C SER C 176 39.46 2.88 10.05
N PRO C 177 40.33 3.55 10.80
CA PRO C 177 41.19 2.83 11.73
C PRO C 177 40.38 2.06 12.76
N SER C 178 40.84 0.84 13.08
CA SER C 178 40.21 0.06 14.12
C SER C 178 40.36 0.74 15.47
N ARG C 179 41.56 1.28 15.74
CA ARG C 179 41.80 2.03 16.96
C ARG C 179 41.13 3.40 16.88
N HIS C 180 40.86 3.98 18.05
CA HIS C 180 40.25 5.29 18.11
C HIS C 180 41.23 6.37 17.67
N PHE C 181 40.69 7.50 17.23
CA PHE C 181 41.54 8.61 16.81
C PHE C 181 42.41 9.12 17.94
N SER C 182 41.94 9.00 19.19
CA SER C 182 42.75 9.42 20.32
C SER C 182 44.04 8.62 20.43
N SER C 183 43.97 7.31 20.13
CA SER C 183 45.17 6.49 20.16
C SER C 183 46.13 6.83 19.02
N LEU C 184 45.59 7.32 17.91
CA LEU C 184 46.41 7.64 16.75
C LEU C 184 47.30 8.85 17.01
N ASP C 185 48.36 8.96 16.21
CA ASP C 185 49.24 10.11 16.25
C ASP C 185 49.40 10.79 14.90
N ILE C 186 49.22 10.06 13.80
CA ILE C 186 49.14 10.63 12.45
C ILE C 186 47.94 10.01 11.75
N ALA C 187 47.09 10.86 11.20
CA ALA C 187 45.95 10.41 10.42
C ALA C 187 46.20 10.80 8.97
N VAL C 188 46.49 9.82 8.13
CA VAL C 188 46.66 10.02 6.71
C VAL C 188 45.27 9.95 6.09
N CYS C 189 44.70 11.10 5.79
CA CYS C 189 43.32 11.20 5.36
C CYS C 189 43.23 11.66 3.91
N THR C 190 42.10 11.33 3.29
CA THR C 190 41.73 12.00 2.05
C THR C 190 41.18 13.39 2.38
N ILE C 191 40.97 14.20 1.35
CA ILE C 191 40.41 15.52 1.57
C ILE C 191 38.99 15.43 2.09
N GLU C 192 38.24 14.42 1.63
CA GLU C 192 36.84 14.28 2.05
C GLU C 192 36.73 13.93 3.53
N ARG C 193 37.59 13.02 4.01
CA ARG C 193 37.46 12.49 5.36
C ARG C 193 38.23 13.30 6.39
N ALA C 194 39.25 14.06 5.99
CA ALA C 194 39.92 14.97 6.91
C ALA C 194 39.02 16.11 7.35
N ASN C 195 38.19 16.63 6.46
CA ASN C 195 37.21 17.64 6.85
C ASN C 195 36.24 17.09 7.88
N GLY C 196 35.76 15.86 7.68
CA GLY C 196 34.88 15.25 8.67
C GLY C 196 35.59 15.00 9.99
N LEU C 197 36.85 14.61 9.94
CA LEU C 197 37.62 14.41 11.17
C LEU C 197 37.78 15.71 11.93
N ILE C 198 38.06 16.80 11.23
CA ILE C 198 38.19 18.10 11.88
C ILE C 198 36.84 18.59 12.42
N ASN C 199 35.76 18.30 11.70
CA ASN C 199 34.43 18.62 12.21
C ASN C 199 34.15 17.86 13.50
N ARG C 200 34.53 16.59 13.56
CA ARG C 200 34.36 15.81 14.79
C ARG C 200 35.20 16.39 15.93
N LEU C 201 36.45 16.77 15.64
CA LEU C 201 37.29 17.38 16.65
C LEU C 201 36.71 18.69 17.17
N ILE C 202 36.16 19.52 16.29
CA ILE C 202 35.55 20.77 16.71
C ILE C 202 34.26 20.57 17.49
N GLU C 203 33.43 19.61 17.09
CA GLU C 203 32.15 19.40 17.76
C GLU C 203 32.36 19.10 19.24
N GLU C 204 32.97 17.96 19.54
CA GLU C 204 33.29 17.64 20.93
C GLU C 204 34.33 18.61 21.46
N ASN C 205 34.88 19.45 20.60
CA ASN C 205 35.86 20.46 21.02
C ASN C 205 37.24 19.91 21.38
N LYS C 206 37.65 18.82 20.75
CA LYS C 206 38.99 18.28 20.98
C LYS C 206 39.98 18.88 20.00
N MET C 207 39.89 20.18 19.76
CA MET C 207 40.77 20.83 18.81
C MET C 207 42.16 21.06 19.38
N ASP C 208 42.35 20.86 20.69
CA ASP C 208 43.68 20.95 21.28
C ASP C 208 44.56 19.76 20.92
N LEU C 209 43.98 18.61 20.57
CA LEU C 209 44.78 17.47 20.12
C LEU C 209 45.49 17.79 18.82
N LEU C 210 44.81 18.45 17.89
CA LEU C 210 45.42 18.76 16.61
C LEU C 210 46.44 19.87 16.77
N GLY C 211 47.64 19.64 16.24
CA GLY C 211 48.68 20.65 16.26
C GLY C 211 49.39 20.76 14.93
N MET C 212 49.02 19.87 13.99
CA MET C 212 49.70 19.79 12.71
C MET C 212 48.69 19.38 11.65
N VAL C 213 48.79 19.98 10.48
CA VAL C 213 47.98 19.61 9.32
C VAL C 213 48.87 19.76 8.09
N VAL C 214 48.99 18.68 7.31
CA VAL C 214 49.81 18.67 6.11
C VAL C 214 48.90 18.41 4.92
N VAL C 215 49.04 19.25 3.90
CA VAL C 215 48.17 19.23 2.73
C VAL C 215 49.07 19.02 1.53
N ASP C 216 49.18 17.77 1.07
CA ASP C 216 49.82 17.50 -0.20
C ASP C 216 48.89 17.93 -1.34
N GLU C 217 49.50 18.38 -2.43
CA GLU C 217 48.77 18.89 -3.59
C GLU C 217 47.86 20.05 -3.18
N LEU C 218 48.50 21.12 -2.71
CA LEU C 218 47.77 22.31 -2.28
C LEU C 218 47.00 22.94 -3.43
N HIS C 219 47.51 22.80 -4.66
CA HIS C 219 46.83 23.36 -5.82
C HIS C 219 45.44 22.78 -6.01
N MET C 220 45.15 21.64 -5.39
CA MET C 220 43.82 21.07 -5.45
C MET C 220 42.76 21.94 -4.79
N LEU C 221 43.16 22.90 -3.94
CA LEU C 221 42.17 23.70 -3.24
C LEU C 221 41.38 24.62 -4.17
N GLY C 222 41.79 24.74 -5.43
CA GLY C 222 41.07 25.57 -6.36
C GLY C 222 39.90 24.86 -6.99
N ASP C 223 39.83 24.86 -8.33
CA ASP C 223 38.71 24.25 -9.03
C ASP C 223 38.83 22.73 -8.95
N SER C 224 37.97 22.10 -8.17
CA SER C 224 37.97 20.66 -8.00
C SER C 224 36.63 20.24 -7.40
N HIS C 225 36.35 18.94 -7.50
CA HIS C 225 35.18 18.36 -6.84
C HIS C 225 35.43 18.06 -5.37
N ARG C 226 36.70 18.05 -4.95
CA ARG C 226 37.04 17.86 -3.54
C ARG C 226 37.98 18.95 -3.05
N GLY C 227 38.19 19.98 -3.87
CA GLY C 227 39.10 21.04 -3.50
C GLY C 227 38.51 22.03 -2.54
N TYR C 228 37.22 22.32 -2.67
CA TYR C 228 36.58 23.24 -1.75
C TYR C 228 36.63 22.72 -0.32
N LEU C 229 36.43 21.41 -0.14
CA LEU C 229 36.57 20.81 1.17
C LEU C 229 37.95 21.04 1.75
N LEU C 230 38.96 21.16 0.90
CA LEU C 230 40.29 21.53 1.36
C LEU C 230 40.29 22.94 1.92
N GLU C 231 39.74 23.89 1.16
CA GLU C 231 39.67 25.28 1.63
C GLU C 231 38.87 25.36 2.92
N LEU C 232 37.69 24.74 2.94
CA LEU C 232 36.88 24.70 4.14
C LEU C 232 37.65 24.09 5.31
N LEU C 233 38.59 23.19 5.01
CA LEU C 233 39.38 22.57 6.05
C LEU C 233 40.32 23.56 6.74
N LEU C 234 40.85 24.53 5.98
CA LEU C 234 41.85 25.45 6.48
C LEU C 234 41.25 26.76 7.00
N THR C 235 40.34 27.37 6.24
CA THR C 235 39.66 28.57 6.73
C THR C 235 38.95 28.32 8.04
N LYS C 236 38.51 27.08 8.28
CA LYS C 236 37.92 26.73 9.56
C LYS C 236 38.99 26.62 10.64
N ILE C 237 40.15 26.04 10.30
CA ILE C 237 41.23 25.92 11.28
C ILE C 237 41.79 27.28 11.64
N CYS C 238 42.06 28.11 10.63
CA CYS C 238 42.66 29.42 10.88
C CYS C 238 41.78 30.25 11.81
N TYR C 239 40.47 30.26 11.54
CA TYR C 239 39.55 30.94 12.45
C TYR C 239 39.72 30.46 13.88
N ILE C 240 39.78 29.14 14.07
CA ILE C 240 40.00 28.59 15.41
C ILE C 240 41.28 29.15 16.01
N THR C 241 42.33 29.25 15.21
CA THR C 241 43.58 29.80 15.70
C THR C 241 43.46 31.32 15.88
N ARG C 242 42.70 31.98 15.03
CA ARG C 242 42.57 33.43 15.06
C ARG C 242 41.40 33.91 15.92
N LYS C 243 40.60 32.98 16.47
CA LYS C 243 39.60 33.34 17.47
C LYS C 243 40.10 33.13 18.89
N SER C 244 41.16 32.33 19.08
CA SER C 244 41.79 32.19 20.38
C SER C 244 42.81 33.28 20.65
N ALA C 245 43.10 34.14 19.67
CA ALA C 245 44.02 35.25 19.84
C ALA C 245 43.33 36.50 20.40
N SER C 246 42.03 36.45 20.65
CA SER C 246 41.31 37.58 21.19
C SER C 246 41.67 37.82 22.65
N SER C 256 54.77 29.26 17.70
CA SER C 256 54.38 30.39 16.88
C SER C 256 52.97 30.21 16.33
N ASN C 257 52.32 29.12 16.74
CA ASN C 257 50.96 28.81 16.30
C ASN C 257 50.37 27.78 17.24
N ALA C 258 49.09 27.48 17.05
CA ALA C 258 48.43 26.40 17.76
C ALA C 258 48.14 25.20 16.87
N VAL C 259 47.92 25.40 15.58
CA VAL C 259 47.80 24.34 14.60
C VAL C 259 48.64 24.75 13.40
N GLN C 260 49.78 24.08 13.22
CA GLN C 260 50.61 24.37 12.06
C GLN C 260 49.99 23.81 10.79
N ILE C 261 50.20 24.51 9.68
CA ILE C 261 49.67 24.09 8.38
C ILE C 261 50.83 24.12 7.39
N VAL C 262 51.08 22.98 6.75
CA VAL C 262 52.15 22.86 5.77
C VAL C 262 51.55 22.36 4.47
N GLY C 263 51.72 23.15 3.42
CA GLY C 263 51.12 22.84 2.12
C GLY C 263 52.17 22.64 1.05
N MET C 264 51.98 21.60 0.24
CA MET C 264 52.83 21.30 -0.90
C MET C 264 52.05 21.57 -2.18
N SER C 265 52.64 22.34 -3.09
CA SER C 265 51.95 22.71 -4.31
C SER C 265 52.90 22.59 -5.50
N ALA C 266 52.36 22.83 -6.70
CA ALA C 266 53.15 22.86 -7.92
C ALA C 266 53.58 24.31 -8.21
N THR C 267 54.09 24.54 -9.42
CA THR C 267 54.54 25.88 -9.81
C THR C 267 53.34 26.78 -10.09
N LEU C 268 52.61 27.16 -9.05
CA LEU C 268 51.43 27.98 -9.25
C LEU C 268 51.82 29.45 -9.31
N PRO C 269 51.13 30.26 -10.13
CA PRO C 269 51.45 31.69 -10.17
C PRO C 269 51.11 32.41 -8.87
N ASN C 270 49.90 32.21 -8.37
CA ASN C 270 49.46 32.91 -7.16
C ASN C 270 49.75 32.15 -5.88
N LEU C 271 50.88 31.46 -5.81
CA LEU C 271 51.23 30.77 -4.58
C LEU C 271 51.29 31.76 -3.43
N GLU C 272 51.88 32.92 -3.70
CA GLU C 272 51.98 33.95 -2.67
C GLU C 272 50.64 34.17 -2.00
N LEU C 273 49.62 34.53 -2.77
CA LEU C 273 48.29 34.71 -2.22
C LEU C 273 47.94 33.60 -1.23
N VAL C 274 48.23 32.36 -1.59
CA VAL C 274 47.93 31.24 -0.70
C VAL C 274 48.83 31.27 0.53
N ALA C 275 50.08 31.69 0.37
CA ALA C 275 50.98 31.79 1.52
C ALA C 275 50.52 32.87 2.49
N SER C 276 50.06 34.01 1.97
CA SER C 276 49.60 35.08 2.85
C SER C 276 48.24 34.75 3.46
N TRP C 277 47.39 34.02 2.74
CA TRP C 277 46.09 33.65 3.28
C TRP C 277 46.22 32.81 4.53
N LEU C 278 47.13 31.84 4.53
CA LEU C 278 47.36 30.97 5.66
C LEU C 278 48.42 31.51 6.61
N ASN C 279 48.93 32.71 6.37
CA ASN C 279 49.99 33.32 7.17
C ASN C 279 51.31 32.57 7.00
N ALA C 280 51.26 31.47 6.25
CA ALA C 280 52.44 30.64 6.05
C ALA C 280 53.60 31.30 5.34
N GLU C 281 54.80 30.76 5.55
CA GLU C 281 55.96 31.26 4.84
C GLU C 281 55.96 30.61 3.47
N LEU C 282 56.39 31.35 2.45
CA LEU C 282 56.34 30.81 1.10
C LEU C 282 57.71 30.39 0.59
N TYR C 283 57.81 29.17 0.08
CA TYR C 283 59.06 28.72 -0.51
C TYR C 283 58.83 28.13 -1.89
N HIS C 284 59.40 28.76 -2.91
CA HIS C 284 59.22 28.29 -4.27
C HIS C 284 60.58 27.92 -4.85
N THR C 285 60.66 26.73 -5.45
CA THR C 285 61.88 26.26 -6.08
C THR C 285 61.54 25.61 -7.40
N ASP C 286 62.52 25.59 -8.31
CA ASP C 286 62.38 24.95 -9.60
C ASP C 286 63.44 23.87 -9.81
N PHE C 287 64.07 23.42 -8.73
CA PHE C 287 65.15 22.44 -8.83
C PHE C 287 64.59 21.06 -9.14
N ARG C 288 65.15 20.42 -10.15
CA ARG C 288 64.82 19.04 -10.50
C ARG C 288 66.09 18.21 -10.50
N PRO C 289 66.19 17.14 -9.71
CA PRO C 289 67.45 16.39 -9.66
C PRO C 289 67.87 15.83 -11.01
N VAL C 290 66.91 15.40 -11.80
CA VAL C 290 67.16 14.92 -13.17
C VAL C 290 66.61 15.97 -14.13
N PRO C 291 67.45 16.58 -14.96
CA PRO C 291 66.96 17.61 -15.89
C PRO C 291 65.90 17.04 -16.82
N LEU C 292 64.98 17.90 -17.22
CA LEU C 292 63.87 17.51 -18.09
C LEU C 292 64.02 18.17 -19.45
N LEU C 293 63.82 17.40 -20.51
CA LEU C 293 63.79 17.90 -21.88
C LEU C 293 62.43 17.58 -22.46
N GLU C 294 61.57 18.60 -22.50
CA GLU C 294 60.28 18.46 -23.15
C GLU C 294 60.41 18.81 -24.62
N SER C 295 59.78 18.01 -25.48
CA SER C 295 59.90 18.21 -26.91
C SER C 295 58.59 17.81 -27.58
N VAL C 296 58.38 18.37 -28.76
CA VAL C 296 57.24 18.03 -29.60
C VAL C 296 57.75 17.29 -30.82
N LYS C 297 56.92 16.39 -31.34
CA LYS C 297 57.26 15.60 -32.52
C LYS C 297 56.24 15.87 -33.61
N VAL C 298 56.70 16.39 -34.75
CA VAL C 298 55.86 16.62 -35.91
C VAL C 298 56.45 15.86 -37.08
N GLY C 299 55.68 14.93 -37.64
CA GLY C 299 56.18 14.10 -38.71
C GLY C 299 57.38 13.28 -38.31
N ASN C 300 58.54 13.58 -38.89
CA ASN C 300 59.78 12.92 -38.54
C ASN C 300 60.75 13.85 -37.82
N SER C 301 60.29 15.02 -37.37
CA SER C 301 61.14 16.03 -36.77
C SER C 301 60.79 16.22 -35.30
N ILE C 302 61.81 16.47 -34.50
CA ILE C 302 61.67 16.69 -33.06
C ILE C 302 62.12 18.11 -32.77
N TYR C 303 61.23 18.91 -32.20
CA TYR C 303 61.52 20.28 -31.84
C TYR C 303 61.52 20.44 -30.32
N ASP C 304 62.38 21.33 -29.83
CA ASP C 304 62.47 21.58 -28.40
C ASP C 304 61.29 22.47 -27.97
N SER C 305 61.32 22.92 -26.72
CA SER C 305 60.21 23.71 -26.20
C SER C 305 60.06 25.03 -26.93
N SER C 306 61.17 25.70 -27.20
CA SER C 306 61.14 27.02 -27.85
C SER C 306 61.23 26.91 -29.36
N MET C 307 60.40 26.05 -29.95
CA MET C 307 60.28 25.90 -31.39
C MET C 307 61.62 25.74 -32.10
N LYS C 308 62.52 24.96 -31.52
CA LYS C 308 63.84 24.74 -32.08
C LYS C 308 64.05 23.24 -32.30
N LEU C 309 64.41 22.89 -33.53
CA LEU C 309 64.67 21.48 -33.85
C LEU C 309 65.90 21.00 -33.08
N VAL C 310 65.76 19.85 -32.43
CA VAL C 310 66.82 19.29 -31.61
C VAL C 310 67.34 17.98 -32.17
N ARG C 311 66.50 17.19 -32.85
CA ARG C 311 66.93 15.91 -33.40
C ARG C 311 66.04 15.58 -34.58
N GLU C 312 66.60 14.87 -35.54
CA GLU C 312 65.88 14.36 -36.70
C GLU C 312 65.68 12.87 -36.49
N PHE C 313 64.52 12.50 -35.97
CA PHE C 313 64.25 11.10 -35.62
C PHE C 313 64.09 10.27 -36.89
N GLU C 314 64.76 9.13 -36.92
CA GLU C 314 64.61 8.15 -38.01
C GLU C 314 64.27 6.81 -37.37
N PRO C 315 63.16 6.20 -37.75
CA PRO C 315 62.77 4.93 -37.11
C PRO C 315 63.81 3.84 -37.33
N MET C 316 63.99 2.99 -36.32
CA MET C 316 64.90 1.88 -36.45
C MET C 316 64.27 0.71 -37.19
N LEU C 317 63.18 0.15 -36.66
CA LEU C 317 62.45 -0.92 -37.32
C LEU C 317 60.97 -0.61 -37.16
N GLN C 318 60.35 -0.04 -38.20
CA GLN C 318 58.97 0.39 -38.16
C GLN C 318 58.16 -0.35 -39.21
N VAL C 319 57.01 -0.90 -38.79
CA VAL C 319 56.08 -1.52 -39.73
C VAL C 319 54.74 -0.80 -39.66
N ASP C 324 54.07 8.92 -36.69
CA ASP C 324 54.04 8.85 -35.24
C ASP C 324 55.19 7.98 -34.79
N HIS C 325 55.40 6.87 -35.50
CA HIS C 325 56.48 5.96 -35.13
C HIS C 325 56.52 5.74 -33.63
N VAL C 326 55.35 5.76 -33.00
CA VAL C 326 55.30 5.53 -31.57
C VAL C 326 56.07 4.27 -31.21
N VAL C 327 55.88 3.20 -31.99
CA VAL C 327 56.58 1.95 -31.73
C VAL C 327 58.08 2.13 -31.92
N SER C 328 58.49 2.93 -32.91
CA SER C 328 59.91 3.20 -33.11
C SER C 328 60.50 3.97 -31.94
N LEU C 329 59.76 4.95 -31.40
CA LEU C 329 60.23 5.68 -30.23
C LEU C 329 60.37 4.75 -29.03
N CYS C 330 59.38 3.87 -28.82
CA CYS C 330 59.46 2.91 -27.73
C CYS C 330 60.66 1.98 -27.92
N TYR C 331 60.89 1.55 -29.16
CA TYR C 331 62.04 0.69 -29.47
C TYR C 331 63.35 1.39 -29.16
N GLU C 332 63.47 2.66 -29.55
CA GLU C 332 64.69 3.40 -29.28
C GLU C 332 64.91 3.56 -27.77
N THR C 333 63.84 3.81 -27.03
CA THR C 333 63.96 3.88 -25.58
C THR C 333 64.38 2.54 -24.99
N ILE C 334 63.82 1.44 -25.49
CA ILE C 334 64.08 0.13 -24.92
C ILE C 334 65.50 -0.32 -25.21
N CYS C 335 66.02 -0.01 -26.41
CA CYS C 335 67.33 -0.48 -26.82
C CYS C 335 68.43 -0.10 -25.82
N ASP C 336 68.26 1.03 -25.15
CA ASP C 336 69.21 1.46 -24.14
C ASP C 336 68.79 0.93 -22.78
N ASN C 337 68.27 -0.28 -22.74
CA ASN C 337 67.84 -0.89 -21.49
C ASN C 337 67.12 0.10 -20.58
N HIS C 338 66.13 0.79 -21.12
CA HIS C 338 65.34 1.71 -20.30
C HIS C 338 63.86 1.35 -20.42
N SER C 339 63.01 2.18 -19.83
CA SER C 339 61.56 1.94 -19.90
C SER C 339 60.85 3.17 -20.44
N VAL C 340 59.57 3.02 -20.79
CA VAL C 340 58.83 4.14 -21.38
C VAL C 340 57.40 4.27 -20.87
N LEU C 341 56.94 5.50 -20.68
CA LEU C 341 55.55 5.72 -20.28
C LEU C 341 54.83 6.25 -21.50
N LEU C 342 53.65 5.73 -21.79
CA LEU C 342 52.98 6.14 -23.02
C LEU C 342 51.54 6.52 -22.64
N PHE C 343 51.29 7.81 -22.52
CA PHE C 343 50.00 8.30 -22.04
C PHE C 343 49.06 8.45 -23.23
N CYS C 344 48.01 7.62 -23.28
CA CYS C 344 46.98 7.56 -24.31
C CYS C 344 45.68 8.18 -23.81
N PRO C 345 44.84 8.68 -24.71
CA PRO C 345 43.62 9.37 -24.30
C PRO C 345 42.45 8.46 -23.92
N SER C 346 42.60 7.15 -23.99
CA SER C 346 41.47 6.26 -23.72
C SER C 346 41.99 4.89 -23.27
N LYS C 347 41.05 4.01 -22.95
CA LYS C 347 41.38 2.66 -22.52
C LYS C 347 41.62 1.74 -23.72
N LYS C 348 40.72 1.78 -24.70
CA LYS C 348 40.91 0.96 -25.90
C LYS C 348 42.19 1.33 -26.62
N TRP C 349 42.53 2.62 -26.63
CA TRP C 349 43.79 3.05 -27.21
C TRP C 349 44.99 2.50 -26.47
N CYS C 350 44.95 2.45 -25.13
CA CYS C 350 46.02 1.81 -24.37
C CYS C 350 46.14 0.32 -24.67
N GLU C 351 45.01 -0.38 -24.73
CA GLU C 351 45.04 -1.80 -25.03
C GLU C 351 45.53 -2.08 -26.44
N LYS C 352 45.21 -1.21 -27.40
CA LYS C 352 45.69 -1.38 -28.77
C LYS C 352 47.16 -1.03 -28.91
N LEU C 353 47.59 0.07 -28.28
CA LEU C 353 48.96 0.54 -28.38
C LEU C 353 49.90 -0.14 -27.40
N ALA C 354 49.40 -1.07 -26.59
CA ALA C 354 50.29 -2.03 -25.93
C ALA C 354 50.39 -3.32 -26.70
N ASP C 355 49.29 -3.76 -27.31
CA ASP C 355 49.32 -4.92 -28.19
C ASP C 355 50.27 -4.69 -29.35
N ILE C 356 50.28 -3.49 -29.92
CA ILE C 356 51.14 -3.22 -31.07
C ILE C 356 52.61 -3.34 -30.68
N ILE C 357 53.03 -2.67 -29.61
CA ILE C 357 54.43 -2.78 -29.23
C ILE C 357 54.78 -4.20 -28.77
N ALA C 358 53.82 -4.93 -28.20
CA ALA C 358 54.09 -6.34 -27.89
C ALA C 358 54.36 -7.13 -29.17
N ARG C 359 53.54 -6.90 -30.20
CA ARG C 359 53.69 -7.63 -31.46
C ARG C 359 55.04 -7.34 -32.08
N GLU C 360 55.43 -6.06 -32.16
CA GLU C 360 56.75 -5.72 -32.69
C GLU C 360 57.89 -6.24 -31.82
N PHE C 361 57.79 -6.15 -30.50
CA PHE C 361 58.87 -6.66 -29.67
C PHE C 361 59.02 -8.16 -29.78
N TYR C 362 57.96 -8.88 -30.16
CA TYR C 362 58.10 -10.29 -30.50
C TYR C 362 58.72 -10.44 -31.89
N ASN C 363 58.07 -9.90 -32.90
CA ASN C 363 58.55 -10.06 -34.27
C ASN C 363 59.90 -9.38 -34.50
N LEU C 364 60.06 -8.15 -34.01
CA LEU C 364 61.32 -7.43 -34.22
C LEU C 364 62.45 -7.99 -33.37
N HIS C 365 62.14 -8.74 -32.31
CA HIS C 365 63.19 -9.22 -31.41
C HIS C 365 63.34 -10.74 -31.37
N HIS C 366 62.49 -11.45 -32.11
CA HIS C 366 62.55 -12.92 -32.07
C HIS C 366 62.51 -13.55 -33.46
N GLN C 367 62.78 -12.74 -34.48
CA GLN C 367 62.76 -13.25 -35.86
C GLN C 367 61.65 -14.27 -36.05
N ALA C 368 60.51 -14.02 -35.43
CA ALA C 368 59.36 -14.92 -35.51
C ALA C 368 58.05 -14.15 -35.45
N GLU C 383 62.88 -9.54 -15.35
CA GLU C 383 63.45 -10.87 -15.49
C GLU C 383 62.38 -11.87 -15.89
N GLN C 384 62.72 -12.77 -16.81
CA GLN C 384 61.75 -13.79 -17.23
C GLN C 384 61.09 -14.42 -16.02
N LYS C 385 61.88 -15.04 -15.16
CA LYS C 385 61.33 -15.65 -13.95
C LYS C 385 60.45 -14.66 -13.20
N GLU C 386 60.92 -13.41 -13.06
CA GLU C 386 60.13 -12.38 -12.40
C GLU C 386 58.87 -12.05 -13.19
N LEU C 387 58.95 -11.99 -14.51
CA LEU C 387 57.78 -11.75 -15.34
C LEU C 387 56.78 -12.91 -15.27
N LEU C 388 57.25 -14.15 -15.22
CA LEU C 388 56.33 -15.27 -15.00
C LEU C 388 55.70 -15.21 -13.62
N GLU C 389 56.45 -14.74 -12.61
CA GLU C 389 55.86 -14.51 -11.31
C GLU C 389 54.74 -13.48 -11.39
N VAL C 390 54.96 -12.42 -12.17
CA VAL C 390 53.93 -11.39 -12.34
C VAL C 390 52.70 -11.98 -13.05
N MET C 391 52.93 -12.80 -14.06
CA MET C 391 51.81 -13.45 -14.75
C MET C 391 51.01 -14.33 -13.80
N ASP C 392 51.70 -15.10 -12.96
CA ASP C 392 51.01 -15.95 -12.00
C ASP C 392 50.29 -15.12 -10.94
N GLN C 393 50.88 -13.99 -10.53
CA GLN C 393 50.21 -13.08 -9.60
C GLN C 393 48.92 -12.55 -10.20
N LEU C 394 48.96 -12.18 -11.48
CA LEU C 394 47.75 -11.73 -12.17
C LEU C 394 46.76 -12.86 -12.36
N ARG C 395 47.24 -14.11 -12.39
CA ARG C 395 46.36 -15.23 -12.65
C ARG C 395 45.59 -15.73 -11.43
N ARG C 396 46.01 -15.35 -10.21
CA ARG C 396 45.28 -15.76 -9.01
C ARG C 396 44.47 -14.58 -8.46
N LEU C 397 43.81 -13.86 -9.37
CA LEU C 397 42.99 -12.73 -9.00
C LEU C 397 41.52 -13.08 -9.27
N PRO C 398 40.59 -12.42 -8.57
CA PRO C 398 39.17 -12.69 -8.81
C PRO C 398 38.76 -12.55 -10.27
N SER C 399 39.35 -11.61 -11.00
CA SER C 399 39.15 -11.52 -12.44
C SER C 399 40.16 -12.33 -13.23
N GLY C 400 41.14 -12.93 -12.57
CA GLY C 400 42.13 -13.75 -13.24
C GLY C 400 43.04 -12.95 -14.17
N LEU C 401 43.54 -13.64 -15.18
CA LEU C 401 44.35 -13.02 -16.21
C LEU C 401 43.47 -12.28 -17.20
N ASP C 402 44.05 -11.29 -17.86
CA ASP C 402 43.38 -10.56 -18.92
C ASP C 402 43.97 -10.95 -20.26
N SER C 403 43.09 -11.15 -21.26
CA SER C 403 43.54 -11.62 -22.56
C SER C 403 44.57 -10.68 -23.17
N VAL C 404 44.27 -9.38 -23.18
CA VAL C 404 45.24 -8.42 -23.70
C VAL C 404 46.49 -8.42 -22.85
N LEU C 405 46.33 -8.49 -21.53
CA LEU C 405 47.50 -8.61 -20.66
C LEU C 405 48.27 -9.89 -20.95
N GLN C 406 47.55 -11.00 -21.20
CA GLN C 406 48.23 -12.26 -21.51
C GLN C 406 49.04 -12.13 -22.79
N LYS C 407 48.52 -11.42 -23.78
CA LYS C 407 49.27 -11.24 -25.03
C LYS C 407 50.45 -10.29 -24.85
N THR C 408 50.31 -9.28 -24.01
CA THR C 408 51.29 -8.20 -23.96
C THR C 408 52.40 -8.45 -22.94
N VAL C 409 52.04 -8.74 -21.69
CA VAL C 409 52.97 -8.76 -20.57
C VAL C 409 54.19 -9.65 -20.81
N PRO C 410 54.07 -10.87 -21.38
CA PRO C 410 55.28 -11.65 -21.62
C PRO C 410 56.08 -11.16 -22.83
N TRP C 411 56.17 -9.83 -22.95
CA TRP C 411 57.11 -9.18 -23.84
C TRP C 411 57.72 -7.93 -23.24
N GLY C 412 57.35 -7.54 -22.01
CA GLY C 412 57.79 -6.31 -21.41
C GLY C 412 56.84 -5.15 -21.61
N VAL C 413 55.78 -5.36 -22.39
CA VAL C 413 54.84 -4.30 -22.68
C VAL C 413 53.50 -4.59 -22.04
N ALA C 414 52.79 -3.54 -21.64
CA ALA C 414 51.48 -3.72 -21.02
C ALA C 414 50.72 -2.41 -21.05
N PHE C 415 49.51 -2.45 -20.50
CA PHE C 415 48.63 -1.30 -20.42
C PHE C 415 48.11 -1.16 -19.00
N HIS C 416 47.85 0.08 -18.61
CA HIS C 416 47.43 0.41 -17.24
C HIS C 416 46.38 1.51 -17.36
N HIS C 417 45.11 1.11 -17.41
CA HIS C 417 44.02 2.06 -17.45
C HIS C 417 43.02 1.75 -16.33
N ALA C 418 42.03 2.62 -16.21
CA ALA C 418 41.04 2.51 -15.13
C ALA C 418 40.15 1.29 -15.25
N GLY C 419 40.11 0.65 -16.42
CA GLY C 419 39.28 -0.52 -16.58
C GLY C 419 39.73 -1.69 -15.71
N LEU C 420 41.04 -1.83 -15.53
CA LEU C 420 41.55 -2.92 -14.73
C LEU C 420 41.15 -2.74 -13.26
N THR C 421 41.16 -3.84 -12.53
CA THR C 421 40.91 -3.79 -11.10
C THR C 421 42.05 -3.04 -10.41
N PHE C 422 41.78 -2.61 -9.17
CA PHE C 422 42.83 -1.94 -8.40
C PHE C 422 43.99 -2.87 -8.13
N GLU C 423 43.71 -4.16 -7.93
CA GLU C 423 44.78 -5.14 -7.73
C GLU C 423 45.62 -5.29 -8.99
N GLU C 424 44.97 -5.38 -10.15
CA GLU C 424 45.70 -5.48 -11.41
C GLU C 424 46.51 -4.21 -11.66
N ARG C 425 45.91 -3.04 -11.39
CA ARG C 425 46.62 -1.78 -11.58
C ARG C 425 47.86 -1.71 -10.69
N ASP C 426 47.74 -2.13 -9.43
CA ASP C 426 48.89 -2.11 -8.54
C ASP C 426 49.94 -3.14 -8.96
N ILE C 427 49.52 -4.30 -9.46
CA ILE C 427 50.48 -5.29 -9.92
C ILE C 427 51.26 -4.74 -11.12
N ILE C 428 50.56 -4.14 -12.07
CA ILE C 428 51.21 -3.58 -13.24
C ILE C 428 52.13 -2.43 -12.86
N GLU C 429 51.69 -1.58 -11.93
CA GLU C 429 52.53 -0.47 -11.49
C GLU C 429 53.78 -0.98 -10.79
N GLY C 430 53.66 -2.02 -9.97
CA GLY C 430 54.85 -2.60 -9.35
C GLY C 430 55.79 -3.22 -10.36
N ALA C 431 55.23 -3.92 -11.36
CA ALA C 431 56.06 -4.51 -12.40
C ALA C 431 56.81 -3.44 -13.18
N PHE C 432 56.15 -2.33 -13.51
CA PHE C 432 56.84 -1.23 -14.19
C PHE C 432 57.88 -0.60 -13.28
N ARG C 433 57.56 -0.43 -12.00
CA ARG C 433 58.50 0.20 -11.07
C ARG C 433 59.76 -0.63 -10.90
N GLN C 434 59.62 -1.96 -10.91
CA GLN C 434 60.77 -2.84 -10.77
C GLN C 434 61.50 -3.08 -12.08
N GLY C 435 61.02 -2.50 -13.20
CA GLY C 435 61.66 -2.67 -14.48
C GLY C 435 61.24 -3.90 -15.25
N LEU C 436 60.40 -4.75 -14.68
CA LEU C 436 59.94 -5.94 -15.38
C LEU C 436 59.14 -5.57 -16.62
N ILE C 437 58.25 -4.61 -16.51
CA ILE C 437 57.52 -4.07 -17.65
C ILE C 437 58.29 -2.86 -18.17
N ARG C 438 58.53 -2.83 -19.48
CA ARG C 438 59.35 -1.78 -20.08
C ARG C 438 58.55 -0.74 -20.85
N VAL C 439 57.39 -1.09 -21.38
CA VAL C 439 56.50 -0.13 -22.01
C VAL C 439 55.16 -0.19 -21.30
N LEU C 440 54.67 0.96 -20.86
CA LEU C 440 53.41 1.02 -20.13
C LEU C 440 52.49 2.03 -20.81
N ALA C 441 51.47 1.53 -21.50
CA ALA C 441 50.46 2.39 -22.12
C ALA C 441 49.41 2.71 -21.07
N ALA C 442 49.45 3.93 -20.54
CA ALA C 442 48.57 4.34 -19.46
C ALA C 442 47.69 5.50 -19.92
N THR C 443 46.69 5.81 -19.11
CA THR C 443 45.79 6.92 -19.36
C THR C 443 46.21 8.11 -18.49
N SER C 444 45.41 9.18 -18.52
CA SER C 444 45.73 10.36 -17.72
C SER C 444 45.53 10.14 -16.23
N THR C 445 44.80 9.08 -15.85
CA THR C 445 44.54 8.85 -14.43
C THR C 445 45.82 8.55 -13.67
N LEU C 446 46.76 7.83 -14.29
CA LEU C 446 48.03 7.53 -13.63
C LEU C 446 48.85 8.78 -13.38
N SER C 447 48.63 9.84 -14.19
CA SER C 447 49.46 11.04 -14.07
C SER C 447 49.32 11.68 -12.70
N SER C 448 48.10 11.74 -12.17
CA SER C 448 47.86 12.32 -10.85
C SER C 448 47.97 11.31 -9.73
N GLY C 449 48.20 10.04 -10.05
CA GLY C 449 48.21 9.00 -9.03
C GLY C 449 49.57 8.78 -8.39
N VAL C 450 50.02 7.53 -8.41
CA VAL C 450 51.23 7.12 -7.70
C VAL C 450 52.47 7.70 -8.38
N ASN C 451 53.61 7.63 -7.67
CA ASN C 451 54.88 8.11 -8.20
C ASN C 451 55.51 6.99 -9.02
N LEU C 452 55.35 7.07 -10.35
CA LEU C 452 55.84 6.06 -11.28
C LEU C 452 56.68 6.74 -12.34
N PRO C 453 57.99 6.88 -12.11
CA PRO C 453 58.84 7.56 -13.08
C PRO C 453 59.29 6.64 -14.21
N ALA C 454 59.38 7.22 -15.40
CA ALA C 454 59.84 6.50 -16.59
C ALA C 454 60.87 7.36 -17.32
N ARG C 455 61.83 6.69 -17.95
CA ARG C 455 62.92 7.41 -18.61
C ARG C 455 62.39 8.33 -19.70
N ARG C 456 61.45 7.85 -20.49
CA ARG C 456 60.83 8.65 -21.54
C ARG C 456 59.33 8.59 -21.37
N VAL C 457 58.68 9.75 -21.41
CA VAL C 457 57.23 9.85 -21.34
C VAL C 457 56.75 10.33 -22.71
N ILE C 458 56.05 9.46 -23.43
CA ILE C 458 55.51 9.78 -24.74
C ILE C 458 54.02 10.03 -24.58
N ILE C 459 53.60 11.24 -24.88
CA ILE C 459 52.19 11.62 -24.83
C ILE C 459 51.69 11.60 -26.27
N ARG C 460 50.96 10.53 -26.61
CA ARG C 460 50.51 10.34 -27.99
C ARG C 460 49.93 11.55 -28.67
N THR C 461 48.91 12.14 -28.07
CA THR C 461 48.23 13.25 -28.71
C THR C 461 47.99 14.36 -27.69
N PRO C 462 48.04 15.62 -28.12
CA PRO C 462 47.67 16.71 -27.22
C PRO C 462 46.18 16.77 -26.93
N ILE C 463 45.35 16.14 -27.75
CA ILE C 463 43.90 16.13 -27.55
C ILE C 463 43.57 14.89 -26.71
N PHE C 464 43.12 15.12 -25.48
CA PHE C 464 42.78 14.05 -24.55
C PHE C 464 41.28 14.08 -24.30
N GLY C 465 40.59 13.04 -24.76
CA GLY C 465 39.15 12.94 -24.57
C GLY C 465 38.35 14.00 -25.31
N GLY C 466 38.79 14.37 -26.52
CA GLY C 466 38.10 15.36 -27.30
C GLY C 466 38.39 16.80 -26.91
N ARG C 467 39.23 17.02 -25.91
CA ARG C 467 39.60 18.36 -25.45
C ARG C 467 41.11 18.44 -25.33
N PRO C 468 41.67 19.65 -25.46
CA PRO C 468 43.11 19.80 -25.29
C PRO C 468 43.56 19.36 -23.89
N LEU C 469 44.74 18.78 -23.84
CA LEU C 469 45.29 18.31 -22.57
C LEU C 469 45.46 19.48 -21.61
N ASP C 470 45.07 19.26 -20.35
CA ASP C 470 45.19 20.30 -19.34
C ASP C 470 46.66 20.58 -19.07
N ILE C 471 46.97 21.85 -18.82
CA ILE C 471 48.36 22.22 -18.54
C ILE C 471 48.83 21.59 -17.24
N LEU C 472 47.95 21.50 -16.24
CA LEU C 472 48.30 20.78 -15.01
C LEU C 472 48.50 19.30 -15.29
N THR C 473 47.60 18.71 -16.09
CA THR C 473 47.75 17.30 -16.44
C THR C 473 49.02 17.07 -17.23
N TYR C 474 49.33 17.96 -18.19
CA TYR C 474 50.56 17.81 -18.97
C TYR C 474 51.79 17.90 -18.08
N LYS C 475 51.80 18.86 -17.15
CA LYS C 475 52.93 18.97 -16.23
C LYS C 475 53.05 17.73 -15.36
N GLN C 476 51.91 17.18 -14.91
CA GLN C 476 51.93 15.98 -14.11
C GLN C 476 52.52 14.80 -14.89
N MET C 477 52.13 14.65 -16.16
CA MET C 477 52.68 13.58 -16.97
C MET C 477 54.18 13.75 -17.18
N VAL C 478 54.60 14.93 -17.64
CA VAL C 478 56.01 15.13 -17.98
C VAL C 478 56.90 15.26 -16.76
N GLY C 479 56.34 15.38 -15.56
CA GLY C 479 57.18 15.35 -14.37
C GLY C 479 57.67 13.97 -14.01
N ARG C 480 57.13 12.93 -14.64
CA ARG C 480 57.57 11.56 -14.43
C ARG C 480 58.74 11.17 -15.32
N ALA C 481 59.13 12.05 -16.25
CA ALA C 481 60.22 11.75 -17.16
C ALA C 481 61.56 11.89 -16.43
N GLY C 482 62.24 10.77 -16.21
CA GLY C 482 63.51 10.79 -15.52
C GLY C 482 63.46 10.16 -14.15
N ARG C 483 64.19 9.07 -13.96
CA ARG C 483 64.28 8.41 -12.66
C ARG C 483 65.45 9.00 -11.88
N LYS C 484 65.18 9.45 -10.65
CA LYS C 484 66.21 10.04 -9.82
C LYS C 484 67.24 8.98 -9.42
N GLY C 485 68.51 9.30 -9.60
CA GLY C 485 69.58 8.41 -9.24
C GLY C 485 69.89 7.32 -10.24
N VAL C 486 69.17 7.25 -11.36
CA VAL C 486 69.41 6.25 -12.38
C VAL C 486 69.72 6.93 -13.70
N ASP C 487 68.77 7.73 -14.19
CA ASP C 487 68.95 8.44 -15.45
C ASP C 487 69.77 9.71 -15.25
N THR C 488 70.48 10.10 -16.32
CA THR C 488 71.16 11.39 -16.34
C THR C 488 70.23 12.51 -16.75
N VAL C 489 69.29 12.24 -17.66
CA VAL C 489 68.28 13.21 -18.09
C VAL C 489 66.94 12.48 -18.18
N GLY C 490 65.89 13.25 -18.40
CA GLY C 490 64.57 12.70 -18.66
C GLY C 490 63.98 13.36 -19.88
N GLU C 491 63.23 12.59 -20.65
CA GLU C 491 62.71 13.04 -21.93
C GLU C 491 61.19 12.95 -21.92
N SER C 492 60.53 14.02 -22.38
CA SER C 492 59.11 14.01 -22.66
C SER C 492 58.92 14.32 -24.13
N ILE C 493 58.14 13.49 -24.81
CA ILE C 493 57.90 13.63 -26.24
C ILE C 493 56.40 13.67 -26.44
N LEU C 494 55.88 14.84 -26.83
CA LEU C 494 54.47 14.98 -27.15
C LEU C 494 54.31 14.90 -28.66
N ILE C 495 53.57 13.91 -29.13
CA ILE C 495 53.45 13.64 -30.56
C ILE C 495 52.28 14.47 -31.09
N CYS C 496 52.59 15.46 -31.92
CA CYS C 496 51.54 16.28 -32.52
C CYS C 496 51.72 16.31 -34.03
N LYS C 497 50.82 17.00 -34.73
CA LYS C 497 50.91 17.06 -36.19
C LYS C 497 50.00 18.13 -36.78
N ASN C 498 50.34 18.59 -37.98
CA ASN C 498 49.51 19.59 -38.65
C ASN C 498 49.04 20.67 -37.69
N SER C 499 47.74 20.89 -37.63
CA SER C 499 47.19 21.90 -36.74
C SER C 499 47.49 21.55 -35.29
N GLU C 500 47.37 20.27 -34.95
CA GLU C 500 47.64 19.84 -33.59
C GLU C 500 48.94 20.43 -33.08
N LYS C 501 49.87 20.70 -33.99
CA LYS C 501 51.14 21.29 -33.58
C LYS C 501 50.93 22.54 -32.73
N SER C 502 49.89 23.32 -33.03
CA SER C 502 49.65 24.56 -32.29
C SER C 502 49.34 24.27 -30.83
N LYS C 503 48.42 23.33 -30.57
CA LYS C 503 48.09 22.98 -29.19
C LYS C 503 49.29 22.36 -28.48
N GLY C 504 50.10 21.60 -29.20
CA GLY C 504 51.29 21.03 -28.60
C GLY C 504 52.28 22.08 -28.17
N ILE C 505 52.53 23.07 -29.02
CA ILE C 505 53.45 24.14 -28.64
C ILE C 505 52.85 25.01 -27.54
N ALA C 506 51.52 25.14 -27.51
CA ALA C 506 50.89 25.86 -26.41
C ALA C 506 51.09 25.13 -25.08
N LEU C 507 50.95 23.80 -25.09
CA LEU C 507 51.23 23.01 -23.90
C LEU C 507 52.69 23.13 -23.51
N LEU C 508 53.59 23.14 -24.49
CA LEU C 508 55.01 23.25 -24.20
C LEU C 508 55.34 24.58 -23.53
N GLN C 509 54.77 25.67 -24.03
CA GLN C 509 55.06 27.00 -23.51
C GLN C 509 54.02 27.51 -22.52
N GLY C 510 53.04 26.70 -22.15
CA GLY C 510 52.03 27.13 -21.22
C GLY C 510 52.50 27.10 -19.77
N SER C 511 51.65 27.62 -18.90
CA SER C 511 51.92 27.66 -17.47
C SER C 511 50.62 27.40 -16.71
N LEU C 512 50.77 27.03 -15.44
CA LEU C 512 49.61 26.64 -14.63
C LEU C 512 48.70 27.84 -14.37
N LYS C 513 47.40 27.59 -14.41
CA LYS C 513 46.42 28.62 -14.12
C LYS C 513 46.42 28.96 -12.63
N PRO C 514 46.03 30.18 -12.27
CA PRO C 514 46.02 30.56 -10.85
C PRO C 514 44.93 29.81 -10.09
N VAL C 515 45.18 29.66 -8.78
CA VAL C 515 44.24 28.95 -7.92
C VAL C 515 43.00 29.80 -7.69
N ARG C 516 41.88 29.13 -7.44
CA ARG C 516 40.59 29.76 -7.23
C ARG C 516 40.09 29.46 -5.81
N SER C 517 38.83 29.81 -5.56
CA SER C 517 38.22 29.64 -4.26
C SER C 517 36.99 28.74 -4.27
N CYS C 518 36.18 28.82 -5.33
CA CYS C 518 34.99 27.99 -5.50
C CYS C 518 33.94 28.27 -4.41
N LEU C 519 34.11 29.36 -3.68
CA LEU C 519 33.09 29.76 -2.69
C LEU C 519 32.28 30.93 -3.24
N VAL C 527 24.21 32.15 -3.84
CA VAL C 527 24.54 31.09 -2.88
C VAL C 527 25.20 29.93 -3.61
N THR C 528 26.03 29.18 -2.88
CA THR C 528 26.71 28.04 -3.45
C THR C 528 26.80 26.92 -2.41
N GLY C 529 26.94 25.69 -2.90
CA GLY C 529 26.95 24.55 -2.00
C GLY C 529 28.13 24.58 -1.02
N SER C 530 29.28 25.08 -1.48
CA SER C 530 30.44 25.16 -0.61
C SER C 530 30.24 26.16 0.52
N MET C 531 29.68 27.33 0.21
CA MET C 531 29.46 28.32 1.27
C MET C 531 28.38 27.87 2.23
N ILE C 532 27.35 27.18 1.73
CA ILE C 532 26.34 26.59 2.59
C ILE C 532 26.99 25.58 3.54
N ARG C 533 27.86 24.73 3.00
CA ARG C 533 28.54 23.74 3.82
C ARG C 533 29.41 24.40 4.88
N ALA C 534 30.13 25.46 4.50
CA ALA C 534 31.00 26.15 5.44
C ALA C 534 30.22 26.83 6.55
N ILE C 535 29.12 27.50 6.20
CA ILE C 535 28.29 28.15 7.20
C ILE C 535 27.69 27.12 8.16
N LEU C 536 27.18 26.03 7.61
CA LEU C 536 26.65 24.98 8.49
C LEU C 536 27.76 24.42 9.38
N GLU C 537 28.96 24.25 8.82
CA GLU C 537 30.07 23.69 9.59
C GLU C 537 30.41 24.57 10.77
N ILE C 538 30.46 25.88 10.57
CA ILE C 538 30.84 26.75 11.67
C ILE C 538 29.71 26.90 12.68
N ILE C 539 28.46 27.07 12.21
CA ILE C 539 27.38 27.30 13.15
C ILE C 539 27.12 26.05 13.98
N VAL C 540 26.98 24.90 13.33
CA VAL C 540 26.64 23.67 14.03
C VAL C 540 27.77 23.25 14.97
N GLY C 541 29.01 23.54 14.61
CA GLY C 541 30.11 23.28 15.52
C GLY C 541 30.11 24.16 16.74
N GLY C 542 29.30 25.23 16.75
CA GLY C 542 29.26 26.17 17.84
C GLY C 542 30.40 27.17 17.83
N VAL C 543 31.24 27.16 16.80
CA VAL C 543 32.40 28.05 16.76
C VAL C 543 31.99 29.48 16.45
N ALA C 544 30.91 29.68 15.71
CA ALA C 544 30.41 31.01 15.39
C ALA C 544 28.91 31.01 15.61
N SER C 545 28.40 32.09 16.21
CA SER C 545 26.97 32.18 16.52
C SER C 545 26.29 33.36 15.86
N THR C 546 26.84 34.57 15.97
CA THR C 546 26.16 35.74 15.43
C THR C 546 26.61 36.02 14.00
N SER C 547 25.75 36.75 13.27
CA SER C 547 26.04 37.03 11.87
C SER C 547 27.27 37.90 11.71
N GLN C 548 27.58 38.73 12.71
CA GLN C 548 28.86 39.44 12.69
C GLN C 548 30.02 38.46 12.69
N ASP C 549 29.94 37.43 13.55
CA ASP C 549 30.93 36.36 13.50
C ASP C 549 30.86 35.61 12.18
N MET C 550 29.67 35.54 11.57
CA MET C 550 29.54 34.79 10.33
C MET C 550 30.27 35.48 9.20
N HIS C 551 30.21 36.81 9.15
CA HIS C 551 30.97 37.57 8.18
C HIS C 551 32.44 37.63 8.55
N THR C 552 32.77 37.60 9.84
CA THR C 552 34.15 37.50 10.25
C THR C 552 34.78 36.20 9.72
N TYR C 553 34.02 35.10 9.78
CA TYR C 553 34.51 33.84 9.24
C TYR C 553 34.80 33.96 7.75
N ALA C 554 33.87 34.52 6.98
CA ALA C 554 34.09 34.72 5.55
C ALA C 554 35.24 35.69 5.28
N ALA C 555 35.58 36.54 6.25
CA ALA C 555 36.77 37.37 6.16
C ALA C 555 38.05 36.60 6.40
N CYS C 556 37.96 35.31 6.75
CA CYS C 556 39.12 34.45 6.94
C CYS C 556 39.33 33.47 5.79
N THR C 557 38.41 33.41 4.82
CA THR C 557 38.48 32.45 3.75
C THR C 557 39.43 32.92 2.65
N PHE C 558 39.58 32.08 1.63
CA PHE C 558 40.44 32.44 0.50
C PHE C 558 39.83 33.55 -0.34
N LEU C 559 38.50 33.69 -0.32
CA LEU C 559 37.88 34.82 -1.00
C LEU C 559 38.34 36.15 -0.41
N ALA C 560 38.42 36.23 0.92
CA ALA C 560 38.90 37.45 1.55
C ALA C 560 40.37 37.71 1.25
N ALA C 561 41.17 36.67 1.05
CA ALA C 561 42.57 36.84 0.69
C ALA C 561 42.77 37.12 -0.78
N SER C 562 41.88 36.62 -1.65
CA SER C 562 42.00 36.89 -3.07
C SER C 562 41.86 38.38 -3.36
N MET C 563 40.93 39.05 -2.70
CA MET C 563 40.75 40.48 -2.85
C MET C 563 41.82 41.26 -2.10
N GLY C 580 26.63 39.39 2.42
CA GLY C 580 25.89 39.15 1.20
C GLY C 580 25.66 37.67 0.94
N ALA C 581 26.75 36.96 0.62
CA ALA C 581 26.66 35.52 0.42
C ALA C 581 26.34 34.80 1.72
N ILE C 582 26.95 35.24 2.82
CA ILE C 582 26.72 34.60 4.11
C ILE C 582 25.28 34.79 4.57
N GLU C 583 24.71 35.96 4.30
CA GLU C 583 23.30 36.18 4.63
C GLU C 583 22.40 35.24 3.86
N ALA C 584 22.69 35.04 2.57
CA ALA C 584 21.90 34.11 1.77
C ALA C 584 22.06 32.68 2.28
N CYS C 585 23.27 32.29 2.66
CA CYS C 585 23.48 30.95 3.18
C CYS C 585 22.73 30.75 4.50
N VAL C 586 22.75 31.76 5.37
CA VAL C 586 22.03 31.66 6.63
C VAL C 586 20.53 31.58 6.38
N MET C 587 20.03 32.36 5.41
CA MET C 587 18.61 32.29 5.07
C MET C 587 18.25 30.91 4.54
N TRP C 588 19.10 30.32 3.71
CA TRP C 588 18.83 28.99 3.17
C TRP C 588 18.84 27.93 4.27
N LEU C 589 19.76 28.05 5.22
CA LEU C 589 19.81 27.09 6.32
C LEU C 589 18.65 27.27 7.28
N LEU C 590 18.16 28.50 7.43
CA LEU C 590 17.01 28.75 8.30
C LEU C 590 15.72 28.26 7.66
N GLU C 591 15.54 28.52 6.36
CA GLU C 591 14.33 28.13 5.66
C GLU C 591 14.25 26.62 5.41
N ASN C 592 15.34 25.88 5.62
CA ASN C 592 15.36 24.44 5.43
C ASN C 592 15.49 23.68 6.74
N GLU C 593 15.23 24.35 7.86
CA GLU C 593 15.19 23.74 9.19
C GLU C 593 16.52 23.10 9.58
N PHE C 594 17.62 23.52 8.94
CA PHE C 594 18.94 23.12 9.40
C PHE C 594 19.36 23.88 10.64
N ILE C 595 18.80 25.06 10.85
CA ILE C 595 19.28 25.99 11.88
C ILE C 595 18.09 26.76 12.42
N GLN C 596 18.09 27.01 13.73
CA GLN C 596 17.05 27.80 14.38
C GLN C 596 17.61 29.14 14.82
N SER C 597 16.74 30.15 14.84
CA SER C 597 17.12 31.50 15.21
C SER C 597 16.43 31.89 16.51
N THR C 598 17.22 32.35 17.48
CA THR C 598 16.71 32.84 18.75
C THR C 598 17.14 34.30 18.92
N LYS C 607 19.68 37.63 16.45
CA LYS C 607 19.32 36.40 15.78
C LYS C 607 20.43 35.37 15.92
N VAL C 608 20.59 34.82 17.11
CA VAL C 608 21.64 33.82 17.33
C VAL C 608 21.19 32.51 16.70
N TYR C 609 22.10 31.88 15.97
CA TYR C 609 21.79 30.69 15.18
C TYR C 609 22.30 29.45 15.91
N HIS C 610 21.40 28.50 16.15
CA HIS C 610 21.73 27.27 16.84
C HIS C 610 21.42 26.07 15.95
N PRO C 611 22.25 25.03 15.99
CA PRO C 611 21.97 23.84 15.20
C PRO C 611 20.70 23.14 15.67
N THR C 612 19.96 22.57 14.72
CA THR C 612 18.82 21.73 15.04
C THR C 612 19.29 20.28 15.11
N HIS C 613 18.35 19.34 15.14
CA HIS C 613 18.70 17.94 15.06
C HIS C 613 19.13 17.56 13.64
N LEU C 614 18.40 18.04 12.63
CA LEU C 614 18.81 17.79 11.25
C LEU C 614 20.11 18.51 10.91
N GLY C 615 20.28 19.75 11.39
CA GLY C 615 21.52 20.45 11.15
C GLY C 615 22.71 19.82 11.84
N SER C 616 22.51 19.26 13.04
CA SER C 616 23.59 18.54 13.71
C SER C 616 23.88 17.22 13.01
N ALA C 617 22.83 16.54 12.51
CA ALA C 617 23.01 15.26 11.84
C ALA C 617 23.68 15.42 10.48
N THR C 618 23.43 16.53 9.78
CA THR C 618 24.11 16.79 8.52
C THR C 618 25.61 16.99 8.73
N LEU C 619 25.99 17.75 9.76
CA LEU C 619 27.40 17.98 10.01
C LEU C 619 28.09 16.73 10.54
N SER C 620 27.37 15.94 11.32
CA SER C 620 27.95 14.68 11.80
C SER C 620 28.21 13.69 10.66
N SER C 621 27.20 13.33 9.89
CA SER C 621 27.38 12.32 8.83
C SER C 621 28.09 12.83 7.59
N SER C 622 28.75 13.97 7.68
CA SER C 622 29.55 14.49 6.55
C SER C 622 28.90 14.43 5.15
N LEU C 623 27.68 14.92 5.02
CA LEU C 623 27.06 14.98 3.70
C LEU C 623 26.74 16.43 3.37
N SER C 624 26.67 16.73 2.08
CA SER C 624 26.32 18.07 1.65
C SER C 624 24.90 18.40 2.11
N PRO C 625 24.68 19.57 2.69
CA PRO C 625 23.31 19.93 3.08
C PRO C 625 22.33 19.93 1.92
N ALA C 626 22.81 20.15 0.71
CA ALA C 626 21.93 20.06 -0.46
C ALA C 626 21.41 18.64 -0.64
N ASP C 627 22.29 17.65 -0.53
CA ASP C 627 21.88 16.25 -0.68
C ASP C 627 21.18 15.72 0.56
N THR C 628 21.50 16.26 1.74
CA THR C 628 20.96 15.73 2.98
C THR C 628 19.45 15.90 3.07
N LEU C 629 18.88 16.89 2.40
CA LEU C 629 17.42 17.04 2.40
C LEU C 629 16.75 15.84 1.74
N ASP C 630 17.17 15.50 0.52
CA ASP C 630 16.59 14.35 -0.16
C ASP C 630 16.96 13.05 0.53
N ILE C 631 18.14 12.99 1.15
CA ILE C 631 18.50 11.79 1.92
C ILE C 631 17.57 11.62 3.11
N PHE C 632 17.27 12.71 3.81
CA PHE C 632 16.33 12.67 4.92
C PHE C 632 14.96 12.22 4.45
N ALA C 633 14.50 12.76 3.33
CA ALA C 633 13.18 12.38 2.80
C ALA C 633 13.17 10.89 2.43
N ASP C 634 14.23 10.41 1.78
CA ASP C 634 14.27 9.02 1.36
C ASP C 634 14.31 8.07 2.54
N LEU C 635 15.16 8.35 3.54
CA LEU C 635 15.21 7.50 4.72
C LEU C 635 13.90 7.54 5.50
N GLN C 636 13.29 8.71 5.63
CA GLN C 636 12.02 8.84 6.33
C GLN C 636 10.91 8.07 5.62
N ARG C 637 10.91 8.09 4.29
CA ARG C 637 9.96 7.28 3.54
C ARG C 637 10.26 5.79 3.68
N ALA C 638 11.53 5.42 3.79
CA ALA C 638 11.90 4.01 3.92
C ALA C 638 11.48 3.44 5.27
N MET C 639 11.54 4.24 6.33
CA MET C 639 11.12 3.73 7.64
C MET C 639 9.64 3.35 7.64
N LYS C 640 8.80 4.11 6.94
CA LYS C 640 7.37 3.82 6.94
C LYS C 640 7.06 2.45 6.34
N GLY C 641 7.72 2.11 5.24
CA GLY C 641 7.59 0.79 4.66
C GLY C 641 8.92 0.24 4.23
N PHE C 642 9.33 -0.88 4.83
CA PHE C 642 10.63 -1.47 4.58
C PHE C 642 10.46 -2.94 4.21
N VAL C 643 11.39 -3.43 3.39
CA VAL C 643 11.41 -4.82 2.95
C VAL C 643 12.65 -5.47 3.57
N LEU C 644 12.43 -6.39 4.49
CA LEU C 644 13.51 -7.03 5.24
C LEU C 644 13.86 -8.42 4.71
N GLU C 645 13.19 -8.91 3.68
CA GLU C 645 13.44 -10.24 3.15
C GLU C 645 14.53 -10.28 2.12
N ASN C 646 15.17 -9.15 1.82
CA ASN C 646 16.36 -9.10 0.98
C ASN C 646 17.22 -7.94 1.49
N ASP C 647 18.38 -7.76 0.88
CA ASP C 647 19.27 -6.67 1.22
C ASP C 647 19.17 -5.52 0.22
N LEU C 648 18.18 -5.56 -0.67
CA LEU C 648 18.08 -4.55 -1.71
C LEU C 648 17.55 -3.22 -1.20
N HIS C 649 16.63 -3.23 -0.22
CA HIS C 649 16.15 -1.97 0.32
C HIS C 649 17.20 -1.28 1.18
N ILE C 650 17.99 -2.05 1.93
CA ILE C 650 19.10 -1.47 2.68
C ILE C 650 20.25 -1.05 1.78
N LEU C 651 20.22 -1.44 0.50
CA LEU C 651 21.22 -1.05 -0.48
C LEU C 651 20.80 0.14 -1.32
N TYR C 652 19.51 0.26 -1.64
CA TYR C 652 19.03 1.42 -2.36
C TYR C 652 19.22 2.69 -1.55
N LEU C 653 19.19 2.58 -0.22
CA LEU C 653 19.43 3.75 0.62
C LEU C 653 20.91 4.10 0.70
N VAL C 654 21.80 3.12 0.62
CA VAL C 654 23.23 3.38 0.67
C VAL C 654 23.85 3.49 -0.71
N THR C 655 23.07 3.36 -1.77
CA THR C 655 23.58 3.58 -3.11
C THR C 655 23.76 5.08 -3.34
N PRO C 656 24.98 5.55 -3.61
CA PRO C 656 25.21 7.00 -3.66
C PRO C 656 24.39 7.72 -4.70
N MET C 657 24.59 7.35 -5.96
CA MET C 657 23.93 7.96 -7.11
C MET C 657 24.31 7.14 -8.33
N PHE C 658 23.92 7.62 -9.51
CA PHE C 658 24.45 7.03 -10.74
C PHE C 658 25.75 7.70 -11.18
N GLU C 659 25.79 9.03 -11.10
CA GLU C 659 26.96 9.75 -11.56
C GLU C 659 27.29 9.29 -12.95
N ASP C 660 28.49 8.79 -13.15
CA ASP C 660 28.86 8.23 -14.45
C ASP C 660 29.65 6.94 -14.28
N TRP C 661 29.37 6.18 -13.22
CA TRP C 661 30.16 5.01 -12.90
C TRP C 661 30.11 3.95 -13.99
N THR C 662 29.10 4.00 -14.87
CA THR C 662 29.01 3.06 -15.98
C THR C 662 28.07 3.64 -17.02
N THR C 663 28.11 3.05 -18.21
CA THR C 663 27.15 3.34 -19.28
C THR C 663 26.09 2.24 -19.23
N ILE C 664 24.93 2.56 -18.67
CA ILE C 664 23.91 1.55 -18.44
C ILE C 664 23.31 1.11 -19.77
N ASP C 665 23.24 -0.21 -19.97
CA ASP C 665 22.62 -0.79 -21.15
C ASP C 665 21.15 -1.04 -20.82
N TRP C 666 20.23 -0.37 -21.51
CA TRP C 666 18.81 -0.50 -21.16
C TRP C 666 18.26 -1.92 -21.35
N TYR C 667 18.58 -2.54 -22.48
CA TYR C 667 18.06 -3.88 -22.73
C TYR C 667 18.53 -4.82 -21.64
N ARG C 668 19.82 -4.75 -21.31
CA ARG C 668 20.37 -5.62 -20.27
C ARG C 668 19.64 -5.43 -18.96
N PHE C 669 19.43 -4.17 -18.58
CA PHE C 669 18.72 -3.86 -17.35
C PHE C 669 17.33 -4.49 -17.35
N PHE C 670 16.58 -4.29 -18.43
CA PHE C 670 15.22 -4.83 -18.49
C PHE C 670 15.24 -6.34 -18.39
N CYS C 671 16.24 -6.97 -19.00
CA CYS C 671 16.37 -8.41 -18.94
C CYS C 671 16.61 -8.87 -17.50
N LEU C 672 17.55 -8.23 -16.81
CA LEU C 672 17.81 -8.59 -15.43
C LEU C 672 16.52 -8.44 -14.65
N TRP C 673 15.81 -7.33 -14.90
CA TRP C 673 14.58 -7.06 -14.15
C TRP C 673 13.51 -8.09 -14.41
N GLU C 674 13.45 -8.59 -15.65
CA GLU C 674 12.50 -9.61 -15.98
C GLU C 674 12.86 -10.90 -15.25
N LYS C 675 14.06 -10.96 -14.69
CA LYS C 675 14.50 -12.15 -13.99
C LYS C 675 14.90 -11.88 -12.55
N LEU C 676 14.15 -11.04 -11.85
CA LEU C 676 14.45 -10.80 -10.45
C LEU C 676 13.59 -11.70 -9.56
N PRO C 677 14.03 -11.94 -8.32
CA PRO C 677 13.23 -12.76 -7.40
C PRO C 677 11.82 -12.21 -7.24
N THR C 678 10.94 -13.01 -6.66
CA THR C 678 9.57 -12.57 -6.44
C THR C 678 9.50 -11.52 -5.33
N SER C 679 10.65 -11.07 -4.83
CA SER C 679 10.66 -10.11 -3.73
C SER C 679 11.40 -8.82 -4.06
N MET C 680 12.21 -8.83 -5.11
CA MET C 680 12.97 -7.65 -5.49
C MET C 680 12.05 -6.56 -6.01
N LYS C 681 11.26 -6.88 -7.02
CA LYS C 681 10.33 -5.91 -7.58
C LYS C 681 9.45 -5.28 -6.51
N ARG C 682 9.26 -5.95 -5.37
CA ARG C 682 8.63 -5.30 -4.23
C ARG C 682 9.45 -4.12 -3.76
N VAL C 683 10.76 -4.33 -3.54
CA VAL C 683 11.67 -3.22 -3.22
C VAL C 683 11.74 -2.20 -4.34
N ALA C 684 11.75 -2.63 -5.60
CA ALA C 684 11.75 -1.73 -6.73
C ALA C 684 10.54 -0.80 -6.76
N GLU C 685 9.34 -1.31 -6.54
CA GLU C 685 8.15 -0.47 -6.48
C GLU C 685 7.99 0.28 -5.18
N LEU C 686 8.64 -0.14 -4.09
CA LEU C 686 8.58 0.63 -2.86
C LEU C 686 9.52 1.84 -2.86
N VAL C 687 10.46 1.91 -3.80
CA VAL C 687 11.43 3.00 -3.84
C VAL C 687 11.14 3.95 -5.01
N GLY C 688 10.40 3.50 -6.00
CA GLY C 688 9.98 4.39 -7.08
C GLY C 688 10.16 3.81 -8.47
N VAL C 689 10.86 2.68 -8.57
CA VAL C 689 11.08 2.07 -9.87
C VAL C 689 9.76 1.57 -10.43
N GLU C 690 9.75 1.35 -11.74
CA GLU C 690 8.53 0.99 -12.46
C GLU C 690 8.86 -0.16 -13.41
N GLU C 691 7.91 -0.47 -14.30
CA GLU C 691 8.15 -1.43 -15.37
C GLU C 691 7.82 -0.75 -16.70
N GLY C 692 6.82 0.12 -16.70
CA GLY C 692 6.56 0.96 -17.85
C GLY C 692 7.70 1.87 -18.21
N PHE C 693 8.47 2.30 -17.21
CA PHE C 693 9.74 2.99 -17.41
C PHE C 693 10.77 2.24 -16.55
N LEU C 694 11.33 1.18 -17.12
CA LEU C 694 12.40 0.46 -16.45
C LEU C 694 13.12 -0.23 -17.58
N ALA C 695 14.00 0.50 -18.27
CA ALA C 695 14.66 -0.06 -19.45
C ALA C 695 13.59 -0.42 -20.48
N ARG C 696 12.54 0.39 -20.55
CA ARG C 696 11.46 0.15 -21.50
C ARG C 696 11.46 1.28 -22.50
N CYS C 697 10.72 2.35 -22.22
CA CYS C 697 10.78 3.52 -23.08
C CYS C 697 12.21 3.83 -23.52
N VAL C 698 13.16 3.87 -22.57
CA VAL C 698 14.55 4.13 -22.93
C VAL C 698 15.17 2.97 -23.69
N LYS C 699 14.56 1.78 -23.61
CA LYS C 699 15.01 0.66 -24.45
C LYS C 699 14.80 0.96 -25.92
N GLY C 700 13.64 1.54 -26.26
CA GLY C 700 13.34 1.87 -27.62
C GLY C 700 13.71 3.30 -27.98
N LYS C 701 14.57 3.91 -27.17
CA LYS C 701 15.01 5.27 -27.41
C LYS C 701 16.46 5.46 -26.96
N GLN C 709 11.22 13.85 -15.60
CA GLN C 709 11.83 12.55 -15.78
C GLN C 709 13.25 12.52 -15.24
N HIS C 710 13.67 13.63 -14.63
CA HIS C 710 15.00 13.73 -14.04
C HIS C 710 15.13 12.99 -12.72
N ARG C 711 14.01 12.66 -12.07
CA ARG C 711 14.02 11.87 -10.86
C ARG C 711 13.83 10.38 -11.13
N GLN C 712 12.90 10.03 -12.03
CA GLN C 712 12.73 8.62 -12.40
C GLN C 712 13.98 8.06 -13.04
N MET C 713 14.69 8.87 -13.82
CA MET C 713 15.99 8.46 -14.33
C MET C 713 16.96 8.20 -13.19
N ALA C 714 16.93 9.06 -12.17
CA ALA C 714 17.82 8.89 -11.02
C ALA C 714 17.40 7.75 -10.11
N ILE C 715 16.20 7.22 -10.27
CA ILE C 715 15.76 6.07 -9.50
C ILE C 715 16.16 4.76 -10.17
N HIS C 716 15.84 4.62 -11.47
CA HIS C 716 16.22 3.41 -12.19
C HIS C 716 17.74 3.27 -12.27
N LYS C 717 18.44 4.36 -12.58
CA LYS C 717 19.89 4.34 -12.55
C LYS C 717 20.42 4.11 -11.14
N ARG C 718 19.58 4.31 -10.12
CA ARG C 718 19.93 3.89 -8.77
C ARG C 718 19.48 2.46 -8.49
N PHE C 719 18.41 2.01 -9.14
CA PHE C 719 18.01 0.62 -8.99
C PHE C 719 19.03 -0.33 -9.62
N PHE C 720 19.39 -0.06 -10.87
CA PHE C 720 20.46 -0.83 -11.52
C PHE C 720 21.73 -0.82 -10.68
N THR C 721 22.13 0.36 -10.24
CA THR C 721 23.29 0.48 -9.37
C THR C 721 23.12 -0.32 -8.10
N SER C 722 21.89 -0.36 -7.57
CA SER C 722 21.63 -1.16 -6.37
C SER C 722 21.53 -2.65 -6.66
N LEU C 723 21.27 -3.01 -7.93
CA LEU C 723 21.31 -4.42 -8.29
C LEU C 723 22.76 -4.91 -8.37
N VAL C 724 23.64 -4.11 -8.97
CA VAL C 724 25.04 -4.50 -9.11
C VAL C 724 25.66 -4.71 -7.73
N LEU C 725 25.46 -3.75 -6.82
CA LEU C 725 25.93 -3.93 -5.45
C LEU C 725 25.33 -5.17 -4.81
N LEU C 726 24.09 -5.50 -5.19
CA LEU C 726 23.46 -6.72 -4.68
C LEU C 726 24.30 -7.94 -5.02
N ASP C 727 24.86 -7.99 -6.23
CA ASP C 727 25.75 -9.08 -6.58
C ASP C 727 27.13 -8.93 -5.97
N LEU C 728 27.54 -7.71 -5.61
CA LEU C 728 28.83 -7.54 -4.95
C LEU C 728 28.79 -8.06 -3.52
N ILE C 729 27.68 -7.81 -2.81
CA ILE C 729 27.52 -8.34 -1.45
C ILE C 729 27.05 -9.78 -1.45
N SER C 730 26.68 -10.32 -2.60
CA SER C 730 26.39 -11.74 -2.75
C SER C 730 27.62 -12.54 -3.17
N GLU C 731 28.79 -11.90 -3.18
CA GLU C 731 30.06 -12.54 -3.50
C GLU C 731 30.09 -13.12 -4.91
N VAL C 732 29.33 -12.54 -5.81
CA VAL C 732 29.40 -12.94 -7.22
C VAL C 732 30.74 -12.55 -7.79
N PRO C 733 31.41 -13.42 -8.56
CA PRO C 733 32.72 -13.04 -9.13
C PRO C 733 32.61 -11.82 -10.03
N LEU C 734 33.68 -11.03 -10.04
CA LEU C 734 33.67 -9.77 -10.79
C LEU C 734 33.43 -10.01 -12.27
N ARG C 735 33.95 -11.11 -12.81
CA ARG C 735 33.75 -11.39 -14.23
C ARG C 735 32.29 -11.71 -14.54
N GLU C 736 31.61 -12.42 -13.63
CA GLU C 736 30.19 -12.70 -13.83
C GLU C 736 29.36 -11.42 -13.75
N ILE C 737 29.69 -10.54 -12.80
CA ILE C 737 29.01 -9.25 -12.72
C ILE C 737 29.23 -8.46 -14.01
N ASN C 738 30.47 -8.46 -14.51
CA ASN C 738 30.76 -7.76 -15.76
C ASN C 738 29.95 -8.32 -16.91
N GLN C 739 29.84 -9.65 -16.99
CA GLN C 739 29.11 -10.26 -18.09
C GLN C 739 27.62 -9.95 -18.01
N LYS C 740 27.03 -10.04 -16.82
CA LYS C 740 25.58 -9.86 -16.70
C LYS C 740 25.17 -8.39 -16.76
N TYR C 741 26.04 -7.47 -16.35
CA TYR C 741 25.69 -6.06 -16.30
C TYR C 741 26.39 -5.20 -17.34
N GLY C 742 27.48 -5.68 -17.94
CA GLY C 742 28.16 -4.92 -18.96
C GLY C 742 29.10 -3.85 -18.44
N CYS C 743 29.36 -3.81 -17.14
CA CYS C 743 30.25 -2.84 -16.54
C CYS C 743 31.55 -3.53 -16.17
N ASN C 744 32.68 -2.95 -16.57
CA ASN C 744 33.96 -3.57 -16.32
C ASN C 744 34.28 -3.55 -14.82
N ARG C 745 35.36 -4.26 -14.47
CA ARG C 745 35.68 -4.50 -13.07
C ARG C 745 36.21 -3.27 -12.36
N GLY C 746 36.89 -2.37 -13.08
CA GLY C 746 37.32 -1.13 -12.47
C GLY C 746 36.15 -0.24 -12.07
N GLN C 747 35.16 -0.15 -12.95
CA GLN C 747 33.95 0.61 -12.62
C GLN C 747 33.20 -0.03 -11.46
N ILE C 748 33.14 -1.35 -11.42
CA ILE C 748 32.45 -2.03 -10.32
C ILE C 748 33.17 -1.78 -9.00
N GLN C 749 34.50 -1.83 -9.00
CA GLN C 749 35.24 -1.59 -7.76
C GLN C 749 35.10 -0.14 -7.32
N SER C 750 35.15 0.80 -8.27
CA SER C 750 34.93 2.20 -7.92
C SER C 750 33.54 2.40 -7.32
N LEU C 751 32.53 1.78 -7.93
CA LEU C 751 31.17 1.89 -7.42
C LEU C 751 31.05 1.31 -6.01
N GLN C 752 31.68 0.16 -5.77
CA GLN C 752 31.57 -0.44 -4.45
C GLN C 752 32.26 0.40 -3.38
N GLN C 753 33.39 1.03 -3.73
CA GLN C 753 34.03 1.92 -2.76
C GLN C 753 33.16 3.13 -2.46
N SER C 754 32.59 3.74 -3.51
CA SER C 754 31.72 4.89 -3.31
C SER C 754 30.50 4.52 -2.48
N ALA C 755 29.93 3.34 -2.74
CA ALA C 755 28.75 2.90 -2.00
C ALA C 755 29.08 2.62 -0.55
N ALA C 756 30.26 2.08 -0.26
CA ALA C 756 30.64 1.86 1.13
C ALA C 756 30.80 3.19 1.87
N VAL C 757 31.41 4.18 1.21
CA VAL C 757 31.51 5.51 1.83
C VAL C 757 30.12 6.06 2.13
N TYR C 758 29.22 5.97 1.15
CA TYR C 758 27.87 6.49 1.32
C TYR C 758 27.13 5.75 2.43
N ALA C 759 27.35 4.43 2.54
CA ALA C 759 26.72 3.66 3.60
C ALA C 759 27.18 4.11 4.96
N GLY C 760 28.48 4.37 5.12
CA GLY C 760 28.97 4.89 6.38
C GLY C 760 28.37 6.24 6.72
N MET C 761 28.27 7.13 5.72
CA MET C 761 27.67 8.44 5.96
C MET C 761 26.20 8.32 6.37
N ILE C 762 25.46 7.45 5.70
CA ILE C 762 24.04 7.27 6.02
C ILE C 762 23.88 6.67 7.41
N THR C 763 24.75 5.73 7.77
CA THR C 763 24.69 5.15 9.11
C THR C 763 24.91 6.21 10.18
N VAL C 764 25.91 7.08 10.00
CA VAL C 764 26.14 8.13 10.98
C VAL C 764 24.96 9.11 11.00
N PHE C 765 24.39 9.42 9.84
CA PHE C 765 23.26 10.33 9.77
C PHE C 765 22.07 9.79 10.55
N SER C 766 21.79 8.49 10.40
CA SER C 766 20.69 7.89 11.17
C SER C 766 21.03 7.74 12.64
N ASN C 767 22.31 7.51 12.96
CA ASN C 767 22.72 7.39 14.35
C ASN C 767 22.50 8.70 15.11
N ARG C 768 22.86 9.83 14.48
CA ARG C 768 22.71 11.11 15.15
C ARG C 768 21.28 11.63 15.16
N LEU C 769 20.39 11.04 14.37
CA LEU C 769 18.99 11.46 14.33
C LEU C 769 18.10 10.66 15.25
N GLY C 770 18.65 9.76 16.05
CA GLY C 770 17.85 8.91 16.89
C GLY C 770 17.00 7.92 16.12
N TRP C 771 17.56 7.35 15.06
CA TRP C 771 16.90 6.32 14.25
C TRP C 771 17.62 5.00 14.52
N HIS C 772 17.17 4.30 15.56
CA HIS C 772 17.84 3.08 16.00
C HIS C 772 17.50 1.87 15.15
N ASN C 773 16.33 1.87 14.51
CA ASN C 773 15.90 0.73 13.71
C ASN C 773 16.43 0.77 12.29
N MET C 774 17.06 1.86 11.88
CA MET C 774 17.72 1.98 10.59
C MET C 774 19.24 1.93 10.69
N GLU C 775 19.80 2.59 11.70
CA GLU C 775 21.23 2.52 11.94
C GLU C 775 21.67 1.08 12.20
N LEU C 776 20.85 0.31 12.92
CA LEU C 776 21.17 -1.08 13.17
C LEU C 776 21.22 -1.88 11.88
N LEU C 777 20.31 -1.63 10.95
CA LEU C 777 20.33 -2.33 9.67
C LEU C 777 21.52 -1.91 8.82
N LEU C 778 21.88 -0.63 8.84
CA LEU C 778 22.95 -0.11 8.00
C LEU C 778 24.34 -0.32 8.58
N SER C 779 24.45 -0.72 9.85
CA SER C 779 25.74 -0.76 10.52
C SER C 779 26.73 -1.76 9.90
N GLN C 780 26.27 -2.72 9.11
CA GLN C 780 27.17 -3.72 8.53
C GLN C 780 27.40 -3.54 7.04
N PHE C 781 26.56 -2.79 6.35
CA PHE C 781 26.68 -2.69 4.90
C PHE C 781 27.91 -1.92 4.46
N GLN C 782 28.46 -1.03 5.28
CA GLN C 782 29.72 -0.38 4.91
C GLN C 782 30.83 -1.41 4.75
N LYS C 783 30.94 -2.35 5.70
CA LYS C 783 31.95 -3.41 5.57
C LYS C 783 31.59 -4.37 4.44
N ARG C 784 30.31 -4.75 4.35
CA ARG C 784 29.90 -5.68 3.30
C ARG C 784 30.08 -5.11 1.90
N LEU C 785 30.17 -3.79 1.77
CA LEU C 785 30.44 -3.15 0.49
C LEU C 785 31.92 -2.82 0.30
N THR C 786 32.64 -2.50 1.38
CA THR C 786 34.08 -2.31 1.29
C THR C 786 34.77 -3.58 0.82
N PHE C 787 34.35 -4.73 1.35
CA PHE C 787 34.97 -5.99 0.99
C PHE C 787 34.16 -6.82 0.01
N GLY C 788 32.92 -6.44 -0.28
CA GLY C 788 32.10 -7.18 -1.22
C GLY C 788 31.85 -8.61 -0.78
N ILE C 789 31.44 -8.78 0.47
CA ILE C 789 31.34 -10.08 1.12
C ILE C 789 29.91 -10.31 1.56
N GLN C 790 29.70 -11.46 2.20
CA GLN C 790 28.46 -11.78 2.89
C GLN C 790 28.66 -11.54 4.39
N ARG C 791 27.58 -11.73 5.14
CA ARG C 791 27.63 -11.48 6.58
C ARG C 791 28.61 -12.40 7.28
N GLU C 792 28.67 -13.67 6.84
CA GLU C 792 29.49 -14.67 7.52
C GLU C 792 30.96 -14.26 7.59
N LEU C 793 31.45 -13.57 6.58
CA LEU C 793 32.85 -13.18 6.52
C LEU C 793 33.13 -11.83 7.16
N CYS C 794 32.12 -11.17 7.73
CA CYS C 794 32.33 -9.84 8.29
C CYS C 794 33.30 -9.85 9.46
N ASP C 795 33.51 -10.99 10.10
CA ASP C 795 34.53 -11.09 11.14
C ASP C 795 35.88 -11.51 10.56
N LEU C 796 35.90 -12.26 9.47
CA LEU C 796 37.15 -12.68 8.86
C LEU C 796 37.84 -11.55 8.12
N VAL C 797 37.08 -10.69 7.43
CA VAL C 797 37.67 -9.61 6.66
C VAL C 797 38.23 -8.50 7.53
N ARG C 798 38.05 -8.57 8.84
CA ARG C 798 38.78 -7.66 9.73
C ARG C 798 40.28 -7.85 9.60
N VAL C 799 40.73 -9.04 9.19
CA VAL C 799 42.12 -9.28 8.87
C VAL C 799 42.48 -8.48 7.62
N SER C 800 43.66 -7.86 7.64
CA SER C 800 44.06 -7.00 6.53
C SER C 800 44.31 -7.78 5.24
N LEU C 801 44.55 -9.09 5.34
CA LEU C 801 44.91 -9.90 4.19
C LEU C 801 43.80 -10.85 3.75
N LEU C 802 42.55 -10.56 4.10
CA LEU C 802 41.40 -11.39 3.75
C LEU C 802 40.38 -10.48 3.08
N ASN C 803 40.46 -10.34 1.76
CA ASN C 803 39.62 -9.34 1.10
C ASN C 803 38.21 -9.84 0.82
N ALA C 804 38.05 -10.73 -0.16
CA ALA C 804 36.78 -11.41 -0.36
C ALA C 804 36.93 -12.82 -0.89
N GLN C 805 38.14 -13.29 -1.14
CA GLN C 805 38.37 -14.62 -1.69
C GLN C 805 39.38 -15.43 -0.91
N ARG C 806 40.30 -14.80 -0.18
CA ARG C 806 41.10 -15.49 0.82
C ARG C 806 40.35 -15.66 2.12
N ALA C 807 39.18 -15.03 2.25
CA ALA C 807 38.30 -15.22 3.39
C ALA C 807 37.19 -16.22 3.13
N ARG C 808 36.70 -16.30 1.89
CA ARG C 808 35.70 -17.30 1.53
C ARG C 808 36.28 -18.71 1.49
N VAL C 809 37.48 -18.88 0.93
CA VAL C 809 38.13 -20.18 0.95
C VAL C 809 38.63 -20.57 2.33
N LEU C 810 38.92 -19.59 3.20
CA LEU C 810 39.28 -19.83 4.58
C LEU C 810 38.05 -20.01 5.48
N TYR C 811 36.88 -19.62 5.00
CA TYR C 811 35.63 -19.80 5.73
C TYR C 811 35.01 -21.16 5.45
N ALA C 812 35.14 -21.65 4.22
CA ALA C 812 34.58 -22.95 3.88
C ALA C 812 35.27 -24.09 4.61
N SER C 813 36.52 -23.87 5.02
CA SER C 813 37.26 -24.89 5.74
C SER C 813 36.97 -24.90 7.23
N GLY C 814 35.94 -24.16 7.65
CA GLY C 814 35.55 -24.18 9.06
C GLY C 814 35.89 -22.95 9.87
N PHE C 815 36.81 -22.12 9.39
CA PHE C 815 37.16 -20.91 10.10
C PHE C 815 36.15 -19.81 9.78
N HIS C 816 35.23 -19.54 10.71
CA HIS C 816 34.20 -18.56 10.43
C HIS C 816 34.31 -17.35 11.35
N THR C 817 35.37 -17.27 12.14
CA THR C 817 35.53 -16.20 13.12
C THR C 817 37.02 -15.92 13.26
N VAL C 818 37.34 -14.65 13.56
CA VAL C 818 38.72 -14.26 13.80
C VAL C 818 39.30 -14.94 15.03
N ALA C 819 38.46 -15.53 15.88
CA ALA C 819 38.92 -16.37 16.98
C ALA C 819 39.45 -17.72 16.52
N ASP C 820 38.75 -18.37 15.60
CA ASP C 820 39.19 -19.65 15.03
C ASP C 820 40.37 -19.50 14.13
N LEU C 821 40.72 -18.27 13.78
CA LEU C 821 41.84 -18.02 12.88
C LEU C 821 43.09 -17.58 13.63
N ALA C 822 42.97 -17.14 14.88
CA ALA C 822 44.14 -16.80 15.68
C ALA C 822 45.00 -18.01 15.99
N ARG C 823 44.36 -19.14 16.24
CA ARG C 823 45.10 -20.37 16.51
C ARG C 823 44.97 -21.31 15.32
N ALA C 824 44.41 -20.80 14.23
CA ALA C 824 44.28 -21.61 13.03
C ALA C 824 45.63 -22.22 12.71
N ASN C 825 45.68 -23.53 12.51
CA ASN C 825 46.95 -24.18 12.25
C ASN C 825 47.68 -23.46 11.14
N ILE C 826 48.88 -22.99 11.43
CA ILE C 826 49.64 -22.24 10.44
C ILE C 826 49.73 -23.02 9.13
N VAL C 827 50.37 -24.18 9.17
CA VAL C 827 50.55 -24.93 7.93
C VAL C 827 49.20 -25.25 7.28
N GLU C 828 48.15 -25.40 8.10
CA GLU C 828 46.83 -25.70 7.56
C GLU C 828 46.33 -24.57 6.66
N VAL C 829 46.41 -23.32 7.13
CA VAL C 829 45.94 -22.22 6.32
C VAL C 829 46.86 -22.02 5.11
N GLU C 830 48.14 -22.40 5.23
CA GLU C 830 49.00 -22.40 4.05
C GLU C 830 48.44 -23.34 2.98
N VAL C 831 48.06 -24.55 3.37
CA VAL C 831 47.50 -25.50 2.41
C VAL C 831 46.20 -24.97 1.81
N ILE C 832 45.33 -24.41 2.67
CA ILE C 832 44.05 -23.89 2.18
C ILE C 832 44.25 -22.75 1.19
N LEU C 833 45.20 -21.84 1.47
CA LEU C 833 45.48 -20.77 0.52
C LEU C 833 46.13 -21.29 -0.75
N LYS C 834 46.90 -22.38 -0.63
CA LYS C 834 47.47 -23.00 -1.82
C LYS C 834 46.38 -23.53 -2.73
N ASN C 835 45.32 -24.11 -2.15
CA ASN C 835 44.19 -24.55 -2.94
C ASN C 835 43.35 -23.37 -3.43
N ALA C 836 42.40 -23.67 -4.31
CA ALA C 836 41.45 -22.69 -4.83
C ALA C 836 42.12 -21.53 -5.55
N VAL C 837 42.75 -21.80 -6.69
CA VAL C 837 43.44 -20.79 -7.47
C VAL C 837 42.54 -20.37 -8.64
N PRO C 838 42.07 -19.12 -8.70
CA PRO C 838 41.31 -18.63 -9.85
C PRO C 838 42.17 -18.47 -11.10
N MET C 859 56.95 -17.22 -7.09
CA MET C 859 56.43 -17.90 -5.91
C MET C 859 55.39 -17.05 -5.18
N ARG C 860 55.63 -15.75 -5.10
CA ARG C 860 54.76 -14.85 -4.35
C ARG C 860 53.49 -14.57 -5.14
N THR C 861 52.71 -15.62 -5.41
CA THR C 861 51.54 -15.47 -6.26
C THR C 861 50.44 -14.66 -5.57
N ILE C 862 50.27 -14.85 -4.26
CA ILE C 862 49.26 -14.09 -3.53
C ILE C 862 49.64 -12.63 -3.48
N TRP C 863 48.71 -11.76 -3.90
CA TRP C 863 48.92 -10.33 -3.91
C TRP C 863 48.07 -9.68 -2.83
N VAL C 864 48.70 -8.82 -2.04
CA VAL C 864 48.04 -8.14 -0.92
C VAL C 864 48.18 -6.64 -1.12
N THR C 865 47.08 -5.91 -0.91
CA THR C 865 47.10 -4.46 -1.05
C THR C 865 48.05 -3.85 -0.03
N GLY C 866 49.07 -3.15 -0.53
CA GLY C 866 50.08 -2.55 0.32
C GLY C 866 51.23 -3.46 0.68
N ARG C 867 51.09 -4.76 0.48
CA ARG C 867 52.18 -5.71 0.70
C ARG C 867 52.72 -6.26 -0.61
N LYS C 868 52.22 -5.79 -1.76
CA LYS C 868 52.57 -6.28 -3.09
C LYS C 868 52.34 -7.79 -3.11
N GLY C 869 53.29 -8.59 -3.60
CA GLY C 869 53.08 -10.02 -3.71
C GLY C 869 53.61 -10.76 -2.49
N LEU C 870 52.84 -11.75 -2.03
CA LEU C 870 53.18 -12.53 -0.85
C LEU C 870 53.13 -14.02 -1.19
N THR C 871 54.13 -14.75 -0.71
CA THR C 871 54.13 -16.20 -0.85
C THR C 871 53.03 -16.79 0.03
N GLU C 872 52.46 -17.91 -0.43
CA GLU C 872 51.34 -18.53 0.29
C GLU C 872 51.67 -18.73 1.76
N ARG C 873 52.83 -19.30 2.06
CA ARG C 873 53.20 -19.54 3.44
C ARG C 873 53.28 -18.25 4.24
N GLU C 874 53.98 -17.25 3.69
CA GLU C 874 54.10 -15.96 4.38
C GLU C 874 52.76 -15.26 4.45
N ALA C 875 51.94 -15.39 3.40
CA ALA C 875 50.63 -14.75 3.39
C ALA C 875 49.75 -15.26 4.52
N ALA C 876 49.61 -16.58 4.65
CA ALA C 876 48.71 -17.08 5.70
C ALA C 876 49.35 -16.99 7.08
N ALA C 877 50.69 -16.97 7.15
CA ALA C 877 51.33 -16.68 8.42
C ALA C 877 50.99 -15.27 8.90
N LEU C 878 51.05 -14.30 7.99
CA LEU C 878 50.62 -12.95 8.34
C LEU C 878 49.13 -12.92 8.64
N ILE C 879 48.34 -13.76 7.98
CA ILE C 879 46.91 -13.80 8.25
C ILE C 879 46.64 -14.22 9.69
N VAL C 880 47.27 -15.31 10.14
CA VAL C 880 47.02 -15.77 11.50
C VAL C 880 47.61 -14.78 12.51
N GLU C 881 48.76 -14.18 12.19
CA GLU C 881 49.32 -13.17 13.09
C GLU C 881 48.40 -11.96 13.22
N GLU C 882 47.82 -11.51 12.11
CA GLU C 882 46.89 -10.38 12.16
C GLU C 882 45.63 -10.75 12.94
N ALA C 883 45.15 -11.98 12.79
CA ALA C 883 44.00 -12.42 13.58
C ALA C 883 44.32 -12.41 15.07
N ARG C 884 45.51 -12.89 15.44
CA ARG C 884 45.94 -12.86 16.83
C ARG C 884 45.98 -11.43 17.35
N MET C 885 46.57 -10.52 16.59
CA MET C 885 46.64 -9.13 17.03
C MET C 885 45.24 -8.52 17.17
N ILE C 886 44.36 -8.81 16.21
CA ILE C 886 43.01 -8.25 16.23
C ILE C 886 42.24 -8.69 17.45
N LEU C 887 42.29 -9.98 17.76
CA LEU C 887 41.53 -10.48 18.90
C LEU C 887 42.24 -10.23 20.23
N GLN C 888 43.52 -9.93 20.19
CA GLN C 888 44.28 -9.70 21.41
C GLN C 888 44.27 -8.24 21.85
N GLN C 889 44.26 -7.29 20.93
CA GLN C 889 44.31 -5.88 21.27
C GLN C 889 42.94 -5.20 21.24
N ASP C 890 41.88 -5.91 20.91
CA ASP C 890 40.53 -5.34 20.89
C ASP C 890 39.75 -5.63 22.16
N LEU C 891 40.35 -6.28 23.14
CA LEU C 891 39.69 -6.53 24.42
C LEU C 891 40.63 -6.28 25.59
N LYS D 68 22.72 -44.41 61.02
CA LYS D 68 23.02 -44.08 59.63
C LYS D 68 22.41 -42.74 59.24
N LEU D 69 21.35 -42.35 59.93
CA LEU D 69 20.64 -41.10 59.63
C LEU D 69 21.47 -39.93 60.14
N LEU D 70 22.41 -39.48 59.31
CA LEU D 70 23.23 -38.31 59.59
C LEU D 70 23.92 -37.91 58.30
N LEU D 71 23.88 -36.61 57.99
CA LEU D 71 24.42 -36.14 56.72
C LEU D 71 25.93 -36.27 56.64
N ALA D 72 26.62 -36.54 57.75
CA ALA D 72 28.06 -36.72 57.73
C ALA D 72 28.45 -38.16 57.43
N ASN D 73 27.66 -39.12 57.89
CA ASN D 73 27.95 -40.53 57.61
C ASN D 73 27.88 -40.82 56.12
N TRP D 74 26.89 -40.26 55.44
CA TRP D 74 26.82 -40.41 53.98
C TRP D 74 27.97 -39.67 53.33
N GLY D 75 28.51 -40.26 52.25
CA GLY D 75 29.55 -39.62 51.49
C GLY D 75 29.08 -38.29 50.94
N LEU D 76 29.75 -37.21 51.30
CA LEU D 76 29.27 -35.89 50.97
C LEU D 76 30.43 -34.91 51.02
N PRO D 77 30.49 -33.92 50.13
CA PRO D 77 31.56 -32.92 50.23
C PRO D 77 31.51 -32.18 51.57
N LYS D 78 32.69 -31.84 52.08
CA LYS D 78 32.76 -31.09 53.34
C LYS D 78 32.13 -29.71 53.19
N ALA D 79 32.37 -29.05 52.06
CA ALA D 79 31.78 -27.73 51.83
C ALA D 79 30.26 -27.80 51.74
N VAL D 80 29.73 -28.78 50.99
CA VAL D 80 28.29 -28.92 50.90
C VAL D 80 27.71 -29.33 52.25
N LEU D 81 28.45 -30.14 53.02
CA LEU D 81 27.97 -30.52 54.35
C LEU D 81 27.86 -29.30 55.26
N GLU D 82 28.88 -28.44 55.26
CA GLU D 82 28.84 -27.26 56.12
C GLU D 82 27.82 -26.24 55.62
N LYS D 83 27.53 -26.23 54.32
CA LYS D 83 26.46 -25.37 53.82
C LYS D 83 25.09 -25.92 54.19
N TYR D 84 24.92 -27.24 54.18
CA TYR D 84 23.68 -27.87 54.60
C TYR D 84 23.42 -27.66 56.09
N HIS D 85 24.48 -27.67 56.90
CA HIS D 85 24.32 -27.40 58.32
C HIS D 85 23.82 -25.98 58.57
N SER D 86 24.06 -25.07 57.62
CA SER D 86 23.60 -23.69 57.78
C SER D 86 22.07 -23.61 57.72
N PHE D 87 21.47 -24.27 56.72
CA PHE D 87 20.02 -24.26 56.59
C PHE D 87 19.34 -25.09 57.67
N GLY D 88 20.08 -25.93 58.39
CA GLY D 88 19.50 -26.69 59.47
C GLY D 88 19.45 -28.19 59.20
N VAL D 89 19.70 -28.57 57.95
CA VAL D 89 19.68 -29.98 57.58
C VAL D 89 20.95 -30.63 58.12
N LYS D 90 20.81 -31.39 59.20
CA LYS D 90 21.93 -32.10 59.80
C LYS D 90 21.66 -33.59 60.03
N LYS D 91 20.41 -34.02 60.02
CA LYS D 91 20.06 -35.43 60.21
C LYS D 91 18.86 -35.73 59.32
N MET D 92 19.04 -36.67 58.38
CA MET D 92 17.96 -37.04 57.49
C MET D 92 16.88 -37.80 58.25
N PHE D 93 15.80 -38.14 57.54
CA PHE D 93 14.76 -38.99 58.08
C PHE D 93 14.97 -40.42 57.59
N GLU D 94 14.19 -41.34 58.14
CA GLU D 94 14.28 -42.73 57.73
C GLU D 94 13.80 -42.92 56.30
N TRP D 95 12.78 -42.17 55.88
CA TRP D 95 12.24 -42.34 54.54
C TRP D 95 13.27 -41.97 53.48
N GLN D 96 14.04 -40.91 53.71
CA GLN D 96 15.07 -40.53 52.75
C GLN D 96 16.15 -41.59 52.63
N ALA D 97 16.58 -42.18 53.74
CA ALA D 97 17.56 -43.26 53.68
C ALA D 97 17.01 -44.49 52.96
N GLU D 98 15.76 -44.88 53.25
CA GLU D 98 15.18 -46.03 52.57
C GLU D 98 14.94 -45.77 51.08
N CYS D 99 14.70 -44.52 50.69
CA CYS D 99 14.56 -44.17 49.28
C CYS D 99 15.90 -44.10 48.56
N LEU D 100 16.94 -43.61 49.23
CA LEU D 100 18.27 -43.54 48.63
C LEU D 100 18.99 -44.88 48.63
N LEU D 101 18.56 -45.84 49.43
CA LEU D 101 19.15 -47.17 49.46
C LEU D 101 18.19 -48.20 48.87
N LEU D 102 17.49 -47.81 47.80
CA LEU D 102 16.46 -48.66 47.20
C LEU D 102 17.04 -49.45 46.01
N GLY D 103 18.06 -50.23 46.30
CA GLY D 103 18.67 -51.09 45.29
C GLY D 103 19.75 -50.35 44.51
N GLN D 104 19.58 -50.26 43.19
CA GLN D 104 20.56 -49.65 42.30
C GLN D 104 20.22 -48.20 41.96
N VAL D 105 19.40 -47.54 42.78
CA VAL D 105 19.03 -46.16 42.51
C VAL D 105 20.28 -45.27 42.55
N LEU D 106 21.20 -45.56 43.46
CA LEU D 106 22.44 -44.80 43.54
C LEU D 106 23.34 -45.00 42.33
N GLU D 107 23.07 -46.00 41.49
CA GLU D 107 23.89 -46.27 40.31
C GLU D 107 23.25 -45.79 39.01
N GLY D 108 21.97 -45.49 39.00
CA GLY D 108 21.39 -44.96 37.79
C GLY D 108 19.99 -45.48 37.58
N LYS D 109 19.65 -46.60 38.20
CA LYS D 109 18.28 -47.04 38.11
C LYS D 109 17.48 -45.81 38.46
N ASN D 110 16.63 -45.35 37.54
CA ASN D 110 15.89 -44.12 37.78
C ASN D 110 15.12 -44.20 39.09
N LEU D 111 14.74 -43.06 39.64
CA LEU D 111 14.04 -43.06 40.92
C LEU D 111 12.78 -42.21 40.91
N VAL D 112 11.66 -42.79 41.31
CA VAL D 112 10.42 -42.03 41.39
C VAL D 112 9.90 -42.15 42.82
N TYR D 113 9.80 -41.03 43.53
CA TYR D 113 9.40 -41.12 44.92
C TYR D 113 8.44 -40.02 45.29
N SER D 114 7.65 -40.29 46.32
CA SER D 114 6.63 -39.40 46.82
C SER D 114 6.85 -39.16 48.31
N ALA D 115 6.58 -37.94 48.74
CA ALA D 115 6.71 -37.54 50.13
C ALA D 115 5.96 -36.22 50.32
N PRO D 116 5.53 -35.92 51.54
CA PRO D 116 4.97 -34.60 51.80
C PRO D 116 6.02 -33.52 51.57
N THR D 117 5.55 -32.35 51.12
CA THR D 117 6.46 -31.27 50.79
C THR D 117 7.25 -30.79 52.01
N SER D 118 6.70 -31.00 53.20
CA SER D 118 7.38 -30.61 54.44
C SER D 118 8.34 -31.69 54.95
N ALA D 119 8.43 -32.82 54.27
CA ALA D 119 9.27 -33.93 54.71
C ALA D 119 10.69 -33.87 54.16
N GLY D 120 11.05 -32.81 53.44
CA GLY D 120 12.37 -32.72 52.85
C GLY D 120 12.49 -33.58 51.61
N LYS D 121 11.57 -33.40 50.66
CA LYS D 121 11.55 -34.23 49.47
C LYS D 121 12.79 -34.03 48.62
N THR D 122 13.24 -32.78 48.47
CA THR D 122 14.29 -32.46 47.52
C THR D 122 15.69 -32.80 48.02
N LEU D 123 15.84 -33.19 49.28
CA LEU D 123 17.16 -33.56 49.78
C LEU D 123 17.73 -34.76 49.04
N VAL D 124 16.90 -35.76 48.79
CA VAL D 124 17.35 -36.95 48.06
C VAL D 124 17.74 -36.56 46.64
N ALA D 125 16.98 -35.66 46.02
CA ALA D 125 17.32 -35.22 44.67
C ALA D 125 18.65 -34.48 44.63
N GLU D 126 18.89 -33.58 45.59
CA GLU D 126 20.17 -32.88 45.61
C GLU D 126 21.32 -33.83 45.88
N LEU D 127 21.12 -34.80 46.78
CA LEU D 127 22.18 -35.77 47.03
C LEU D 127 22.51 -36.58 45.78
N LEU D 128 21.47 -37.03 45.06
CA LEU D 128 21.69 -37.80 43.84
C LEU D 128 22.38 -36.97 42.77
N ILE D 129 22.01 -35.68 42.66
CA ILE D 129 22.71 -34.79 41.75
C ILE D 129 24.17 -34.68 42.15
N LEU D 130 24.45 -34.37 43.39
CA LEU D 130 25.84 -34.19 43.74
C LEU D 130 26.59 -35.45 43.28
N LYS D 131 25.95 -36.60 43.44
CA LYS D 131 26.59 -37.85 43.03
C LYS D 131 26.81 -37.88 41.53
N ARG D 132 25.74 -37.83 40.75
CA ARG D 132 25.89 -37.94 39.30
C ARG D 132 26.73 -36.81 38.73
N VAL D 133 27.07 -35.82 39.54
CA VAL D 133 27.91 -34.72 39.07
C VAL D 133 29.36 -34.91 39.50
N LEU D 134 29.58 -35.34 40.72
CA LEU D 134 30.96 -35.47 41.21
C LEU D 134 31.62 -36.73 40.68
N GLU D 135 31.02 -37.90 40.92
CA GLU D 135 31.60 -39.15 40.46
C GLU D 135 31.65 -39.21 38.93
N MET D 136 30.48 -39.23 38.29
CA MET D 136 30.41 -39.32 36.84
C MET D 136 30.16 -37.93 36.29
N ARG D 137 31.23 -37.16 36.15
CA ARG D 137 31.15 -35.76 35.76
C ARG D 137 30.37 -35.59 34.46
N LYS D 138 29.20 -34.98 34.57
CA LYS D 138 28.30 -34.78 33.44
C LYS D 138 27.30 -33.70 33.84
N LYS D 139 26.53 -33.24 32.87
CA LYS D 139 25.54 -32.21 33.14
C LYS D 139 24.32 -32.81 33.80
N ALA D 140 23.53 -31.95 34.43
CA ALA D 140 22.29 -32.35 35.09
C ALA D 140 21.23 -31.29 34.87
N LEU D 141 19.97 -31.72 34.87
CA LEU D 141 18.83 -30.85 34.72
C LEU D 141 17.97 -30.92 35.97
N PHE D 142 17.48 -29.78 36.42
CA PHE D 142 16.53 -29.70 37.51
C PHE D 142 15.28 -29.03 36.96
N ILE D 143 14.27 -29.83 36.61
CA ILE D 143 13.06 -29.32 35.99
C ILE D 143 12.07 -28.97 37.10
N LEU D 144 11.66 -27.70 37.11
CA LEU D 144 10.67 -27.24 38.11
C LEU D 144 9.42 -26.73 37.41
N PRO D 145 8.28 -26.75 38.12
CA PRO D 145 7.01 -26.34 37.49
C PRO D 145 6.89 -24.85 37.16
N PHE D 146 7.31 -23.96 38.06
CA PHE D 146 7.11 -22.52 37.82
C PHE D 146 8.39 -21.71 37.87
N VAL D 147 8.31 -20.43 37.51
CA VAL D 147 9.52 -19.61 37.44
C VAL D 147 9.96 -19.18 38.84
N SER D 148 9.01 -18.87 39.72
CA SER D 148 9.37 -18.41 41.05
C SER D 148 10.07 -19.51 41.86
N VAL D 149 9.47 -20.70 41.90
CA VAL D 149 10.09 -21.81 42.60
C VAL D 149 11.39 -22.22 41.91
N ALA D 150 11.44 -22.14 40.58
CA ALA D 150 12.67 -22.46 39.86
C ALA D 150 13.79 -21.51 40.24
N LYS D 151 13.49 -20.22 40.35
CA LYS D 151 14.50 -19.24 40.74
C LYS D 151 14.94 -19.43 42.18
N GLU D 152 13.98 -19.71 43.08
CA GLU D 152 14.34 -19.99 44.46
C GLU D 152 15.25 -21.21 44.55
N LYS D 153 14.93 -22.27 43.81
CA LYS D 153 15.78 -23.45 43.79
C LYS D 153 17.12 -23.18 43.14
N LYS D 154 17.16 -22.33 42.12
CA LYS D 154 18.44 -21.99 41.50
C LYS D 154 19.35 -21.29 42.49
N TYR D 155 18.80 -20.34 43.26
CA TYR D 155 19.62 -19.65 44.25
C TYR D 155 19.98 -20.56 45.40
N TYR D 156 19.08 -21.46 45.79
CA TYR D 156 19.38 -22.42 46.85
C TYR D 156 20.52 -23.34 46.43
N LEU D 157 20.43 -23.93 45.23
CA LEU D 157 21.48 -24.80 44.74
C LEU D 157 22.78 -24.05 44.50
N GLN D 158 22.69 -22.78 44.09
CA GLN D 158 23.90 -21.98 43.92
C GLN D 158 24.60 -21.76 45.25
N SER D 159 23.86 -21.33 46.27
CA SER D 159 24.45 -21.13 47.59
C SER D 159 24.91 -22.44 48.21
N LEU D 160 24.35 -23.57 47.79
CA LEU D 160 24.75 -24.87 48.32
C LEU D 160 25.92 -25.50 47.58
N PHE D 161 26.13 -25.13 46.31
CA PHE D 161 27.10 -25.79 45.47
C PHE D 161 28.22 -24.88 44.95
N GLN D 162 28.22 -23.60 45.32
CA GLN D 162 29.28 -22.71 44.85
C GLN D 162 30.65 -23.15 45.34
N GLU D 163 30.73 -23.58 46.60
CA GLU D 163 32.02 -23.90 47.20
C GLU D 163 32.69 -25.08 46.50
N VAL D 164 31.91 -26.11 46.17
CA VAL D 164 32.49 -27.28 45.51
C VAL D 164 32.79 -27.03 44.04
N GLY D 165 32.34 -25.90 43.49
CA GLY D 165 32.65 -25.55 42.13
C GLY D 165 31.66 -25.99 41.08
N ILE D 166 30.54 -26.58 41.48
CA ILE D 166 29.51 -26.99 40.52
C ILE D 166 28.80 -25.75 40.01
N LYS D 167 29.07 -25.37 38.76
CA LYS D 167 28.42 -24.21 38.16
C LYS D 167 26.95 -24.50 37.95
N VAL D 168 26.09 -23.75 38.64
CA VAL D 168 24.64 -23.93 38.58
C VAL D 168 24.05 -22.67 37.98
N ASP D 169 23.29 -22.82 36.90
CA ASP D 169 22.62 -21.68 36.29
C ASP D 169 21.24 -22.09 35.83
N GLY D 170 20.39 -21.10 35.59
CA GLY D 170 18.97 -21.33 35.40
C GLY D 170 18.48 -20.97 34.01
N TYR D 171 17.57 -21.80 33.49
CA TYR D 171 16.83 -21.53 32.27
C TYR D 171 15.36 -21.39 32.68
N MET D 172 14.98 -20.18 33.09
CA MET D 172 13.65 -19.92 33.62
C MET D 172 13.08 -18.70 32.92
N GLY D 173 11.87 -18.84 32.39
CA GLY D 173 11.20 -17.75 31.72
C GLY D 173 11.98 -17.19 30.55
N SER D 174 12.50 -15.98 30.71
CA SER D 174 13.24 -15.29 29.66
C SER D 174 14.74 -15.32 29.89
N THR D 175 15.18 -15.38 31.14
CA THR D 175 16.60 -15.32 31.44
C THR D 175 17.30 -16.58 30.96
N SER D 176 18.49 -16.40 30.40
CA SER D 176 19.37 -17.49 30.02
C SER D 176 20.75 -17.23 30.60
N PRO D 177 21.50 -18.29 30.95
CA PRO D 177 22.83 -18.08 31.50
C PRO D 177 23.73 -17.34 30.53
N SER D 178 24.55 -16.42 31.08
CA SER D 178 25.52 -15.73 30.25
C SER D 178 26.57 -16.70 29.71
N ARG D 179 27.01 -17.63 30.55
CA ARG D 179 27.94 -18.65 30.12
C ARG D 179 27.23 -19.70 29.28
N HIS D 180 28.00 -20.39 28.45
CA HIS D 180 27.44 -21.43 27.59
C HIS D 180 27.03 -22.64 28.43
N PHE D 181 26.11 -23.43 27.87
CA PHE D 181 25.65 -24.63 28.57
C PHE D 181 26.78 -25.62 28.78
N SER D 182 27.78 -25.62 27.90
CA SER D 182 28.93 -26.51 28.08
C SER D 182 29.69 -26.18 29.35
N SER D 183 29.82 -24.90 29.69
CA SER D 183 30.49 -24.51 30.93
C SER D 183 29.67 -24.89 32.16
N LEU D 184 28.35 -24.95 32.02
CA LEU D 184 27.48 -25.24 33.15
C LEU D 184 27.62 -26.69 33.57
N ASP D 185 27.21 -26.96 34.81
CA ASP D 185 27.16 -28.32 35.33
C ASP D 185 25.79 -28.71 35.88
N ILE D 186 24.98 -27.74 36.30
CA ILE D 186 23.59 -27.96 36.65
C ILE D 186 22.77 -26.87 35.99
N ALA D 187 21.73 -27.26 35.27
CA ALA D 187 20.80 -26.31 34.66
C ALA D 187 19.47 -26.46 35.37
N VAL D 188 19.13 -25.45 36.17
CA VAL D 188 17.84 -25.39 36.85
C VAL D 188 16.87 -24.76 35.87
N CYS D 189 16.05 -25.58 35.23
CA CYS D 189 15.19 -25.14 34.15
C CYS D 189 13.73 -25.23 34.55
N THR D 190 12.91 -24.45 33.86
CA THR D 190 11.48 -24.68 33.88
C THR D 190 11.15 -25.86 32.95
N ILE D 191 9.91 -26.32 33.01
CA ILE D 191 9.50 -27.43 32.15
C ILE D 191 9.55 -26.99 30.68
N GLU D 192 9.21 -25.74 30.42
CA GLU D 192 9.18 -25.26 29.03
C GLU D 192 10.58 -25.21 28.42
N ARG D 193 11.56 -24.75 29.19
CA ARG D 193 12.90 -24.51 28.66
C ARG D 193 13.81 -25.72 28.75
N ALA D 194 13.55 -26.64 29.66
CA ALA D 194 14.29 -27.90 29.70
C ALA D 194 14.03 -28.76 28.48
N ASN D 195 12.80 -28.79 27.98
CA ASN D 195 12.53 -29.50 26.74
C ASN D 195 13.32 -28.90 25.58
N GLY D 196 13.36 -27.57 25.49
CA GLY D 196 14.15 -26.94 24.45
C GLY D 196 15.64 -27.21 24.60
N LEU D 197 16.13 -27.24 25.83
CA LEU D 197 17.53 -27.55 26.08
C LEU D 197 17.85 -28.98 25.63
N ILE D 198 16.97 -29.92 25.93
CA ILE D 198 17.19 -31.31 25.52
C ILE D 198 17.07 -31.45 24.00
N ASN D 199 16.17 -30.69 23.38
CA ASN D 199 16.11 -30.67 21.92
C ASN D 199 17.41 -30.16 21.32
N ARG D 200 17.99 -29.11 21.90
CA ARG D 200 19.27 -28.60 21.43
C ARG D 200 20.37 -29.63 21.60
N LEU D 201 20.40 -30.32 22.75
CA LEU D 201 21.38 -31.37 22.96
C LEU D 201 21.25 -32.50 21.96
N ILE D 202 20.02 -32.90 21.64
CA ILE D 202 19.80 -33.97 20.67
C ILE D 202 20.15 -33.54 19.25
N GLU D 203 19.82 -32.31 18.88
CA GLU D 203 20.08 -31.85 17.51
C GLU D 203 21.56 -31.96 17.18
N GLU D 204 22.38 -31.16 17.85
CA GLU D 204 23.83 -31.27 17.65
C GLU D 204 24.32 -32.62 18.16
N ASN D 205 23.45 -33.36 18.85
CA ASN D 205 23.81 -34.70 19.34
C ASN D 205 24.74 -34.72 20.55
N LYS D 206 24.72 -33.67 21.36
CA LYS D 206 25.52 -33.66 22.58
C LYS D 206 24.77 -34.32 23.74
N MET D 207 24.11 -35.44 23.46
CA MET D 207 23.34 -36.13 24.48
C MET D 207 24.23 -36.89 25.45
N ASP D 208 25.52 -37.03 25.14
CA ASP D 208 26.45 -37.66 26.08
C ASP D 208 26.79 -36.76 27.26
N LEU D 209 26.66 -35.45 27.12
CA LEU D 209 26.87 -34.55 28.25
C LEU D 209 25.83 -34.79 29.35
N LEU D 210 24.57 -34.99 28.96
CA LEU D 210 23.53 -35.19 29.95
C LEU D 210 23.65 -36.58 30.56
N GLY D 211 23.63 -36.63 31.89
CA GLY D 211 23.67 -37.89 32.60
C GLY D 211 22.68 -37.93 33.73
N MET D 212 22.01 -36.80 33.97
CA MET D 212 21.11 -36.67 35.10
C MET D 212 19.97 -35.74 34.71
N VAL D 213 18.76 -36.08 35.14
CA VAL D 213 17.59 -35.24 34.96
C VAL D 213 16.72 -35.39 36.20
N VAL D 214 16.40 -34.27 36.85
CA VAL D 214 15.61 -34.25 38.05
C VAL D 214 14.33 -33.48 37.78
N VAL D 215 13.20 -34.08 38.12
CA VAL D 215 11.89 -33.55 37.82
C VAL D 215 11.16 -33.37 39.15
N ASP D 216 11.19 -32.16 39.69
CA ASP D 216 10.34 -31.83 40.82
C ASP D 216 8.89 -31.70 40.36
N GLU D 217 7.97 -32.07 41.25
CA GLU D 217 6.54 -32.08 40.94
C GLU D 217 6.25 -32.95 39.72
N LEU D 218 6.54 -34.25 39.88
CA LEU D 218 6.31 -35.20 38.80
C LEU D 218 4.84 -35.30 38.44
N HIS D 219 3.95 -35.06 39.40
CA HIS D 219 2.52 -35.13 39.15
C HIS D 219 2.08 -34.11 38.10
N MET D 220 2.91 -33.09 37.84
CA MET D 220 2.60 -32.13 36.79
C MET D 220 2.57 -32.75 35.42
N LEU D 221 3.15 -33.94 35.22
CA LEU D 221 3.21 -34.52 33.88
C LEU D 221 1.84 -34.91 33.36
N GLY D 222 0.80 -34.89 34.19
CA GLY D 222 -0.53 -35.24 33.75
C GLY D 222 -1.24 -34.06 33.10
N ASP D 223 -2.45 -33.77 33.57
CA ASP D 223 -3.25 -32.70 32.99
C ASP D 223 -2.65 -31.36 33.39
N SER D 224 -2.05 -30.67 32.44
CA SER D 224 -1.44 -29.37 32.69
C SER D 224 -1.20 -28.69 31.34
N HIS D 225 -0.98 -27.37 31.40
CA HIS D 225 -0.58 -26.62 30.22
C HIS D 225 0.91 -26.73 29.93
N ARG D 226 1.70 -27.21 30.88
CA ARG D 226 3.12 -27.43 30.68
C ARG D 226 3.51 -28.85 31.08
N GLY D 227 2.53 -29.69 31.38
CA GLY D 227 2.82 -31.04 31.82
C GLY D 227 3.18 -31.98 30.70
N TYR D 228 2.56 -31.81 29.54
CA TYR D 228 2.88 -32.65 28.40
C TYR D 228 4.34 -32.48 28.00
N LEU D 229 4.84 -31.25 28.01
CA LEU D 229 6.26 -31.01 27.74
C LEU D 229 7.14 -31.80 28.70
N LEU D 230 6.66 -32.04 29.92
CA LEU D 230 7.40 -32.90 30.84
C LEU D 230 7.44 -34.33 30.32
N GLU D 231 6.29 -34.88 29.93
CA GLU D 231 6.27 -36.23 29.39
C GLU D 231 7.12 -36.33 28.14
N LEU D 232 6.94 -35.39 27.21
CA LEU D 232 7.78 -35.35 26.02
C LEU D 232 9.25 -35.28 26.37
N LEU D 233 9.58 -34.68 27.52
CA LEU D 233 10.97 -34.57 27.95
C LEU D 233 11.56 -35.93 28.31
N LEU D 234 10.75 -36.83 28.86
CA LEU D 234 11.23 -38.11 29.37
C LEU D 234 11.09 -39.24 28.36
N THR D 235 9.93 -39.35 27.70
CA THR D 235 9.76 -40.35 26.66
C THR D 235 10.78 -40.17 25.54
N LYS D 236 11.24 -38.93 25.33
CA LYS D 236 12.32 -38.70 24.37
C LYS D 236 13.65 -39.16 24.92
N ILE D 237 13.91 -38.93 26.21
CA ILE D 237 15.17 -39.35 26.81
C ILE D 237 15.24 -40.87 26.86
N CYS D 238 14.17 -41.51 27.33
CA CYS D 238 14.18 -42.97 27.50
C CYS D 238 14.45 -43.66 26.17
N TYR D 239 13.80 -43.20 25.10
CA TYR D 239 14.08 -43.73 23.77
C TYR D 239 15.57 -43.63 23.47
N ILE D 240 16.18 -42.48 23.72
CA ILE D 240 17.61 -42.33 23.49
C ILE D 240 18.39 -43.37 24.29
N THR D 241 17.97 -43.63 25.53
CA THR D 241 18.64 -44.64 26.32
C THR D 241 18.30 -46.04 25.83
N ARG D 242 17.07 -46.23 25.34
CA ARG D 242 16.62 -47.54 24.90
C ARG D 242 16.86 -47.79 23.41
N LYS D 243 17.37 -46.80 22.68
CA LYS D 243 17.83 -47.03 21.31
C LYS D 243 19.32 -47.30 21.24
N SER D 244 20.08 -46.93 22.28
CA SER D 244 21.49 -47.28 22.36
C SER D 244 21.72 -48.67 22.93
N ALA D 245 20.67 -49.34 23.39
CA ALA D 245 20.76 -50.69 23.91
C ALA D 245 20.66 -51.75 22.82
N SER D 246 20.47 -51.34 21.57
CA SER D 246 20.36 -52.29 20.46
C SER D 246 21.71 -52.93 20.15
N SER D 256 24.22 -48.07 35.63
CA SER D 256 23.00 -48.83 35.37
C SER D 256 22.11 -48.10 34.38
N ASN D 257 22.61 -46.97 33.86
CA ASN D 257 21.87 -46.17 32.88
C ASN D 257 22.85 -45.23 32.21
N ALA D 258 22.36 -44.51 31.21
CA ALA D 258 23.11 -43.45 30.56
C ALA D 258 22.62 -42.06 30.91
N VAL D 259 21.32 -41.90 31.18
CA VAL D 259 20.74 -40.67 31.68
C VAL D 259 19.83 -41.06 32.83
N GLN D 260 20.23 -40.76 34.06
CA GLN D 260 19.38 -41.05 35.21
C GLN D 260 18.22 -40.06 35.27
N ILE D 261 17.08 -40.54 35.75
CA ILE D 261 15.88 -39.72 35.88
C ILE D 261 15.35 -39.89 37.30
N VAL D 262 15.22 -38.78 38.02
CA VAL D 262 14.74 -38.80 39.39
C VAL D 262 13.53 -37.87 39.48
N GLY D 263 12.40 -38.42 39.89
CA GLY D 263 11.15 -37.68 39.93
C GLY D 263 10.60 -37.60 41.34
N MET D 264 10.14 -36.40 41.71
CA MET D 264 9.49 -36.16 42.98
C MET D 264 8.01 -35.88 42.74
N SER D 265 7.15 -36.58 43.48
CA SER D 265 5.71 -36.45 43.26
C SER D 265 5.00 -36.39 44.60
N ALA D 266 3.69 -36.19 44.55
CA ALA D 266 2.84 -36.21 45.72
C ALA D 266 2.26 -37.61 45.92
N THR D 267 1.27 -37.74 46.81
CA THR D 267 0.65 -39.03 47.08
C THR D 267 -0.27 -39.42 45.94
N LEU D 268 0.30 -39.77 44.78
CA LEU D 268 -0.51 -40.12 43.63
C LEU D 268 -0.91 -41.59 43.69
N PRO D 269 -2.12 -41.93 43.23
CA PRO D 269 -2.50 -43.36 43.22
C PRO D 269 -1.68 -44.19 42.26
N ASN D 270 -1.56 -43.73 41.02
CA ASN D 270 -0.85 -44.50 40.00
C ASN D 270 0.64 -44.17 39.91
N LEU D 271 1.27 -43.89 41.03
CA LEU D 271 2.70 -43.62 41.00
C LEU D 271 3.44 -44.80 40.40
N GLU D 272 3.03 -46.00 40.78
CA GLU D 272 3.65 -47.21 40.24
C GLU D 272 3.76 -47.13 38.72
N LEU D 273 2.62 -46.98 38.06
CA LEU D 273 2.63 -46.84 36.60
C LEU D 273 3.74 -45.92 36.14
N VAL D 274 3.91 -44.78 36.81
CA VAL D 274 4.96 -43.84 36.43
C VAL D 274 6.33 -44.43 36.72
N ALA D 275 6.46 -45.16 37.82
CA ALA D 275 7.74 -45.78 38.14
C ALA D 275 8.12 -46.85 37.12
N SER D 276 7.16 -47.65 36.67
CA SER D 276 7.45 -48.68 35.68
C SER D 276 7.68 -48.08 34.30
N TRP D 277 6.99 -46.98 33.98
CA TRP D 277 7.16 -46.34 32.68
C TRP D 277 8.58 -45.87 32.48
N LEU D 278 9.17 -45.27 33.50
CA LEU D 278 10.54 -44.77 33.43
C LEU D 278 11.56 -45.80 33.90
N ASN D 279 11.13 -47.02 34.18
CA ASN D 279 11.99 -48.09 34.68
C ASN D 279 12.50 -47.78 36.09
N ALA D 280 12.16 -46.60 36.58
CA ALA D 280 12.62 -46.14 37.90
C ALA D 280 12.17 -46.97 39.07
N GLU D 281 12.90 -46.89 40.17
CA GLU D 281 12.49 -47.58 41.39
C GLU D 281 11.47 -46.69 42.07
N LEU D 282 10.47 -47.28 42.70
CA LEU D 282 9.41 -46.48 43.31
C LEU D 282 9.53 -46.41 44.82
N TYR D 283 9.49 -45.20 45.36
CA TYR D 283 9.52 -45.05 46.81
C TYR D 283 8.39 -44.15 47.28
N HIS D 284 7.47 -44.69 48.06
CA HIS D 284 6.34 -43.91 48.55
C HIS D 284 6.38 -43.86 50.07
N THR D 285 6.25 -42.67 50.63
CA THR D 285 6.22 -42.49 52.06
C THR D 285 5.14 -41.49 52.44
N ASP D 286 4.65 -41.60 53.67
CA ASP D 286 3.65 -40.69 54.20
C ASP D 286 4.16 -39.98 55.45
N PHE D 287 5.46 -39.98 55.68
CA PHE D 287 6.04 -39.40 56.89
C PHE D 287 6.00 -37.88 56.81
N ARG D 288 5.49 -37.25 57.85
CA ARG D 288 5.51 -35.79 57.98
C ARG D 288 6.18 -35.44 59.30
N PRO D 289 7.25 -34.64 59.29
CA PRO D 289 7.94 -34.35 60.57
C PRO D 289 7.05 -33.68 61.59
N VAL D 290 6.15 -32.80 61.14
CA VAL D 290 5.17 -32.15 62.01
C VAL D 290 3.81 -32.75 61.69
N PRO D 291 3.13 -33.40 62.63
CA PRO D 291 1.84 -33.99 62.34
C PRO D 291 0.84 -32.94 61.89
N LEU D 292 -0.09 -33.35 61.04
CA LEU D 292 -1.10 -32.46 60.49
C LEU D 292 -2.48 -32.83 61.01
N LEU D 293 -3.24 -31.82 61.41
CA LEU D 293 -4.63 -31.99 61.84
C LEU D 293 -5.49 -31.15 60.91
N GLU D 294 -6.12 -31.81 59.94
CA GLU D 294 -7.08 -31.13 59.08
C GLU D 294 -8.46 -31.19 59.72
N SER D 295 -9.17 -30.08 59.65
CA SER D 295 -10.47 -29.99 60.28
C SER D 295 -11.36 -29.06 59.47
N VAL D 296 -12.66 -29.26 59.63
CA VAL D 296 -13.67 -28.42 59.02
C VAL D 296 -14.36 -27.63 60.12
N LYS D 297 -14.82 -26.43 59.78
CA LYS D 297 -15.51 -25.56 60.72
C LYS D 297 -16.90 -25.24 60.19
N VAL D 298 -17.92 -25.63 60.93
CA VAL D 298 -19.31 -25.33 60.59
C VAL D 298 -19.92 -24.57 61.75
N GLY D 299 -20.38 -23.35 61.49
CA GLY D 299 -20.92 -22.50 62.53
C GLY D 299 -19.90 -22.20 63.62
N ASN D 300 -20.14 -22.73 64.82
CA ASN D 300 -19.22 -22.58 65.94
C ASN D 300 -18.55 -23.90 66.32
N SER D 301 -18.68 -24.93 65.47
CA SER D 301 -18.19 -26.26 65.78
C SER D 301 -17.05 -26.64 64.84
N ILE D 302 -16.08 -27.36 65.39
CA ILE D 302 -14.92 -27.83 64.64
C ILE D 302 -14.95 -29.35 64.63
N TYR D 303 -14.99 -29.93 63.43
CA TYR D 303 -15.00 -31.37 63.25
C TYR D 303 -13.70 -31.83 62.62
N ASP D 304 -13.26 -33.03 63.00
CA ASP D 304 -12.03 -33.60 62.46
C ASP D 304 -12.31 -34.14 61.06
N SER D 305 -11.32 -34.83 60.48
CA SER D 305 -11.47 -35.31 59.11
C SER D 305 -12.59 -36.34 59.00
N SER D 306 -12.69 -37.25 59.95
CA SER D 306 -13.69 -38.32 59.90
C SER D 306 -14.98 -37.93 60.60
N MET D 307 -15.50 -36.75 60.28
CA MET D 307 -16.78 -36.26 60.78
C MET D 307 -16.92 -36.39 62.29
N LYS D 308 -15.86 -36.08 63.03
CA LYS D 308 -15.86 -36.17 64.48
C LYS D 308 -15.54 -34.80 65.07
N LEU D 309 -16.41 -34.33 65.96
CA LEU D 309 -16.16 -33.05 66.61
C LEU D 309 -14.93 -33.15 67.50
N VAL D 310 -14.02 -32.18 67.36
CA VAL D 310 -12.78 -32.17 68.11
C VAL D 310 -12.69 -30.99 69.08
N ARG D 311 -13.32 -29.86 68.76
CA ARG D 311 -13.27 -28.70 69.63
C ARG D 311 -14.52 -27.85 69.38
N GLU D 312 -14.97 -27.17 70.42
CA GLU D 312 -16.07 -26.22 70.33
C GLU D 312 -15.47 -24.82 70.39
N PHE D 313 -15.27 -24.23 69.22
CA PHE D 313 -14.61 -22.93 69.15
C PHE D 313 -15.53 -21.84 69.69
N GLU D 314 -14.98 -20.98 70.54
CA GLU D 314 -15.68 -19.82 71.05
C GLU D 314 -14.82 -18.59 70.78
N PRO D 315 -15.31 -17.59 70.06
CA PRO D 315 -14.46 -16.43 69.72
C PRO D 315 -13.99 -15.71 70.97
N MET D 316 -12.76 -15.20 70.91
CA MET D 316 -12.22 -14.42 72.01
C MET D 316 -12.73 -12.99 72.00
N LEU D 317 -12.43 -12.25 70.93
CA LEU D 317 -12.93 -10.88 70.77
C LEU D 317 -13.34 -10.73 69.31
N GLN D 318 -14.65 -10.84 69.06
CA GLN D 318 -15.20 -10.82 67.71
C GLN D 318 -16.16 -9.65 67.56
N VAL D 319 -16.00 -8.87 66.49
CA VAL D 319 -16.94 -7.81 66.16
C VAL D 319 -17.53 -8.07 64.78
N ASP D 324 -18.16 -17.48 60.95
CA ASP D 324 -16.85 -17.72 60.37
C ASP D 324 -15.80 -17.36 61.39
N HIS D 325 -16.01 -16.26 62.10
CA HIS D 325 -15.06 -15.83 63.11
C HIS D 325 -13.65 -15.96 62.60
N VAL D 326 -13.46 -15.74 61.29
CA VAL D 326 -12.13 -15.81 60.73
C VAL D 326 -11.16 -14.97 61.54
N VAL D 327 -11.58 -13.76 61.91
CA VAL D 327 -10.73 -12.88 62.70
C VAL D 327 -10.46 -13.48 64.07
N SER D 328 -11.47 -14.14 64.66
CA SER D 328 -11.27 -14.79 65.95
C SER D 328 -10.28 -15.94 65.85
N LEU D 329 -10.35 -16.72 64.77
CA LEU D 329 -9.38 -17.80 64.57
C LEU D 329 -7.98 -17.24 64.40
N CYS D 330 -7.84 -16.16 63.63
CA CYS D 330 -6.53 -15.52 63.49
C CYS D 330 -6.02 -14.99 64.82
N TYR D 331 -6.91 -14.40 65.62
CA TYR D 331 -6.55 -13.91 66.93
C TYR D 331 -6.07 -15.04 67.84
N GLU D 332 -6.78 -16.16 67.84
CA GLU D 332 -6.37 -17.30 68.66
C GLU D 332 -5.01 -17.83 68.23
N THR D 333 -4.76 -17.88 66.91
CA THR D 333 -3.46 -18.29 66.43
C THR D 333 -2.37 -17.31 66.86
N ILE D 334 -2.66 -16.01 66.78
CA ILE D 334 -1.65 -14.99 67.07
C ILE D 334 -1.31 -14.97 68.56
N CYS D 335 -2.31 -15.17 69.42
CA CYS D 335 -2.10 -15.06 70.86
C CYS D 335 -0.98 -15.96 71.36
N ASP D 336 -0.79 -17.10 70.69
CA ASP D 336 0.30 -18.02 71.06
C ASP D 336 1.58 -17.63 70.34
N ASN D 337 1.67 -16.38 69.93
CA ASN D 337 2.85 -15.85 69.24
C ASN D 337 3.21 -16.71 68.03
N HIS D 338 2.19 -17.07 67.24
CA HIS D 338 2.37 -17.84 66.02
C HIS D 338 1.91 -17.02 64.82
N SER D 339 1.89 -17.64 63.65
CA SER D 339 1.45 -16.96 62.44
C SER D 339 0.34 -17.75 61.76
N VAL D 340 -0.33 -17.14 60.79
CA VAL D 340 -1.44 -17.81 60.12
C VAL D 340 -1.50 -17.59 58.62
N LEU D 341 -1.86 -18.62 57.88
CA LEU D 341 -2.03 -18.47 56.43
C LEU D 341 -3.52 -18.49 56.16
N LEU D 342 -3.99 -17.57 55.33
CA LEU D 342 -5.43 -17.47 55.13
C LEU D 342 -5.67 -17.45 53.62
N PHE D 343 -6.05 -18.59 53.07
CA PHE D 343 -6.20 -18.74 51.62
C PHE D 343 -7.61 -18.33 51.22
N CYS D 344 -7.73 -17.22 50.48
CA CYS D 344 -8.97 -16.63 49.99
C CYS D 344 -9.13 -16.89 48.50
N PRO D 345 -10.37 -16.89 48.00
CA PRO D 345 -10.61 -17.24 46.59
C PRO D 345 -10.36 -16.11 45.60
N SER D 346 -9.96 -14.92 46.03
CA SER D 346 -9.80 -13.82 45.11
C SER D 346 -8.82 -12.81 45.69
N LYS D 347 -8.54 -11.76 44.90
CA LYS D 347 -7.63 -10.70 45.31
C LYS D 347 -8.33 -9.68 46.20
N LYS D 348 -9.51 -9.22 45.79
CA LYS D 348 -10.27 -8.26 46.59
C LYS D 348 -10.62 -8.86 47.95
N TRP D 349 -10.93 -10.16 47.98
CA TRP D 349 -11.16 -10.84 49.25
C TRP D 349 -9.93 -10.86 50.14
N CYS D 350 -8.74 -11.07 49.59
CA CYS D 350 -7.51 -10.99 50.37
C CYS D 350 -7.28 -9.58 50.91
N GLU D 351 -7.48 -8.57 50.07
CA GLU D 351 -7.28 -7.19 50.53
C GLU D 351 -8.30 -6.79 51.58
N LYS D 352 -9.53 -7.29 51.50
CA LYS D 352 -10.55 -7.00 52.50
C LYS D 352 -10.30 -7.75 53.80
N LEU D 353 -9.95 -9.03 53.71
CA LEU D 353 -9.75 -9.88 54.86
C LEU D 353 -8.35 -9.77 55.45
N ALA D 354 -7.50 -8.92 54.88
CA ALA D 354 -6.33 -8.45 55.61
C ALA D 354 -6.57 -7.12 56.29
N ASP D 355 -7.33 -6.24 55.64
CA ASP D 355 -7.74 -4.99 56.26
C ASP D 355 -8.55 -5.25 57.53
N ILE D 356 -9.43 -6.25 57.50
CA ILE D 356 -10.26 -6.53 58.67
C ILE D 356 -9.41 -6.96 59.86
N ILE D 357 -8.52 -7.93 59.66
CA ILE D 357 -7.69 -8.35 60.78
C ILE D 357 -6.73 -7.26 61.21
N ALA D 358 -6.28 -6.40 60.30
CA ALA D 358 -5.49 -5.25 60.71
C ALA D 358 -6.29 -4.33 61.62
N ARG D 359 -7.55 -4.06 61.25
CA ARG D 359 -8.40 -3.16 62.04
C ARG D 359 -8.61 -3.72 63.44
N GLU D 360 -8.94 -5.01 63.54
CA GLU D 360 -9.12 -5.63 64.85
C GLU D 360 -7.81 -5.70 65.64
N PHE D 361 -6.68 -6.03 65.00
CA PHE D 361 -5.43 -6.07 65.75
C PHE D 361 -5.01 -4.69 66.25
N TYR D 362 -5.47 -3.63 65.61
CA TYR D 362 -5.29 -2.30 66.17
C TYR D 362 -6.28 -2.05 67.30
N ASN D 363 -7.56 -2.13 67.01
CA ASN D 363 -8.57 -1.85 68.02
C ASN D 363 -8.56 -2.85 69.16
N LEU D 364 -8.47 -4.14 68.86
CA LEU D 364 -8.46 -5.16 69.91
C LEU D 364 -7.16 -5.18 70.71
N HIS D 365 -6.09 -4.62 70.16
CA HIS D 365 -4.79 -4.69 70.83
C HIS D 365 -4.23 -3.33 71.29
N HIS D 366 -4.93 -2.26 70.97
CA HIS D 366 -4.43 -0.92 71.31
C HIS D 366 -5.47 -0.04 71.97
N GLN D 367 -6.56 -0.65 72.44
CA GLN D 367 -7.63 0.12 73.08
C GLN D 367 -7.84 1.46 72.38
N ALA D 368 -7.73 1.45 71.06
CA ALA D 368 -7.89 2.66 70.26
C ALA D 368 -8.50 2.34 68.91
N GLU D 383 9.55 -7.71 64.25
CA GLU D 383 10.02 -6.63 65.10
C GLU D 383 9.63 -5.29 64.51
N GLN D 384 9.21 -4.35 65.36
CA GLN D 384 8.85 -3.03 64.89
C GLN D 384 9.91 -2.49 63.95
N LYS D 385 11.13 -2.34 64.45
CA LYS D 385 12.22 -1.87 63.61
C LYS D 385 12.30 -2.68 62.31
N GLU D 386 12.17 -3.99 62.41
CA GLU D 386 12.18 -4.85 61.22
C GLU D 386 10.97 -4.59 60.33
N LEU D 387 9.81 -4.39 60.93
CA LEU D 387 8.60 -4.06 60.17
C LEU D 387 8.70 -2.70 59.49
N LEU D 388 9.30 -1.71 60.15
CA LEU D 388 9.55 -0.42 59.48
C LEU D 388 10.57 -0.58 58.36
N GLU D 389 11.55 -1.45 58.53
CA GLU D 389 12.45 -1.77 57.42
C GLU D 389 11.70 -2.35 56.24
N VAL D 390 10.73 -3.23 56.52
CA VAL D 390 9.93 -3.82 55.46
C VAL D 390 9.09 -2.75 54.76
N MET D 391 8.51 -1.83 55.55
CA MET D 391 7.74 -0.74 54.97
C MET D 391 8.61 0.12 54.06
N ASP D 392 9.82 0.45 54.51
CA ASP D 392 10.73 1.24 53.68
C ASP D 392 11.19 0.48 52.44
N GLN D 393 11.38 -0.85 52.57
CA GLN D 393 11.70 -1.67 51.41
C GLN D 393 10.59 -1.62 50.38
N LEU D 394 9.34 -1.71 50.84
CA LEU D 394 8.20 -1.61 49.94
C LEU D 394 8.07 -0.20 49.37
N ARG D 395 8.58 0.81 50.08
CA ARG D 395 8.42 2.19 49.63
C ARG D 395 9.42 2.61 48.58
N ARG D 396 10.52 1.88 48.38
CA ARG D 396 11.49 2.23 47.34
C ARG D 396 11.34 1.27 46.15
N LEU D 397 10.10 1.01 45.77
CA LEU D 397 9.80 0.16 44.64
C LEU D 397 9.20 0.98 43.51
N PRO D 398 9.32 0.52 42.27
CA PRO D 398 8.72 1.28 41.15
C PRO D 398 7.24 1.59 41.34
N SER D 399 6.49 0.68 41.96
CA SER D 399 5.12 0.96 42.33
C SER D 399 4.98 1.57 43.71
N GLY D 400 6.09 1.67 44.46
CA GLY D 400 6.06 2.27 45.78
C GLY D 400 5.27 1.44 46.79
N LEU D 401 4.76 2.13 47.79
CA LEU D 401 3.90 1.52 48.79
C LEU D 401 2.50 1.32 48.24
N ASP D 402 1.78 0.36 48.81
CA ASP D 402 0.39 0.12 48.47
C ASP D 402 -0.50 0.59 49.63
N SER D 403 -1.60 1.26 49.27
CA SER D 403 -2.47 1.83 50.29
C SER D 403 -2.98 0.76 51.25
N VAL D 404 -3.50 -0.34 50.72
CA VAL D 404 -3.96 -1.42 51.57
C VAL D 404 -2.78 -2.00 52.37
N LEU D 405 -1.63 -2.16 51.72
CA LEU D 405 -0.45 -2.60 52.43
C LEU D 405 -0.06 -1.60 53.50
N GLN D 406 -0.16 -0.30 53.20
CA GLN D 406 0.17 0.72 54.19
C GLN D 406 -0.73 0.62 55.41
N LYS D 407 -2.02 0.34 55.18
CA LYS D 407 -2.95 0.21 56.30
C LYS D 407 -2.72 -1.08 57.09
N THR D 408 -2.33 -2.16 56.41
CA THR D 408 -2.29 -3.48 57.04
C THR D 408 -0.95 -3.81 57.68
N VAL D 409 0.14 -3.70 56.93
CA VAL D 409 1.45 -4.21 57.32
C VAL D 409 1.91 -3.72 58.69
N PRO D 410 1.73 -2.43 59.06
CA PRO D 410 2.17 -2.03 60.41
C PRO D 410 1.19 -2.48 61.49
N TRP D 411 0.69 -3.71 61.34
CA TRP D 411 -0.01 -4.42 62.39
C TRP D 411 0.33 -5.91 62.44
N GLY D 412 1.19 -6.41 61.54
CA GLY D 412 1.48 -7.81 61.43
C GLY D 412 0.63 -8.54 60.41
N VAL D 413 -0.34 -7.84 59.82
CA VAL D 413 -1.25 -8.47 58.87
C VAL D 413 -1.00 -7.91 57.48
N ALA D 414 -1.21 -8.75 56.46
CA ALA D 414 -1.02 -8.30 55.10
C ALA D 414 -1.71 -9.27 54.14
N PHE D 415 -1.60 -8.97 52.85
CA PHE D 415 -2.18 -9.77 51.79
C PHE D 415 -1.10 -10.04 50.74
N HIS D 416 -1.23 -11.19 50.09
CA HIS D 416 -0.26 -11.65 49.09
C HIS D 416 -1.05 -12.32 47.97
N HIS D 417 -1.37 -11.54 46.94
CA HIS D 417 -2.07 -12.06 45.78
C HIS D 417 -1.29 -11.71 44.52
N ALA D 418 -1.78 -12.22 43.39
CA ALA D 418 -1.10 -12.04 42.11
C ALA D 418 -1.11 -10.60 41.62
N GLY D 419 -1.96 -9.75 42.18
CA GLY D 419 -2.00 -8.36 41.75
C GLY D 419 -0.71 -7.61 42.06
N LEU D 420 -0.09 -7.93 43.18
CA LEU D 420 1.14 -7.26 43.55
C LEU D 420 2.26 -7.61 42.58
N THR D 421 3.27 -6.75 42.53
CA THR D 421 4.44 -7.03 41.74
C THR D 421 5.19 -8.23 42.31
N PHE D 422 6.08 -8.79 41.49
CA PHE D 422 6.88 -9.90 41.97
C PHE D 422 7.81 -9.47 43.10
N GLU D 423 8.30 -8.23 43.05
CA GLU D 423 9.12 -7.71 44.13
C GLU D 423 8.31 -7.57 45.41
N GLU D 424 7.10 -7.03 45.31
CA GLU D 424 6.25 -6.91 46.48
C GLU D 424 5.88 -8.28 47.03
N ARG D 425 5.56 -9.23 46.15
CA ARG D 425 5.23 -10.58 46.59
C ARG D 425 6.39 -11.22 47.33
N ASP D 426 7.61 -11.07 46.80
CA ASP D 426 8.78 -11.63 47.48
C ASP D 426 9.06 -10.93 48.80
N ILE D 427 8.85 -9.61 48.87
CA ILE D 427 9.06 -8.89 50.12
C ILE D 427 8.07 -9.39 51.17
N ILE D 428 6.80 -9.53 50.79
CA ILE D 428 5.79 -10.00 51.73
C ILE D 428 6.07 -11.43 52.16
N GLU D 429 6.48 -12.28 51.21
CA GLU D 429 6.80 -13.66 51.55
C GLU D 429 7.98 -13.74 52.50
N GLY D 430 9.00 -12.91 52.29
CA GLY D 430 10.12 -12.88 53.22
C GLY D 430 9.72 -12.38 54.59
N ALA D 431 8.87 -11.36 54.64
CA ALA D 431 8.39 -10.85 55.92
C ALA D 431 7.61 -11.91 56.67
N PHE D 432 6.75 -12.66 55.98
CA PHE D 432 6.02 -13.74 56.63
C PHE D 432 6.96 -14.85 57.06
N ARG D 433 7.96 -15.18 56.24
CA ARG D 433 8.88 -16.26 56.57
C ARG D 433 9.70 -15.91 57.80
N GLN D 434 10.07 -14.64 57.96
CA GLN D 434 10.84 -14.22 59.13
C GLN D 434 9.97 -13.95 60.35
N GLY D 435 8.66 -14.10 60.24
CA GLY D 435 7.77 -13.87 61.36
C GLY D 435 7.32 -12.44 61.55
N LEU D 436 7.83 -11.51 60.74
CA LEU D 436 7.44 -10.11 60.87
C LEU D 436 5.96 -9.93 60.58
N ILE D 437 5.46 -10.58 59.53
CA ILE D 437 4.04 -10.60 59.21
C ILE D 437 3.44 -11.85 59.85
N ARG D 438 2.35 -11.68 60.59
CA ARG D 438 1.74 -12.77 61.33
C ARG D 438 0.48 -13.32 60.70
N VAL D 439 -0.26 -12.52 59.95
CA VAL D 439 -1.42 -12.98 59.21
C VAL D 439 -1.19 -12.66 57.74
N LEU D 440 -1.32 -13.67 56.88
CA LEU D 440 -1.09 -13.48 55.45
C LEU D 440 -2.33 -13.98 54.69
N ALA D 441 -3.10 -13.05 54.15
CA ALA D 441 -4.25 -13.40 53.32
C ALA D 441 -3.76 -13.59 51.89
N ALA D 442 -3.66 -14.84 51.46
CA ALA D 442 -3.11 -15.18 50.15
C ALA D 442 -4.17 -15.87 49.32
N THR D 443 -3.87 -16.02 48.03
CA THR D 443 -4.73 -16.71 47.09
C THR D 443 -4.20 -18.12 46.86
N SER D 444 -4.81 -18.85 45.93
CA SER D 444 -4.37 -20.21 45.66
C SER D 444 -3.04 -20.26 44.93
N THR D 445 -2.59 -19.15 44.35
CA THR D 445 -1.33 -19.15 43.60
C THR D 445 -0.15 -19.44 44.52
N LEU D 446 -0.21 -18.98 45.76
CA LEU D 446 0.86 -19.25 46.70
C LEU D 446 0.98 -20.75 46.94
N SER D 447 -0.15 -21.44 47.12
CA SER D 447 -0.14 -22.87 47.40
C SER D 447 0.88 -23.66 46.58
N SER D 448 0.93 -23.43 45.27
CA SER D 448 1.83 -24.16 44.41
C SER D 448 3.20 -23.50 44.29
N GLY D 449 3.38 -22.33 44.88
CA GLY D 449 4.62 -21.59 44.70
C GLY D 449 5.69 -21.95 45.71
N VAL D 450 6.23 -20.93 46.39
CA VAL D 450 7.38 -21.09 47.27
C VAL D 450 6.98 -21.87 48.53
N ASN D 451 8.00 -22.30 49.28
CA ASN D 451 7.79 -23.05 50.52
C ASN D 451 7.61 -22.03 51.64
N LEU D 452 6.36 -21.77 52.02
CA LEU D 452 6.00 -20.79 53.04
C LEU D 452 5.11 -21.46 54.07
N PRO D 453 5.69 -22.05 55.10
CA PRO D 453 4.88 -22.74 56.12
C PRO D 453 4.31 -21.79 57.15
N ALA D 454 3.09 -22.09 57.59
CA ALA D 454 2.41 -21.33 58.62
C ALA D 454 1.82 -22.29 59.64
N ARG D 455 1.77 -21.85 60.90
CA ARG D 455 1.31 -22.71 61.97
C ARG D 455 -0.12 -23.17 61.75
N ARG D 456 -0.99 -22.25 61.33
CA ARG D 456 -2.38 -22.58 61.02
C ARG D 456 -2.68 -22.08 59.61
N VAL D 457 -3.30 -22.95 58.82
CA VAL D 457 -3.73 -22.60 57.47
C VAL D 457 -5.25 -22.60 57.48
N ILE D 458 -5.84 -21.43 57.33
CA ILE D 458 -7.29 -21.27 57.30
C ILE D 458 -7.71 -21.06 55.85
N ILE D 459 -8.51 -21.99 55.34
CA ILE D 459 -9.03 -21.90 53.98
C ILE D 459 -10.47 -21.42 54.10
N ARG D 460 -10.67 -20.13 53.82
CA ARG D 460 -11.99 -19.52 54.01
C ARG D 460 -13.17 -20.31 53.50
N THR D 461 -13.14 -20.66 52.23
CA THR D 461 -14.28 -21.34 51.64
C THR D 461 -13.80 -22.50 50.79
N PRO D 462 -14.57 -23.60 50.74
CA PRO D 462 -14.22 -24.69 49.81
C PRO D 462 -14.46 -24.34 48.35
N ILE D 463 -15.27 -23.31 48.07
CA ILE D 463 -15.54 -22.89 46.71
C ILE D 463 -14.52 -21.82 46.34
N PHE D 464 -13.63 -22.16 45.40
CA PHE D 464 -12.57 -21.26 44.95
C PHE D 464 -12.84 -20.86 43.51
N GLY D 465 -13.14 -19.58 43.29
CA GLY D 465 -13.41 -19.08 41.95
C GLY D 465 -14.66 -19.65 41.31
N GLY D 466 -15.72 -19.87 42.10
CA GLY D 466 -16.96 -20.41 41.58
C GLY D 466 -16.97 -21.91 41.39
N ARG D 467 -15.87 -22.60 41.69
CA ARG D 467 -15.76 -24.04 41.55
C ARG D 467 -15.19 -24.63 42.84
N PRO D 468 -15.51 -25.89 43.14
CA PRO D 468 -14.93 -26.52 44.33
C PRO D 468 -13.42 -26.55 44.26
N LEU D 469 -12.79 -26.40 45.43
CA LEU D 469 -11.34 -26.40 45.50
C LEU D 469 -10.80 -27.75 45.02
N ASP D 470 -9.73 -27.68 44.22
CA ASP D 470 -9.12 -28.90 43.71
C ASP D 470 -8.49 -29.69 44.86
N ILE D 471 -8.56 -31.01 44.75
CA ILE D 471 -7.99 -31.85 45.81
C ILE D 471 -6.48 -31.68 45.85
N LEU D 472 -5.84 -31.54 44.69
CA LEU D 472 -4.41 -31.25 44.67
C LEU D 472 -4.12 -29.88 45.26
N THR D 473 -4.94 -28.89 44.91
CA THR D 473 -4.77 -27.54 45.47
C THR D 473 -4.98 -27.57 46.98
N TYR D 474 -6.02 -28.28 47.44
CA TYR D 474 -6.26 -28.36 48.87
C TYR D 474 -5.11 -29.03 49.60
N LYS D 475 -4.57 -30.11 49.05
CA LYS D 475 -3.42 -30.76 49.67
C LYS D 475 -2.22 -29.84 49.69
N GLN D 476 -2.01 -29.07 48.61
CA GLN D 476 -0.91 -28.13 48.57
C GLN D 476 -1.04 -27.07 49.65
N MET D 477 -2.26 -26.54 49.83
CA MET D 477 -2.47 -25.54 50.88
C MET D 477 -2.23 -26.12 52.27
N VAL D 478 -2.88 -27.25 52.57
CA VAL D 478 -2.78 -27.81 53.92
C VAL D 478 -1.45 -28.48 54.20
N GLY D 479 -0.60 -28.67 53.20
CA GLY D 479 0.74 -29.15 53.49
C GLY D 479 1.65 -28.11 54.08
N ARG D 480 1.25 -26.84 54.06
CA ARG D 480 2.01 -25.76 54.67
C ARG D 480 1.72 -25.58 56.15
N ALA D 481 0.75 -26.32 56.68
CA ALA D 481 0.37 -26.19 58.09
C ALA D 481 1.41 -26.89 58.94
N GLY D 482 2.18 -26.12 59.70
CA GLY D 482 3.20 -26.67 60.56
C GLY D 482 4.60 -26.37 60.10
N ARG D 483 5.35 -25.63 60.91
CA ARG D 483 6.75 -25.34 60.62
C ARG D 483 7.63 -26.41 61.22
N LYS D 484 8.50 -27.00 60.40
CA LYS D 484 9.39 -28.05 60.87
C LYS D 484 10.41 -27.47 61.85
N GLY D 485 10.56 -28.13 62.99
CA GLY D 485 11.52 -27.72 63.99
C GLY D 485 11.06 -26.60 64.90
N VAL D 486 9.85 -26.08 64.70
CA VAL D 486 9.33 -25.00 65.54
C VAL D 486 8.04 -25.45 66.20
N ASP D 487 7.04 -25.79 65.38
CA ASP D 487 5.75 -26.23 65.89
C ASP D 487 5.79 -27.71 66.27
N THR D 488 4.95 -28.06 67.25
CA THR D 488 4.75 -29.47 67.59
C THR D 488 3.71 -30.13 66.68
N VAL D 489 2.70 -29.39 66.26
CA VAL D 489 1.69 -29.87 65.33
C VAL D 489 1.39 -28.76 64.32
N GLY D 490 0.62 -29.09 63.30
CA GLY D 490 0.14 -28.11 62.35
C GLY D 490 -1.35 -28.28 62.16
N GLU D 491 -2.05 -27.16 61.97
CA GLU D 491 -3.50 -27.15 61.91
C GLU D 491 -3.95 -26.59 60.58
N SER D 492 -4.90 -27.27 59.95
CA SER D 492 -5.60 -26.76 58.79
C SER D 492 -7.07 -26.66 59.14
N ILE D 493 -7.68 -25.52 58.88
CA ILE D 493 -9.08 -25.26 59.22
C ILE D 493 -9.76 -24.79 57.93
N LEU D 494 -10.63 -25.62 57.39
CA LEU D 494 -11.42 -25.25 56.22
C LEU D 494 -12.80 -24.79 56.70
N ILE D 495 -13.14 -23.54 56.44
CA ILE D 495 -14.38 -22.94 56.95
C ILE D 495 -15.48 -23.24 55.95
N CYS D 496 -16.43 -24.08 56.34
CA CYS D 496 -17.58 -24.38 55.46
C CYS D 496 -18.88 -24.15 56.22
N LYS D 497 -20.00 -24.35 55.55
CA LYS D 497 -21.29 -24.12 56.20
C LYS D 497 -22.45 -24.70 55.40
N ASN D 498 -23.57 -24.97 56.08
CA ASN D 498 -24.73 -25.49 55.38
C ASN D 498 -24.37 -26.54 54.36
N SER D 499 -24.81 -26.36 53.12
CA SER D 499 -24.50 -27.31 52.07
C SER D 499 -23.00 -27.39 51.84
N GLU D 500 -22.34 -26.24 51.86
CA GLU D 500 -20.90 -26.21 51.65
C GLU D 500 -20.22 -27.28 52.49
N LYS D 501 -20.81 -27.63 53.62
CA LYS D 501 -20.22 -28.66 54.47
C LYS D 501 -19.92 -29.92 53.67
N SER D 502 -20.78 -30.26 52.70
CA SER D 502 -20.57 -31.49 51.93
C SER D 502 -19.29 -31.44 51.13
N LYS D 503 -19.05 -30.34 50.41
CA LYS D 503 -17.82 -30.20 49.64
C LYS D 503 -16.60 -30.15 50.55
N GLY D 504 -16.75 -29.55 51.74
CA GLY D 504 -15.65 -29.53 52.68
C GLY D 504 -15.27 -30.90 53.17
N ILE D 505 -16.26 -31.71 53.52
CA ILE D 505 -15.97 -33.08 53.97
C ILE D 505 -15.44 -33.92 52.80
N ALA D 506 -15.89 -33.64 51.58
CA ALA D 506 -15.35 -34.33 50.42
C ALA D 506 -13.86 -34.00 50.23
N LEU D 507 -13.51 -32.73 50.39
CA LEU D 507 -12.10 -32.34 50.34
C LEU D 507 -11.30 -32.99 51.46
N LEU D 508 -11.90 -33.07 52.65
CA LEU D 508 -11.22 -33.69 53.79
C LEU D 508 -10.92 -35.16 53.52
N GLN D 509 -11.90 -35.88 52.98
CA GLN D 509 -11.77 -37.32 52.76
C GLN D 509 -11.38 -37.68 51.33
N GLY D 510 -11.10 -36.69 50.48
CA GLY D 510 -10.73 -36.97 49.10
C GLY D 510 -9.28 -37.39 48.96
N SER D 511 -8.94 -37.80 47.74
CA SER D 511 -7.59 -38.22 47.41
C SER D 511 -7.25 -37.74 46.00
N LEU D 512 -5.96 -37.70 45.70
CA LEU D 512 -5.49 -37.17 44.44
C LEU D 512 -5.93 -38.04 43.27
N LYS D 513 -6.30 -37.39 42.17
CA LYS D 513 -6.68 -38.09 40.96
C LYS D 513 -5.46 -38.73 40.30
N PRO D 514 -5.65 -39.81 39.56
CA PRO D 514 -4.52 -40.46 38.89
C PRO D 514 -3.94 -39.59 37.78
N VAL D 515 -2.65 -39.80 37.52
CA VAL D 515 -1.95 -39.04 36.49
C VAL D 515 -2.41 -39.47 35.10
N ARG D 516 -2.34 -38.55 34.15
CA ARG D 516 -2.77 -38.78 32.78
C ARG D 516 -1.58 -38.65 31.83
N SER D 517 -1.87 -38.63 30.53
CA SER D 517 -0.84 -38.56 29.50
C SER D 517 -0.97 -37.33 28.60
N CYS D 518 -2.20 -36.92 28.29
CA CYS D 518 -2.47 -35.75 27.46
C CYS D 518 -1.94 -35.91 26.04
N LEU D 519 -1.56 -37.13 25.66
CA LEU D 519 -1.14 -37.38 24.29
C LEU D 519 -2.26 -38.09 23.52
N VAL D 527 -5.78 -36.56 16.31
CA VAL D 527 -4.49 -35.89 16.44
C VAL D 527 -4.55 -34.87 17.56
N THR D 528 -3.40 -34.58 18.17
CA THR D 528 -3.33 -33.61 19.26
C THR D 528 -2.03 -32.84 19.15
N GLY D 529 -2.02 -31.64 19.73
CA GLY D 529 -0.86 -30.78 19.64
C GLY D 529 0.37 -31.38 20.28
N SER D 530 0.18 -32.11 21.38
CA SER D 530 1.30 -32.74 22.07
C SER D 530 1.94 -33.84 21.22
N MET D 531 1.12 -34.69 20.59
CA MET D 531 1.68 -35.76 19.78
C MET D 531 2.33 -35.20 18.52
N ILE D 532 1.76 -34.13 17.95
CA ILE D 532 2.41 -33.46 16.83
C ILE D 532 3.77 -32.92 17.25
N ARG D 533 3.84 -32.29 18.42
CA ARG D 533 5.11 -31.77 18.91
C ARG D 533 6.11 -32.88 19.12
N ALA D 534 5.67 -34.01 19.69
CA ALA D 534 6.59 -35.12 19.96
C ALA D 534 7.11 -35.73 18.66
N ILE D 535 6.22 -35.93 17.68
CA ILE D 535 6.65 -36.49 16.40
C ILE D 535 7.63 -35.56 15.71
N LEU D 536 7.33 -34.26 15.69
CA LEU D 536 8.27 -33.30 15.11
C LEU D 536 9.60 -33.33 15.86
N GLU D 537 9.54 -33.43 17.19
CA GLU D 537 10.77 -33.42 17.98
C GLU D 537 11.66 -34.60 17.64
N ILE D 538 11.08 -35.79 17.48
CA ILE D 538 11.90 -36.95 17.20
C ILE D 538 12.39 -36.95 15.75
N ILE D 539 11.52 -36.60 14.80
CA ILE D 539 11.94 -36.68 13.40
C ILE D 539 12.99 -35.62 13.11
N VAL D 540 12.72 -34.37 13.49
CA VAL D 540 13.62 -33.28 13.16
C VAL D 540 14.95 -33.44 13.89
N GLY D 541 14.95 -34.03 15.08
CA GLY D 541 16.20 -34.32 15.76
C GLY D 541 17.01 -35.40 15.08
N GLY D 542 16.42 -36.13 14.13
CA GLY D 542 17.09 -37.22 13.47
C GLY D 542 17.12 -38.51 14.26
N VAL D 543 16.48 -38.55 15.43
CA VAL D 543 16.54 -39.72 16.29
C VAL D 543 15.68 -40.85 15.76
N ALA D 544 14.62 -40.53 15.03
CA ALA D 544 13.75 -41.54 14.43
C ALA D 544 13.46 -41.11 13.00
N SER D 545 13.49 -42.08 12.08
CA SER D 545 13.28 -41.79 10.67
C SER D 545 12.09 -42.52 10.08
N THR D 546 11.99 -43.83 10.27
CA THR D 546 10.93 -44.59 9.62
C THR D 546 9.70 -44.67 10.53
N SER D 547 8.54 -44.92 9.90
CA SER D 547 7.29 -44.99 10.64
C SER D 547 7.28 -46.15 11.62
N GLN D 548 8.02 -47.22 11.34
CA GLN D 548 8.18 -48.28 12.33
C GLN D 548 8.87 -47.74 13.57
N ASP D 549 9.93 -46.96 13.39
CA ASP D 549 10.54 -46.25 14.51
C ASP D 549 9.58 -45.25 15.13
N MET D 550 8.67 -44.69 14.33
CA MET D 550 7.76 -43.69 14.86
C MET D 550 6.77 -44.31 15.83
N HIS D 551 6.28 -45.51 15.49
CA HIS D 551 5.42 -46.26 16.41
C HIS D 551 6.21 -46.85 17.57
N THR D 552 7.47 -47.20 17.34
CA THR D 552 8.32 -47.63 18.45
C THR D 552 8.47 -46.52 19.48
N TYR D 553 8.61 -45.27 19.01
CA TYR D 553 8.68 -44.14 19.94
C TYR D 553 7.41 -44.02 20.76
N ALA D 554 6.25 -44.10 20.12
CA ALA D 554 4.98 -44.04 20.85
C ALA D 554 4.80 -45.24 21.76
N ALA D 555 5.51 -46.34 21.52
CA ALA D 555 5.56 -47.47 22.43
C ALA D 555 6.42 -47.20 23.65
N CYS D 556 7.12 -46.06 23.69
CA CYS D 556 7.92 -45.67 24.84
C CYS D 556 7.28 -44.59 25.69
N THR D 557 6.13 -44.03 25.27
CA THR D 557 5.50 -42.93 25.97
C THR D 557 4.69 -43.44 27.14
N PHE D 558 4.08 -42.49 27.87
CA PHE D 558 3.24 -42.84 29.01
C PHE D 558 1.94 -43.51 28.56
N LEU D 559 1.50 -43.24 27.33
CA LEU D 559 0.33 -43.93 26.80
C LEU D 559 0.57 -45.43 26.70
N ALA D 560 1.76 -45.81 26.23
CA ALA D 560 2.10 -47.22 26.14
C ALA D 560 2.22 -47.87 27.51
N ALA D 561 2.63 -47.11 28.53
CA ALA D 561 2.71 -47.63 29.88
C ALA D 561 1.36 -47.65 30.59
N SER D 562 0.47 -46.72 30.25
CA SER D 562 -0.85 -46.71 30.87
C SER D 562 -1.63 -47.98 30.54
N MET D 563 -1.54 -48.44 29.29
CA MET D 563 -2.19 -49.68 28.89
C MET D 563 -1.42 -50.89 29.40
N GLY D 580 -1.68 -45.34 14.43
CA GLY D 580 -2.94 -44.62 14.31
C GLY D 580 -2.79 -43.14 14.53
N ALA D 581 -2.50 -42.75 15.77
CA ALA D 581 -2.26 -41.34 16.07
C ALA D 581 -0.96 -40.86 15.43
N ILE D 582 0.08 -41.69 15.45
CA ILE D 582 1.36 -41.30 14.87
C ILE D 582 1.24 -41.12 13.36
N GLU D 583 0.45 -41.97 12.70
CA GLU D 583 0.22 -41.81 11.27
C GLU D 583 -0.46 -40.48 10.97
N ALA D 584 -1.46 -40.11 11.78
CA ALA D 584 -2.14 -38.83 11.59
C ALA D 584 -1.19 -37.67 11.83
N CYS D 585 -0.33 -37.77 12.85
CA CYS D 585 0.64 -36.70 13.11
C CYS D 585 1.62 -36.56 11.96
N VAL D 586 2.10 -37.69 11.42
CA VAL D 586 3.02 -37.64 10.29
C VAL D 586 2.34 -37.04 9.08
N MET D 587 1.07 -37.40 8.85
CA MET D 587 0.32 -36.82 7.74
C MET D 587 0.17 -35.31 7.91
N TRP D 588 -0.12 -34.86 9.13
CA TRP D 588 -0.27 -33.43 9.38
C TRP D 588 1.05 -32.69 9.18
N LEU D 589 2.16 -33.29 9.60
CA LEU D 589 3.47 -32.65 9.41
C LEU D 589 3.89 -32.67 7.95
N LEU D 590 3.47 -33.67 7.20
CA LEU D 590 3.81 -33.72 5.77
C LEU D 590 2.97 -32.73 4.98
N GLU D 591 1.67 -32.64 5.28
CA GLU D 591 0.79 -31.74 4.56
C GLU D 591 1.01 -30.27 4.91
N ASN D 592 1.78 -29.98 5.95
CA ASN D 592 2.06 -28.61 6.36
C ASN D 592 3.52 -28.23 6.12
N GLU D 593 4.23 -29.01 5.29
CA GLU D 593 5.59 -28.71 4.86
C GLU D 593 6.56 -28.61 6.03
N PHE D 594 6.23 -29.21 7.18
CA PHE D 594 7.18 -29.35 8.26
C PHE D 594 8.19 -30.45 7.97
N ILE D 595 7.83 -31.43 7.14
CA ILE D 595 8.60 -32.64 6.96
C ILE D 595 8.46 -33.10 5.51
N GLN D 596 9.55 -33.60 4.95
CA GLN D 596 9.55 -34.14 3.60
C GLN D 596 9.70 -35.66 3.62
N SER D 597 9.11 -36.32 2.64
CA SER D 597 9.14 -37.78 2.54
C SER D 597 9.96 -38.19 1.32
N THR D 598 10.94 -39.07 1.55
CA THR D 598 11.75 -39.65 0.48
C THR D 598 11.58 -41.16 0.48
N LYS D 607 9.18 -44.51 2.98
CA LYS D 607 8.82 -43.12 3.24
C LYS D 607 9.63 -42.55 4.39
N VAL D 608 10.92 -42.34 4.17
CA VAL D 608 11.76 -41.79 5.23
C VAL D 608 11.47 -40.31 5.36
N TYR D 609 11.30 -39.86 6.60
CA TYR D 609 10.88 -38.49 6.89
C TYR D 609 12.09 -37.67 7.31
N HIS D 610 12.31 -36.55 6.62
CA HIS D 610 13.41 -35.66 6.90
C HIS D 610 12.90 -34.26 7.24
N PRO D 611 13.53 -33.57 8.18
CA PRO D 611 13.11 -32.21 8.49
C PRO D 611 13.35 -31.26 7.33
N THR D 612 12.44 -30.30 7.16
CA THR D 612 12.61 -29.24 6.19
C THR D 612 13.30 -28.06 6.89
N HIS D 613 13.30 -26.90 6.24
CA HIS D 613 13.79 -25.70 6.90
C HIS D 613 12.78 -25.17 7.92
N LEU D 614 11.49 -25.19 7.57
CA LEU D 614 10.47 -24.79 8.53
C LEU D 614 10.36 -25.78 9.67
N GLY D 615 10.45 -27.08 9.37
CA GLY D 615 10.43 -28.07 10.43
C GLY D 615 11.62 -28.01 11.36
N SER D 616 12.80 -27.68 10.81
CA SER D 616 13.97 -27.49 11.65
C SER D 616 13.85 -26.21 12.48
N ALA D 617 13.28 -25.15 11.89
CA ALA D 617 13.15 -23.89 12.58
C ALA D 617 12.10 -23.96 13.69
N THR D 618 11.05 -24.76 13.51
CA THR D 618 10.06 -24.94 14.57
C THR D 618 10.67 -25.64 15.77
N LEU D 619 11.47 -26.68 15.54
CA LEU D 619 12.08 -27.40 16.65
C LEU D 619 13.16 -26.58 17.32
N SER D 620 13.88 -25.78 16.54
CA SER D 620 14.89 -24.90 17.13
C SER D 620 14.27 -23.82 18.03
N SER D 621 13.36 -23.01 17.51
CA SER D 621 12.80 -21.89 18.30
C SER D 621 11.76 -22.33 19.33
N SER D 622 11.69 -23.61 19.64
CA SER D 622 10.77 -24.11 20.68
C SER D 622 9.34 -23.55 20.67
N LEU D 623 8.67 -23.59 19.54
CA LEU D 623 7.28 -23.18 19.49
C LEU D 623 6.43 -24.35 19.03
N SER D 624 5.16 -24.32 19.42
CA SER D 624 4.24 -25.36 19.00
C SER D 624 4.09 -25.32 17.49
N PRO D 625 4.16 -26.46 16.79
CA PRO D 625 3.96 -26.44 15.33
C PRO D 625 2.61 -25.89 14.92
N ALA D 626 1.61 -25.98 15.79
CA ALA D 626 0.32 -25.37 15.49
C ALA D 626 0.43 -23.85 15.39
N ASP D 627 1.13 -23.23 16.35
CA ASP D 627 1.30 -21.79 16.34
C ASP D 627 2.35 -21.33 15.33
N THR D 628 3.33 -22.19 15.03
CA THR D 628 4.44 -21.79 14.17
C THR D 628 3.98 -21.48 12.76
N LEU D 629 2.87 -22.09 12.30
CA LEU D 629 2.36 -21.77 10.97
C LEU D 629 1.93 -20.31 10.88
N ASP D 630 1.08 -19.87 11.82
CA ASP D 630 0.64 -18.48 11.81
C ASP D 630 1.80 -17.54 12.15
N ILE D 631 2.75 -17.99 12.96
CA ILE D 631 3.93 -17.16 13.24
C ILE D 631 4.75 -16.94 11.98
N PHE D 632 4.93 -18.01 11.19
CA PHE D 632 5.63 -17.92 9.92
C PHE D 632 4.91 -16.96 8.98
N ALA D 633 3.59 -17.09 8.89
CA ALA D 633 2.82 -16.21 8.02
C ALA D 633 2.95 -14.75 8.46
N ASP D 634 2.87 -14.50 9.77
CA ASP D 634 2.94 -13.13 10.28
C ASP D 634 4.32 -12.51 10.05
N LEU D 635 5.38 -13.26 10.34
CA LEU D 635 6.73 -12.74 10.09
C LEU D 635 6.98 -12.52 8.61
N GLN D 636 6.54 -13.45 7.76
CA GLN D 636 6.72 -13.32 6.32
C GLN D 636 5.96 -12.11 5.78
N ARG D 637 4.76 -11.84 6.31
CA ARG D 637 4.04 -10.63 5.93
C ARG D 637 4.73 -9.38 6.46
N ALA D 638 5.37 -9.47 7.63
CA ALA D 638 6.04 -8.31 8.20
C ALA D 638 7.28 -7.92 7.42
N MET D 639 8.00 -8.91 6.88
CA MET D 639 9.20 -8.58 6.09
C MET D 639 8.83 -7.76 4.85
N LYS D 640 7.71 -8.06 4.21
CA LYS D 640 7.34 -7.35 2.99
C LYS D 640 7.14 -5.86 3.25
N GLY D 641 6.46 -5.51 4.35
CA GLY D 641 6.32 -4.12 4.74
C GLY D 641 6.54 -3.94 6.22
N PHE D 642 7.57 -3.17 6.58
CA PHE D 642 7.94 -2.97 7.97
C PHE D 642 8.02 -1.48 8.29
N VAL D 643 7.75 -1.14 9.54
CA VAL D 643 7.80 0.23 10.02
C VAL D 643 8.95 0.31 11.02
N LEU D 644 10.00 1.04 10.65
CA LEU D 644 11.21 1.13 11.46
C LEU D 644 11.30 2.41 12.28
N GLU D 645 10.30 3.29 12.20
CA GLU D 645 10.34 4.56 12.90
C GLU D 645 9.78 4.48 14.31
N ASN D 646 9.36 3.30 14.75
CA ASN D 646 8.98 3.05 16.13
C ASN D 646 9.34 1.60 16.45
N ASP D 647 9.12 1.20 17.70
CA ASP D 647 9.37 -0.17 18.12
C ASP D 647 8.08 -0.99 18.19
N LEU D 648 6.98 -0.45 17.66
CA LEU D 648 5.70 -1.13 17.77
C LEU D 648 5.57 -2.30 16.81
N HIS D 649 6.15 -2.21 15.61
CA HIS D 649 6.08 -3.34 14.69
C HIS D 649 6.97 -4.49 15.14
N ILE D 650 8.14 -4.19 15.72
CA ILE D 650 8.98 -5.23 16.29
C ILE D 650 8.41 -5.79 17.58
N LEU D 651 7.39 -5.15 18.13
CA LEU D 651 6.72 -5.62 19.34
C LEU D 651 5.46 -6.41 19.05
N TYR D 652 4.72 -6.04 18.00
CA TYR D 652 3.54 -6.81 17.61
C TYR D 652 3.93 -8.22 17.18
N LEU D 653 5.14 -8.39 16.67
CA LEU D 653 5.61 -9.72 16.29
C LEU D 653 6.04 -10.54 17.50
N VAL D 654 6.57 -9.89 18.55
CA VAL D 654 6.99 -10.59 19.75
C VAL D 654 5.92 -10.59 20.82
N THR D 655 4.77 -10.01 20.57
CA THR D 655 3.67 -10.09 21.51
C THR D 655 3.05 -11.48 21.45
N PRO D 656 3.05 -12.24 22.55
CA PRO D 656 2.63 -13.64 22.47
C PRO D 656 1.20 -13.82 21.99
N MET D 657 0.26 -13.28 22.75
CA MET D 657 -1.17 -13.39 22.49
C MET D 657 -1.88 -12.49 23.49
N PHE D 658 -3.21 -12.57 23.52
CA PHE D 658 -3.95 -11.93 24.58
C PHE D 658 -4.14 -12.85 25.78
N GLU D 659 -4.48 -14.11 25.50
CA GLU D 659 -4.73 -15.07 26.58
C GLU D 659 -5.73 -14.44 27.52
N ASP D 660 -5.36 -14.31 28.78
CA ASP D 660 -6.22 -13.64 29.74
C ASP D 660 -5.40 -12.73 30.66
N TRP D 661 -4.31 -12.16 30.14
CA TRP D 661 -3.40 -11.39 30.99
C TRP D 661 -4.07 -10.16 31.59
N THR D 662 -5.18 -9.71 31.03
CA THR D 662 -5.91 -8.58 31.58
C THR D 662 -7.33 -8.60 31.05
N THR D 663 -8.19 -7.80 31.68
CA THR D 663 -9.53 -7.55 31.17
C THR D 663 -9.49 -6.21 30.46
N ILE D 664 -9.48 -6.26 29.12
CA ILE D 664 -9.27 -5.05 28.32
C ILE D 664 -10.51 -4.16 28.42
N ASP D 665 -10.30 -2.89 28.72
CA ASP D 665 -11.37 -1.90 28.75
C ASP D 665 -11.48 -1.28 27.36
N TRP D 666 -12.59 -1.47 26.68
CA TRP D 666 -12.70 -0.97 25.30
C TRP D 666 -12.60 0.56 25.19
N TYR D 667 -13.31 1.28 26.04
CA TYR D 667 -13.28 2.73 25.97
C TYR D 667 -11.86 3.22 26.16
N ARG D 668 -11.16 2.68 27.16
CA ARG D 668 -9.79 3.09 27.42
C ARG D 668 -8.91 2.85 26.22
N PHE D 669 -9.04 1.68 25.61
CA PHE D 669 -8.26 1.36 24.42
C PHE D 669 -8.52 2.38 23.30
N PHE D 670 -9.79 2.66 23.03
CA PHE D 670 -10.11 3.60 21.96
C PHE D 670 -9.54 4.98 22.25
N CYS D 671 -9.56 5.37 23.52
CA CYS D 671 -9.01 6.65 23.91
C CYS D 671 -7.51 6.68 23.65
N LEU D 672 -6.79 5.66 24.09
CA LEU D 672 -5.35 5.61 23.83
C LEU D 672 -5.13 5.70 22.34
N TRP D 673 -5.93 4.97 21.58
CA TRP D 673 -5.75 4.93 20.12
C TRP D 673 -5.99 6.29 19.50
N GLU D 674 -6.96 7.02 20.04
CA GLU D 674 -7.24 8.36 19.53
C GLU D 674 -6.07 9.27 19.84
N LYS D 675 -5.16 8.82 20.70
CA LYS D 675 -4.01 9.64 21.07
C LYS D 675 -2.68 8.95 20.81
N LEU D 676 -2.56 8.26 19.67
CA LEU D 676 -1.30 7.65 19.33
C LEU D 676 -0.50 8.56 18.40
N PRO D 677 0.83 8.39 18.35
CA PRO D 677 1.64 9.20 17.45
C PRO D 677 1.16 9.10 16.01
N THR D 678 1.65 10.00 15.17
CA THR D 678 1.26 9.97 13.76
C THR D 678 1.91 8.79 13.03
N SER D 679 2.57 7.90 13.77
CA SER D 679 3.26 6.77 13.13
C SER D 679 2.80 5.42 13.65
N MET D 680 2.12 5.41 14.79
CA MET D 680 1.65 4.14 15.37
C MET D 680 0.55 3.53 14.52
N LYS D 681 -0.51 4.30 14.29
CA LYS D 681 -1.61 3.81 13.47
C LYS D 681 -1.14 3.29 12.13
N ARG D 682 0.03 3.73 11.65
CA ARG D 682 0.64 3.07 10.49
C ARG D 682 0.95 1.62 10.79
N VAL D 683 1.64 1.35 11.92
CA VAL D 683 1.86 -0.02 12.37
C VAL D 683 0.57 -0.75 12.66
N ALA D 684 -0.41 -0.08 13.25
CA ALA D 684 -1.72 -0.68 13.52
C ALA D 684 -2.42 -1.15 12.26
N GLU D 685 -2.45 -0.35 11.21
CA GLU D 685 -3.04 -0.75 9.94
C GLU D 685 -2.17 -1.69 9.12
N LEU D 686 -0.86 -1.73 9.36
CA LEU D 686 -0.03 -2.69 8.65
C LEU D 686 -0.10 -4.10 9.24
N VAL D 687 -0.65 -4.26 10.44
CA VAL D 687 -0.73 -5.56 11.08
C VAL D 687 -2.15 -6.11 11.08
N GLY D 688 -3.14 -5.24 10.91
CA GLY D 688 -4.51 -5.71 10.79
C GLY D 688 -5.51 -4.93 11.61
N VAL D 689 -5.02 -4.09 12.53
CA VAL D 689 -5.92 -3.31 13.37
C VAL D 689 -6.69 -2.32 12.51
N GLU D 690 -7.80 -1.83 13.07
CA GLU D 690 -8.72 -0.96 12.35
C GLU D 690 -9.10 0.20 13.26
N GLU D 691 -10.09 0.97 12.83
CA GLU D 691 -10.68 2.02 13.67
C GLU D 691 -12.18 1.78 13.76
N GLY D 692 -12.78 1.27 12.68
CA GLY D 692 -14.17 0.84 12.73
C GLY D 692 -14.39 -0.29 13.70
N PHE D 693 -13.39 -1.15 13.91
CA PHE D 693 -13.38 -2.14 14.97
C PHE D 693 -12.04 -1.95 15.70
N LEU D 694 -12.03 -1.03 16.65
CA LEU D 694 -10.86 -0.84 17.50
C LEU D 694 -11.43 -0.19 18.74
N ALA D 695 -11.99 -1.00 19.64
CA ALA D 695 -12.65 -0.43 20.82
C ALA D 695 -13.79 0.45 20.35
N ARG D 696 -14.45 0.05 19.27
CA ARG D 696 -15.58 0.81 18.74
C ARG D 696 -16.83 -0.02 18.89
N CYS D 697 -17.16 -0.84 17.89
CA CYS D 697 -18.26 -1.76 18.04
C CYS D 697 -18.29 -2.40 19.43
N VAL D 698 -17.16 -2.93 19.89
CA VAL D 698 -17.11 -3.54 21.21
C VAL D 698 -17.23 -2.49 22.32
N LYS D 699 -16.97 -1.22 22.00
CA LYS D 699 -17.22 -0.15 22.97
C LYS D 699 -18.71 -0.05 23.29
N GLY D 700 -19.56 -0.15 22.28
CA GLY D 700 -20.99 -0.06 22.48
C GLY D 700 -21.64 -1.43 22.64
N LYS D 701 -20.82 -2.43 22.96
CA LYS D 701 -21.32 -3.79 23.17
C LYS D 701 -20.52 -4.51 24.24
N GLN D 709 -14.71 -13.03 13.26
CA GLN D 709 -14.25 -11.98 14.15
C GLN D 709 -13.30 -12.53 15.22
N HIS D 710 -12.97 -13.81 15.12
CA HIS D 710 -12.05 -14.44 16.05
C HIS D 710 -10.60 -14.08 15.79
N ARG D 711 -10.28 -13.57 14.61
CA ARG D 711 -8.94 -13.08 14.30
C ARG D 711 -8.78 -11.60 14.56
N GLN D 712 -9.77 -10.79 14.16
CA GLN D 712 -9.71 -9.36 14.45
C GLN D 712 -9.71 -9.09 15.94
N MET D 713 -10.43 -9.90 16.71
CA MET D 713 -10.34 -9.82 18.16
C MET D 713 -8.92 -10.13 18.63
N ALA D 714 -8.29 -11.12 18.01
CA ALA D 714 -6.93 -11.50 18.39
C ALA D 714 -5.89 -10.51 17.89
N ILE D 715 -6.25 -9.60 17.00
CA ILE D 715 -5.34 -8.56 16.54
C ILE D 715 -5.40 -7.34 17.45
N HIS D 716 -6.62 -6.83 17.71
CA HIS D 716 -6.77 -5.68 18.59
C HIS D 716 -6.29 -6.01 20.00
N LYS D 717 -6.69 -7.18 20.52
CA LYS D 717 -6.19 -7.62 21.81
C LYS D 717 -4.69 -7.88 21.78
N ARG D 718 -4.11 -8.01 20.58
CA ARG D 718 -2.66 -8.02 20.44
C ARG D 718 -2.11 -6.63 20.23
N PHE D 719 -2.89 -5.73 19.63
CA PHE D 719 -2.45 -4.34 19.51
C PHE D 719 -2.38 -3.66 20.86
N PHE D 720 -3.47 -3.75 21.64
CA PHE D 720 -3.45 -3.23 23.01
C PHE D 720 -2.30 -3.81 23.81
N THR D 721 -2.16 -5.13 23.74
CA THR D 721 -1.04 -5.79 24.41
C THR D 721 0.30 -5.27 23.91
N SER D 722 0.39 -4.95 22.61
CA SER D 722 1.62 -4.40 22.07
C SER D 722 1.78 -2.93 22.42
N LEU D 723 0.70 -2.24 22.76
CA LEU D 723 0.83 -0.87 23.25
C LEU D 723 1.39 -0.85 24.67
N VAL D 724 0.87 -1.74 25.54
CA VAL D 724 1.33 -1.80 26.92
C VAL D 724 2.83 -2.09 26.97
N LEU D 725 3.27 -3.10 26.22
CA LEU D 725 4.70 -3.38 26.14
C LEU D 725 5.47 -2.18 25.61
N LEU D 726 4.84 -1.40 24.72
CA LEU D 726 5.47 -0.18 24.22
C LEU D 726 5.82 0.75 25.36
N ASP D 727 4.93 0.88 26.35
CA ASP D 727 5.25 1.68 27.52
C ASP D 727 6.20 0.97 28.48
N LEU D 728 6.27 -0.35 28.44
CA LEU D 728 7.22 -1.06 29.29
C LEU D 728 8.64 -0.86 28.79
N ILE D 729 8.84 -0.90 27.47
CA ILE D 729 10.16 -0.65 26.90
C ILE D 729 10.48 0.83 26.80
N SER D 730 9.49 1.69 27.03
CA SER D 730 9.71 3.13 27.13
C SER D 730 9.99 3.57 28.57
N GLU D 731 10.15 2.60 29.48
CA GLU D 731 10.49 2.87 30.88
C GLU D 731 9.42 3.70 31.59
N VAL D 732 8.18 3.59 31.14
CA VAL D 732 7.07 4.25 31.84
C VAL D 732 6.88 3.57 33.20
N PRO D 733 6.68 4.33 34.27
CA PRO D 733 6.47 3.70 35.59
C PRO D 733 5.25 2.80 35.60
N LEU D 734 5.33 1.73 36.39
CA LEU D 734 4.27 0.73 36.41
C LEU D 734 2.94 1.33 36.84
N ARG D 735 2.98 2.31 37.75
CA ARG D 735 1.73 2.93 38.19
C ARG D 735 1.09 3.75 37.08
N GLU D 736 1.90 4.43 36.26
CA GLU D 736 1.35 5.18 35.13
C GLU D 736 0.76 4.24 34.09
N ILE D 737 1.43 3.11 33.82
CA ILE D 737 0.88 2.12 32.90
C ILE D 737 -0.45 1.60 33.44
N ASN D 738 -0.50 1.30 34.75
CA ASN D 738 -1.73 0.83 35.36
C ASN D 738 -2.85 1.86 35.22
N GLN D 739 -2.54 3.14 35.44
CA GLN D 739 -3.57 4.17 35.34
C GLN D 739 -4.08 4.33 33.91
N LYS D 740 -3.17 4.36 32.93
CA LYS D 740 -3.60 4.62 31.56
C LYS D 740 -4.24 3.40 30.91
N TYR D 741 -3.87 2.19 31.33
CA TYR D 741 -4.39 0.97 30.70
C TYR D 741 -5.36 0.18 31.55
N GLY D 742 -5.40 0.42 32.86
CA GLY D 742 -6.33 -0.29 33.71
C GLY D 742 -5.90 -1.68 34.12
N CYS D 743 -4.67 -2.07 33.81
CA CYS D 743 -4.14 -3.39 34.17
C CYS D 743 -3.18 -3.24 35.34
N ASN D 744 -3.35 -4.04 36.37
CA ASN D 744 -2.52 -3.93 37.55
C ASN D 744 -1.09 -4.36 37.25
N ARG D 745 -0.21 -4.13 38.22
CA ARG D 745 1.23 -4.30 37.99
C ARG D 745 1.63 -5.76 37.91
N GLY D 746 0.93 -6.64 38.62
CA GLY D 746 1.22 -8.07 38.50
C GLY D 746 0.92 -8.60 37.12
N GLN D 747 -0.22 -8.19 36.55
CA GLN D 747 -0.54 -8.57 35.19
C GLN D 747 0.46 -8.01 34.19
N ILE D 748 0.89 -6.76 34.39
CA ILE D 748 1.86 -6.15 33.50
C ILE D 748 3.19 -6.89 33.55
N GLN D 749 3.64 -7.25 34.76
CA GLN D 749 4.90 -7.99 34.87
C GLN D 749 4.80 -9.37 34.26
N SER D 750 3.68 -10.06 34.48
CA SER D 750 3.46 -11.36 33.85
C SER D 750 3.49 -11.24 32.33
N LEU D 751 2.82 -10.21 31.79
CA LEU D 751 2.81 -9.99 30.36
C LEU D 751 4.20 -9.72 29.82
N GLN D 752 4.98 -8.91 30.53
CA GLN D 752 6.32 -8.59 30.03
C GLN D 752 7.22 -9.82 30.04
N GLN D 753 7.09 -10.67 31.05
CA GLN D 753 7.87 -11.91 31.06
C GLN D 753 7.47 -12.83 29.91
N SER D 754 6.16 -12.98 29.68
CA SER D 754 5.70 -13.82 28.58
C SER D 754 6.16 -13.26 27.24
N ALA D 755 6.12 -11.94 27.08
CA ALA D 755 6.54 -11.32 25.83
C ALA D 755 8.03 -11.47 25.60
N ALA D 756 8.83 -11.40 26.66
CA ALA D 756 10.26 -11.62 26.51
C ALA D 756 10.56 -13.06 26.07
N VAL D 757 9.86 -14.03 26.66
CA VAL D 757 10.02 -15.42 26.22
C VAL D 757 9.67 -15.55 24.74
N TYR D 758 8.53 -14.98 24.35
CA TYR D 758 8.08 -15.06 22.96
C TYR D 758 9.08 -14.39 22.02
N ALA D 759 9.66 -13.26 22.45
CA ALA D 759 10.64 -12.57 21.63
C ALA D 759 11.87 -13.42 21.41
N GLY D 760 12.34 -14.10 22.46
CA GLY D 760 13.46 -15.02 22.28
C GLY D 760 13.14 -16.14 21.31
N MET D 761 11.94 -16.72 21.44
CA MET D 761 11.55 -17.79 20.53
C MET D 761 11.48 -17.31 19.09
N ILE D 762 10.91 -16.13 18.86
CA ILE D 762 10.79 -15.59 17.51
C ILE D 762 12.17 -15.27 16.94
N THR D 763 13.09 -14.76 17.78
CA THR D 763 14.43 -14.49 17.32
C THR D 763 15.14 -15.76 16.87
N VAL D 764 15.01 -16.84 17.64
CA VAL D 764 15.63 -18.10 17.23
C VAL D 764 14.97 -18.64 15.97
N PHE D 765 13.65 -18.50 15.86
CA PHE D 765 12.93 -18.96 14.68
C PHE D 765 13.42 -18.26 13.42
N SER D 766 13.61 -16.94 13.50
CA SER D 766 14.11 -16.20 12.34
C SER D 766 15.59 -16.48 12.09
N ASN D 767 16.36 -16.73 13.16
CA ASN D 767 17.78 -17.05 12.99
C ASN D 767 17.97 -18.35 12.23
N ARG D 768 17.17 -19.37 12.54
CA ARG D 768 17.32 -20.66 11.89
C ARG D 768 16.70 -20.69 10.50
N LEU D 769 15.89 -19.69 10.14
CA LEU D 769 15.26 -19.64 8.82
C LEU D 769 16.06 -18.81 7.82
N GLY D 770 17.24 -18.33 8.19
CA GLY D 770 18.00 -17.46 7.31
C GLY D 770 17.34 -16.11 7.08
N TRP D 771 16.75 -15.53 8.13
CA TRP D 771 16.14 -14.21 8.07
C TRP D 771 17.04 -13.27 8.88
N HIS D 772 18.04 -12.70 8.22
CA HIS D 772 19.03 -11.88 8.90
C HIS D 772 18.55 -10.47 9.19
N ASN D 773 17.60 -9.96 8.40
CA ASN D 773 17.10 -8.61 8.58
C ASN D 773 16.00 -8.51 9.61
N MET D 774 15.48 -9.64 10.10
CA MET D 774 14.51 -9.66 11.19
C MET D 774 15.11 -10.13 12.50
N GLU D 775 15.98 -11.13 12.46
CA GLU D 775 16.68 -11.56 13.66
C GLU D 775 17.51 -10.44 14.25
N LEU D 776 18.12 -9.61 13.40
CA LEU D 776 18.89 -8.48 13.88
C LEU D 776 18.00 -7.48 14.61
N LEU D 777 16.80 -7.23 14.11
CA LEU D 777 15.89 -6.31 14.79
C LEU D 777 15.39 -6.90 16.10
N LEU D 778 15.11 -8.20 16.14
CA LEU D 778 14.54 -8.82 17.32
C LEU D 778 15.57 -9.19 18.37
N SER D 779 16.87 -9.14 18.05
CA SER D 779 17.90 -9.65 18.95
C SER D 779 17.99 -8.91 20.29
N GLN D 780 17.43 -7.71 20.40
CA GLN D 780 17.52 -6.95 21.64
C GLN D 780 16.21 -6.86 22.41
N PHE D 781 15.07 -7.14 21.77
CA PHE D 781 13.79 -6.97 22.43
C PHE D 781 13.55 -7.97 23.54
N GLN D 782 14.19 -9.14 23.52
CA GLN D 782 14.05 -10.06 24.64
C GLN D 782 14.59 -9.41 25.92
N LYS D 783 15.77 -8.80 25.85
CA LYS D 783 16.32 -8.10 27.01
C LYS D 783 15.50 -6.86 27.35
N ARG D 784 15.12 -6.09 26.33
CA ARG D 784 14.34 -4.87 26.57
C ARG D 784 12.98 -5.16 27.17
N LEU D 785 12.47 -6.38 27.02
CA LEU D 785 11.21 -6.79 27.64
C LEU D 785 11.42 -7.51 28.96
N THR D 786 12.51 -8.26 29.10
CA THR D 786 12.83 -8.88 30.39
C THR D 786 13.03 -7.82 31.46
N PHE D 787 13.74 -6.73 31.12
CA PHE D 787 14.02 -5.69 32.09
C PHE D 787 13.14 -4.45 31.93
N GLY D 788 12.37 -4.36 30.85
CA GLY D 788 11.49 -3.22 30.66
C GLY D 788 12.25 -1.91 30.56
N ILE D 789 13.29 -1.89 29.73
CA ILE D 789 14.25 -0.79 29.67
C ILE D 789 14.26 -0.22 28.26
N GLN D 790 15.11 0.78 28.06
CA GLN D 790 15.44 1.31 26.75
C GLN D 790 16.76 0.72 26.28
N ARG D 791 17.15 1.07 25.06
CA ARG D 791 18.36 0.51 24.48
C ARG D 791 19.59 0.91 25.27
N GLU D 792 19.63 2.15 25.77
CA GLU D 792 20.81 2.68 26.44
C GLU D 792 21.22 1.82 27.63
N LEU D 793 20.25 1.23 28.33
CA LEU D 793 20.54 0.46 29.53
C LEU D 793 20.77 -1.02 29.24
N CYS D 794 20.75 -1.43 27.97
CA CYS D 794 20.89 -2.84 27.64
C CYS D 794 22.25 -3.39 28.04
N ASP D 795 23.25 -2.54 28.22
CA ASP D 795 24.53 -2.98 28.75
C ASP D 795 24.59 -2.91 30.27
N LEU D 796 23.85 -1.98 30.88
CA LEU D 796 23.85 -1.86 32.33
C LEU D 796 23.06 -2.97 33.00
N VAL D 797 21.93 -3.36 32.40
CA VAL D 797 21.08 -4.40 33.02
C VAL D 797 21.69 -5.78 32.93
N ARG D 798 22.83 -5.95 32.27
CA ARG D 798 23.57 -7.19 32.37
C ARG D 798 23.99 -7.47 33.80
N VAL D 799 24.15 -6.42 34.61
CA VAL D 799 24.39 -6.57 36.04
C VAL D 799 23.14 -7.16 36.68
N SER D 800 23.33 -8.11 37.60
CA SER D 800 22.21 -8.79 38.21
C SER D 800 21.39 -7.88 39.11
N LEU D 801 21.96 -6.76 39.56
CA LEU D 801 21.31 -5.88 40.52
C LEU D 801 20.86 -4.56 39.90
N LEU D 802 20.68 -4.52 38.58
CA LEU D 802 20.25 -3.31 37.88
C LEU D 802 19.04 -3.68 37.03
N ASN D 803 17.84 -3.55 37.60
CA ASN D 803 16.66 -4.08 36.91
C ASN D 803 16.12 -3.10 35.86
N ALA D 804 15.48 -2.03 36.30
CA ALA D 804 15.10 -0.96 35.39
C ALA D 804 15.12 0.41 36.04
N GLN D 805 15.44 0.53 37.31
CA GLN D 805 15.44 1.80 38.02
C GLN D 805 16.72 2.06 38.78
N ARG D 806 17.47 1.04 39.18
CA ARG D 806 18.83 1.20 39.64
C ARG D 806 19.80 1.32 38.48
N ALA D 807 19.35 1.08 37.26
CA ALA D 807 20.14 1.29 36.06
C ALA D 807 19.85 2.62 35.38
N ARG D 808 18.61 3.12 35.46
CA ARG D 808 18.29 4.42 34.92
C ARG D 808 18.88 5.56 35.76
N VAL D 809 18.82 5.46 37.08
CA VAL D 809 19.47 6.46 37.94
C VAL D 809 20.98 6.36 37.91
N LEU D 810 21.53 5.18 37.62
CA LEU D 810 22.96 5.00 37.44
C LEU D 810 23.43 5.35 36.04
N TYR D 811 22.50 5.47 35.09
CA TYR D 811 22.80 5.87 33.72
C TYR D 811 22.79 7.38 33.57
N ALA D 812 21.90 8.06 34.27
CA ALA D 812 21.81 9.51 34.19
C ALA D 812 23.04 10.19 34.75
N SER D 813 23.74 9.51 35.65
CA SER D 813 24.95 10.06 36.27
C SER D 813 26.19 9.86 35.40
N GLY D 814 26.00 9.41 34.16
CA GLY D 814 27.13 9.24 33.26
C GLY D 814 27.59 7.82 32.98
N PHE D 815 27.19 6.88 33.82
CA PHE D 815 27.55 5.48 33.59
C PHE D 815 26.60 4.86 32.58
N HIS D 816 27.04 4.70 31.34
CA HIS D 816 26.15 4.17 30.31
C HIS D 816 26.63 2.83 29.79
N THR D 817 27.65 2.24 30.41
CA THR D 817 28.24 1.00 29.93
C THR D 817 28.76 0.23 31.15
N VAL D 818 28.72 -1.10 31.05
CA VAL D 818 29.27 -1.95 32.10
C VAL D 818 30.77 -1.76 32.27
N ALA D 819 31.44 -1.12 31.31
CA ALA D 819 32.84 -0.73 31.46
C ALA D 819 33.02 0.45 32.40
N ASP D 820 32.17 1.46 32.28
CA ASP D 820 32.21 2.63 33.17
C ASP D 820 31.74 2.32 34.56
N LEU D 821 31.15 1.14 34.74
CA LEU D 821 30.63 0.75 36.05
C LEU D 821 31.57 -0.22 36.78
N ALA D 822 32.51 -0.85 36.07
CA ALA D 822 33.49 -1.70 36.72
C ALA D 822 34.41 -0.91 37.64
N ARG D 823 34.80 0.28 37.19
CA ARG D 823 35.67 1.13 38.01
C ARG D 823 34.86 2.29 38.57
N ALA D 824 33.55 2.23 38.40
CA ALA D 824 32.69 3.27 38.93
C ALA D 824 33.02 3.48 40.39
N ASN D 825 33.27 4.72 40.79
CA ASN D 825 33.66 4.98 42.16
C ASN D 825 32.67 4.32 43.10
N ILE D 826 33.17 3.44 43.96
CA ILE D 826 32.30 2.72 44.88
C ILE D 826 31.41 3.69 45.64
N VAL D 827 32.00 4.55 46.44
CA VAL D 827 31.19 5.46 47.26
C VAL D 827 30.29 6.31 46.38
N GLU D 828 30.72 6.61 45.15
CA GLU D 828 29.91 7.42 44.25
C GLU D 828 28.59 6.72 43.92
N VAL D 829 28.65 5.44 43.54
CA VAL D 829 27.42 4.73 43.21
C VAL D 829 26.58 4.52 44.46
N GLU D 830 27.21 4.45 45.64
CA GLU D 830 26.44 4.43 46.88
C GLU D 830 25.60 5.70 47.01
N VAL D 831 26.21 6.85 46.76
CA VAL D 831 25.46 8.11 46.85
C VAL D 831 24.35 8.16 45.81
N ILE D 832 24.65 7.73 44.58
CA ILE D 832 23.65 7.77 43.53
C ILE D 832 22.46 6.85 43.86
N LEU D 833 22.73 5.66 44.40
CA LEU D 833 21.64 4.77 44.79
C LEU D 833 20.89 5.33 45.98
N LYS D 834 21.58 6.06 46.86
CA LYS D 834 20.90 6.72 47.97
C LYS D 834 19.89 7.74 47.47
N ASN D 835 20.26 8.47 46.42
CA ASN D 835 19.33 9.42 45.82
C ASN D 835 18.25 8.69 45.02
N ALA D 836 17.25 9.46 44.58
CA ALA D 836 16.17 8.96 43.73
C ALA D 836 15.37 7.83 44.36
N VAL D 837 14.66 8.12 45.45
CA VAL D 837 13.85 7.14 46.15
C VAL D 837 12.39 7.28 45.73
N PRO D 838 11.79 6.29 45.06
CA PRO D 838 10.36 6.32 44.73
C PRO D 838 9.47 6.16 45.97
N MET D 859 17.43 -0.50 57.30
CA MET D 859 18.53 0.04 56.51
C MET D 859 18.58 -0.57 55.11
N ARG D 860 18.32 -1.87 55.02
CA ARG D 860 18.42 -2.58 53.75
C ARG D 860 17.21 -2.28 52.87
N THR D 861 17.05 -1.01 52.50
CA THR D 861 15.86 -0.59 51.78
C THR D 861 15.88 -1.14 50.35
N ILE D 862 17.05 -1.18 49.71
CA ILE D 862 17.14 -1.72 48.36
C ILE D 862 16.84 -3.21 48.37
N TRP D 863 15.91 -3.63 47.52
CA TRP D 863 15.50 -5.03 47.41
C TRP D 863 16.00 -5.59 46.08
N VAL D 864 16.63 -6.75 46.14
CA VAL D 864 17.20 -7.41 44.98
C VAL D 864 16.59 -8.80 44.85
N THR D 865 16.21 -9.17 43.63
CA THR D 865 15.62 -10.49 43.40
C THR D 865 16.65 -11.56 43.72
N GLY D 866 16.31 -12.43 44.68
CA GLY D 866 17.19 -13.48 45.11
C GLY D 866 18.17 -13.08 46.19
N ARG D 867 18.37 -11.79 46.43
CA ARG D 867 19.20 -11.30 47.51
C ARG D 867 18.39 -10.68 48.63
N LYS D 868 17.06 -10.72 48.52
CA LYS D 868 16.14 -10.09 49.48
C LYS D 868 16.52 -8.61 49.60
N GLY D 869 16.65 -8.07 50.81
CA GLY D 869 16.94 -6.66 50.98
C GLY D 869 18.42 -6.40 51.11
N LEU D 870 18.89 -5.33 50.47
CA LEU D 870 20.29 -4.97 50.46
C LEU D 870 20.45 -3.52 50.87
N THR D 871 21.43 -3.25 51.73
CA THR D 871 21.76 -1.89 52.09
C THR D 871 22.38 -1.17 50.89
N GLU D 872 22.14 0.14 50.80
CA GLU D 872 22.61 0.91 49.65
C GLU D 872 24.10 0.67 49.38
N ARG D 873 24.93 0.77 50.44
CA ARG D 873 26.36 0.58 50.27
C ARG D 873 26.68 -0.80 49.74
N GLU D 874 26.10 -1.83 50.38
CA GLU D 874 26.35 -3.20 49.94
C GLU D 874 25.76 -3.44 48.55
N ALA D 875 24.60 -2.84 48.27
CA ALA D 875 23.96 -3.02 46.97
C ALA D 875 24.86 -2.51 45.85
N ALA D 876 25.34 -1.28 45.95
CA ALA D 876 26.14 -0.75 44.84
C ALA D 876 27.55 -1.34 44.84
N ALA D 877 28.04 -1.79 46.00
CA ALA D 877 29.29 -2.53 46.01
C ALA D 877 29.17 -3.83 45.21
N LEU D 878 28.07 -4.55 45.42
CA LEU D 878 27.81 -5.73 44.62
C LEU D 878 27.58 -5.37 43.15
N ILE D 879 27.02 -4.19 42.89
CA ILE D 879 26.80 -3.76 41.50
C ILE D 879 28.14 -3.59 40.79
N VAL D 880 29.08 -2.88 41.40
CA VAL D 880 30.37 -2.67 40.74
C VAL D 880 31.14 -3.98 40.66
N GLU D 881 31.03 -4.84 41.68
CA GLU D 881 31.70 -6.13 41.61
C GLU D 881 31.14 -6.99 40.48
N GLU D 882 29.83 -6.99 40.31
CA GLU D 882 29.21 -7.75 39.21
C GLU D 882 29.62 -7.18 37.87
N ALA D 883 29.72 -5.86 37.76
CA ALA D 883 30.19 -5.26 36.51
C ALA D 883 31.61 -5.69 36.20
N ARG D 884 32.48 -5.70 37.21
CA ARG D 884 33.85 -6.15 37.04
C ARG D 884 33.89 -7.59 36.56
N MET D 885 33.11 -8.47 37.21
CA MET D 885 33.08 -9.87 36.79
C MET D 885 32.56 -10.03 35.37
N ILE D 886 31.52 -9.27 35.01
CA ILE D 886 30.92 -9.38 33.69
C ILE D 886 31.91 -8.98 32.61
N LEU D 887 32.61 -7.87 32.80
CA LEU D 887 33.53 -7.41 31.77
C LEU D 887 34.87 -8.14 31.82
N GLN D 888 35.14 -8.82 32.93
CA GLN D 888 36.41 -9.53 33.06
C GLN D 888 36.35 -10.97 32.58
N GLN D 889 35.22 -11.65 32.73
CA GLN D 889 35.09 -13.05 32.33
C GLN D 889 34.42 -13.24 30.98
N ASP D 890 33.99 -12.16 30.31
CA ASP D 890 33.37 -12.27 29.00
C ASP D 890 34.33 -12.03 27.86
N LEU D 891 35.62 -11.82 28.14
CA LEU D 891 36.62 -11.65 27.11
C LEU D 891 37.88 -12.44 27.43
C10 WCN E . -16.82 21.51 -27.10
N12 WCN E . -14.55 21.47 -26.87
C13 WCN E . -14.75 22.21 -25.81
C17 WCN E . -13.30 23.97 -22.71
C20 WCN E . -11.76 24.81 -20.71
C22 WCN E . -12.31 24.88 -22.91
C24 WCN E . -15.57 22.81 -20.28
C26 WCN E . -16.81 20.83 -20.64
C28 WCN E . -14.83 21.22 -21.89
C01 WCN E . -19.22 19.99 -32.28
C02 WCN E . -19.31 19.34 -31.07
C03 WCN E . -19.04 20.01 -29.90
C04 WCN E . -18.65 21.33 -29.95
C05 WCN E . -18.54 21.98 -31.16
C06 WCN E . -18.82 21.30 -32.33
CL7 WCN E . -19.59 19.13 -33.80
C08 WCN E . -18.32 22.13 -28.70
O09 WCN E . -18.08 21.27 -27.63
N11 WCN E . -15.67 21.11 -27.58
S14 WCN E . -16.45 22.38 -25.69
N15 WCN E . -13.75 22.67 -24.89
C16 WCN E . -14.19 23.49 -23.81
C18 WCN E . -13.53 23.43 -21.47
C19 WCN E . -12.74 23.88 -20.45
N21 WCN E . -11.56 25.27 -21.91
C23 WCN E . -14.66 22.43 -21.23
C25 WCN E . -16.64 22.02 -19.98
C27 WCN E . -15.91 20.43 -21.59
O29 WCN E . -13.99 20.73 -22.89
C30 WCN E . -12.76 20.26 -22.45
O31 WCN E . -15.32 23.75 -23.74
H201 WCN E . -11.12 25.15 -19.90
H221 WCN E . -12.15 25.28 -23.91
H241 WCN E . -15.43 23.75 -19.76
H261 WCN E . -17.64 20.19 -20.39
H021 WCN E . -19.64 18.30 -31.03
H031 WCN E . -19.13 19.49 -28.95
H051 WCN E . -18.22 23.01 -31.19
H061 WCN E . -18.74 21.82 -33.28
H082 WCN E . -19.16 22.78 -28.45
H081 WCN E . -17.44 22.73 -28.88
H151 WCN E . -12.79 22.39 -24.96
H191 WCN E . -12.88 23.51 -19.44
H251 WCN E . -17.35 22.32 -19.22
H271 WCN E . -16.05 19.49 -22.11
H302 WCN E . -12.47 19.41 -23.04
H301 WCN E . -12.84 19.98 -21.41
H303 WCN E . -12.04 21.06 -22.56
H141 WCN E . -17.22 23.02 -24.81
C10 WCN F . -36.37 -8.83 -8.82
N12 WCN F . -35.43 -9.56 -6.88
C13 WCN F . -34.78 -10.41 -7.64
C17 WCN F . -32.10 -13.16 -7.95
C20 WCN F . -30.08 -14.84 -7.54
C22 WCN F . -32.25 -14.26 -7.17
C24 WCN F . -30.29 -11.88 -10.68
C26 WCN F . -30.38 -9.58 -11.23
C28 WCN F . -30.99 -10.29 -9.05
C01 WCN F . -41.29 -5.56 -8.58
C02 WCN F . -40.04 -5.19 -9.02
C03 WCN F . -39.11 -6.15 -9.37
C04 WCN F . -39.45 -7.48 -9.28
C05 WCN F . -40.70 -7.85 -8.84
C06 WCN F . -41.62 -6.89 -8.49
CL7 WCN F . -42.49 -4.33 -8.12
C08 WCN F . -38.48 -8.59 -9.66
O09 WCN F . -37.17 -8.09 -9.68
N11 WCN F . -36.30 -8.72 -7.51
S14 WCN F . -35.28 -10.05 -9.23
N15 WCN F . -33.78 -11.35 -7.21
C16 WCN F . -33.22 -12.18 -8.20
C18 WCN F . -30.90 -12.85 -8.52
C19 WCN F . -29.87 -13.73 -8.32
N21 WCN F . -31.25 -15.07 -6.99
C23 WCN F . -30.73 -11.61 -9.41
C25 WCN F . -30.11 -10.87 -11.59
C27 WCN F . -30.82 -9.30 -9.96
O29 WCN F . -31.45 -9.90 -7.81
C30 WCN F . -30.53 -9.95 -6.78
O31 WCN F . -33.60 -12.09 -9.30
H201 WCN F . -29.27 -15.53 -7.36
H221 WCN F . -33.21 -14.48 -6.72
H241 WCN F . -30.09 -12.90 -10.98
H261 WCN F . -30.24 -8.77 -11.95
H021 WCN F . -39.78 -4.14 -9.09
H031 WCN F . -38.14 -5.84 -9.72
H051 WCN F . -40.96 -8.90 -8.77
H061 WCN F . -42.60 -7.18 -8.15
H082 WCN F . -38.73 -8.98 -10.64
H081 WCN F . -38.55 -9.39 -8.92
H151 WCN F . -33.45 -11.37 -6.26
H191 WCN F . -28.90 -13.55 -8.76
H251 WCN F . -29.77 -11.09 -12.58
H271 WCN F . -31.03 -8.27 -9.68
H302 WCN F . -30.69 -9.12 -6.09
H301 WCN F . -29.53 -9.89 -7.21
H303 WCN F . -30.64 -10.90 -6.26
H141 WCN F . -34.94 -10.58 -10.40
C10 WCN G . 35.16 10.73 11.32
N12 WCN G . 33.73 12.24 10.38
C13 WCN G . 34.00 11.63 9.25
C17 WCN G . 33.33 11.24 5.48
C20 WCN G . 32.33 11.35 3.02
C22 WCN G . 33.49 12.34 4.69
C24 WCN G . 32.95 7.74 5.33
C26 WCN G . 32.36 6.51 7.26
C28 WCN G . 31.93 8.84 7.18
C01 WCN G . 37.31 11.82 16.72
C02 WCN G . 36.47 10.80 16.33
C03 WCN G . 36.37 10.45 14.99
C04 WCN G . 37.12 11.14 14.06
C05 WCN G . 37.96 12.16 14.45
C06 WCN G . 38.05 12.50 15.78
CL7 WCN G . 37.44 12.26 18.44
C08 WCN G . 37.07 10.82 12.57
O09 WCN G . 35.92 10.09 12.28
N11 WCN G . 34.37 11.77 11.49
S14 WCN G . 35.08 10.37 9.67
N15 WCN G . 33.43 11.91 7.96
C16 WCN G . 33.89 11.15 6.86
C18 WCN G . 32.63 10.14 5.03
C19 WCN G . 32.13 10.21 3.76
N21 WCN G . 32.99 12.37 3.49
C23 WCN G . 32.48 8.89 5.90
C25 WCN G . 32.89 6.56 5.99
C27 WCN G . 31.88 7.65 7.85
O29 WCN G . 31.44 9.94 7.88
C30 WCN G . 30.23 10.44 7.43
O31 WCN G . 34.72 10.35 7.05
H201 WCN G . 31.91 11.40 2.01
H221 WCN G . 34.03 13.20 5.08
H241 WCN G . 33.37 7.78 4.33
H261 WCN G . 32.30 5.57 7.79
H021 WCN G . 35.88 10.25 17.05
H031 WCN G . 35.71 9.65 14.69
H051 WCN G . 38.54 12.70 13.72
H061 WCN G . 38.71 13.29 16.09
H082 WCN G . 37.93 10.23 12.30
H081 WCN G . 37.05 11.74 12.00
H151 WCN G . 32.68 12.58 7.84
H191 WCN G . 31.58 9.37 3.35
H251 WCN G . 33.25 5.65 5.53
H271 WCN G . 31.46 7.61 8.84
H302 WCN G . 29.64 10.78 8.27
H301 WCN G . 29.70 9.64 6.91
H303 WCN G . 30.42 11.25 6.75
H141 WCN G . 35.68 9.44 8.93
C10 WCN H . 18.03 -23.42 24.60
N12 WCN H . 16.25 -24.16 23.38
C13 WCN H . 15.52 -23.44 24.20
C17 WCN H . 12.06 -22.07 25.18
C20 WCN H . 9.51 -21.33 25.23
C22 WCN H . 11.07 -22.96 25.39
C24 WCN H . 12.91 -18.67 25.64
C26 WCN H . 14.83 -17.76 24.61
C28 WCN H . 13.89 -19.76 23.76
C01 WCN H . 23.20 -26.24 24.14
C02 WCN H . 22.89 -24.95 23.76
C03 WCN H . 21.78 -24.32 24.28
C04 WCN H . 20.97 -25.00 25.18
C05 WCN H . 21.28 -26.28 25.55
C06 WCN H . 22.39 -26.90 25.03
CL7 WCN H . 24.63 -27.05 23.48
C08 WCN H . 19.73 -24.36 25.79
O09 WCN H . 19.34 -23.26 25.02
N11 WCN H . 17.60 -24.15 23.60
S14 WCN H . 16.64 -22.70 25.27
N15 WCN H . 14.10 -23.24 24.14
C16 WCN H . 13.51 -22.44 25.15
C18 WCN H . 11.79 -20.74 24.97
C19 WCN H . 10.47 -20.37 25.01
N21 WCN H . 9.83 -22.58 25.42
C23 WCN H . 12.90 -19.72 24.75
C25 WCN H . 13.86 -17.70 25.57
C27 WCN H . 14.85 -18.80 23.71
O29 WCN H . 14.01 -20.77 22.81
C30 WCN H . 13.06 -20.75 21.80
O31 WCN H . 14.19 -22.01 25.98
H201 WCN H . 8.47 -21.03 25.25
H221 WCN H . 11.31 -24.01 25.56
H241 WCN H . 12.14 -18.63 26.40
H261 WCN H . 15.58 -16.98 24.54
H021 WCN H . 23.54 -24.42 23.06
H031 WCN H . 21.55 -23.30 23.98
H051 WCN H . 20.65 -26.80 26.25
H061 WCN H . 22.63 -27.92 25.33
H082 WCN H . 19.95 -24.04 26.80
H081 WCN H . 18.93 -25.09 25.81
H151 WCN H . 13.56 -23.60 23.38
H191 WCN H . 10.19 -19.33 24.86
H251 WCN H . 13.85 -16.88 26.28
H271 WCN H . 15.61 -18.83 22.94
H302 WCN H . 13.51 -21.07 20.87
H301 WCN H . 12.67 -19.75 21.71
H303 WCN H . 12.25 -21.43 22.08
H141 WCN H . 16.47 -21.87 26.29
#